data_7K8V
#
_entry.id   7K8V
#
_cell.length_a   1.00
_cell.length_b   1.00
_cell.length_c   1.00
_cell.angle_alpha   90.00
_cell.angle_beta   90.00
_cell.angle_gamma   90.00
#
_symmetry.space_group_name_H-M   'P 1'
#
loop_
_entity.id
_entity.type
_entity.pdbx_description
1 polymer 'Spike glycoprotein'
2 polymer 'C110 Fab Heavy Chain'
3 polymer 'C110 Fab Light Chain'
4 branched 2-acetamido-2-deoxy-beta-D-glucopyranose-(1-4)-2-acetamido-2-deoxy-beta-D-glucopyranose
5 non-polymer 2-acetamido-2-deoxy-beta-D-glucopyranose
#
loop_
_entity_poly.entity_id
_entity_poly.type
_entity_poly.pdbx_seq_one_letter_code
_entity_poly.pdbx_strand_id
1 'polypeptide(L)'
;MFVFLVLLPLVSSQCVNLTTRTQLPPAYTNSFTRGVYYPDKVFRSSVLHSTQDLFLPFFSNVTWFHAIHVSGTNGTKRFD
NPVLPFNDGVYFASTEKSNIIRGWIFGTTLDSKTQSLLIVNNATNVVIKVCEFQFCNDPFLGVYYHKNNKSWMESEFRVY
SSANNCTFEYVSQPFLMDLEGKQGNFKNLREFVFKNIDGYFKIYSKHTPINLVRDLPQGFSALEPLVDLPIGINITRFQT
LLALHRSYLTPGDSSSGWTAGAAAYYVGYLQPRTFLLKYNENGTITDAVDCALDPLSETKCTLKSFTVEKGIYQTSNFRV
QPTESIVRFPNITNLCPFGEVFNATRFASVYAWNRKRISNCVADYSVLYNSASFSTFKCYGVSPTKLNDLCFTNVYADSF
VIRGDEVRQIAPGQTGKIADYNYKLPDDFTGCVIAWNSNNLDSKVGGNYNYLYRLFRKSNLKPFERDISTEIYQAGSTPC
NGVEGFNCYFPLQSYGFQPTNGVGYQPYRVVVLSFELLHAPATVCGPKKSTNLVKNKCVNFNFNGLTGTGVLTESNKKFL
PFQQFGRDIADTTDAVRDPQTLEILDITPCSFGGVSVITPGTNTSNEVAVLYQDVNCTEVPVAIHADQLTPTWRVYSTGS
NVFQTRAGCLIGAEHVNNSYECDIPIGAGICASYQTQTNSPRRARSVASQSIIAYTMSLGAENSVAYSNNSIAIPTNFTI
SVTTEILPVSMTKTSVDCTMYICGDSTECSNLLLQYGSFCTQLNRALTGIAVEQDKNTQEVFAQVKQIYKTPPIKDFGGF
NFSQILPDPSKPSKRSFIEDLLFNKVTLADAGFIKQYGDCLGDIAARDLICAQKFNGLTVLPPLLTDEMIAQYTSALLAG
TITSGWTFGAGAALQIPFAMQMAYRFNGIGVTQNVLYENQKLIANQFNSAIGKIQDSLSSTASALGKLQDVVNQNAQALN
TLVKQLSSNFGAISSVLNDILSRLDPPEAEVQIDRLITGRLQSLQTYVTQQLIRAAEIRASANLAATKMSECVLGQSKRV
DFCGKGYHLMSFPQSAPHGVVFLHVTYVPAQEKNFTTAPAICHDGKAHFPREGVFVSNGTHWFVTQRNFYEPQIITTDNT
FVSGNCDVVIGIVNNTVYDPLQPELDSFKEELDKYFKNHTSPDVDLGDISGINASVVNIQKEIDRLNEVAKNLNESLIDL
QELGKYEQYIKWPSGRLVPRGSPGSGYIPEAPRDGQAYVRKDGEWVLLSTFLGHHHHHH
;
A,B,C
2 'polypeptide(L)'
;QVQLQQSGAEVKKPGESLKISCKGSGYSFTSYWIGWVRQMPGKGLEWMGIIYPGDSDTRYSPSFQGQVTISADKSISTAY
MQWSSLKASDTAMYYCARSFRDDPRIAVAGPADAFDIWGQGTMVTVSSASTKGPSVFPLAPSSKSTSGGTAALGCLVKDY
FPEPVTVSWNSGALTSGVHTFPAVLQSSGLYSLSSVVTVPSSSLGTQTYICNVNHKPSNTKVDKRVEPKSCDKTHHHHHH
;
H,M
3 'polypeptide(L)'
;DIQMTQSPSTLSASVGDRVTITCRASQSISYWLAWYQQKPGKAPKLLIYQASSLESGVPSRFSGSESGTEFTLTISSLQP
DDFATYYCQQYNSYPYTFGQGTKLEIKRTVAAPSVFIFPPSDEQLKSGTASVVCLLNNFYPREAKVQWKVDNALQSGNSQ
ESVTEQDSKDSTYSLSSTLTLSKADYEKHKVYACEVTHQGLSSPVTKSFNRGEC
;
L,N
#
loop_
_chem_comp.id
_chem_comp.type
_chem_comp.name
_chem_comp.formula
NAG D-saccharide, beta linking 2-acetamido-2-deoxy-beta-D-glucopyranose 'C8 H15 N O6'
#
# COMPACT_ATOMS: atom_id res chain seq x y z
N ALA A 27 -17.26 -54.62 7.84
CA ALA A 27 -16.07 -54.61 8.70
C ALA A 27 -15.30 -53.31 8.52
N TYR A 28 -14.83 -52.75 9.62
CA TYR A 28 -14.08 -51.50 9.60
C TYR A 28 -12.89 -51.61 10.54
N THR A 29 -11.95 -50.69 10.38
CA THR A 29 -10.71 -50.68 11.16
C THR A 29 -10.27 -49.24 11.33
N ASN A 30 -9.44 -49.01 12.36
CA ASN A 30 -8.89 -47.69 12.62
C ASN A 30 -7.59 -47.51 11.85
N SER A 31 -7.54 -46.48 10.99
CA SER A 31 -6.33 -46.15 10.25
C SER A 31 -5.43 -45.30 11.14
N PHE A 32 -4.52 -45.98 11.83
CA PHE A 32 -3.66 -45.33 12.82
C PHE A 32 -2.77 -44.26 12.19
N THR A 33 -1.86 -44.67 11.31
CA THR A 33 -0.90 -43.73 10.72
C THR A 33 -0.70 -43.92 9.22
N ARG A 34 -1.16 -45.02 8.63
CA ARG A 34 -0.86 -45.30 7.24
C ARG A 34 -1.68 -44.40 6.31
N GLY A 35 -1.08 -44.06 5.18
CA GLY A 35 -1.74 -43.22 4.19
C GLY A 35 -1.02 -41.91 3.94
N VAL A 36 0.30 -41.89 4.17
CA VAL A 36 1.12 -40.70 4.00
C VAL A 36 2.16 -40.97 2.92
N TYR A 37 2.38 -39.98 2.06
CA TYR A 37 3.35 -40.08 0.98
C TYR A 37 4.12 -38.78 0.87
N TYR A 38 5.21 -38.82 0.10
CA TYR A 38 6.02 -37.63 -0.11
C TYR A 38 5.22 -36.61 -0.91
N PRO A 39 5.03 -35.39 -0.39
CA PRO A 39 4.14 -34.45 -1.08
C PRO A 39 4.74 -33.84 -2.34
N ASP A 40 6.06 -33.66 -2.39
CA ASP A 40 6.69 -33.00 -3.52
C ASP A 40 8.02 -33.69 -3.80
N LYS A 41 8.79 -33.14 -4.74
CA LYS A 41 10.08 -33.68 -5.11
C LYS A 41 11.23 -32.84 -4.58
N VAL A 42 10.97 -32.01 -3.57
CA VAL A 42 11.96 -31.09 -3.01
C VAL A 42 12.54 -31.71 -1.75
N PHE A 43 13.85 -31.87 -1.71
CA PHE A 43 14.52 -32.44 -0.55
C PHE A 43 14.60 -31.41 0.57
N ARG A 44 14.38 -31.86 1.80
CA ARG A 44 14.45 -31.01 2.98
C ARG A 44 15.13 -31.78 4.10
N SER A 45 15.46 -31.06 5.17
CA SER A 45 16.16 -31.67 6.29
C SER A 45 15.81 -30.93 7.57
N SER A 46 15.27 -31.65 8.55
CA SER A 46 14.95 -31.12 9.88
C SER A 46 14.12 -29.85 9.79
N VAL A 47 13.07 -29.88 8.98
CA VAL A 47 12.14 -28.78 8.83
C VAL A 47 10.74 -29.28 9.12
N LEU A 48 9.81 -28.33 9.28
CA LEU A 48 8.40 -28.62 9.53
C LEU A 48 7.58 -27.90 8.48
N HIS A 49 7.39 -28.55 7.33
CA HIS A 49 6.62 -27.98 6.23
C HIS A 49 5.19 -28.51 6.28
N SER A 50 4.24 -27.58 6.22
CA SER A 50 2.82 -27.92 6.23
C SER A 50 2.24 -27.82 4.83
N THR A 51 1.35 -28.75 4.50
CA THR A 51 0.71 -28.76 3.19
C THR A 51 -0.77 -29.09 3.36
N GLN A 52 -1.56 -28.70 2.37
CA GLN A 52 -2.99 -28.94 2.36
C GLN A 52 -3.36 -29.58 1.03
N ASP A 53 -3.50 -30.90 1.03
CA ASP A 53 -3.84 -31.64 -0.18
C ASP A 53 -4.77 -32.79 0.19
N LEU A 54 -5.03 -33.66 -0.77
CA LEU A 54 -5.88 -34.83 -0.54
C LEU A 54 -5.11 -35.87 0.26
N PHE A 55 -5.59 -36.17 1.46
CA PHE A 55 -4.89 -37.09 2.34
C PHE A 55 -5.91 -37.92 3.11
N LEU A 56 -5.41 -39.00 3.71
CA LEU A 56 -6.25 -39.81 4.59
C LEU A 56 -6.09 -39.31 6.02
N PRO A 57 -7.17 -38.87 6.67
CA PRO A 57 -7.03 -38.33 8.02
C PRO A 57 -6.64 -39.41 9.02
N PHE A 58 -5.97 -38.99 10.08
CA PHE A 58 -5.43 -39.91 11.07
C PHE A 58 -6.54 -40.44 11.99
N PHE A 59 -6.37 -41.68 12.43
CA PHE A 59 -7.31 -42.34 13.34
C PHE A 59 -8.73 -42.33 12.78
N SER A 60 -8.85 -42.35 11.46
CA SER A 60 -10.14 -42.30 10.81
C SER A 60 -10.71 -43.70 10.62
N ASN A 61 -11.96 -43.74 10.16
CA ASN A 61 -12.66 -45.00 9.94
C ASN A 61 -12.40 -45.46 8.51
N VAL A 62 -11.81 -46.65 8.36
CA VAL A 62 -11.55 -47.25 7.06
C VAL A 62 -12.10 -48.67 7.07
N THR A 63 -12.60 -49.12 5.92
CA THR A 63 -13.32 -50.38 5.81
C THR A 63 -12.36 -51.54 5.59
N TRP A 64 -12.70 -52.70 6.17
CA TRP A 64 -11.84 -53.88 6.17
C TRP A 64 -12.53 -55.00 5.43
N PHE A 65 -11.74 -55.85 4.77
CA PHE A 65 -12.27 -56.95 3.96
C PHE A 65 -11.38 -58.18 4.16
N HIS A 66 -12.01 -59.34 4.32
CA HIS A 66 -11.27 -60.58 4.40
C HIS A 66 -11.65 -61.50 3.23
N ALA A 67 -10.83 -62.52 3.00
CA ALA A 67 -10.84 -63.26 1.73
C ALA A 67 -10.90 -64.77 1.95
N ILE A 68 -11.82 -65.23 2.79
CA ILE A 68 -11.97 -66.65 3.05
C ILE A 68 -13.38 -67.10 2.69
N HIS A 69 -13.49 -68.28 2.08
CA HIS A 69 -14.78 -68.87 1.68
C HIS A 69 -15.58 -67.95 0.77
N PRO A 82 -16.10 -56.21 -6.30
CA PRO A 82 -16.53 -55.02 -5.55
C PRO A 82 -16.01 -53.72 -6.17
N VAL A 83 -16.86 -53.04 -6.92
CA VAL A 83 -16.49 -51.78 -7.58
C VAL A 83 -16.93 -50.63 -6.69
N LEU A 84 -15.97 -49.82 -6.27
CA LEU A 84 -16.21 -48.73 -5.34
C LEU A 84 -15.84 -47.39 -5.96
N PRO A 85 -16.44 -46.29 -5.50
CA PRO A 85 -16.21 -45.00 -6.15
C PRO A 85 -14.79 -44.48 -5.95
N PHE A 86 -14.48 -43.44 -6.72
CA PHE A 86 -13.19 -42.76 -6.70
C PHE A 86 -13.41 -41.26 -6.70
N ASN A 87 -14.24 -40.79 -5.76
CA ASN A 87 -14.70 -39.40 -5.76
C ASN A 87 -13.52 -38.42 -5.85
N ASP A 88 -12.65 -38.43 -4.84
CA ASP A 88 -11.53 -37.50 -4.78
C ASP A 88 -10.23 -38.19 -4.37
N GLY A 89 -9.92 -39.33 -4.96
CA GLY A 89 -8.70 -40.05 -4.63
C GLY A 89 -8.90 -41.07 -3.53
N VAL A 90 -8.46 -42.31 -3.77
CA VAL A 90 -8.63 -43.41 -2.84
C VAL A 90 -7.27 -44.01 -2.52
N TYR A 91 -6.88 -43.93 -1.25
CA TYR A 91 -5.64 -44.56 -0.80
C TYR A 91 -5.82 -46.06 -0.71
N PHE A 92 -5.09 -46.80 -1.52
CA PHE A 92 -5.21 -48.26 -1.57
C PHE A 92 -4.11 -48.91 -0.74
N ALA A 93 -4.54 -49.70 0.25
CA ALA A 93 -3.64 -50.54 1.02
C ALA A 93 -3.93 -52.00 0.71
N SER A 94 -2.88 -52.77 0.49
CA SER A 94 -3.03 -54.15 0.07
C SER A 94 -2.32 -55.06 1.06
N THR A 95 -3.04 -56.07 1.54
CA THR A 95 -2.49 -57.11 2.41
C THR A 95 -2.35 -58.38 1.57
N GLU A 96 -1.23 -58.51 0.86
CA GLU A 96 -1.01 -59.59 -0.08
C GLU A 96 -0.19 -60.70 0.56
N LYS A 97 -0.64 -61.93 0.38
CA LYS A 97 0.06 -63.12 0.86
C LYS A 97 0.63 -63.97 -0.26
N SER A 98 -0.18 -64.26 -1.29
CA SER A 98 0.27 -65.06 -2.42
C SER A 98 0.11 -64.32 -3.74
N ASN A 99 0.06 -62.99 -3.69
CA ASN A 99 -0.06 -62.14 -4.89
C ASN A 99 -1.32 -62.49 -5.68
N ILE A 100 -2.45 -62.62 -4.96
CA ILE A 100 -3.72 -62.86 -5.63
C ILE A 100 -4.12 -61.65 -6.45
N ILE A 101 -4.05 -60.46 -5.86
CA ILE A 101 -4.29 -59.23 -6.60
C ILE A 101 -3.11 -58.96 -7.51
N ARG A 102 -3.36 -58.98 -8.82
CA ARG A 102 -2.31 -58.74 -9.81
C ARG A 102 -2.45 -57.42 -10.53
N GLY A 103 -3.59 -56.75 -10.43
CA GLY A 103 -3.75 -55.47 -11.09
C GLY A 103 -5.02 -54.79 -10.62
N TRP A 104 -5.27 -53.61 -11.19
CA TRP A 104 -6.45 -52.84 -10.86
C TRP A 104 -6.99 -52.17 -12.12
N ILE A 105 -8.28 -51.86 -12.09
CA ILE A 105 -8.93 -51.16 -13.19
C ILE A 105 -9.38 -49.81 -12.68
N PHE A 106 -9.19 -48.78 -13.51
CA PHE A 106 -9.56 -47.42 -13.13
C PHE A 106 -10.26 -46.75 -14.31
N GLY A 107 -11.57 -46.57 -14.20
CA GLY A 107 -12.33 -45.96 -15.28
C GLY A 107 -13.81 -45.92 -14.92
N THR A 108 -14.64 -46.00 -15.96
CA THR A 108 -16.09 -45.93 -15.82
C THR A 108 -16.77 -47.20 -16.32
N THR A 109 -16.36 -47.72 -17.47
CA THR A 109 -17.00 -48.90 -18.05
C THR A 109 -16.53 -50.20 -17.41
N LEU A 110 -15.23 -50.47 -17.45
CA LEU A 110 -14.63 -51.66 -16.82
C LEU A 110 -15.20 -52.96 -17.40
N ASP A 111 -15.55 -52.95 -18.69
CA ASP A 111 -16.11 -54.16 -19.31
C ASP A 111 -15.80 -54.11 -20.80
N SER A 112 -14.77 -54.84 -21.22
CA SER A 112 -14.41 -55.01 -22.63
C SER A 112 -14.23 -53.67 -23.33
N LYS A 113 -13.85 -52.65 -22.57
CA LYS A 113 -13.67 -51.30 -23.12
C LYS A 113 -12.56 -50.56 -22.38
N SER A 116 -10.09 -46.98 -17.56
CA SER A 116 -9.82 -48.38 -17.86
C SER A 116 -8.33 -48.66 -17.88
N LEU A 117 -7.77 -48.87 -16.70
CA LEU A 117 -6.35 -49.17 -16.52
C LEU A 117 -6.15 -50.66 -16.28
N LEU A 118 -5.00 -51.17 -16.70
CA LEU A 118 -4.65 -52.58 -16.52
C LEU A 118 -3.18 -52.64 -16.11
N ILE A 119 -2.89 -53.44 -15.08
CA ILE A 119 -1.52 -53.67 -14.62
C ILE A 119 -1.33 -55.19 -14.56
N VAL A 120 -0.37 -55.69 -15.34
CA VAL A 120 -0.11 -57.12 -15.43
C VAL A 120 1.38 -57.36 -15.57
N ASN A 121 1.88 -58.37 -14.86
CA ASN A 121 3.28 -58.78 -14.95
C ASN A 121 3.31 -60.30 -14.83
N ASN A 122 3.77 -60.97 -15.90
CA ASN A 122 3.88 -62.43 -15.90
C ASN A 122 5.24 -62.86 -15.36
N ALA A 123 5.58 -62.30 -14.19
CA ALA A 123 6.81 -62.62 -13.47
C ALA A 123 8.06 -62.25 -14.25
N THR A 124 7.90 -61.70 -15.45
CA THR A 124 9.05 -61.37 -16.30
C THR A 124 8.94 -60.02 -17.00
N ASN A 125 7.76 -59.40 -17.07
CA ASN A 125 7.60 -58.14 -17.79
C ASN A 125 6.40 -57.41 -17.24
N VAL A 126 6.64 -56.23 -16.66
CA VAL A 126 5.56 -55.41 -16.12
C VAL A 126 4.90 -54.66 -17.27
N VAL A 127 3.64 -54.97 -17.53
CA VAL A 127 2.88 -54.36 -18.62
C VAL A 127 1.75 -53.54 -18.00
N ILE A 128 1.73 -52.24 -18.29
CA ILE A 128 0.72 -51.32 -17.78
C ILE A 128 0.19 -50.50 -18.94
N LYS A 129 -1.12 -50.55 -19.17
CA LYS A 129 -1.77 -49.78 -20.22
C LYS A 129 -3.13 -49.29 -19.76
N VAL A 130 -3.59 -48.21 -20.37
CA VAL A 130 -4.93 -47.66 -20.13
C VAL A 130 -5.82 -47.87 -21.34
N CYS A 131 -5.54 -48.87 -22.16
CA CYS A 131 -6.22 -49.06 -23.43
C CYS A 131 -7.70 -49.41 -23.24
N GLU A 132 -8.44 -49.34 -24.34
CA GLU A 132 -9.81 -49.87 -24.41
C GLU A 132 -9.71 -51.37 -24.71
N PHE A 133 -9.24 -52.10 -23.71
CA PHE A 133 -8.83 -53.48 -23.90
C PHE A 133 -10.01 -54.39 -24.23
N GLN A 134 -9.70 -55.48 -24.94
CA GLN A 134 -10.69 -56.51 -25.27
C GLN A 134 -10.52 -57.64 -24.27
N PHE A 135 -11.03 -57.45 -23.06
CA PHE A 135 -10.99 -58.47 -22.01
C PHE A 135 -12.40 -58.71 -21.50
N CYS A 136 -12.60 -59.87 -20.87
CA CYS A 136 -13.91 -60.22 -20.34
C CYS A 136 -14.30 -59.27 -19.20
N ASN A 137 -15.55 -59.37 -18.77
CA ASN A 137 -16.01 -58.57 -17.65
C ASN A 137 -15.26 -58.90 -16.36
N ASP A 138 -14.79 -60.14 -16.23
CA ASP A 138 -13.94 -60.56 -15.13
C ASP A 138 -12.62 -61.02 -15.75
N PRO A 139 -11.75 -60.09 -16.15
CA PRO A 139 -10.53 -60.48 -16.85
C PRO A 139 -9.56 -61.20 -15.92
N PHE A 140 -8.85 -62.17 -16.50
CA PHE A 140 -7.90 -62.98 -15.75
C PHE A 140 -6.82 -63.46 -16.70
N LEU A 141 -5.74 -63.98 -16.12
CA LEU A 141 -4.61 -64.51 -16.88
C LEU A 141 -4.37 -65.95 -16.47
N GLY A 142 -4.25 -66.83 -17.46
CA GLY A 142 -4.01 -68.23 -17.18
C GLY A 142 -2.58 -68.50 -16.76
N VAL A 143 -2.39 -69.63 -16.10
CA VAL A 143 -1.08 -70.03 -15.61
C VAL A 143 -0.56 -71.21 -16.43
N CYS A 166 -1.55 -48.60 -27.07
CA CYS A 166 -2.94 -48.44 -27.46
C CYS A 166 -3.38 -46.98 -27.25
N THR A 167 -4.31 -46.76 -26.31
CA THR A 167 -4.63 -45.39 -25.91
C THR A 167 -3.43 -44.70 -25.25
N PHE A 168 -2.61 -45.47 -24.54
CA PHE A 168 -1.28 -45.03 -24.14
C PHE A 168 -0.30 -45.87 -24.93
N GLU A 169 0.30 -45.26 -25.96
CA GLU A 169 0.96 -46.03 -27.02
C GLU A 169 2.43 -46.18 -26.68
N TYR A 170 2.74 -46.25 -25.39
CA TYR A 170 4.06 -46.62 -24.92
C TYR A 170 3.91 -47.77 -23.92
N VAL A 171 4.60 -48.87 -24.18
CA VAL A 171 4.50 -50.08 -23.38
C VAL A 171 5.28 -49.85 -22.09
N SER A 172 4.56 -49.55 -21.01
CA SER A 172 5.18 -49.36 -19.71
C SER A 172 5.40 -50.71 -19.04
N PHE A 186 0.53 -61.69 7.51
CA PHE A 186 1.05 -61.41 6.18
C PHE A 186 2.57 -61.30 6.20
N LYS A 187 3.17 -61.18 5.02
CA LYS A 187 4.62 -61.08 4.90
C LYS A 187 5.09 -59.80 4.22
N ASN A 188 4.29 -59.22 3.33
CA ASN A 188 4.67 -58.02 2.61
C ASN A 188 3.47 -57.09 2.49
N LEU A 189 3.73 -55.79 2.57
CA LEU A 189 2.70 -54.76 2.45
C LEU A 189 3.00 -53.91 1.23
N ARG A 190 2.14 -53.99 0.23
CA ARG A 190 2.28 -53.23 -1.01
C ARG A 190 1.25 -52.10 -1.01
N GLU A 191 1.63 -50.98 -0.41
CA GLU A 191 0.78 -49.81 -0.39
C GLU A 191 0.85 -49.09 -1.74
N PHE A 192 -0.29 -48.57 -2.18
CA PHE A 192 -0.38 -47.94 -3.48
C PHE A 192 -1.33 -46.75 -3.41
N VAL A 193 -0.83 -45.57 -3.79
CA VAL A 193 -1.64 -44.38 -3.91
C VAL A 193 -1.76 -44.05 -5.39
N PHE A 194 -2.84 -44.54 -6.01
CA PHE A 194 -3.07 -44.39 -7.44
C PHE A 194 -3.88 -43.12 -7.66
N LYS A 195 -3.20 -42.04 -8.05
CA LYS A 195 -3.86 -40.75 -8.24
C LYS A 195 -3.31 -40.11 -9.51
N ASN A 196 -4.12 -39.25 -10.12
CA ASN A 196 -3.75 -38.55 -11.34
C ASN A 196 -3.80 -37.06 -11.08
N ILE A 197 -2.65 -36.39 -11.23
CA ILE A 197 -2.55 -34.93 -11.08
C ILE A 197 -2.30 -34.36 -12.46
N ASP A 198 -3.35 -33.83 -13.09
CA ASP A 198 -3.30 -33.37 -14.47
C ASP A 198 -2.81 -34.50 -15.39
N GLY A 199 -3.24 -35.72 -15.09
CA GLY A 199 -2.81 -36.89 -15.82
C GLY A 199 -1.62 -37.61 -15.25
N TYR A 200 -0.82 -36.96 -14.40
CA TYR A 200 0.38 -37.57 -13.84
C TYR A 200 0.00 -38.71 -12.92
N PHE A 201 0.19 -39.94 -13.39
CA PHE A 201 -0.10 -41.13 -12.59
C PHE A 201 1.15 -41.51 -11.82
N LYS A 202 1.30 -40.96 -10.63
CA LYS A 202 2.45 -41.26 -9.77
C LYS A 202 2.16 -42.50 -8.94
N ILE A 203 3.10 -43.45 -8.97
CA ILE A 203 2.98 -44.71 -8.23
C ILE A 203 3.73 -44.54 -6.92
N TYR A 204 2.99 -44.42 -5.82
CA TYR A 204 3.55 -44.32 -4.48
C TYR A 204 3.51 -45.69 -3.82
N SER A 205 4.68 -46.18 -3.41
CA SER A 205 4.76 -47.52 -2.84
C SER A 205 5.87 -47.58 -1.80
N LYS A 206 5.70 -48.50 -0.85
CA LYS A 206 6.69 -48.78 0.18
C LYS A 206 6.37 -50.13 0.80
N HIS A 207 7.36 -51.03 0.79
CA HIS A 207 7.16 -52.39 1.28
C HIS A 207 7.94 -52.59 2.57
N THR A 208 7.34 -53.36 3.49
CA THR A 208 7.95 -53.66 4.78
C THR A 208 7.52 -55.05 5.21
N PRO A 209 8.39 -55.83 5.84
CA PRO A 209 7.99 -57.16 6.30
C PRO A 209 7.28 -57.09 7.64
N ILE A 210 6.26 -57.94 7.77
CA ILE A 210 5.46 -58.03 8.99
C ILE A 210 5.17 -59.50 9.27
N ASN A 211 4.53 -59.74 10.41
CA ASN A 211 4.05 -61.09 10.76
C ASN A 211 2.79 -60.90 11.61
N LEU A 212 1.63 -60.91 10.95
CA LEU A 212 0.35 -60.70 11.62
C LEU A 212 -0.76 -61.03 10.64
N VAL A 213 -1.84 -61.62 11.15
CA VAL A 213 -2.99 -61.98 10.34
C VAL A 213 -4.27 -61.29 10.79
N ARG A 214 -4.25 -60.63 11.96
CA ARG A 214 -5.48 -60.07 12.52
C ARG A 214 -6.02 -58.93 11.66
N ASP A 215 -5.27 -57.85 11.52
CA ASP A 215 -5.71 -56.68 10.78
C ASP A 215 -4.49 -55.87 10.36
N LEU A 216 -4.72 -54.65 9.91
CA LEU A 216 -3.65 -53.76 9.47
C LEU A 216 -2.76 -53.40 10.64
N PRO A 217 -1.46 -53.73 10.59
CA PRO A 217 -0.57 -53.36 11.71
C PRO A 217 -0.29 -51.87 11.70
N GLN A 218 -0.05 -51.32 12.89
CA GLN A 218 0.26 -49.91 13.04
C GLN A 218 1.67 -49.64 12.55
N GLY A 219 1.84 -48.58 11.76
CA GLY A 219 3.14 -48.23 11.25
C GLY A 219 3.05 -47.04 10.32
N PHE A 220 4.22 -46.46 10.05
CA PHE A 220 4.32 -45.28 9.20
C PHE A 220 5.35 -45.54 8.10
N SER A 221 5.02 -45.09 6.89
CA SER A 221 5.91 -45.24 5.76
C SER A 221 5.64 -44.11 4.78
N ALA A 222 6.70 -43.39 4.43
CA ALA A 222 6.63 -42.29 3.47
C ALA A 222 6.77 -42.84 2.06
N LEU A 223 5.72 -42.70 1.26
CA LEU A 223 5.69 -43.26 -0.08
C LEU A 223 6.24 -42.25 -1.08
N GLU A 224 7.01 -42.74 -2.05
CA GLU A 224 7.65 -41.90 -3.05
C GLU A 224 7.11 -42.22 -4.44
N PRO A 225 7.10 -41.24 -5.35
CA PRO A 225 6.66 -41.51 -6.71
C PRO A 225 7.70 -42.31 -7.49
N LEU A 226 7.24 -43.34 -8.19
CA LEU A 226 8.11 -44.20 -8.96
C LEU A 226 8.14 -43.88 -10.44
N VAL A 227 6.98 -43.88 -11.10
CA VAL A 227 6.89 -43.61 -12.53
C VAL A 227 5.83 -42.53 -12.74
N ASP A 228 6.09 -41.64 -13.70
CA ASP A 228 5.18 -40.56 -14.02
C ASP A 228 4.63 -40.78 -15.43
N LEU A 229 3.40 -41.28 -15.51
CA LEU A 229 2.73 -41.51 -16.78
C LEU A 229 1.53 -40.58 -16.92
N PRO A 230 1.48 -39.77 -17.98
CA PRO A 230 0.33 -38.86 -18.19
C PRO A 230 -0.88 -39.59 -18.76
N ILE A 231 -1.63 -40.25 -17.87
CA ILE A 231 -2.79 -41.02 -18.30
C ILE A 231 -3.93 -40.10 -18.72
N GLY A 232 -4.25 -39.12 -17.88
CA GLY A 232 -5.31 -38.18 -18.17
C GLY A 232 -6.66 -38.83 -18.42
N ILE A 233 -6.96 -39.91 -17.70
CA ILE A 233 -8.21 -40.65 -17.86
C ILE A 233 -9.11 -40.34 -16.68
N ASN A 234 -10.42 -40.42 -16.91
CA ASN A 234 -11.40 -40.16 -15.86
C ASN A 234 -11.56 -41.38 -14.96
N ILE A 235 -11.29 -41.19 -13.66
CA ILE A 235 -11.35 -42.27 -12.68
C ILE A 235 -12.45 -41.95 -11.68
N THR A 236 -13.55 -42.70 -11.75
CA THR A 236 -14.61 -42.62 -10.77
C THR A 236 -14.98 -43.96 -10.15
N ARG A 237 -14.44 -45.06 -10.64
CA ARG A 237 -14.67 -46.39 -10.10
C ARG A 237 -13.40 -47.21 -10.24
N PHE A 238 -13.28 -48.25 -9.43
CA PHE A 238 -12.11 -49.10 -9.49
C PHE A 238 -12.48 -50.52 -9.10
N GLN A 239 -11.78 -51.48 -9.70
CA GLN A 239 -11.97 -52.89 -9.44
C GLN A 239 -10.63 -53.60 -9.53
N THR A 240 -10.38 -54.50 -8.58
CA THR A 240 -9.13 -55.23 -8.54
C THR A 240 -9.10 -56.31 -9.62
N LEU A 241 -7.94 -56.96 -9.74
CA LEU A 241 -7.74 -58.04 -10.70
C LEU A 241 -7.26 -59.28 -9.95
N LEU A 242 -7.92 -60.41 -10.21
CA LEU A 242 -7.55 -61.66 -9.56
C LEU A 242 -6.27 -62.24 -10.17
N ALA A 263 -7.76 -58.46 -1.45
CA ALA A 263 -7.16 -58.18 -0.14
C ALA A 263 -7.96 -57.12 0.59
N ALA A 264 -7.54 -56.82 1.83
CA ALA A 264 -8.21 -55.80 2.62
C ALA A 264 -7.93 -54.42 2.06
N TYR A 265 -8.90 -53.87 1.34
CA TYR A 265 -8.77 -52.55 0.74
C TYR A 265 -9.55 -51.53 1.57
N TYR A 266 -8.89 -50.41 1.86
CA TYR A 266 -9.45 -49.37 2.71
C TYR A 266 -9.73 -48.14 1.87
N VAL A 267 -10.99 -47.94 1.50
CA VAL A 267 -11.40 -46.86 0.62
C VAL A 267 -11.64 -45.64 1.48
N GLY A 268 -10.56 -44.91 1.78
CA GLY A 268 -10.67 -43.65 2.47
C GLY A 268 -10.52 -42.50 1.50
N TYR A 269 -11.63 -41.85 1.17
CA TYR A 269 -11.60 -40.77 0.18
C TYR A 269 -10.73 -39.63 0.68
N LEU A 270 -9.59 -39.43 0.03
CA LEU A 270 -8.66 -38.39 0.45
C LEU A 270 -9.28 -37.01 0.27
N GLN A 271 -9.30 -36.26 1.36
CA GLN A 271 -9.99 -34.98 1.41
C GLN A 271 -8.97 -33.84 1.43
N PRO A 272 -9.31 -32.69 0.84
CA PRO A 272 -8.36 -31.57 0.83
C PRO A 272 -8.18 -30.99 2.22
N ARG A 273 -7.43 -31.69 3.07
CA ARG A 273 -7.23 -31.31 4.45
C ARG A 273 -5.77 -30.94 4.70
N THR A 274 -5.57 -29.97 5.58
CA THR A 274 -4.23 -29.52 5.93
C THR A 274 -3.53 -30.57 6.77
N PHE A 275 -2.27 -30.84 6.45
CA PHE A 275 -1.47 -31.82 7.16
C PHE A 275 -0.14 -31.21 7.55
N LEU A 276 0.41 -31.67 8.67
CA LEU A 276 1.71 -31.23 9.16
C LEU A 276 2.71 -32.35 8.98
N LEU A 277 3.72 -32.13 8.15
CA LEU A 277 4.74 -33.12 7.85
C LEU A 277 6.07 -32.70 8.45
N LYS A 278 6.89 -33.69 8.79
CA LYS A 278 8.18 -33.47 9.44
C LYS A 278 9.23 -34.28 8.70
N TYR A 279 10.23 -33.59 8.14
CA TYR A 279 11.36 -34.24 7.50
C TYR A 279 12.48 -34.39 8.52
N ASN A 280 13.13 -35.55 8.54
CA ASN A 280 14.23 -35.81 9.45
C ASN A 280 15.51 -35.22 8.88
N GLU A 281 16.64 -35.46 9.57
CA GLU A 281 17.93 -34.97 9.07
C GLU A 281 18.31 -35.66 7.77
N ASN A 282 17.90 -36.92 7.60
CA ASN A 282 18.21 -37.68 6.40
C ASN A 282 17.15 -37.52 5.31
N GLY A 283 16.26 -36.53 5.44
CA GLY A 283 15.25 -36.30 4.43
C GLY A 283 14.20 -37.38 4.33
N THR A 284 13.88 -38.04 5.44
CA THR A 284 12.86 -39.08 5.47
C THR A 284 11.78 -38.68 6.45
N ILE A 285 10.52 -38.75 6.01
CA ILE A 285 9.40 -38.39 6.87
C ILE A 285 9.28 -39.45 7.97
N THR A 286 9.44 -39.02 9.22
CA THR A 286 9.39 -39.92 10.36
C THR A 286 8.06 -39.89 11.08
N ASP A 287 7.41 -38.73 11.17
CA ASP A 287 6.12 -38.62 11.84
C ASP A 287 5.36 -37.45 11.23
N ALA A 288 4.04 -37.52 11.36
CA ALA A 288 3.16 -36.49 10.81
C ALA A 288 1.99 -36.27 11.75
N VAL A 289 1.29 -35.16 11.56
CA VAL A 289 0.15 -34.79 12.37
C VAL A 289 -0.97 -34.32 11.46
N ASP A 290 -2.07 -35.07 11.43
CA ASP A 290 -3.28 -34.63 10.74
C ASP A 290 -3.89 -33.52 11.58
N CYS A 291 -3.55 -32.28 11.23
CA CYS A 291 -3.79 -31.14 12.10
C CYS A 291 -5.23 -30.63 12.06
N ALA A 292 -6.18 -31.44 11.58
CA ALA A 292 -7.59 -31.11 11.68
C ALA A 292 -8.40 -32.23 12.33
N LEU A 293 -7.75 -33.18 12.99
CA LEU A 293 -8.47 -34.27 13.63
C LEU A 293 -9.13 -33.79 14.93
N ASP A 294 -8.33 -33.31 15.86
CA ASP A 294 -8.81 -32.87 17.16
C ASP A 294 -8.19 -31.52 17.49
N PRO A 295 -8.74 -30.80 18.48
CA PRO A 295 -8.13 -29.51 18.86
C PRO A 295 -6.65 -29.58 19.17
N LEU A 296 -6.16 -30.71 19.70
CA LEU A 296 -4.72 -30.86 19.90
C LEU A 296 -3.97 -30.77 18.57
N SER A 297 -4.46 -31.48 17.56
CA SER A 297 -3.84 -31.41 16.25
C SER A 297 -3.97 -30.03 15.63
N GLU A 298 -5.10 -29.36 15.87
CA GLU A 298 -5.27 -28.01 15.36
C GLU A 298 -4.27 -27.05 16.00
N THR A 299 -4.01 -27.22 17.30
CA THR A 299 -3.00 -26.41 17.97
C THR A 299 -1.61 -26.70 17.44
N LYS A 300 -1.29 -27.99 17.23
CA LYS A 300 -0.01 -28.34 16.63
C LYS A 300 0.12 -27.77 15.22
N CYS A 301 -1.01 -27.61 14.52
CA CYS A 301 -0.99 -27.04 13.18
C CYS A 301 -0.70 -25.54 13.25
N THR A 302 -1.40 -24.82 14.11
CA THR A 302 -1.24 -23.36 14.17
C THR A 302 0.07 -22.98 14.85
N LEU A 303 0.67 -23.87 15.61
CA LEU A 303 1.93 -23.57 16.29
C LEU A 303 3.15 -24.09 15.54
N LYS A 304 2.97 -24.87 14.48
CA LYS A 304 4.06 -25.38 13.65
C LYS A 304 5.07 -26.15 14.48
N SER A 305 4.57 -27.09 15.28
CA SER A 305 5.43 -27.91 16.13
C SER A 305 4.70 -29.18 16.52
N PHE A 306 5.48 -30.22 16.82
CA PHE A 306 4.91 -31.49 17.28
C PHE A 306 4.66 -31.50 18.78
N THR A 307 5.31 -30.62 19.53
CA THR A 307 5.13 -30.53 20.98
C THR A 307 4.56 -29.16 21.32
N VAL A 308 3.46 -29.16 22.05
CA VAL A 308 2.77 -27.93 22.44
C VAL A 308 2.84 -27.79 23.96
N GLU A 309 3.38 -26.67 24.41
CA GLU A 309 3.54 -26.43 25.84
C GLU A 309 2.19 -26.14 26.50
N LYS A 310 2.20 -26.16 27.83
CA LYS A 310 0.98 -25.90 28.58
C LYS A 310 0.57 -24.44 28.45
N GLY A 311 -0.67 -24.22 28.06
CA GLY A 311 -1.18 -22.87 27.90
C GLY A 311 -2.43 -22.87 27.04
N ILE A 312 -2.86 -21.65 26.69
CA ILE A 312 -4.04 -21.42 25.88
C ILE A 312 -3.59 -20.81 24.55
N TYR A 313 -4.21 -21.26 23.46
CA TYR A 313 -3.85 -20.82 22.13
C TYR A 313 -5.10 -20.64 21.29
N GLN A 314 -5.07 -19.63 20.42
CA GLN A 314 -6.15 -19.35 19.50
C GLN A 314 -5.81 -19.95 18.14
N THR A 315 -6.73 -20.76 17.60
CA THR A 315 -6.52 -21.41 16.32
C THR A 315 -7.43 -20.90 15.21
N SER A 316 -8.74 -20.83 15.43
CA SER A 316 -9.67 -20.45 14.37
C SER A 316 -10.85 -19.74 15.01
N ASN A 317 -11.93 -19.60 14.25
CA ASN A 317 -13.14 -18.93 14.69
C ASN A 317 -14.36 -19.80 14.44
N PHE A 318 -15.24 -19.90 15.44
CA PHE A 318 -16.46 -20.68 15.29
C PHE A 318 -17.43 -19.94 14.38
N ARG A 319 -17.79 -20.56 13.27
CA ARG A 319 -18.66 -19.96 12.29
C ARG A 319 -19.82 -20.89 11.99
N VAL A 320 -21.04 -20.43 12.29
CA VAL A 320 -22.24 -21.20 11.98
C VAL A 320 -22.50 -21.05 10.49
N GLN A 321 -22.22 -22.11 9.72
CA GLN A 321 -22.40 -22.06 8.29
C GLN A 321 -23.88 -21.88 7.93
N PRO A 322 -24.18 -21.18 6.85
CA PRO A 322 -25.58 -21.00 6.45
C PRO A 322 -26.20 -22.32 6.02
N THR A 323 -27.38 -22.59 6.57
CA THR A 323 -28.11 -23.82 6.28
C THR A 323 -29.14 -23.68 5.18
N GLU A 324 -29.54 -22.45 4.84
CA GLU A 324 -30.52 -22.21 3.80
C GLU A 324 -30.10 -20.99 3.00
N SER A 325 -30.74 -20.83 1.82
CA SER A 325 -30.49 -19.71 0.94
C SER A 325 -31.83 -19.08 0.59
N ILE A 326 -32.02 -17.83 1.00
CA ILE A 326 -33.26 -17.10 0.77
C ILE A 326 -33.02 -16.06 -0.32
N VAL A 327 -33.78 -16.16 -1.40
CA VAL A 327 -33.71 -15.22 -2.51
C VAL A 327 -35.07 -14.53 -2.58
N ARG A 328 -35.06 -13.21 -2.44
CA ARG A 328 -36.29 -12.41 -2.46
C ARG A 328 -36.08 -11.15 -3.28
N PHE A 329 -36.96 -10.93 -4.24
CA PHE A 329 -36.94 -9.77 -5.10
C PHE A 329 -38.39 -9.33 -5.33
N PRO A 330 -38.61 -8.07 -5.69
CA PRO A 330 -39.99 -7.60 -5.91
C PRO A 330 -40.68 -8.44 -6.99
N ASN A 331 -41.85 -8.98 -6.64
CA ASN A 331 -42.58 -9.91 -7.50
C ASN A 331 -43.25 -9.14 -8.64
N ILE A 332 -42.42 -8.61 -9.52
CA ILE A 332 -42.90 -7.94 -10.72
C ILE A 332 -42.95 -8.94 -11.86
N THR A 333 -44.01 -8.86 -12.68
CA THR A 333 -44.19 -9.78 -13.78
C THR A 333 -44.08 -9.11 -15.15
N ASN A 334 -43.58 -7.87 -15.19
CA ASN A 334 -43.48 -7.13 -16.44
C ASN A 334 -42.16 -7.48 -17.13
N LEU A 335 -42.24 -8.19 -18.25
CA LEU A 335 -41.06 -8.54 -19.02
C LEU A 335 -40.47 -7.29 -19.65
N CYS A 336 -39.15 -7.23 -19.74
CA CYS A 336 -38.72 -5.90 -20.18
C CYS A 336 -38.44 -5.90 -21.68
N PRO A 337 -38.85 -4.84 -22.40
CA PRO A 337 -38.59 -4.78 -23.85
C PRO A 337 -37.18 -4.32 -24.17
N PHE A 338 -36.19 -5.16 -23.82
CA PHE A 338 -34.81 -4.87 -24.19
C PHE A 338 -34.61 -4.98 -25.70
N GLY A 339 -35.53 -5.66 -26.39
CA GLY A 339 -35.48 -5.64 -27.85
C GLY A 339 -35.69 -4.26 -28.43
N GLU A 340 -36.51 -3.43 -27.76
CA GLU A 340 -36.76 -2.08 -28.23
C GLU A 340 -35.52 -1.19 -28.15
N VAL A 341 -34.44 -1.68 -27.57
CA VAL A 341 -33.19 -0.94 -27.53
C VAL A 341 -32.03 -1.71 -28.17
N PHE A 342 -32.16 -3.03 -28.33
CA PHE A 342 -31.10 -3.80 -28.96
C PHE A 342 -31.47 -4.22 -30.38
N ASN A 343 -32.62 -4.89 -30.54
CA ASN A 343 -33.11 -5.32 -31.84
C ASN A 343 -34.06 -4.30 -32.47
N ALA A 344 -34.05 -3.06 -32.00
CA ALA A 344 -34.92 -2.04 -32.58
C ALA A 344 -34.39 -1.63 -33.96
N THR A 345 -35.30 -1.24 -34.84
CA THR A 345 -34.91 -0.89 -36.21
C THR A 345 -34.24 0.48 -36.27
N ARG A 346 -34.97 1.52 -35.90
CA ARG A 346 -34.47 2.88 -36.01
C ARG A 346 -33.72 3.28 -34.75
N PHE A 347 -32.54 3.87 -34.95
CA PHE A 347 -31.70 4.32 -33.85
C PHE A 347 -31.21 5.73 -34.13
N ALA A 348 -30.81 6.43 -33.07
CA ALA A 348 -30.37 7.81 -33.19
C ALA A 348 -28.86 7.87 -33.41
N SER A 349 -28.39 9.06 -33.81
CA SER A 349 -26.97 9.27 -34.04
C SER A 349 -26.25 9.58 -32.72
N VAL A 350 -24.94 9.83 -32.83
CA VAL A 350 -24.14 10.02 -31.63
C VAL A 350 -24.22 11.47 -31.16
N TYR A 351 -24.36 12.42 -32.08
CA TYR A 351 -24.49 13.82 -31.69
C TYR A 351 -25.86 14.11 -31.06
N ALA A 352 -26.85 13.27 -31.30
CA ALA A 352 -28.17 13.37 -30.71
C ALA A 352 -28.57 12.06 -30.05
N TRP A 353 -27.66 11.51 -29.24
CA TRP A 353 -27.87 10.20 -28.62
C TRP A 353 -29.14 10.19 -27.78
N ASN A 354 -30.03 9.25 -28.09
CA ASN A 354 -31.29 9.10 -27.39
C ASN A 354 -31.10 8.25 -26.14
N ARG A 355 -32.03 8.38 -25.20
CA ARG A 355 -32.01 7.62 -23.97
C ARG A 355 -33.44 7.27 -23.57
N LYS A 356 -33.64 6.06 -23.08
CA LYS A 356 -34.95 5.57 -22.67
C LYS A 356 -34.87 5.09 -21.22
N ARG A 357 -35.58 5.77 -20.33
CA ARG A 357 -35.63 5.34 -18.95
C ARG A 357 -36.34 4.00 -18.85
N ILE A 358 -35.72 3.06 -18.15
CA ILE A 358 -36.21 1.69 -18.05
C ILE A 358 -36.56 1.40 -16.60
N SER A 359 -37.82 1.05 -16.35
CA SER A 359 -38.31 0.77 -15.01
C SER A 359 -39.44 -0.24 -15.10
N ASN A 360 -39.68 -0.93 -13.97
CA ASN A 360 -40.68 -1.99 -13.88
C ASN A 360 -40.42 -3.05 -14.95
N CYS A 361 -39.26 -3.70 -14.83
CA CYS A 361 -38.79 -4.62 -15.85
C CYS A 361 -38.28 -5.90 -15.20
N VAL A 362 -38.30 -6.97 -16.00
CA VAL A 362 -37.61 -8.21 -15.64
C VAL A 362 -36.44 -8.36 -16.61
N ALA A 363 -35.26 -7.97 -16.18
CA ALA A 363 -34.09 -7.88 -17.06
C ALA A 363 -33.59 -9.29 -17.36
N ASP A 364 -34.17 -9.92 -18.37
CA ASP A 364 -33.77 -11.27 -18.78
C ASP A 364 -32.46 -11.14 -19.54
N TYR A 365 -31.36 -11.08 -18.80
CA TYR A 365 -30.03 -10.97 -19.41
C TYR A 365 -29.56 -12.27 -20.03
N SER A 366 -30.27 -13.37 -19.81
CA SER A 366 -29.81 -14.68 -20.31
C SER A 366 -29.72 -14.69 -21.83
N VAL A 367 -30.81 -14.33 -22.50
CA VAL A 367 -30.81 -14.32 -23.96
C VAL A 367 -29.80 -13.32 -24.50
N LEU A 368 -29.71 -12.15 -23.87
CA LEU A 368 -28.77 -11.13 -24.31
C LEU A 368 -27.33 -11.63 -24.23
N TYR A 369 -26.99 -12.35 -23.15
CA TYR A 369 -25.60 -12.74 -22.96
C TYR A 369 -25.25 -13.96 -23.80
N ASN A 370 -26.07 -15.00 -23.75
CA ASN A 370 -25.73 -16.21 -24.51
C ASN A 370 -25.88 -15.99 -26.01
N SER A 371 -26.64 -14.97 -26.44
CA SER A 371 -26.74 -14.68 -27.85
C SER A 371 -25.43 -14.06 -28.36
N ALA A 372 -25.02 -14.45 -29.57
CA ALA A 372 -23.80 -13.95 -30.16
C ALA A 372 -23.93 -12.55 -30.73
N SER A 373 -25.02 -11.85 -30.42
CA SER A 373 -25.22 -10.49 -30.92
C SER A 373 -24.18 -9.51 -30.41
N PHE A 374 -23.48 -9.83 -29.32
CA PHE A 374 -22.45 -8.95 -28.78
C PHE A 374 -21.08 -9.49 -29.14
N SER A 375 -20.37 -8.78 -30.02
CA SER A 375 -19.01 -9.19 -30.39
C SER A 375 -18.08 -9.13 -29.18
N THR A 376 -18.07 -8.00 -28.48
CA THR A 376 -17.32 -7.88 -27.24
C THR A 376 -18.24 -7.31 -26.18
N PHE A 377 -18.02 -7.73 -24.93
CA PHE A 377 -18.84 -7.30 -23.80
C PHE A 377 -17.86 -6.79 -22.74
N LYS A 378 -17.45 -5.54 -22.87
CA LYS A 378 -16.46 -4.93 -22.00
C LYS A 378 -17.17 -4.26 -20.83
N CYS A 379 -17.34 -5.01 -19.75
CA CYS A 379 -17.96 -4.49 -18.53
C CYS A 379 -16.88 -4.05 -17.55
N TYR A 380 -17.19 -2.99 -16.80
CA TYR A 380 -16.25 -2.41 -15.87
C TYR A 380 -16.72 -2.47 -14.43
N GLY A 381 -18.04 -2.46 -14.21
CA GLY A 381 -18.58 -2.58 -12.87
C GLY A 381 -19.29 -3.91 -12.65
N VAL A 382 -19.51 -4.64 -13.74
CA VAL A 382 -20.22 -5.91 -13.73
C VAL A 382 -19.45 -6.92 -14.55
N SER A 383 -20.03 -8.10 -14.73
CA SER A 383 -19.43 -9.15 -15.54
C SER A 383 -20.44 -9.73 -16.52
N PRO A 384 -19.98 -10.23 -17.67
CA PRO A 384 -20.92 -10.84 -18.63
C PRO A 384 -21.64 -12.07 -18.08
N THR A 385 -20.95 -12.90 -17.29
CA THR A 385 -21.59 -14.09 -16.75
C THR A 385 -22.43 -13.77 -15.52
N LYS A 386 -22.09 -12.71 -14.78
CA LYS A 386 -22.82 -12.33 -13.58
C LYS A 386 -23.96 -11.37 -13.87
N LEU A 387 -24.53 -11.39 -15.07
CA LEU A 387 -25.64 -10.50 -15.39
C LEU A 387 -26.95 -10.98 -14.78
N ASN A 388 -27.24 -12.28 -14.90
CA ASN A 388 -28.58 -12.79 -14.64
C ASN A 388 -28.94 -12.84 -13.16
N ASP A 389 -28.00 -12.56 -12.25
CA ASP A 389 -28.28 -12.62 -10.83
C ASP A 389 -28.38 -11.25 -10.16
N LEU A 390 -27.80 -10.22 -10.75
CA LEU A 390 -27.84 -8.89 -10.15
C LEU A 390 -29.22 -8.26 -10.33
N CYS A 391 -29.60 -7.44 -9.36
CA CYS A 391 -30.89 -6.77 -9.34
C CYS A 391 -30.66 -5.27 -9.25
N PHE A 392 -31.38 -4.50 -10.07
CA PHE A 392 -31.18 -3.07 -10.17
C PHE A 392 -32.41 -2.31 -9.66
N THR A 393 -32.25 -1.00 -9.55
CA THR A 393 -33.34 -0.10 -9.18
C THR A 393 -33.71 0.86 -10.30
N ASN A 394 -32.72 1.48 -10.93
CA ASN A 394 -32.94 2.40 -12.04
C ASN A 394 -31.83 2.19 -13.06
N VAL A 395 -32.18 2.28 -14.34
CA VAL A 395 -31.24 2.04 -15.42
C VAL A 395 -31.62 2.88 -16.63
N TYR A 396 -30.60 3.46 -17.27
CA TYR A 396 -30.76 4.26 -18.48
C TYR A 396 -30.02 3.58 -19.62
N ALA A 397 -30.69 3.47 -20.77
CA ALA A 397 -30.13 2.84 -21.96
C ALA A 397 -29.92 3.90 -23.04
N ASP A 398 -28.68 4.04 -23.50
CA ASP A 398 -28.34 4.97 -24.56
C ASP A 398 -28.09 4.21 -25.85
N SER A 399 -28.42 4.81 -26.98
CA SER A 399 -28.25 4.20 -28.28
C SER A 399 -27.72 5.24 -29.26
N PHE A 400 -26.63 4.91 -29.96
CA PHE A 400 -26.07 5.79 -30.96
C PHE A 400 -25.17 4.98 -31.88
N VAL A 401 -24.67 5.64 -32.92
CA VAL A 401 -23.88 5.00 -33.97
C VAL A 401 -22.51 5.65 -34.02
N ILE A 402 -21.48 4.84 -34.29
CA ILE A 402 -20.10 5.29 -34.28
C ILE A 402 -19.34 4.55 -35.36
N ARG A 403 -18.10 4.98 -35.60
CA ARG A 403 -17.25 4.33 -36.57
C ARG A 403 -16.56 3.11 -35.96
N GLY A 404 -16.03 2.25 -36.84
CA GLY A 404 -15.40 1.03 -36.36
C GLY A 404 -14.10 1.27 -35.63
N ASP A 405 -13.22 2.11 -36.20
CA ASP A 405 -11.91 2.34 -35.61
C ASP A 405 -11.98 3.16 -34.33
N GLU A 406 -13.14 3.72 -33.99
CA GLU A 406 -13.28 4.54 -32.79
C GLU A 406 -14.12 3.85 -31.71
N VAL A 407 -14.24 2.52 -31.77
CA VAL A 407 -15.04 1.81 -30.77
C VAL A 407 -14.43 1.98 -29.38
N ARG A 408 -13.10 2.06 -29.30
CA ARG A 408 -12.45 2.21 -28.01
C ARG A 408 -12.59 3.62 -27.43
N GLN A 409 -13.11 4.57 -28.22
CA GLN A 409 -13.42 5.88 -27.65
C GLN A 409 -14.55 5.78 -26.64
N ILE A 410 -15.48 4.85 -26.84
CA ILE A 410 -16.60 4.67 -25.92
C ILE A 410 -16.14 3.76 -24.80
N ALA A 411 -15.52 4.33 -23.78
CA ALA A 411 -14.97 3.59 -22.64
C ALA A 411 -14.55 4.56 -21.55
N PRO A 412 -14.63 4.16 -20.27
CA PRO A 412 -14.20 5.06 -19.20
C PRO A 412 -12.71 5.32 -19.28
N GLY A 413 -12.34 6.60 -19.20
CA GLY A 413 -10.94 6.98 -19.27
C GLY A 413 -10.31 6.76 -20.63
N GLN A 414 -10.89 7.34 -21.68
CA GLN A 414 -10.35 7.26 -23.02
C GLN A 414 -10.34 8.64 -23.67
N THR A 415 -9.62 8.75 -24.78
CA THR A 415 -9.50 9.99 -25.51
C THR A 415 -9.97 9.79 -26.94
N GLY A 416 -10.16 10.89 -27.64
CA GLY A 416 -10.61 10.85 -29.01
C GLY A 416 -11.60 11.96 -29.30
N LYS A 417 -11.90 12.13 -30.58
CA LYS A 417 -12.82 13.18 -31.01
C LYS A 417 -14.19 13.00 -30.36
N ILE A 418 -14.73 11.78 -30.41
CA ILE A 418 -16.05 11.54 -29.85
C ILE A 418 -16.04 11.74 -28.34
N ALA A 419 -15.21 10.99 -27.62
CA ALA A 419 -15.16 11.08 -26.17
C ALA A 419 -14.70 12.46 -25.69
N ASP A 420 -14.25 13.32 -26.60
CA ASP A 420 -13.83 14.67 -26.24
C ASP A 420 -14.93 15.70 -26.46
N TYR A 421 -15.54 15.73 -27.64
CA TYR A 421 -16.43 16.83 -28.01
C TYR A 421 -17.84 16.39 -28.38
N ASN A 422 -18.12 15.09 -28.45
CA ASN A 422 -19.43 14.64 -28.88
C ASN A 422 -20.18 13.88 -27.80
N TYR A 423 -19.55 12.89 -27.17
CA TYR A 423 -20.21 12.12 -26.13
C TYR A 423 -19.16 11.49 -25.24
N LYS A 424 -19.19 11.82 -23.95
CA LYS A 424 -18.20 11.34 -22.99
C LYS A 424 -18.89 10.57 -21.88
N LEU A 425 -18.28 9.45 -21.50
CA LEU A 425 -18.70 8.58 -20.43
C LEU A 425 -18.00 8.95 -19.13
N PRO A 426 -18.60 8.66 -17.97
CA PRO A 426 -17.94 8.97 -16.70
C PRO A 426 -16.66 8.16 -16.54
N ASP A 427 -15.66 8.79 -15.90
CA ASP A 427 -14.41 8.09 -15.64
C ASP A 427 -14.62 6.89 -14.73
N ASP A 428 -15.63 6.95 -13.86
CA ASP A 428 -16.00 5.83 -13.00
C ASP A 428 -17.34 5.24 -13.41
N PHE A 429 -17.58 5.12 -14.71
CA PHE A 429 -18.83 4.59 -15.21
C PHE A 429 -19.06 3.16 -14.71
N THR A 430 -20.29 2.89 -14.28
CA THR A 430 -20.68 1.59 -13.76
C THR A 430 -21.64 0.94 -14.76
N GLY A 431 -21.23 -0.17 -15.35
CA GLY A 431 -22.03 -0.88 -16.31
C GLY A 431 -21.15 -1.53 -17.35
N CYS A 432 -21.79 -1.94 -18.45
CA CYS A 432 -21.12 -2.63 -19.54
C CYS A 432 -21.39 -1.91 -20.85
N VAL A 433 -20.34 -1.67 -21.63
CA VAL A 433 -20.43 -1.05 -22.93
C VAL A 433 -20.56 -2.14 -23.99
N ILE A 434 -21.59 -2.03 -24.82
CA ILE A 434 -21.90 -3.05 -25.82
C ILE A 434 -21.43 -2.57 -27.18
N ALA A 435 -20.25 -3.00 -27.60
CA ALA A 435 -19.73 -2.71 -28.92
C ALA A 435 -19.76 -4.00 -29.74
N TRP A 436 -20.64 -4.05 -30.72
CA TRP A 436 -20.87 -5.28 -31.47
C TRP A 436 -20.76 -5.00 -32.96
N ASN A 437 -20.62 -6.08 -33.73
CA ASN A 437 -20.42 -5.97 -35.16
C ASN A 437 -21.73 -5.60 -35.86
N SER A 438 -21.92 -4.30 -36.08
CA SER A 438 -23.07 -3.79 -36.81
C SER A 438 -22.73 -3.53 -38.27
N ASN A 439 -21.64 -4.10 -38.77
CA ASN A 439 -21.24 -3.89 -40.16
C ASN A 439 -22.34 -4.30 -41.14
N ASN A 440 -22.96 -5.45 -40.89
CA ASN A 440 -24.03 -5.91 -41.78
C ASN A 440 -25.31 -5.12 -41.54
N LEU A 441 -25.54 -4.66 -40.31
CA LEU A 441 -26.74 -3.90 -40.01
C LEU A 441 -26.58 -2.42 -40.35
N ASP A 442 -25.59 -1.76 -39.77
CA ASP A 442 -25.35 -0.34 -40.03
C ASP A 442 -23.87 -0.01 -39.98
N ASN A 448 -25.81 6.60 -46.32
CA ASN A 448 -25.30 6.20 -45.01
C ASN A 448 -24.38 7.28 -44.46
N TYR A 449 -24.40 8.45 -45.09
CA TYR A 449 -23.62 9.61 -44.66
C TYR A 449 -24.32 10.43 -43.59
N ASN A 450 -25.27 9.84 -42.86
CA ASN A 450 -26.16 10.58 -41.97
C ASN A 450 -25.74 10.50 -40.50
N TYR A 451 -24.45 10.46 -40.20
CA TYR A 451 -23.98 10.42 -38.83
C TYR A 451 -22.95 11.52 -38.64
N LEU A 452 -23.16 12.35 -37.61
CA LEU A 452 -22.36 13.54 -37.38
C LEU A 452 -21.56 13.39 -36.10
N TYR A 453 -20.42 14.09 -36.03
CA TYR A 453 -19.58 14.11 -34.84
C TYR A 453 -18.91 15.46 -34.73
N ARG A 454 -18.72 15.93 -33.50
CA ARG A 454 -18.21 17.28 -33.28
C ARG A 454 -16.69 17.32 -33.42
N LEU A 455 -16.20 18.46 -33.90
CA LEU A 455 -14.78 18.73 -34.04
C LEU A 455 -14.32 19.94 -33.23
N PHE A 456 -15.13 20.99 -33.17
CA PHE A 456 -14.79 22.20 -32.44
C PHE A 456 -15.77 22.41 -31.30
N ARG A 457 -15.26 22.74 -30.13
CA ARG A 457 -16.09 23.01 -28.96
C ARG A 457 -15.27 23.77 -27.94
N LYS A 458 -15.97 24.40 -26.99
CA LYS A 458 -15.27 25.16 -25.95
C LYS A 458 -14.44 24.24 -25.06
N SER A 459 -15.03 23.14 -24.59
CA SER A 459 -14.32 22.20 -23.74
C SER A 459 -15.06 20.87 -23.77
N ASN A 460 -14.51 19.90 -23.04
CA ASN A 460 -15.16 18.59 -22.95
C ASN A 460 -16.46 18.68 -22.17
N LEU A 461 -17.43 17.86 -22.57
CA LEU A 461 -18.74 17.85 -21.95
C LEU A 461 -18.75 16.96 -20.72
N LYS A 462 -19.56 17.33 -19.74
CA LYS A 462 -19.65 16.55 -18.51
C LYS A 462 -20.21 15.16 -18.81
N PRO A 463 -19.95 14.18 -17.93
CA PRO A 463 -20.44 12.82 -18.18
C PRO A 463 -21.93 12.78 -18.47
N PHE A 464 -22.28 12.22 -19.63
CA PHE A 464 -23.65 12.06 -20.13
C PHE A 464 -24.28 13.39 -20.51
N GLU A 465 -23.49 14.39 -20.91
CA GLU A 465 -24.06 15.64 -21.37
C GLU A 465 -24.53 15.53 -22.81
N ARG A 466 -25.62 16.21 -23.13
CA ARG A 466 -26.19 16.23 -24.47
C ARG A 466 -26.25 17.67 -24.94
N ASP A 467 -25.26 18.09 -25.72
CA ASP A 467 -25.22 19.43 -26.28
C ASP A 467 -25.49 19.36 -27.78
N ILE A 468 -26.25 20.32 -28.29
CA ILE A 468 -26.63 20.37 -29.70
C ILE A 468 -26.47 21.81 -30.18
N SER A 469 -25.58 22.01 -31.16
CA SER A 469 -25.39 23.31 -31.80
C SER A 469 -24.90 23.06 -33.22
N THR A 470 -25.32 23.92 -34.14
CA THR A 470 -25.08 23.68 -35.56
C THR A 470 -24.43 24.85 -36.27
N GLU A 471 -23.58 25.62 -35.59
CA GLU A 471 -22.91 26.76 -36.20
C GLU A 471 -21.69 27.16 -35.38
N ILE A 472 -21.17 28.35 -35.68
CA ILE A 472 -20.09 28.98 -34.93
C ILE A 472 -18.82 28.12 -34.92
N TYR A 473 -18.25 27.95 -36.12
CA TYR A 473 -16.95 27.33 -36.24
C TYR A 473 -15.88 28.23 -35.64
N GLN A 474 -14.64 27.73 -35.51
CA GLN A 474 -13.62 28.45 -34.77
C GLN A 474 -13.29 29.81 -35.38
N ALA A 475 -12.68 29.83 -36.56
CA ALA A 475 -12.34 31.08 -37.21
C ALA A 475 -12.99 31.22 -38.58
N GLY A 476 -12.76 30.23 -39.45
CA GLY A 476 -13.20 30.31 -40.83
C GLY A 476 -13.12 28.94 -41.50
N GLU A 484 -21.62 34.80 -39.06
CA GLU A 484 -22.09 33.44 -38.87
C GLU A 484 -22.08 32.67 -40.19
N GLY A 485 -22.59 33.32 -41.24
CA GLY A 485 -22.64 32.70 -42.57
C GLY A 485 -21.32 32.78 -43.31
N PHE A 486 -20.23 33.10 -42.62
CA PHE A 486 -18.92 33.22 -43.26
C PHE A 486 -18.33 31.84 -43.46
N ASN A 487 -17.02 31.78 -43.77
CA ASN A 487 -16.32 30.52 -43.91
C ASN A 487 -16.51 29.62 -42.69
N CYS A 488 -16.60 30.24 -41.51
CA CYS A 488 -16.99 29.51 -40.31
C CYS A 488 -18.42 29.00 -40.50
N TYR A 489 -18.60 27.70 -40.34
CA TYR A 489 -19.86 27.06 -40.73
C TYR A 489 -20.14 25.90 -39.79
N PHE A 490 -21.03 25.01 -40.21
CA PHE A 490 -21.48 23.86 -39.43
C PHE A 490 -20.30 23.10 -38.84
N PRO A 491 -20.30 22.84 -37.53
CA PRO A 491 -19.12 22.25 -36.87
C PRO A 491 -19.01 20.74 -36.88
N LEU A 492 -20.10 20.00 -37.08
CA LEU A 492 -20.05 18.55 -37.10
C LEU A 492 -19.71 18.06 -38.50
N GLN A 493 -19.34 16.80 -38.60
CA GLN A 493 -18.90 16.24 -39.87
C GLN A 493 -19.61 14.91 -40.11
N SER A 494 -20.07 14.72 -41.35
CA SER A 494 -20.77 13.51 -41.71
C SER A 494 -19.81 12.36 -41.93
N TYR A 495 -20.11 11.22 -41.31
CA TYR A 495 -19.27 10.04 -41.43
C TYR A 495 -19.27 9.53 -42.86
N GLY A 496 -18.18 8.85 -43.23
CA GLY A 496 -18.00 8.42 -44.59
C GLY A 496 -18.49 7.01 -44.88
N PHE A 497 -19.65 6.65 -44.35
CA PHE A 497 -20.28 5.38 -44.63
C PHE A 497 -21.22 5.51 -45.82
N GLN A 498 -21.30 4.44 -46.62
CA GLN A 498 -22.09 4.45 -47.84
C GLN A 498 -22.54 3.04 -48.14
N PRO A 499 -23.77 2.85 -48.63
CA PRO A 499 -24.21 1.50 -49.03
C PRO A 499 -23.29 0.84 -50.03
N THR A 500 -22.57 1.62 -50.83
CA THR A 500 -21.57 1.07 -51.75
C THR A 500 -20.22 0.87 -51.10
N ASN A 501 -20.02 1.40 -49.89
CA ASN A 501 -18.75 1.23 -49.18
C ASN A 501 -18.80 0.03 -48.25
N VAL A 503 -11.84 -2.30 -43.11
CA VAL A 503 -12.64 -2.81 -42.01
C VAL A 503 -12.88 -1.71 -40.99
N GLY A 504 -11.81 -1.01 -40.60
CA GLY A 504 -11.94 0.08 -39.64
C GLY A 504 -12.72 1.26 -40.17
N TYR A 505 -12.81 1.41 -41.48
CA TYR A 505 -13.59 2.47 -42.10
C TYR A 505 -15.03 2.05 -42.40
N GLN A 506 -15.45 0.89 -41.91
CA GLN A 506 -16.79 0.36 -42.13
C GLN A 506 -17.70 0.70 -40.94
N PRO A 507 -18.99 0.93 -41.18
CA PRO A 507 -19.87 1.44 -40.12
C PRO A 507 -20.19 0.37 -39.08
N TYR A 508 -20.07 0.75 -37.81
CA TYR A 508 -20.49 -0.08 -36.69
C TYR A 508 -21.55 0.65 -35.88
N ARG A 509 -22.02 0.02 -34.81
CA ARG A 509 -22.95 0.64 -33.87
C ARG A 509 -22.65 0.15 -32.46
N VAL A 510 -22.65 1.08 -31.51
CA VAL A 510 -22.33 0.79 -30.12
C VAL A 510 -23.43 1.36 -29.23
N VAL A 511 -23.82 0.58 -28.22
CA VAL A 511 -24.80 1.02 -27.23
C VAL A 511 -24.23 0.76 -25.85
N VAL A 512 -24.65 1.58 -24.88
CA VAL A 512 -24.18 1.49 -23.50
C VAL A 512 -25.39 1.33 -22.60
N LEU A 513 -25.26 0.44 -21.61
CA LEU A 513 -26.31 0.19 -20.62
C LEU A 513 -25.82 0.79 -19.31
N SER A 514 -26.08 2.07 -19.11
CA SER A 514 -25.68 2.76 -17.89
C SER A 514 -26.48 2.20 -16.71
N PHE A 515 -25.80 1.45 -15.85
CA PHE A 515 -26.43 0.82 -14.70
C PHE A 515 -26.27 1.72 -13.48
N GLU A 516 -27.38 2.21 -12.96
CA GLU A 516 -27.39 3.11 -11.80
C GLU A 516 -27.65 2.28 -10.55
N LEU A 517 -26.65 2.23 -9.67
CA LEU A 517 -26.75 1.49 -8.41
C LEU A 517 -27.19 2.35 -7.24
N LEU A 518 -27.98 3.39 -7.50
CA LEU A 518 -28.43 4.27 -6.43
C LEU A 518 -29.42 3.54 -5.53
N HIS A 519 -29.34 3.82 -4.23
CA HIS A 519 -30.26 3.23 -3.26
C HIS A 519 -31.66 3.76 -3.50
N ALA A 520 -32.54 2.92 -4.01
CA ALA A 520 -33.88 3.32 -4.38
C ALA A 520 -34.75 2.07 -4.46
N PRO A 521 -36.08 2.22 -4.46
CA PRO A 521 -36.95 1.07 -4.69
C PRO A 521 -36.63 0.40 -6.02
N ALA A 522 -36.36 -0.90 -5.96
CA ALA A 522 -35.96 -1.63 -7.15
C ALA A 522 -37.11 -1.73 -8.15
N THR A 523 -36.80 -1.49 -9.42
CA THR A 523 -37.77 -1.56 -10.50
C THR A 523 -37.40 -2.58 -11.56
N VAL A 524 -36.13 -2.64 -11.96
CA VAL A 524 -35.65 -3.57 -12.97
C VAL A 524 -34.81 -4.63 -12.26
N CYS A 525 -35.28 -5.86 -12.24
CA CYS A 525 -34.60 -6.94 -11.54
C CYS A 525 -34.29 -8.07 -12.51
N GLY A 526 -33.29 -8.88 -12.14
CA GLY A 526 -32.88 -10.00 -12.95
C GLY A 526 -33.85 -11.16 -12.88
N PRO A 527 -33.65 -12.16 -13.73
CA PRO A 527 -34.56 -13.32 -13.77
C PRO A 527 -34.20 -14.37 -12.71
N LYS A 528 -34.26 -13.96 -11.45
CA LYS A 528 -33.98 -14.82 -10.32
C LYS A 528 -35.29 -15.27 -9.67
N LYS A 529 -35.45 -16.58 -9.53
CA LYS A 529 -36.67 -17.13 -8.93
C LYS A 529 -36.57 -17.02 -7.41
N SER A 530 -37.62 -16.47 -6.79
CA SER A 530 -37.63 -16.29 -5.35
C SER A 530 -38.06 -17.58 -4.65
N THR A 531 -37.75 -17.65 -3.36
CA THR A 531 -38.11 -18.76 -2.50
C THR A 531 -38.76 -18.23 -1.23
N ASN A 532 -39.35 -19.13 -0.45
CA ASN A 532 -39.95 -18.74 0.82
C ASN A 532 -38.87 -18.35 1.82
N LEU A 533 -39.17 -17.34 2.62
CA LEU A 533 -38.25 -16.80 3.60
C LEU A 533 -38.48 -17.46 4.96
N VAL A 534 -37.39 -17.97 5.55
CA VAL A 534 -37.40 -18.56 6.88
C VAL A 534 -36.75 -17.57 7.84
N LYS A 535 -37.24 -17.55 9.07
CA LYS A 535 -36.80 -16.59 10.07
C LYS A 535 -36.05 -17.30 11.20
N ASN A 536 -35.24 -16.51 11.91
CA ASN A 536 -34.44 -17.00 13.03
C ASN A 536 -33.54 -18.16 12.60
N LYS A 537 -32.98 -18.06 11.40
CA LYS A 537 -32.08 -19.08 10.87
C LYS A 537 -30.92 -18.40 10.15
N CYS A 538 -29.71 -18.92 10.39
CA CYS A 538 -28.53 -18.41 9.70
C CYS A 538 -28.60 -18.84 8.25
N VAL A 539 -29.00 -17.93 7.37
CA VAL A 539 -29.24 -18.23 5.96
C VAL A 539 -28.46 -17.25 5.11
N ASN A 540 -28.36 -17.59 3.82
CA ASN A 540 -27.76 -16.72 2.82
C ASN A 540 -28.86 -15.94 2.12
N PHE A 541 -28.98 -14.66 2.44
CA PHE A 541 -30.05 -13.82 1.94
C PHE A 541 -29.59 -13.00 0.74
N ASN A 542 -30.56 -12.58 -0.07
CA ASN A 542 -30.29 -11.76 -1.25
C ASN A 542 -31.50 -10.85 -1.46
N PHE A 543 -31.37 -9.59 -1.04
CA PHE A 543 -32.46 -8.62 -1.13
C PHE A 543 -32.02 -7.49 -2.04
N ASN A 544 -32.50 -7.51 -3.28
CA ASN A 544 -32.22 -6.46 -4.26
C ASN A 544 -30.72 -6.28 -4.48
N GLY A 545 -30.01 -7.40 -4.69
CA GLY A 545 -28.59 -7.37 -4.89
C GLY A 545 -27.76 -7.37 -3.62
N LEU A 546 -28.36 -7.06 -2.47
CA LEU A 546 -27.65 -7.07 -1.21
C LEU A 546 -27.56 -8.51 -0.71
N THR A 547 -26.35 -9.06 -0.70
CA THR A 547 -26.12 -10.46 -0.35
C THR A 547 -25.31 -10.55 0.94
N GLY A 548 -25.59 -11.57 1.73
CA GLY A 548 -24.87 -11.80 2.96
C GLY A 548 -25.47 -12.94 3.74
N THR A 549 -24.91 -13.17 4.92
CA THR A 549 -25.34 -14.23 5.82
C THR A 549 -25.68 -13.63 7.17
N GLY A 550 -26.85 -13.97 7.70
CA GLY A 550 -27.27 -13.45 8.98
C GLY A 550 -28.63 -13.98 9.37
N VAL A 551 -29.17 -13.40 10.44
CA VAL A 551 -30.47 -13.78 10.98
C VAL A 551 -31.49 -12.71 10.58
N LEU A 552 -32.63 -13.15 10.07
CA LEU A 552 -33.70 -12.25 9.65
C LEU A 552 -34.81 -12.32 10.70
N THR A 553 -34.94 -11.25 11.49
CA THR A 553 -35.95 -11.15 12.53
C THR A 553 -36.81 -9.92 12.29
N GLU A 554 -38.06 -9.99 12.74
CA GLU A 554 -38.98 -8.88 12.54
C GLU A 554 -38.52 -7.65 13.32
N SER A 555 -38.32 -6.55 12.60
CA SER A 555 -37.91 -5.30 13.19
C SER A 555 -39.12 -4.43 13.52
N ASN A 556 -38.93 -3.52 14.46
CA ASN A 556 -39.97 -2.60 14.89
C ASN A 556 -39.60 -1.15 14.58
N LYS A 557 -38.66 -0.93 13.67
CA LYS A 557 -38.26 0.42 13.32
C LYS A 557 -39.34 1.10 12.50
N LYS A 558 -39.67 2.33 12.89
CA LYS A 558 -40.73 3.09 12.22
C LYS A 558 -40.20 3.61 10.89
N PHE A 559 -40.23 2.76 9.88
CA PHE A 559 -39.78 3.16 8.55
C PHE A 559 -40.75 4.16 7.94
N LEU A 560 -40.20 5.17 7.31
CA LEU A 560 -41.01 6.10 6.54
C LEU A 560 -41.35 5.48 5.18
N PRO A 561 -42.45 5.89 4.56
CA PRO A 561 -42.88 5.24 3.32
C PRO A 561 -41.85 5.28 2.21
N PHE A 562 -40.95 6.26 2.19
CA PHE A 562 -39.93 6.35 1.17
C PHE A 562 -38.62 5.68 1.57
N GLN A 563 -38.46 5.29 2.83
CA GLN A 563 -37.24 4.66 3.30
C GLN A 563 -37.20 3.21 2.86
N GLN A 564 -36.15 2.84 2.13
CA GLN A 564 -36.03 1.47 1.64
C GLN A 564 -35.52 0.52 2.72
N PHE A 565 -34.36 0.84 3.31
CA PHE A 565 -33.75 -0.03 4.30
C PHE A 565 -32.97 0.83 5.29
N GLY A 566 -32.37 0.16 6.28
CA GLY A 566 -31.60 0.85 7.29
C GLY A 566 -30.14 0.45 7.31
N ARG A 567 -29.29 1.33 7.83
CA ARG A 567 -27.86 1.07 7.95
C ARG A 567 -27.40 1.35 9.37
N ASP A 568 -26.34 0.66 9.77
CA ASP A 568 -25.79 0.83 11.10
C ASP A 568 -24.66 1.86 11.09
N ILE A 569 -23.97 1.98 12.22
CA ILE A 569 -22.85 2.92 12.32
C ILE A 569 -21.72 2.48 11.39
N ALA A 570 -21.59 1.18 11.17
CA ALA A 570 -20.53 0.60 10.34
C ALA A 570 -20.77 0.78 8.85
N ASP A 571 -21.74 1.60 8.45
CA ASP A 571 -22.09 1.79 7.04
C ASP A 571 -22.49 0.47 6.37
N THR A 572 -22.93 -0.49 7.18
CA THR A 572 -23.42 -1.77 6.71
C THR A 572 -24.91 -1.88 6.94
N THR A 573 -25.54 -2.81 6.22
CA THR A 573 -26.98 -3.00 6.34
C THR A 573 -27.34 -3.51 7.72
N ASP A 574 -28.18 -2.75 8.42
CA ASP A 574 -28.68 -3.14 9.74
C ASP A 574 -30.09 -3.71 9.68
N ALA A 575 -30.93 -3.20 8.77
CA ALA A 575 -32.28 -3.72 8.60
C ALA A 575 -32.69 -3.50 7.14
N VAL A 576 -33.62 -4.33 6.68
CA VAL A 576 -34.08 -4.28 5.30
C VAL A 576 -35.58 -4.57 5.26
N ARG A 577 -36.27 -3.91 4.34
CA ARG A 577 -37.69 -4.12 4.14
C ARG A 577 -37.90 -5.20 3.08
N ASP A 578 -38.91 -6.04 3.30
CA ASP A 578 -39.20 -7.11 2.36
C ASP A 578 -39.61 -6.52 1.01
N PRO A 579 -39.01 -6.96 -0.10
CA PRO A 579 -39.40 -6.42 -1.40
C PRO A 579 -40.70 -6.98 -1.94
N GLN A 580 -41.20 -8.09 -1.37
CA GLN A 580 -42.44 -8.70 -1.83
C GLN A 580 -43.66 -8.26 -1.03
N THR A 581 -43.51 -8.03 0.26
CA THR A 581 -44.60 -7.61 1.13
C THR A 581 -44.16 -6.43 1.98
N LEU A 582 -45.14 -5.73 2.54
CA LEU A 582 -44.88 -4.58 3.40
C LEU A 582 -44.44 -5.08 4.77
N GLU A 583 -43.24 -5.65 4.80
CA GLU A 583 -42.67 -6.19 6.03
C GLU A 583 -41.23 -5.71 6.15
N ILE A 584 -40.79 -5.54 7.39
CA ILE A 584 -39.44 -5.05 7.70
C ILE A 584 -38.73 -6.10 8.54
N LEU A 585 -37.45 -6.31 8.25
CA LEU A 585 -36.65 -7.32 8.93
C LEU A 585 -35.32 -6.72 9.34
N ASP A 586 -34.93 -6.95 10.59
CA ASP A 586 -33.62 -6.53 11.06
C ASP A 586 -32.60 -7.64 10.83
N ILE A 587 -31.47 -7.29 10.23
CA ILE A 587 -30.44 -8.25 9.86
C ILE A 587 -29.41 -8.30 10.96
N THR A 588 -29.28 -9.45 11.59
CA THR A 588 -28.24 -9.71 12.59
C THR A 588 -27.34 -10.82 12.07
N PRO A 589 -26.03 -10.61 12.01
CA PRO A 589 -25.15 -11.64 11.43
C PRO A 589 -25.23 -12.95 12.21
N CYS A 590 -24.83 -14.03 11.54
CA CYS A 590 -24.86 -15.35 12.15
C CYS A 590 -23.97 -15.39 13.39
N SER A 591 -24.37 -16.21 14.36
CA SER A 591 -23.60 -16.34 15.59
C SER A 591 -22.19 -16.81 15.29
N PHE A 592 -21.22 -16.11 15.89
CA PHE A 592 -19.81 -16.38 15.62
C PHE A 592 -19.02 -16.21 16.91
N GLY A 593 -17.75 -16.58 16.85
CA GLY A 593 -16.87 -16.46 18.00
C GLY A 593 -15.55 -17.14 17.71
N GLY A 594 -14.54 -16.71 18.45
CA GLY A 594 -13.22 -17.29 18.29
C GLY A 594 -13.12 -18.66 18.92
N VAL A 595 -12.36 -19.54 18.26
CA VAL A 595 -12.11 -20.89 18.75
C VAL A 595 -10.73 -20.91 19.39
N SER A 596 -10.69 -21.18 20.68
CA SER A 596 -9.46 -21.24 21.44
C SER A 596 -9.34 -22.60 22.12
N VAL A 597 -8.18 -23.24 21.96
CA VAL A 597 -7.95 -24.58 22.47
C VAL A 597 -7.22 -24.49 23.81
N ILE A 598 -7.70 -25.24 24.80
CA ILE A 598 -7.09 -25.31 26.12
C ILE A 598 -6.52 -26.71 26.28
N THR A 599 -5.20 -26.82 26.19
CA THR A 599 -4.53 -28.11 26.31
C THR A 599 -3.32 -27.99 27.23
N PRO A 600 -3.06 -29.01 28.03
CA PRO A 600 -1.83 -29.07 28.81
C PRO A 600 -0.66 -29.45 27.90
N GLY A 601 0.50 -29.64 28.52
CA GLY A 601 1.68 -30.01 27.77
C GLY A 601 1.52 -31.38 27.12
N THR A 602 1.91 -31.46 25.85
CA THR A 602 1.82 -32.72 25.12
C THR A 602 2.72 -33.78 25.73
N ASN A 603 3.76 -33.36 26.45
CA ASN A 603 4.62 -34.32 27.14
C ASN A 603 3.88 -35.02 28.27
N THR A 604 2.82 -34.39 28.79
CA THR A 604 2.05 -34.95 29.90
C THR A 604 0.94 -35.88 29.42
N SER A 605 0.02 -35.35 28.62
CA SER A 605 -1.12 -36.13 28.16
C SER A 605 -1.64 -35.52 26.86
N ASN A 606 -2.76 -36.05 26.38
CA ASN A 606 -3.39 -35.58 25.15
C ASN A 606 -4.85 -35.21 25.34
N GLU A 607 -5.38 -35.25 26.56
CA GLU A 607 -6.75 -34.84 26.79
C GLU A 607 -6.89 -33.34 26.55
N VAL A 608 -7.92 -32.96 25.79
CA VAL A 608 -8.06 -31.60 25.29
C VAL A 608 -9.28 -30.94 25.90
N ALA A 609 -9.38 -29.63 25.69
CA ALA A 609 -10.54 -28.84 26.06
C ALA A 609 -10.77 -27.77 25.01
N VAL A 610 -12.05 -27.46 24.76
CA VAL A 610 -12.45 -26.53 23.72
C VAL A 610 -13.14 -25.34 24.37
N LEU A 611 -12.81 -24.14 23.91
CA LEU A 611 -13.37 -22.90 24.44
C LEU A 611 -13.95 -22.09 23.29
N TYR A 612 -15.24 -21.80 23.37
CA TYR A 612 -15.92 -20.94 22.41
C TYR A 612 -16.07 -19.55 23.02
N GLN A 613 -15.48 -18.55 22.39
CA GLN A 613 -15.40 -17.21 22.95
C GLN A 613 -16.71 -16.47 22.76
N ASP A 614 -17.33 -16.06 23.87
CA ASP A 614 -18.52 -15.20 23.87
C ASP A 614 -19.66 -15.84 23.07
N VAL A 615 -19.86 -17.14 23.28
CA VAL A 615 -20.94 -17.87 22.62
C VAL A 615 -21.66 -18.71 23.67
N ASN A 616 -22.98 -18.56 23.72
CA ASN A 616 -23.77 -19.36 24.64
C ASN A 616 -23.80 -20.81 24.20
N CYS A 617 -24.04 -21.71 25.15
CA CYS A 617 -24.05 -23.14 24.85
C CYS A 617 -25.39 -23.55 24.23
N THR A 618 -25.78 -22.88 23.16
CA THR A 618 -27.01 -23.18 22.44
C THR A 618 -26.76 -23.56 21.00
N GLU A 619 -25.95 -22.79 20.27
CA GLU A 619 -25.69 -23.10 18.87
C GLU A 619 -24.74 -24.29 18.73
N VAL A 620 -23.74 -24.37 19.60
CA VAL A 620 -22.78 -25.46 19.54
C VAL A 620 -23.38 -26.72 20.15
N ASN A 641 -21.46 -33.04 29.90
CA ASN A 641 -20.15 -32.50 30.27
C ASN A 641 -19.89 -31.19 29.55
N VAL A 642 -20.70 -30.17 29.86
CA VAL A 642 -20.58 -28.84 29.27
C VAL A 642 -20.74 -27.82 30.37
N PHE A 643 -19.82 -26.86 30.45
CA PHE A 643 -19.84 -25.81 31.45
C PHE A 643 -19.98 -24.46 30.75
N GLN A 644 -21.07 -23.75 31.01
CA GLN A 644 -21.28 -22.42 30.49
C GLN A 644 -20.61 -21.39 31.39
N THR A 645 -19.78 -20.55 30.80
CA THR A 645 -19.06 -19.52 31.54
C THR A 645 -19.44 -18.14 31.00
N ARG A 646 -18.98 -17.11 31.69
CA ARG A 646 -19.26 -15.75 31.26
C ARG A 646 -18.53 -15.40 29.97
N ALA A 647 -17.40 -16.06 29.70
CA ALA A 647 -16.64 -15.84 28.49
C ALA A 647 -17.13 -16.65 27.31
N GLY A 648 -18.11 -17.53 27.52
CA GLY A 648 -18.65 -18.32 26.44
C GLY A 648 -18.97 -19.74 26.83
N CYS A 649 -18.86 -20.67 25.88
CA CYS A 649 -19.18 -22.07 26.10
C CYS A 649 -17.88 -22.86 26.22
N LEU A 650 -17.70 -23.53 27.35
CA LEU A 650 -16.52 -24.33 27.63
C LEU A 650 -16.87 -25.81 27.52
N ILE A 651 -16.43 -26.45 26.44
CA ILE A 651 -16.73 -27.84 26.17
C ILE A 651 -15.44 -28.64 26.30
N GLY A 652 -15.50 -29.75 27.04
CA GLY A 652 -14.35 -30.59 27.28
C GLY A 652 -13.86 -30.60 28.71
N ALA A 653 -14.23 -29.59 29.50
CA ALA A 653 -13.84 -29.51 30.90
C ALA A 653 -15.06 -29.62 31.79
N GLU A 654 -14.85 -30.16 32.99
CA GLU A 654 -15.92 -30.34 33.96
C GLU A 654 -15.93 -29.17 34.94
N HIS A 655 -17.13 -28.64 35.21
CA HIS A 655 -17.27 -27.55 36.17
C HIS A 655 -16.99 -28.06 37.57
N VAL A 656 -16.11 -27.34 38.28
CA VAL A 656 -15.70 -27.71 39.63
C VAL A 656 -15.87 -26.50 40.53
N ASN A 657 -16.47 -26.71 41.71
CA ASN A 657 -16.55 -25.64 42.70
C ASN A 657 -15.16 -25.26 43.20
N ASN A 658 -14.35 -26.26 43.57
CA ASN A 658 -13.07 -26.00 44.20
C ASN A 658 -12.16 -25.21 43.27
N SER A 659 -11.60 -24.11 43.79
CA SER A 659 -10.77 -23.21 43.02
C SER A 659 -9.29 -23.50 43.28
N TYR A 660 -8.46 -23.18 42.28
CA TYR A 660 -7.02 -23.37 42.36
C TYR A 660 -6.34 -22.16 41.74
N GLU A 661 -5.01 -22.20 41.73
CA GLU A 661 -4.24 -21.14 41.07
C GLU A 661 -4.43 -21.24 39.56
N CYS A 662 -4.47 -20.08 38.90
CA CYS A 662 -4.67 -20.05 37.46
C CYS A 662 -3.46 -20.61 36.74
N ASP A 663 -3.66 -21.71 36.00
CA ASP A 663 -2.64 -22.28 35.15
C ASP A 663 -2.83 -21.87 33.69
N ILE A 664 -4.05 -21.99 33.18
CA ILE A 664 -4.39 -21.55 31.83
C ILE A 664 -5.50 -20.51 31.95
N PRO A 665 -5.24 -19.25 31.61
CA PRO A 665 -6.29 -18.23 31.71
C PRO A 665 -7.33 -18.40 30.61
N ILE A 666 -8.58 -18.62 31.03
CA ILE A 666 -9.68 -18.82 30.10
C ILE A 666 -10.41 -17.51 29.81
N GLY A 667 -10.65 -16.71 30.84
CA GLY A 667 -11.34 -15.43 30.70
C GLY A 667 -12.48 -15.32 31.69
N ALA A 668 -12.75 -14.09 32.10
CA ALA A 668 -13.84 -13.78 33.03
C ALA A 668 -13.71 -14.57 34.33
N GLY A 669 -12.47 -14.67 34.82
CA GLY A 669 -12.23 -15.34 36.09
C GLY A 669 -12.23 -16.84 36.05
N ILE A 670 -12.17 -17.44 34.86
CA ILE A 670 -12.17 -18.89 34.71
C ILE A 670 -10.76 -19.33 34.32
N CYS A 671 -10.29 -20.41 34.96
CA CYS A 671 -8.98 -20.97 34.66
C CYS A 671 -9.06 -22.48 34.73
N ALA A 672 -8.15 -23.13 34.01
CA ALA A 672 -8.16 -24.58 33.86
C ALA A 672 -6.86 -25.18 34.33
N SER A 673 -6.89 -26.48 34.60
CA SER A 673 -5.71 -27.23 35.02
C SER A 673 -5.95 -28.71 34.74
N TYR A 674 -4.89 -29.49 34.88
CA TYR A 674 -4.94 -30.93 34.66
C TYR A 674 -4.45 -31.62 35.94
N GLN A 675 -5.39 -31.93 36.84
CA GLN A 675 -5.08 -32.56 38.11
C GLN A 675 -6.00 -33.76 38.31
N THR A 676 -5.80 -34.47 39.40
CA THR A 676 -6.60 -35.64 39.73
C THR A 676 -8.01 -35.24 40.16
N GLN A 690 -5.82 -38.41 36.45
CA GLN A 690 -5.95 -36.96 36.35
C GLN A 690 -6.85 -36.57 35.19
N SER A 691 -7.49 -35.41 35.30
CA SER A 691 -8.41 -34.93 34.27
C SER A 691 -8.32 -33.42 34.20
N ILE A 692 -8.96 -32.85 33.18
CA ILE A 692 -9.00 -31.40 32.99
C ILE A 692 -10.08 -30.83 33.88
N ILE A 693 -9.70 -29.89 34.75
CA ILE A 693 -10.63 -29.29 35.70
C ILE A 693 -10.90 -27.85 35.27
N ALA A 694 -12.15 -27.43 35.44
CA ALA A 694 -12.57 -26.07 35.17
C ALA A 694 -13.17 -25.47 36.42
N TYR A 695 -12.80 -24.22 36.72
CA TYR A 695 -13.21 -23.59 37.96
C TYR A 695 -13.06 -22.08 37.82
N THR A 696 -13.75 -21.36 38.71
CA THR A 696 -13.53 -19.93 38.86
C THR A 696 -12.22 -19.72 39.61
N MET A 697 -11.30 -18.96 39.00
CA MET A 697 -9.97 -18.83 39.55
C MET A 697 -9.99 -18.19 40.93
N SER A 698 -9.16 -18.69 41.82
CA SER A 698 -9.06 -18.14 43.16
C SER A 698 -8.21 -16.88 43.16
N LEU A 699 -8.60 -15.93 44.00
CA LEU A 699 -7.87 -14.67 44.15
C LEU A 699 -6.67 -14.80 45.08
N GLY A 700 -6.23 -16.02 45.35
CA GLY A 700 -5.17 -16.27 46.31
C GLY A 700 -5.71 -16.88 47.60
N ALA A 701 -4.77 -17.21 48.48
CA ALA A 701 -5.13 -17.77 49.77
C ALA A 701 -5.74 -16.68 50.64
N GLU A 702 -7.07 -16.65 50.72
CA GLU A 702 -7.75 -15.64 51.51
C GLU A 702 -7.44 -15.82 52.99
N ASN A 703 -6.92 -14.76 53.60
CA ASN A 703 -6.51 -14.79 55.01
C ASN A 703 -6.92 -13.49 55.65
N SER A 704 -7.88 -13.54 56.57
CA SER A 704 -8.29 -12.35 57.28
C SER A 704 -7.21 -11.92 58.27
N VAL A 705 -7.29 -10.67 58.69
CA VAL A 705 -6.33 -10.09 59.63
C VAL A 705 -7.03 -9.78 60.94
N ALA A 706 -6.39 -10.10 62.05
CA ALA A 706 -6.92 -9.79 63.38
C ALA A 706 -6.52 -8.37 63.79
N TYR A 707 -6.87 -7.42 62.92
CA TYR A 707 -6.54 -6.03 63.16
C TYR A 707 -7.41 -5.46 64.27
N SER A 708 -6.79 -4.70 65.17
CA SER A 708 -7.50 -4.03 66.25
C SER A 708 -6.67 -2.87 66.75
N ASN A 709 -7.25 -2.09 67.65
CA ASN A 709 -6.54 -0.96 68.24
C ASN A 709 -5.53 -1.39 69.30
N ASN A 710 -5.45 -2.69 69.60
CA ASN A 710 -4.52 -3.17 70.62
C ASN A 710 -3.84 -4.47 70.19
N SER A 711 -3.63 -4.68 68.89
CA SER A 711 -3.05 -5.90 68.39
C SER A 711 -1.86 -5.58 67.50
N ILE A 712 -0.81 -6.39 67.63
CA ILE A 712 0.41 -6.20 66.86
C ILE A 712 1.19 -7.51 66.86
N ALA A 713 1.89 -7.76 65.76
CA ALA A 713 2.77 -8.91 65.62
C ALA A 713 4.13 -8.44 65.15
N ILE A 714 5.18 -8.85 65.85
CA ILE A 714 6.53 -8.38 65.55
C ILE A 714 7.44 -9.58 65.30
N PRO A 715 8.24 -9.56 64.23
CA PRO A 715 9.05 -10.74 63.87
C PRO A 715 10.09 -11.07 64.93
N THR A 716 10.06 -12.31 65.41
CA THR A 716 11.06 -12.80 66.33
C THR A 716 12.19 -13.54 65.63
N ASN A 717 11.89 -14.27 64.56
CA ASN A 717 12.90 -14.96 63.77
C ASN A 717 12.60 -14.69 62.30
N PHE A 718 13.65 -14.55 61.50
CA PHE A 718 13.50 -14.16 60.11
C PHE A 718 14.24 -15.15 59.22
N THR A 719 14.12 -14.93 57.91
CA THR A 719 14.88 -15.65 56.91
C THR A 719 15.43 -14.68 55.89
N ILE A 720 16.56 -15.04 55.29
CA ILE A 720 17.19 -14.23 54.24
C ILE A 720 16.91 -14.94 52.92
N SER A 721 15.83 -14.54 52.26
CA SER A 721 15.43 -15.13 50.99
C SER A 721 16.12 -14.41 49.85
N VAL A 722 16.46 -15.16 48.80
CA VAL A 722 17.13 -14.63 47.62
C VAL A 722 16.27 -14.94 46.40
N THR A 723 15.85 -13.89 45.70
CA THR A 723 15.04 -14.03 44.50
C THR A 723 15.84 -13.61 43.27
N THR A 724 15.51 -14.19 42.12
CA THR A 724 16.17 -13.88 40.87
C THR A 724 15.28 -12.93 40.07
N GLU A 725 15.79 -11.75 39.76
CA GLU A 725 15.15 -10.81 38.86
C GLU A 725 15.86 -10.87 37.52
N ILE A 726 15.26 -11.57 36.56
CA ILE A 726 15.86 -11.81 35.25
C ILE A 726 15.26 -10.81 34.28
N LEU A 727 16.08 -9.87 33.81
CA LEU A 727 15.62 -8.76 33.01
C LEU A 727 16.28 -8.79 31.64
N PRO A 728 15.53 -8.60 30.56
CA PRO A 728 16.17 -8.48 29.24
C PRO A 728 17.05 -7.25 29.20
N VAL A 729 18.19 -7.39 28.51
CA VAL A 729 19.19 -6.34 28.44
C VAL A 729 19.49 -5.91 27.00
N SER A 730 19.84 -6.86 26.15
CA SER A 730 20.28 -6.54 24.80
C SER A 730 19.58 -7.45 23.80
N MET A 731 19.53 -7.00 22.55
CA MET A 731 19.02 -7.79 21.45
C MET A 731 20.19 -8.30 20.62
N THR A 732 19.94 -9.36 19.86
CA THR A 732 20.92 -9.77 18.87
C THR A 732 21.01 -8.72 17.78
N LYS A 733 22.24 -8.32 17.45
CA LYS A 733 22.46 -7.17 16.58
C LYS A 733 22.18 -7.51 15.12
N THR A 734 20.91 -7.62 14.76
CA THR A 734 20.54 -7.93 13.39
C THR A 734 20.76 -6.72 12.49
N SER A 735 21.84 -6.73 11.72
CA SER A 735 22.10 -5.70 10.74
C SER A 735 21.73 -6.25 9.36
N VAL A 736 20.77 -5.59 8.72
CA VAL A 736 20.21 -6.08 7.46
C VAL A 736 20.36 -4.99 6.40
N ASP A 737 21.13 -5.29 5.36
CA ASP A 737 21.27 -4.38 4.23
C ASP A 737 19.95 -4.34 3.48
N CYS A 738 19.46 -3.12 3.21
CA CYS A 738 18.16 -2.98 2.56
C CYS A 738 18.10 -3.73 1.25
N THR A 739 19.00 -3.41 0.33
CA THR A 739 19.00 -4.06 -0.99
C THR A 739 19.26 -5.55 -0.87
N MET A 740 20.31 -5.93 -0.12
CA MET A 740 20.67 -7.34 0.01
C MET A 740 19.51 -8.17 0.52
N TYR A 741 18.66 -7.59 1.38
CA TYR A 741 17.49 -8.31 1.83
C TYR A 741 16.42 -8.33 0.75
N ILE A 742 16.03 -7.17 0.24
CA ILE A 742 14.86 -7.11 -0.63
C ILE A 742 15.12 -7.82 -1.95
N CYS A 743 16.09 -7.34 -2.73
CA CYS A 743 16.43 -7.96 -4.01
C CYS A 743 17.93 -7.89 -4.27
N GLY A 744 18.72 -8.24 -3.26
CA GLY A 744 20.17 -8.22 -3.36
C GLY A 744 20.73 -8.94 -4.57
N ASP A 745 21.90 -8.47 -5.04
CA ASP A 745 22.59 -9.05 -6.19
C ASP A 745 21.74 -8.95 -7.45
N SER A 746 21.24 -7.75 -7.72
CA SER A 746 20.44 -7.49 -8.92
C SER A 746 20.56 -6.01 -9.27
N THR A 747 21.29 -5.70 -10.34
CA THR A 747 21.50 -4.32 -10.73
C THR A 747 20.20 -3.65 -11.15
N GLU A 748 19.38 -4.34 -11.93
CA GLU A 748 18.12 -3.76 -12.39
C GLU A 748 17.20 -3.46 -11.22
N CYS A 749 17.11 -4.38 -10.26
CA CYS A 749 16.23 -4.16 -9.12
C CYS A 749 16.78 -3.08 -8.20
N SER A 750 18.10 -3.00 -8.05
CA SER A 750 18.67 -1.91 -7.26
C SER A 750 18.37 -0.57 -7.91
N ASN A 751 18.47 -0.50 -9.24
CA ASN A 751 18.14 0.74 -9.95
C ASN A 751 16.66 1.09 -9.77
N LEU A 752 15.78 0.09 -9.82
CA LEU A 752 14.36 0.36 -9.64
C LEU A 752 14.06 0.82 -8.22
N LEU A 753 14.75 0.24 -7.23
CA LEU A 753 14.57 0.66 -5.84
C LEU A 753 15.11 2.07 -5.62
N LEU A 754 16.14 2.46 -6.38
CA LEU A 754 16.65 3.83 -6.28
C LEU A 754 15.57 4.85 -6.62
N GLN A 755 14.59 4.47 -7.43
CA GLN A 755 13.48 5.37 -7.76
C GLN A 755 12.57 5.62 -6.57
N TYR A 756 12.67 4.82 -5.50
CA TYR A 756 11.86 5.00 -4.31
C TYR A 756 12.46 5.98 -3.32
N GLY A 757 13.32 6.88 -3.79
CA GLY A 757 13.91 7.85 -2.89
C GLY A 757 14.88 7.16 -1.95
N SER A 758 14.77 7.50 -0.66
CA SER A 758 15.64 6.95 0.36
C SER A 758 14.88 6.09 1.37
N PHE A 759 13.91 5.30 0.89
CA PHE A 759 13.18 4.38 1.76
C PHE A 759 14.13 3.40 2.44
N CYS A 760 14.86 2.60 1.65
CA CYS A 760 15.76 1.64 2.25
C CYS A 760 17.08 2.28 2.69
N THR A 761 17.38 3.49 2.23
CA THR A 761 18.54 4.20 2.75
C THR A 761 18.25 4.67 4.17
N GLN A 762 17.13 5.38 4.34
CA GLN A 762 16.71 5.76 5.68
C GLN A 762 16.44 4.52 6.53
N LEU A 763 15.97 3.44 5.92
CA LEU A 763 15.73 2.22 6.68
C LEU A 763 17.04 1.61 7.15
N ASN A 764 18.06 1.59 6.28
CA ASN A 764 19.37 1.10 6.69
C ASN A 764 19.94 1.97 7.80
N ARG A 765 19.82 3.28 7.67
CA ARG A 765 20.35 4.17 8.69
C ARG A 765 19.63 3.94 10.02
N ALA A 766 18.31 3.75 9.98
CA ALA A 766 17.56 3.51 11.20
C ALA A 766 17.93 2.17 11.83
N LEU A 767 18.18 1.15 11.01
CA LEU A 767 18.51 -0.16 11.56
C LEU A 767 19.91 -0.17 12.16
N THR A 768 20.85 0.51 11.51
CA THR A 768 22.18 0.68 12.10
C THR A 768 22.09 1.55 13.36
N GLY A 769 21.13 2.48 13.40
CA GLY A 769 20.89 3.21 14.62
C GLY A 769 20.38 2.32 15.73
N ILE A 770 19.51 1.37 15.40
CA ILE A 770 19.08 0.38 16.38
C ILE A 770 20.27 -0.45 16.86
N ALA A 771 21.17 -0.80 15.94
CA ALA A 771 22.34 -1.59 16.33
C ALA A 771 23.25 -0.80 17.27
N VAL A 772 23.59 0.43 16.91
CA VAL A 772 24.47 1.23 17.75
C VAL A 772 23.77 1.58 19.06
N GLU A 773 22.44 1.66 19.03
CA GLU A 773 21.70 1.94 20.26
C GLU A 773 21.69 0.71 21.17
N GLN A 774 21.66 -0.48 20.59
CA GLN A 774 21.78 -1.69 21.40
C GLN A 774 23.16 -1.79 22.02
N ASP A 775 24.20 -1.43 21.25
CA ASP A 775 25.54 -1.37 21.82
C ASP A 775 25.63 -0.33 22.93
N LYS A 776 24.95 0.80 22.74
CA LYS A 776 24.92 1.84 23.76
C LYS A 776 24.21 1.35 25.02
N ASN A 777 23.10 0.63 24.85
CA ASN A 777 22.43 0.03 25.99
C ASN A 777 23.34 -0.93 26.72
N THR A 778 24.04 -1.79 25.98
CA THR A 778 24.98 -2.72 26.60
C THR A 778 26.04 -1.97 27.39
N GLN A 779 26.57 -0.87 26.84
CA GLN A 779 27.54 -0.07 27.56
C GLN A 779 26.93 0.52 28.82
N GLU A 780 25.74 1.12 28.71
CA GLU A 780 25.12 1.77 29.85
C GLU A 780 24.68 0.80 30.93
N VAL A 781 24.54 -0.48 30.61
CA VAL A 781 24.09 -1.46 31.59
C VAL A 781 25.26 -2.26 32.17
N PHE A 782 26.37 -2.36 31.42
CA PHE A 782 27.51 -3.14 31.90
C PHE A 782 28.73 -2.27 32.18
N ALA A 783 29.18 -1.50 31.21
CA ALA A 783 30.40 -0.70 31.34
C ALA A 783 30.12 0.63 32.03
N GLN A 784 29.56 0.58 33.24
CA GLN A 784 29.36 1.79 34.03
C GLN A 784 30.55 2.09 34.94
N VAL A 785 31.56 1.23 34.96
CA VAL A 785 32.77 1.44 35.75
C VAL A 785 33.95 1.50 34.79
N LYS A 786 35.00 2.20 35.20
CA LYS A 786 36.19 2.33 34.37
C LYS A 786 37.39 1.57 34.92
N GLN A 787 37.19 0.69 35.90
CA GLN A 787 38.28 -0.06 36.50
C GLN A 787 37.84 -1.51 36.70
N ILE A 788 38.73 -2.44 36.35
CA ILE A 788 38.46 -3.87 36.50
C ILE A 788 39.14 -4.32 37.79
N TYR A 789 38.33 -4.77 38.75
CA TYR A 789 38.86 -5.23 40.02
C TYR A 789 38.92 -6.75 40.07
N LYS A 790 39.83 -7.26 40.88
CA LYS A 790 39.99 -8.70 41.07
C LYS A 790 40.13 -9.01 42.55
N THR A 791 39.56 -10.14 42.95
CA THR A 791 39.61 -10.53 44.35
C THR A 791 40.95 -11.18 44.68
N PRO A 792 41.40 -11.10 45.93
CA PRO A 792 42.64 -11.76 46.32
C PRO A 792 42.49 -13.28 46.24
N PRO A 793 43.60 -14.01 46.23
CA PRO A 793 43.50 -15.48 46.15
C PRO A 793 42.81 -16.11 47.34
N ILE A 794 42.83 -15.45 48.50
CA ILE A 794 42.15 -15.96 49.69
C ILE A 794 40.71 -15.48 49.65
N LYS A 795 39.77 -16.42 49.57
CA LYS A 795 38.35 -16.09 49.50
C LYS A 795 37.76 -15.96 50.91
N ASP A 796 38.40 -15.11 51.71
CA ASP A 796 37.98 -14.88 53.09
C ASP A 796 36.90 -13.80 53.10
N PHE A 797 35.68 -14.21 52.75
CA PHE A 797 34.53 -13.33 52.72
C PHE A 797 33.68 -13.47 53.99
N GLY A 798 34.31 -13.86 55.09
CA GLY A 798 33.57 -14.02 56.33
C GLY A 798 32.67 -15.24 56.38
N GLY A 799 33.04 -16.30 55.66
CA GLY A 799 32.26 -17.52 55.65
C GLY A 799 31.23 -17.64 54.55
N PHE A 800 31.12 -16.64 53.68
CA PHE A 800 30.14 -16.64 52.60
C PHE A 800 30.79 -17.18 51.34
N ASN A 801 30.47 -18.42 50.98
CA ASN A 801 30.91 -18.97 49.71
C ASN A 801 30.44 -18.10 48.56
N PHE A 802 31.34 -17.89 47.60
CA PHE A 802 31.03 -17.10 46.42
C PHE A 802 31.48 -17.72 45.11
N SER A 803 32.15 -18.89 45.16
CA SER A 803 32.63 -19.51 43.93
C SER A 803 31.50 -19.79 42.96
N GLN A 804 30.27 -19.97 43.47
CA GLN A 804 29.12 -20.13 42.59
C GLN A 804 28.81 -18.85 41.84
N ILE A 805 29.18 -17.69 42.41
CA ILE A 805 29.00 -16.41 41.72
C ILE A 805 30.33 -15.79 41.31
N LEU A 806 31.44 -16.19 41.91
CA LEU A 806 32.73 -15.67 41.47
C LEU A 806 33.23 -16.45 40.27
N PRO A 807 33.87 -15.79 39.30
CA PRO A 807 34.28 -16.48 38.07
C PRO A 807 35.25 -17.63 38.36
N ASP A 808 35.10 -18.69 37.58
CA ASP A 808 35.94 -19.88 37.75
C ASP A 808 37.08 -19.83 36.75
N PRO A 809 38.33 -19.68 37.19
CA PRO A 809 39.45 -19.59 36.23
C PRO A 809 39.86 -20.92 35.63
N SER A 810 39.31 -22.04 36.13
CA SER A 810 39.70 -23.35 35.63
C SER A 810 39.24 -23.61 34.20
N LYS A 811 38.26 -22.86 33.71
CA LYS A 811 37.77 -23.05 32.35
C LYS A 811 38.18 -21.89 31.45
N SER A 813 35.89 -20.32 29.87
CA SER A 813 36.09 -18.88 30.02
C SER A 813 36.16 -18.48 31.49
N LYS A 814 36.31 -17.18 31.75
CA LYS A 814 36.38 -16.66 33.11
C LYS A 814 34.97 -16.35 33.63
N ARG A 815 34.13 -17.39 33.64
CA ARG A 815 32.77 -17.29 34.13
C ARG A 815 32.62 -18.13 35.38
N SER A 816 31.53 -17.88 36.12
CA SER A 816 31.31 -18.57 37.38
C SER A 816 30.52 -19.86 37.16
N PHE A 817 30.20 -20.52 38.27
CA PHE A 817 29.38 -21.73 38.20
C PHE A 817 27.97 -21.40 37.75
N ILE A 818 27.34 -20.42 38.40
CA ILE A 818 25.99 -20.02 38.01
C ILE A 818 25.99 -19.46 36.60
N GLU A 819 27.02 -18.69 36.25
CA GLU A 819 27.09 -18.12 34.91
C GLU A 819 27.25 -19.23 33.86
N ASP A 820 28.05 -20.23 34.15
CA ASP A 820 28.22 -21.34 33.20
C ASP A 820 26.93 -22.15 33.08
N LEU A 821 26.21 -22.32 34.19
CA LEU A 821 24.92 -22.98 34.11
C LEU A 821 23.93 -22.19 33.26
N LEU A 822 23.91 -20.87 33.43
CA LEU A 822 23.04 -20.03 32.61
C LEU A 822 23.42 -20.13 31.14
N PHE A 823 24.72 -20.20 30.86
CA PHE A 823 25.16 -20.39 29.48
C PHE A 823 24.82 -21.78 28.97
N ASN A 824 24.63 -22.74 29.89
CA ASN A 824 24.33 -24.10 29.50
C ASN A 824 22.83 -24.39 29.46
N LYS A 825 22.06 -23.90 30.43
CA LYS A 825 20.62 -24.09 30.44
C LYS A 825 19.90 -23.25 29.40
N VAL A 826 20.58 -22.26 28.83
CA VAL A 826 20.05 -21.47 27.72
C VAL A 826 21.01 -21.56 26.56
N THR A 827 20.54 -22.08 25.44
CA THR A 827 21.37 -22.25 24.25
C THR A 827 20.80 -21.49 23.06
N PHE A 855 22.16 -15.64 6.51
CA PHE A 855 23.06 -15.88 5.38
C PHE A 855 22.44 -15.35 4.08
N ASN A 856 21.42 -14.52 4.21
CA ASN A 856 20.71 -13.94 3.07
C ASN A 856 20.69 -12.42 3.16
N GLY A 857 21.84 -11.83 3.49
CA GLY A 857 21.93 -10.41 3.68
C GLY A 857 21.62 -9.93 5.08
N LEU A 858 21.09 -10.80 5.94
CA LEU A 858 20.76 -10.47 7.32
C LEU A 858 21.93 -10.93 8.18
N THR A 859 22.93 -10.07 8.31
CA THR A 859 24.14 -10.39 9.06
C THR A 859 24.00 -9.93 10.50
N VAL A 860 24.33 -10.83 11.43
CA VAL A 860 24.34 -10.50 12.84
C VAL A 860 25.74 -9.96 13.18
N LEU A 861 25.81 -8.67 13.41
CA LEU A 861 27.08 -8.07 13.79
C LEU A 861 27.46 -8.55 15.19
N PRO A 862 28.70 -8.98 15.40
CA PRO A 862 29.11 -9.37 16.74
C PRO A 862 29.05 -8.19 17.68
N PRO A 863 28.68 -8.42 18.93
CA PRO A 863 28.64 -7.30 19.89
C PRO A 863 30.03 -6.74 20.13
N LEU A 864 30.07 -5.43 20.36
CA LEU A 864 31.32 -4.78 20.76
C LEU A 864 31.90 -5.43 22.00
N LEU A 865 31.04 -5.98 22.85
CA LEU A 865 31.43 -6.64 24.08
C LEU A 865 31.04 -8.11 23.94
N THR A 866 32.02 -8.96 23.67
CA THR A 866 31.77 -10.38 23.44
C THR A 866 31.43 -11.08 24.76
N ASP A 867 31.30 -12.41 24.69
CA ASP A 867 30.95 -13.18 25.87
C ASP A 867 32.04 -13.08 26.94
N GLU A 868 33.30 -13.19 26.53
CA GLU A 868 34.40 -13.14 27.51
C GLU A 868 34.54 -11.75 28.11
N MET A 869 34.34 -10.71 27.29
CA MET A 869 34.43 -9.35 27.82
C MET A 869 33.25 -9.04 28.74
N ILE A 870 32.07 -9.59 28.44
CA ILE A 870 30.93 -9.43 29.34
C ILE A 870 31.18 -10.16 30.64
N ALA A 871 31.79 -11.34 30.56
CA ALA A 871 32.19 -12.05 31.76
C ALA A 871 33.16 -11.22 32.58
N GLN A 872 34.09 -10.53 31.92
CA GLN A 872 35.07 -9.73 32.64
C GLN A 872 34.41 -8.51 33.27
N TYR A 873 33.47 -7.88 32.57
CA TYR A 873 32.71 -6.78 33.14
C TYR A 873 31.96 -7.22 34.39
N THR A 874 31.25 -8.36 34.29
CA THR A 874 30.51 -8.86 35.43
C THR A 874 31.44 -9.19 36.59
N SER A 875 32.60 -9.79 36.28
CA SER A 875 33.58 -10.09 37.31
C SER A 875 34.03 -8.81 38.02
N ALA A 876 34.43 -7.81 37.25
CA ALA A 876 34.79 -6.52 37.83
C ALA A 876 33.69 -5.98 38.73
N LEU A 877 32.47 -5.93 38.22
CA LEU A 877 31.38 -5.31 38.97
C LEU A 877 31.12 -6.03 40.28
N LEU A 878 30.84 -7.34 40.21
CA LEU A 878 30.47 -8.06 41.43
C LEU A 878 31.66 -8.15 42.39
N ALA A 879 32.89 -8.23 41.86
CA ALA A 879 34.06 -8.29 42.72
C ALA A 879 34.25 -6.99 43.47
N GLY A 880 34.21 -5.85 42.77
CA GLY A 880 34.27 -4.58 43.45
C GLY A 880 33.16 -4.41 44.47
N THR A 881 31.96 -4.90 44.14
CA THR A 881 30.86 -4.87 45.09
C THR A 881 31.21 -5.64 46.36
N ILE A 882 31.48 -6.94 46.22
CA ILE A 882 31.68 -7.79 47.39
C ILE A 882 32.91 -7.35 48.18
N THR A 883 33.84 -6.65 47.53
CA THR A 883 35.08 -6.28 48.21
C THR A 883 35.03 -4.89 48.85
N SER A 884 34.19 -3.97 48.36
CA SER A 884 34.23 -2.61 48.84
C SER A 884 32.85 -2.00 49.07
N GLY A 885 31.80 -2.80 49.16
CA GLY A 885 30.49 -2.25 49.42
C GLY A 885 30.02 -1.37 48.28
N TRP A 886 29.86 -0.08 48.58
CA TRP A 886 29.42 0.91 47.60
C TRP A 886 30.50 1.95 47.30
N THR A 887 31.67 1.84 47.92
CA THR A 887 32.70 2.86 47.74
C THR A 887 33.29 2.81 46.35
N PHE A 888 33.38 1.62 45.75
CA PHE A 888 33.91 1.52 44.39
C PHE A 888 33.03 2.26 43.40
N GLY A 889 31.74 2.35 43.67
CA GLY A 889 30.84 3.09 42.82
C GLY A 889 30.74 4.56 43.18
N ALA A 890 30.91 4.87 44.47
CA ALA A 890 30.83 6.26 44.91
C ALA A 890 32.10 7.02 44.53
N GLY A 891 33.24 6.61 45.07
CA GLY A 891 34.51 7.23 44.76
C GLY A 891 35.60 6.18 44.55
N ALA A 892 36.70 6.30 45.30
CA ALA A 892 37.72 5.28 45.26
C ALA A 892 37.23 4.01 45.96
N ALA A 893 37.74 2.87 45.52
CA ALA A 893 37.33 1.59 46.06
C ALA A 893 37.93 1.40 47.45
N LEU A 894 37.17 1.75 48.48
CA LEU A 894 37.59 1.60 49.87
C LEU A 894 37.13 0.24 50.36
N GLN A 895 38.07 -0.70 50.48
CA GLN A 895 37.73 -2.03 50.93
C GLN A 895 37.20 -2.00 52.36
N ILE A 896 36.23 -2.87 52.64
CA ILE A 896 35.57 -2.91 53.94
C ILE A 896 35.31 -4.37 54.30
N PRO A 897 35.33 -4.73 55.59
CA PRO A 897 34.97 -6.10 55.97
C PRO A 897 33.54 -6.41 55.55
N PHE A 898 33.32 -7.64 55.09
CA PHE A 898 31.99 -8.02 54.63
C PHE A 898 31.00 -8.01 55.79
N ALA A 899 31.47 -8.36 56.99
CA ALA A 899 30.61 -8.28 58.17
C ALA A 899 30.21 -6.83 58.46
N MET A 900 31.15 -5.90 58.33
CA MET A 900 30.83 -4.50 58.50
C MET A 900 29.86 -4.02 57.42
N GLN A 901 30.04 -4.50 56.19
CA GLN A 901 29.10 -4.15 55.13
C GLN A 901 27.70 -4.64 55.45
N MET A 902 27.55 -5.90 55.86
CA MET A 902 26.25 -6.40 56.27
C MET A 902 25.70 -5.61 57.46
N ALA A 903 26.56 -5.17 58.36
CA ALA A 903 26.12 -4.35 59.48
C ALA A 903 25.51 -3.06 58.99
N TYR A 904 26.16 -2.40 58.03
CA TYR A 904 25.64 -1.14 57.50
C TYR A 904 24.36 -1.36 56.72
N ARG A 905 24.27 -2.47 55.97
CA ARG A 905 23.04 -2.77 55.25
C ARG A 905 21.88 -2.99 56.22
N PHE A 906 22.13 -3.71 57.32
CA PHE A 906 21.08 -3.91 58.31
C PHE A 906 20.69 -2.60 58.98
N ASN A 907 21.67 -1.74 59.26
CA ASN A 907 21.36 -0.41 59.76
C ASN A 907 20.64 0.43 58.72
N GLY A 908 20.67 0.02 57.46
CA GLY A 908 19.97 0.73 56.42
C GLY A 908 18.49 0.43 56.32
N ILE A 909 18.05 -0.69 56.89
CA ILE A 909 16.63 -1.06 56.85
C ILE A 909 15.96 -0.90 58.21
N GLY A 910 16.71 -0.49 59.23
CA GLY A 910 16.13 -0.20 60.53
C GLY A 910 16.36 -1.24 61.61
N VAL A 911 17.32 -2.14 61.42
CA VAL A 911 17.62 -3.17 62.41
C VAL A 911 19.08 -3.02 62.84
N THR A 912 19.35 -3.25 64.12
CA THR A 912 20.69 -3.06 64.66
C THR A 912 21.57 -4.27 64.35
N GLN A 913 22.86 -4.02 64.12
CA GLN A 913 23.79 -5.07 63.78
C GLN A 913 24.15 -5.96 64.95
N ASN A 914 23.63 -5.69 66.16
CA ASN A 914 23.92 -6.54 67.29
C ASN A 914 23.37 -7.95 67.06
N VAL A 915 22.13 -8.05 66.57
CA VAL A 915 21.58 -9.37 66.24
C VAL A 915 22.36 -10.00 65.10
N LEU A 916 22.88 -9.17 64.19
CA LEU A 916 23.70 -9.70 63.10
C LEU A 916 24.96 -10.37 63.64
N TYR A 917 25.64 -9.72 64.57
CA TYR A 917 26.88 -10.30 65.08
C TYR A 917 26.60 -11.41 66.09
N GLU A 918 25.40 -11.47 66.65
CA GLU A 918 25.05 -12.61 67.50
C GLU A 918 24.70 -13.84 66.65
N ASN A 919 24.07 -13.63 65.50
CA ASN A 919 23.55 -14.72 64.67
C ASN A 919 24.29 -14.79 63.33
N GLN A 920 25.52 -14.29 63.29
CA GLN A 920 26.27 -14.28 62.04
C GLN A 920 26.55 -15.69 61.52
N LYS A 921 26.79 -16.64 62.42
CA LYS A 921 26.98 -18.01 61.97
C LYS A 921 25.76 -18.52 61.22
N LEU A 922 24.58 -18.36 61.83
CA LEU A 922 23.35 -18.83 61.19
C LEU A 922 23.04 -18.04 59.93
N ILE A 923 23.41 -16.76 59.88
CA ILE A 923 23.12 -15.95 58.71
C ILE A 923 24.03 -16.35 57.55
N ALA A 924 25.31 -16.60 57.83
CA ALA A 924 26.21 -17.09 56.80
C ALA A 924 25.76 -18.46 56.29
N ASN A 925 25.34 -19.33 57.22
CA ASN A 925 24.83 -20.64 56.81
C ASN A 925 23.57 -20.50 55.96
N GLN A 926 22.70 -19.54 56.30
CA GLN A 926 21.49 -19.33 55.53
C GLN A 926 21.81 -18.80 54.14
N PHE A 927 22.79 -17.90 54.04
CA PHE A 927 23.17 -17.38 52.72
C PHE A 927 23.80 -18.47 51.87
N ASN A 928 24.61 -19.32 52.49
CA ASN A 928 25.22 -20.42 51.74
C ASN A 928 24.16 -21.42 51.28
N SER A 929 23.21 -21.75 52.15
CA SER A 929 22.15 -22.67 51.77
C SER A 929 21.23 -22.04 50.73
N ALA A 930 21.13 -20.70 50.73
CA ALA A 930 20.35 -20.03 49.71
C ALA A 930 21.08 -20.07 48.37
N ILE A 931 22.40 -19.95 48.39
CA ILE A 931 23.18 -20.11 47.17
C ILE A 931 23.05 -21.53 46.64
N GLY A 932 23.04 -22.51 47.54
CA GLY A 932 22.85 -23.89 47.11
C GLY A 932 21.46 -24.13 46.54
N LYS A 933 20.44 -23.56 47.18
CA LYS A 933 19.08 -23.68 46.66
C LYS A 933 18.94 -22.99 45.31
N ILE A 934 19.67 -21.89 45.12
CA ILE A 934 19.55 -21.16 43.85
C ILE A 934 20.28 -21.92 42.76
N GLN A 935 21.36 -22.63 43.13
CA GLN A 935 21.98 -23.57 42.20
C GLN A 935 20.99 -24.65 41.80
N ASP A 936 20.34 -25.27 42.79
CA ASP A 936 19.34 -26.28 42.52
C ASP A 936 18.25 -25.76 41.60
N SER A 937 17.77 -24.53 41.84
CA SER A 937 16.69 -23.98 41.04
C SER A 937 17.15 -23.72 39.61
N LEU A 938 18.21 -22.93 39.45
CA LEU A 938 18.69 -22.59 38.12
C LEU A 938 19.22 -23.80 37.36
N SER A 939 19.38 -24.94 38.05
CA SER A 939 19.77 -26.16 37.35
C SER A 939 18.56 -27.04 37.03
N SER A 940 17.51 -27.01 37.85
CA SER A 940 16.36 -27.87 37.64
C SER A 940 15.27 -27.17 36.83
N THR A 941 14.77 -26.05 37.32
CA THR A 941 13.68 -25.33 36.65
C THR A 941 14.28 -24.22 35.79
N ALA A 942 14.32 -24.45 34.48
CA ALA A 942 14.85 -23.45 33.55
C ALA A 942 13.83 -22.36 33.23
N SER A 943 12.67 -22.37 33.88
CA SER A 943 11.66 -21.35 33.65
C SER A 943 12.08 -19.99 34.20
N ALA A 944 13.17 -19.92 34.97
CA ALA A 944 13.65 -18.65 35.47
C ALA A 944 14.02 -17.70 34.34
N LEU A 945 14.75 -18.19 33.34
CA LEU A 945 15.12 -17.39 32.18
C LEU A 945 14.07 -17.42 31.08
N GLY A 946 12.81 -17.67 31.45
CA GLY A 946 11.75 -17.68 30.47
C GLY A 946 11.58 -16.34 29.79
N LYS A 947 11.85 -15.25 30.51
CA LYS A 947 11.74 -13.92 29.92
C LYS A 947 12.76 -13.74 28.79
N LEU A 948 14.03 -14.03 29.08
CA LEU A 948 15.06 -13.92 28.05
C LEU A 948 14.82 -14.90 26.91
N GLN A 949 14.31 -16.09 27.23
CA GLN A 949 14.01 -17.07 26.19
C GLN A 949 12.91 -16.57 25.27
N ASP A 950 11.87 -15.96 25.84
CA ASP A 950 10.79 -15.40 25.01
C ASP A 950 11.28 -14.21 24.20
N VAL A 951 12.19 -13.42 24.77
CA VAL A 951 12.74 -12.28 24.01
C VAL A 951 13.52 -12.77 22.81
N VAL A 952 14.43 -13.72 23.03
CA VAL A 952 15.24 -14.23 21.91
C VAL A 952 14.37 -15.02 20.95
N ASN A 953 13.28 -15.62 21.43
CA ASN A 953 12.37 -16.33 20.55
C ASN A 953 11.57 -15.37 19.68
N GLN A 954 11.18 -14.22 20.25
CA GLN A 954 10.53 -13.19 19.44
C GLN A 954 11.49 -12.66 18.39
N ASN A 955 12.76 -12.47 18.76
CA ASN A 955 13.75 -12.02 17.79
C ASN A 955 13.90 -13.04 16.66
N ALA A 956 14.04 -14.32 17.02
CA ALA A 956 14.21 -15.36 16.02
C ALA A 956 12.94 -15.51 15.17
N GLN A 957 11.78 -15.27 15.77
CA GLN A 957 10.53 -15.37 15.02
C GLN A 957 10.40 -14.22 14.03
N ALA A 958 10.80 -13.03 14.44
CA ALA A 958 10.82 -11.90 13.52
C ALA A 958 11.78 -12.16 12.38
N LEU A 959 12.95 -12.72 12.68
CA LEU A 959 13.91 -13.04 11.63
C LEU A 959 13.36 -14.10 10.67
N ASN A 960 12.74 -15.15 11.22
CA ASN A 960 12.19 -16.20 10.38
C ASN A 960 11.03 -15.68 9.54
N THR A 961 10.24 -14.76 10.09
CA THR A 961 9.19 -14.12 9.30
C THR A 961 9.78 -13.31 8.16
N LEU A 962 10.81 -12.52 8.46
CA LEU A 962 11.47 -11.73 7.43
C LEU A 962 12.04 -12.63 6.34
N VAL A 963 12.53 -13.81 6.73
CA VAL A 963 13.11 -14.74 5.75
C VAL A 963 12.00 -15.35 4.89
N LYS A 964 10.93 -15.84 5.55
CA LYS A 964 9.85 -16.47 4.81
C LYS A 964 9.09 -15.47 3.95
N GLN A 965 9.23 -14.18 4.23
CA GLN A 965 8.63 -13.19 3.34
C GLN A 965 9.25 -13.26 1.95
N LEU A 966 10.54 -13.57 1.87
CA LEU A 966 11.15 -13.83 0.57
C LEU A 966 10.51 -15.03 -0.10
N SER A 967 10.01 -15.98 0.68
CA SER A 967 9.24 -17.09 0.12
C SER A 967 7.82 -16.66 -0.25
N SER A 968 7.32 -15.58 0.33
CA SER A 968 6.00 -15.09 -0.02
C SER A 968 6.00 -14.48 -1.41
N ASN A 969 4.83 -14.46 -2.05
CA ASN A 969 4.72 -13.98 -3.41
C ASN A 969 4.32 -12.50 -3.52
N PHE A 970 3.54 -12.00 -2.57
CA PHE A 970 3.01 -10.63 -2.62
C PHE A 970 2.26 -10.38 -3.94
N GLY A 971 1.47 -11.36 -4.35
CA GLY A 971 0.73 -11.26 -5.58
C GLY A 971 1.52 -11.46 -6.84
N ALA A 972 2.84 -11.62 -6.74
CA ALA A 972 3.65 -11.86 -7.93
C ALA A 972 3.54 -13.31 -8.37
N ILE A 973 3.82 -13.54 -9.66
CA ILE A 973 3.72 -14.87 -10.23
C ILE A 973 4.75 -15.84 -9.68
N SER A 974 5.81 -15.33 -9.06
CA SER A 974 6.82 -16.18 -8.45
C SER A 974 7.54 -15.38 -7.37
N SER A 975 8.02 -16.10 -6.36
CA SER A 975 8.72 -15.48 -5.24
C SER A 975 10.24 -15.53 -5.40
N VAL A 976 10.74 -16.13 -6.46
CA VAL A 976 12.17 -16.21 -6.73
C VAL A 976 12.54 -15.04 -7.63
N LEU A 977 13.30 -14.09 -7.08
CA LEU A 977 13.67 -12.90 -7.83
C LEU A 977 14.47 -13.25 -9.08
N ASN A 978 15.41 -14.20 -8.95
CA ASN A 978 16.20 -14.60 -10.10
C ASN A 978 15.32 -15.24 -11.16
N ASP A 979 14.34 -16.04 -10.74
CA ASP A 979 13.40 -16.62 -11.70
C ASP A 979 12.61 -15.54 -12.42
N ILE A 980 12.14 -14.54 -11.68
CA ILE A 980 11.41 -13.44 -12.30
C ILE A 980 12.29 -12.71 -13.31
N LEU A 981 13.54 -12.44 -12.95
CA LEU A 981 14.45 -11.74 -13.85
C LEU A 981 14.71 -12.56 -15.11
N SER A 982 14.90 -13.87 -14.96
CA SER A 982 15.19 -14.71 -16.12
C SER A 982 13.96 -14.91 -16.99
N ARG A 983 12.77 -14.80 -16.41
CA ARG A 983 11.55 -15.08 -17.15
C ARG A 983 10.97 -13.85 -17.84
N LEU A 984 10.92 -12.71 -17.17
CA LEU A 984 10.18 -11.55 -17.66
C LEU A 984 11.10 -10.57 -18.37
N ASP A 985 10.63 -10.06 -19.52
CA ASP A 985 11.28 -8.96 -20.20
C ASP A 985 11.15 -7.68 -19.38
N PRO A 986 12.05 -6.72 -19.56
CA PRO A 986 12.07 -5.51 -18.72
C PRO A 986 10.71 -4.83 -18.60
N PRO A 987 9.92 -4.72 -19.67
CA PRO A 987 8.62 -4.03 -19.52
C PRO A 987 7.73 -4.57 -18.41
N GLU A 988 7.35 -5.85 -18.46
CA GLU A 988 6.50 -6.41 -17.41
C GLU A 988 7.29 -6.77 -16.16
N ALA A 989 8.60 -7.02 -16.32
CA ALA A 989 9.46 -7.24 -15.17
C ALA A 989 9.49 -6.02 -14.26
N GLU A 990 9.36 -4.82 -14.83
CA GLU A 990 9.27 -3.63 -14.01
C GLU A 990 8.06 -3.68 -13.08
N VAL A 991 6.89 -4.04 -13.62
CA VAL A 991 5.69 -4.11 -12.80
C VAL A 991 5.79 -5.23 -11.77
N GLN A 992 6.31 -6.38 -12.20
CA GLN A 992 6.41 -7.52 -11.28
C GLN A 992 7.40 -7.23 -10.15
N ILE A 993 8.55 -6.64 -10.50
CA ILE A 993 9.55 -6.30 -9.49
C ILE A 993 9.03 -5.17 -8.61
N ASP A 994 8.19 -4.29 -9.16
CA ASP A 994 7.60 -3.23 -8.34
C ASP A 994 6.64 -3.83 -7.33
N ARG A 995 5.84 -4.81 -7.74
CA ARG A 995 4.96 -5.50 -6.81
C ARG A 995 5.77 -6.21 -5.72
N LEU A 996 6.82 -6.94 -6.14
CA LEU A 996 7.65 -7.65 -5.17
C LEU A 996 8.35 -6.67 -4.23
N ILE A 997 8.77 -5.52 -4.75
CA ILE A 997 9.46 -4.53 -3.93
C ILE A 997 8.49 -3.91 -2.94
N THR A 998 7.27 -3.59 -3.40
CA THR A 998 6.27 -3.07 -2.50
C THR A 998 5.99 -4.05 -1.38
N GLY A 999 5.79 -5.32 -1.73
CA GLY A 999 5.51 -6.33 -0.71
C GLY A 999 6.66 -6.50 0.27
N ARG A 1000 7.88 -6.66 -0.25
CA ARG A 1000 9.02 -6.91 0.61
C ARG A 1000 9.37 -5.69 1.45
N LEU A 1001 9.19 -4.50 0.88
CA LEU A 1001 9.49 -3.28 1.62
C LEU A 1001 8.43 -3.01 2.67
N GLN A 1002 7.17 -3.37 2.39
CA GLN A 1002 6.14 -3.24 3.41
C GLN A 1002 6.38 -4.23 4.53
N SER A 1003 6.79 -5.45 4.19
CA SER A 1003 7.09 -6.44 5.22
C SER A 1003 8.30 -6.01 6.04
N LEU A 1004 9.29 -5.39 5.38
CA LEU A 1004 10.47 -4.92 6.11
C LEU A 1004 10.13 -3.69 6.95
N GLN A 1005 9.13 -2.92 6.52
CA GLN A 1005 8.68 -1.79 7.32
C GLN A 1005 7.95 -2.27 8.56
N THR A 1006 7.08 -3.26 8.41
CA THR A 1006 6.49 -3.90 9.58
C THR A 1006 7.57 -4.49 10.47
N TYR A 1007 8.60 -5.08 9.86
CA TYR A 1007 9.68 -5.65 10.64
C TYR A 1007 10.41 -4.58 11.45
N VAL A 1008 10.76 -3.47 10.81
CA VAL A 1008 11.54 -2.46 11.51
C VAL A 1008 10.67 -1.75 12.55
N THR A 1009 9.38 -1.57 12.28
CA THR A 1009 8.50 -0.95 13.25
C THR A 1009 8.31 -1.85 14.47
N GLN A 1010 8.01 -3.12 14.25
CA GLN A 1010 7.85 -4.06 15.35
C GLN A 1010 9.17 -4.23 16.11
N GLN A 1011 10.28 -4.34 15.38
CA GLN A 1011 11.59 -4.50 15.99
C GLN A 1011 11.95 -3.26 16.80
N LEU A 1012 11.55 -2.08 16.33
CA LEU A 1012 11.94 -0.85 17.01
C LEU A 1012 11.03 -0.59 18.20
N ILE A 1013 9.78 -1.03 18.13
CA ILE A 1013 8.89 -0.96 19.28
C ILE A 1013 9.36 -1.92 20.36
N ARG A 1014 9.72 -3.14 19.97
CA ARG A 1014 10.28 -4.08 20.93
C ARG A 1014 11.64 -3.62 21.43
N ALA A 1015 12.38 -2.88 20.61
CA ALA A 1015 13.67 -2.35 21.05
C ALA A 1015 13.48 -1.14 21.96
N ALA A 1016 12.39 -0.40 21.81
CA ALA A 1016 12.08 0.65 22.75
C ALA A 1016 11.60 0.08 24.07
N GLU A 1017 10.89 -1.04 24.02
CA GLU A 1017 10.58 -1.79 25.23
C GLU A 1017 11.85 -2.28 25.90
N ILE A 1018 12.76 -2.83 25.10
CA ILE A 1018 14.05 -3.29 25.61
C ILE A 1018 14.85 -2.13 26.18
N ARG A 1019 14.73 -0.95 25.58
CA ARG A 1019 15.50 0.20 26.03
C ARG A 1019 14.90 0.80 27.30
N ALA A 1020 13.57 0.75 27.44
CA ALA A 1020 12.95 1.18 28.68
C ALA A 1020 13.30 0.21 29.81
N SER A 1021 13.19 -1.09 29.55
CA SER A 1021 13.60 -2.08 30.55
C SER A 1021 15.10 -2.02 30.80
N ALA A 1022 15.87 -1.50 29.83
CA ALA A 1022 17.32 -1.43 29.99
C ALA A 1022 17.70 -0.20 30.81
N ASN A 1023 17.01 0.91 30.61
CA ASN A 1023 17.12 2.03 31.54
C ASN A 1023 16.73 1.59 32.94
N LEU A 1024 15.65 0.82 33.05
CA LEU A 1024 15.25 0.27 34.34
C LEU A 1024 16.35 -0.60 34.94
N ALA A 1025 16.97 -1.45 34.12
CA ALA A 1025 18.00 -2.36 34.62
C ALA A 1025 19.27 -1.61 34.99
N ALA A 1026 19.64 -0.60 34.20
CA ALA A 1026 20.80 0.22 34.54
C ALA A 1026 20.56 0.98 35.84
N THR A 1027 19.36 1.52 36.02
CA THR A 1027 19.03 2.18 37.28
C THR A 1027 19.06 1.19 38.44
N LYS A 1028 18.50 -0.01 38.23
CA LYS A 1028 18.49 -1.02 39.27
C LYS A 1028 19.90 -1.43 39.64
N MET A 1029 20.79 -1.52 38.66
CA MET A 1029 22.16 -1.91 38.95
C MET A 1029 22.91 -0.79 39.66
N SER A 1030 22.81 0.43 39.14
CA SER A 1030 23.50 1.56 39.75
C SER A 1030 22.93 1.90 41.13
N GLU A 1031 21.75 1.36 41.45
CA GLU A 1031 21.10 1.65 42.71
C GLU A 1031 21.10 0.46 43.67
N CYS A 1032 21.38 -0.73 43.18
CA CYS A 1032 21.19 -1.96 43.93
C CYS A 1032 22.47 -2.77 44.02
N VAL A 1033 23.25 -2.81 42.94
CA VAL A 1033 24.60 -3.34 42.96
C VAL A 1033 25.61 -2.26 43.31
N LEU A 1034 25.64 -1.17 42.52
CA LEU A 1034 26.52 -0.04 42.81
C LEU A 1034 26.16 0.66 44.10
N GLY A 1035 24.96 0.44 44.62
CA GLY A 1035 24.52 1.04 45.87
C GLY A 1035 23.52 0.13 46.55
N GLN A 1036 22.53 0.74 47.22
CA GLN A 1036 21.52 -0.02 47.94
C GLN A 1036 20.23 0.79 47.94
N SER A 1037 19.25 0.36 47.16
CA SER A 1037 17.98 1.07 47.10
C SER A 1037 17.23 0.95 48.42
N LYS A 1038 16.52 2.02 48.78
CA LYS A 1038 15.61 2.02 49.91
C LYS A 1038 14.15 1.94 49.47
N ARG A 1039 13.90 1.94 48.16
CA ARG A 1039 12.54 1.78 47.65
C ARG A 1039 12.06 0.35 47.87
N VAL A 1040 10.91 0.21 48.53
CA VAL A 1040 10.36 -1.11 48.76
C VAL A 1040 9.84 -1.69 47.44
N ASP A 1041 10.01 -3.00 47.28
CA ASP A 1041 9.61 -3.74 46.08
C ASP A 1041 10.32 -3.21 44.83
N PHE A 1042 11.57 -2.75 44.97
CA PHE A 1042 12.34 -2.30 43.82
C PHE A 1042 13.46 -3.28 43.49
N CYS A 1043 14.08 -3.87 44.52
CA CYS A 1043 15.08 -4.91 44.36
C CYS A 1043 14.54 -6.25 44.85
N GLY A 1044 13.29 -6.54 44.52
CA GLY A 1044 12.66 -7.76 44.98
C GLY A 1044 11.79 -7.54 46.20
N LYS A 1045 11.02 -8.57 46.52
CA LYS A 1045 10.11 -8.49 47.65
C LYS A 1045 10.88 -8.38 48.96
N GLY A 1046 10.46 -7.44 49.80
CA GLY A 1046 11.04 -7.27 51.11
C GLY A 1046 12.09 -6.17 51.15
N TYR A 1047 12.55 -5.88 52.37
CA TYR A 1047 13.60 -4.90 52.59
C TYR A 1047 14.87 -5.37 51.89
N HIS A 1048 15.51 -4.47 51.14
CA HIS A 1048 16.63 -4.86 50.30
C HIS A 1048 17.96 -4.66 51.04
N LEU A 1049 18.92 -5.55 50.76
CA LEU A 1049 20.27 -5.44 51.28
C LEU A 1049 21.29 -5.16 50.20
N MET A 1050 21.41 -6.04 49.21
CA MET A 1050 22.37 -5.89 48.12
C MET A 1050 22.05 -6.91 47.05
N SER A 1051 22.57 -6.66 45.85
CA SER A 1051 22.36 -7.54 44.71
C SER A 1051 23.71 -7.94 44.11
N PHE A 1052 23.67 -8.99 43.29
CA PHE A 1052 24.88 -9.51 42.65
C PHE A 1052 24.54 -9.85 41.20
N PRO A 1053 25.11 -9.17 40.21
CA PRO A 1053 24.80 -9.49 38.82
C PRO A 1053 25.63 -10.65 38.31
N GLN A 1054 25.11 -11.30 37.28
CA GLN A 1054 25.78 -12.43 36.63
C GLN A 1054 25.59 -12.32 35.12
N SER A 1055 26.61 -12.77 34.39
CA SER A 1055 26.57 -12.68 32.94
C SER A 1055 25.49 -13.60 32.38
N ALA A 1056 24.76 -13.10 31.39
CA ALA A 1056 23.72 -13.86 30.73
C ALA A 1056 23.71 -13.48 29.25
N PRO A 1057 23.38 -14.42 28.36
CA PRO A 1057 23.36 -14.10 26.93
C PRO A 1057 22.30 -13.04 26.61
N HIS A 1058 22.77 -11.87 26.20
CA HIS A 1058 21.91 -10.73 25.88
C HIS A 1058 21.05 -10.29 27.07
N GLY A 1059 21.46 -10.64 28.27
CA GLY A 1059 20.66 -10.29 29.43
C GLY A 1059 21.50 -10.30 30.69
N VAL A 1060 20.81 -10.21 31.83
CA VAL A 1060 21.44 -10.23 33.14
C VAL A 1060 20.44 -10.75 34.16
N VAL A 1061 20.96 -11.37 35.21
CA VAL A 1061 20.15 -11.83 36.34
C VAL A 1061 20.70 -11.19 37.61
N PHE A 1062 19.89 -11.17 38.65
CA PHE A 1062 20.26 -10.55 39.91
C PHE A 1062 20.05 -11.54 41.04
N LEU A 1063 20.82 -11.38 42.11
CA LEU A 1063 20.65 -12.16 43.34
C LEU A 1063 20.31 -11.18 44.45
N HIS A 1064 19.02 -10.87 44.56
CA HIS A 1064 18.56 -9.84 45.47
C HIS A 1064 18.49 -10.40 46.89
N VAL A 1065 19.42 -9.98 47.74
CA VAL A 1065 19.44 -10.40 49.13
C VAL A 1065 18.45 -9.52 49.89
N THR A 1066 17.34 -10.10 50.33
CA THR A 1066 16.26 -9.37 50.98
C THR A 1066 16.04 -9.88 52.39
N TYR A 1067 15.46 -9.02 53.22
CA TYR A 1067 15.12 -9.36 54.60
C TYR A 1067 13.63 -9.68 54.66
N VAL A 1068 13.29 -10.88 55.11
CA VAL A 1068 11.92 -11.35 55.17
C VAL A 1068 11.65 -11.98 56.54
N PRO A 1069 10.62 -11.55 57.26
CA PRO A 1069 10.33 -12.17 58.56
C PRO A 1069 9.74 -13.57 58.43
N ALA A 1070 10.02 -14.39 59.43
CA ALA A 1070 9.52 -15.77 59.45
C ALA A 1070 8.60 -16.03 60.65
N GLN A 1071 9.07 -15.76 61.87
CA GLN A 1071 8.33 -16.08 63.07
C GLN A 1071 7.90 -14.80 63.78
N GLU A 1072 6.65 -14.77 64.21
CA GLU A 1072 6.06 -13.59 64.83
C GLU A 1072 5.36 -14.00 66.12
N LYS A 1073 5.06 -12.99 66.95
CA LYS A 1073 4.35 -13.20 68.20
C LYS A 1073 3.42 -12.02 68.45
N ASN A 1074 2.24 -12.32 68.99
CA ASN A 1074 1.23 -11.30 69.24
C ASN A 1074 1.36 -10.78 70.67
N PHE A 1075 1.61 -9.48 70.81
CA PHE A 1075 1.77 -8.84 72.10
C PHE A 1075 0.75 -7.73 72.27
N THR A 1076 0.61 -7.29 73.53
CA THR A 1076 -0.21 -6.14 73.85
C THR A 1076 0.61 -4.87 73.67
N THR A 1077 0.02 -3.87 73.03
CA THR A 1077 0.75 -2.67 72.62
C THR A 1077 -0.03 -1.43 73.01
N ALA A 1078 0.58 -0.28 72.76
CA ALA A 1078 0.00 1.03 72.99
C ALA A 1078 0.88 2.05 72.25
N PRO A 1079 0.27 3.02 71.56
CA PRO A 1079 1.09 3.97 70.78
C PRO A 1079 1.89 4.94 71.62
N ALA A 1080 1.67 5.00 72.93
CA ALA A 1080 2.40 5.92 73.78
C ALA A 1080 2.31 5.43 75.22
N ILE A 1081 3.19 5.97 76.07
CA ILE A 1081 3.20 5.66 77.49
C ILE A 1081 3.35 6.96 78.28
N CYS A 1082 2.86 6.95 79.52
CA CYS A 1082 2.97 8.07 80.43
C CYS A 1082 3.48 7.58 81.77
N HIS A 1083 4.59 8.15 82.24
CA HIS A 1083 5.23 7.71 83.48
C HIS A 1083 4.91 8.62 84.66
N ASP A 1084 5.22 9.90 84.56
CA ASP A 1084 5.04 10.86 85.64
C ASP A 1084 4.22 12.05 85.18
N GLY A 1085 3.11 11.79 84.49
CA GLY A 1085 2.28 12.84 83.95
C GLY A 1085 2.70 13.33 82.58
N LYS A 1086 3.83 12.85 82.06
CA LYS A 1086 4.31 13.25 80.75
C LYS A 1086 4.33 12.04 79.81
N ALA A 1087 4.14 12.32 78.53
CA ALA A 1087 4.07 11.26 77.53
C ALA A 1087 5.46 10.94 76.99
N HIS A 1088 5.86 9.68 77.09
CA HIS A 1088 7.16 9.22 76.63
C HIS A 1088 6.98 8.57 75.27
N PHE A 1089 7.72 9.05 74.28
CA PHE A 1089 7.65 8.51 72.92
C PHE A 1089 9.00 7.92 72.54
N PRO A 1090 9.03 6.80 71.83
CA PRO A 1090 10.31 6.14 71.55
C PRO A 1090 11.12 6.90 70.51
N ARG A 1091 12.43 6.91 70.71
CA ARG A 1091 13.32 7.49 69.69
C ARG A 1091 13.36 6.62 68.44
N GLU A 1092 13.49 5.30 68.63
CA GLU A 1092 13.49 4.36 67.52
C GLU A 1092 13.01 3.02 68.04
N GLY A 1093 11.86 2.56 67.54
CA GLY A 1093 11.26 1.31 67.96
C GLY A 1093 9.79 1.48 68.23
N VAL A 1094 9.21 0.53 68.96
CA VAL A 1094 7.81 0.56 69.32
C VAL A 1094 7.64 -0.21 70.63
N PHE A 1095 6.51 0.00 71.30
CA PHE A 1095 6.29 -0.59 72.61
C PHE A 1095 5.57 -1.94 72.48
N VAL A 1096 5.95 -2.88 73.33
CA VAL A 1096 5.35 -4.21 73.38
C VAL A 1096 5.24 -4.63 74.85
N SER A 1097 4.67 -5.82 75.06
CA SER A 1097 4.50 -6.37 76.39
C SER A 1097 4.54 -7.90 76.30
N ASN A 1098 5.42 -8.51 77.10
CA ASN A 1098 5.48 -9.96 77.17
C ASN A 1098 4.46 -10.55 78.15
N GLY A 1099 3.48 -9.75 78.59
CA GLY A 1099 2.41 -10.24 79.43
C GLY A 1099 2.30 -9.50 80.75
N THR A 1100 3.43 -9.21 81.38
CA THR A 1100 3.44 -8.48 82.64
C THR A 1100 4.41 -7.31 82.60
N HIS A 1101 5.48 -7.43 81.82
CA HIS A 1101 6.44 -6.36 81.63
C HIS A 1101 6.27 -5.75 80.25
N TRP A 1102 6.66 -4.49 80.11
CA TRP A 1102 6.64 -3.78 78.85
C TRP A 1102 8.07 -3.60 78.33
N PHE A 1103 8.22 -3.57 77.01
CA PHE A 1103 9.51 -3.40 76.38
C PHE A 1103 9.36 -2.55 75.13
N VAL A 1104 10.47 -1.96 74.70
CA VAL A 1104 10.56 -1.25 73.43
C VAL A 1104 11.47 -2.04 72.52
N THR A 1105 11.06 -2.21 71.27
CA THR A 1105 11.80 -3.02 70.32
C THR A 1105 11.71 -2.42 68.93
N GLN A 1106 12.72 -2.69 68.11
CA GLN A 1106 12.75 -2.18 66.75
C GLN A 1106 11.58 -2.71 65.93
N ARG A 1107 11.41 -2.13 64.75
CA ARG A 1107 10.16 -2.32 64.00
C ARG A 1107 10.18 -3.60 63.17
N ASN A 1108 11.35 -4.09 62.80
CA ASN A 1108 11.45 -5.27 61.95
C ASN A 1108 12.13 -6.45 62.63
N PHE A 1109 12.18 -6.48 63.97
CA PHE A 1109 12.74 -7.60 64.70
C PHE A 1109 12.33 -7.48 66.16
N TYR A 1110 11.85 -8.59 66.72
CA TYR A 1110 11.44 -8.60 68.13
C TYR A 1110 12.69 -8.71 68.99
N GLU A 1111 13.20 -7.56 69.42
CA GLU A 1111 14.33 -7.48 70.34
C GLU A 1111 13.83 -6.75 71.59
N PRO A 1112 13.21 -7.47 72.52
CA PRO A 1112 12.63 -6.81 73.69
C PRO A 1112 13.68 -6.15 74.57
N GLN A 1113 13.66 -4.82 74.62
CA GLN A 1113 14.57 -4.05 75.44
C GLN A 1113 13.77 -3.18 76.40
N ILE A 1114 14.27 -3.05 77.63
CA ILE A 1114 13.61 -2.23 78.63
C ILE A 1114 13.51 -0.80 78.11
N ILE A 1115 12.37 -0.16 78.34
CA ILE A 1115 12.13 1.19 77.85
C ILE A 1115 13.09 2.14 78.56
N THR A 1116 14.09 2.62 77.83
CA THR A 1116 15.17 3.42 78.38
C THR A 1116 15.13 4.82 77.78
N THR A 1117 15.41 5.81 78.62
CA THR A 1117 15.43 7.19 78.14
C THR A 1117 16.52 7.43 77.10
N ASP A 1118 17.43 6.49 76.91
CA ASP A 1118 18.31 6.51 75.75
C ASP A 1118 17.57 6.13 74.47
N ASN A 1119 16.38 5.54 74.59
CA ASN A 1119 15.56 5.20 73.45
C ASN A 1119 14.22 5.94 73.41
N THR A 1120 13.93 6.75 74.42
CA THR A 1120 12.71 7.54 74.45
C THR A 1120 12.99 8.88 75.13
N PHE A 1121 12.13 9.86 74.85
CA PHE A 1121 12.29 11.19 75.41
C PHE A 1121 11.03 11.58 76.18
N VAL A 1122 11.20 12.50 77.12
CA VAL A 1122 10.10 13.00 77.94
C VAL A 1122 9.57 14.26 77.28
N SER A 1123 8.25 14.32 77.09
CA SER A 1123 7.61 15.47 76.44
C SER A 1123 6.13 15.45 76.76
N GLY A 1124 5.46 16.59 76.59
CA GLY A 1124 4.02 16.67 76.67
C GLY A 1124 3.43 16.13 77.97
N ASN A 1125 2.19 15.67 77.85
CA ASN A 1125 1.44 15.14 78.97
C ASN A 1125 0.48 14.06 78.46
N CYS A 1126 -0.06 13.28 79.39
CA CYS A 1126 -0.94 12.17 79.07
C CYS A 1126 -2.39 12.47 79.45
N ASP A 1127 -2.81 13.71 79.21
CA ASP A 1127 -4.19 14.14 79.46
C ASP A 1127 -4.96 14.37 78.16
N VAL A 1128 -4.27 14.66 77.05
CA VAL A 1128 -4.91 14.95 75.78
C VAL A 1128 -4.76 13.79 74.79
N VAL A 1129 -3.64 13.08 74.84
CA VAL A 1129 -3.42 11.96 73.93
C VAL A 1129 -4.38 10.83 74.27
N ILE A 1130 -4.85 10.14 73.24
CA ILE A 1130 -5.76 9.00 73.41
C ILE A 1130 -4.98 7.73 73.13
N GLY A 1131 -5.42 6.63 73.74
CA GLY A 1131 -4.76 5.35 73.57
C GLY A 1131 -3.47 5.17 74.32
N ILE A 1132 -3.17 6.05 75.28
CA ILE A 1132 -1.93 6.00 76.03
C ILE A 1132 -2.14 5.20 77.31
N VAL A 1133 -1.12 4.46 77.71
CA VAL A 1133 -1.17 3.62 78.90
C VAL A 1133 -0.04 4.05 79.84
N ASN A 1134 0.03 3.37 80.99
CA ASN A 1134 1.05 3.65 81.99
C ASN A 1134 2.26 2.77 81.77
N ASN A 1135 3.40 3.22 82.30
CA ASN A 1135 4.65 2.48 82.22
C ASN A 1135 5.68 3.14 83.13
N THR A 1136 6.72 2.38 83.46
CA THR A 1136 7.87 2.91 84.19
C THR A 1136 9.08 2.85 83.26
N VAL A 1137 9.74 3.99 83.09
CA VAL A 1137 10.82 4.13 82.12
C VAL A 1137 12.15 4.01 82.83
N TYR A 1138 13.13 3.44 82.12
CA TYR A 1138 14.49 3.35 82.62
C TYR A 1138 15.29 4.54 82.14
N ASP A 1139 16.16 5.05 83.01
CA ASP A 1139 17.00 6.19 82.68
C ASP A 1139 18.44 5.87 83.09
N PRO A 1140 19.37 5.74 82.15
CA PRO A 1140 20.74 5.32 82.53
C PRO A 1140 21.39 6.19 83.59
N LEU A 1141 20.92 7.43 83.78
CA LEU A 1141 21.48 8.26 84.83
C LEU A 1141 20.90 7.92 86.20
N GLN A 1142 19.71 7.30 86.24
CA GLN A 1142 19.06 7.05 87.52
C GLN A 1142 19.78 5.99 88.35
N PRO A 1143 20.11 4.80 87.82
CA PRO A 1143 20.97 3.89 88.62
C PRO A 1143 22.34 4.46 88.88
N GLU A 1144 22.92 5.22 87.94
CA GLU A 1144 24.22 5.82 88.17
C GLU A 1144 24.19 6.76 89.37
N LEU A 1145 23.08 7.47 89.56
CA LEU A 1145 22.96 8.36 90.71
C LEU A 1145 22.62 7.60 91.98
N ASP A 1146 21.69 6.65 91.90
CA ASP A 1146 21.23 5.98 93.12
C ASP A 1146 22.19 4.88 93.56
N SER A 1147 22.34 3.83 92.74
CA SER A 1147 23.22 2.72 93.08
C SER A 1147 24.67 3.05 92.74
N ALA B 27 -37.00 43.09 0.51
CA ALA B 27 -36.43 43.01 1.85
C ALA B 27 -35.77 41.65 2.08
N TYR B 28 -35.51 41.34 3.34
CA TYR B 28 -34.86 40.08 3.71
C TYR B 28 -35.42 39.60 5.04
N THR B 29 -35.36 38.29 5.25
CA THR B 29 -35.81 37.67 6.49
C THR B 29 -34.80 36.62 6.92
N ASN B 30 -34.66 36.46 8.24
CA ASN B 30 -33.71 35.51 8.81
C ASN B 30 -34.36 34.14 8.88
N SER B 31 -34.16 33.33 7.85
CA SER B 31 -34.59 31.93 7.86
C SER B 31 -33.63 31.18 8.78
N PHE B 32 -34.07 31.00 10.02
CA PHE B 32 -33.17 30.49 11.06
C PHE B 32 -32.69 29.07 10.73
N THR B 33 -33.61 28.11 10.67
CA THR B 33 -33.23 26.73 10.43
C THR B 33 -34.05 26.03 9.34
N ARG B 34 -35.12 26.63 8.84
CA ARG B 34 -35.97 25.95 7.87
C ARG B 34 -35.25 25.78 6.54
N GLY B 35 -35.72 24.82 5.76
CA GLY B 35 -35.16 24.52 4.46
C GLY B 35 -34.32 23.26 4.37
N VAL B 36 -34.54 22.26 5.23
CA VAL B 36 -33.75 21.04 5.23
C VAL B 36 -34.64 19.88 4.79
N TYR B 37 -34.10 19.01 3.94
CA TYR B 37 -34.83 17.84 3.48
C TYR B 37 -33.93 16.62 3.59
N TYR B 38 -34.55 15.45 3.46
CA TYR B 38 -33.83 14.19 3.56
C TYR B 38 -32.87 14.02 2.38
N PRO B 39 -31.59 13.74 2.63
CA PRO B 39 -30.64 13.62 1.51
C PRO B 39 -30.79 12.35 0.71
N ASP B 40 -31.18 11.25 1.34
CA ASP B 40 -31.30 9.96 0.66
C ASP B 40 -32.55 9.26 1.18
N LYS B 41 -32.76 8.03 0.72
CA LYS B 41 -33.88 7.20 1.13
C LYS B 41 -33.45 6.08 2.07
N VAL B 42 -32.36 6.30 2.82
CA VAL B 42 -31.79 5.29 3.70
C VAL B 42 -32.17 5.64 5.14
N PHE B 43 -32.84 4.70 5.80
CA PHE B 43 -33.24 4.89 7.19
C PHE B 43 -32.03 4.78 8.11
N ARG B 44 -32.00 5.61 9.16
CA ARG B 44 -30.93 5.59 10.13
C ARG B 44 -31.52 5.80 11.52
N SER B 45 -30.67 5.65 12.53
CA SER B 45 -31.11 5.85 13.91
C SER B 45 -29.90 6.19 14.77
N SER B 46 -30.02 7.29 15.52
CA SER B 46 -29.01 7.71 16.49
C SER B 46 -27.61 7.72 15.88
N VAL B 47 -27.49 8.42 14.75
CA VAL B 47 -26.21 8.52 14.06
C VAL B 47 -26.15 9.87 13.35
N LEU B 48 -24.97 10.48 13.36
CA LEU B 48 -24.74 11.77 12.72
C LEU B 48 -24.13 11.54 11.35
N HIS B 49 -24.91 11.79 10.31
CA HIS B 49 -24.49 11.58 8.93
C HIS B 49 -24.20 12.92 8.28
N SER B 50 -23.04 13.03 7.64
CA SER B 50 -22.61 14.25 6.99
C SER B 50 -22.72 14.10 5.47
N THR B 51 -23.23 15.12 4.81
CA THR B 51 -23.39 15.09 3.36
C THR B 51 -23.17 16.50 2.81
N GLN B 52 -23.11 16.59 1.48
CA GLN B 52 -22.89 17.85 0.79
C GLN B 52 -23.73 17.87 -0.46
N ASP B 53 -24.70 18.77 -0.52
CA ASP B 53 -25.58 18.91 -1.67
C ASP B 53 -26.16 20.32 -1.67
N LEU B 54 -27.17 20.54 -2.49
CA LEU B 54 -27.79 21.85 -2.61
C LEU B 54 -28.77 22.07 -1.46
N PHE B 55 -28.52 23.09 -0.65
CA PHE B 55 -29.38 23.39 0.49
C PHE B 55 -29.45 24.89 0.69
N LEU B 56 -30.32 25.30 1.62
CA LEU B 56 -30.43 26.69 1.99
C LEU B 56 -29.50 27.00 3.16
N PRO B 57 -28.73 28.08 3.11
CA PRO B 57 -27.82 28.39 4.22
C PRO B 57 -28.59 28.70 5.50
N PHE B 58 -27.96 28.41 6.63
CA PHE B 58 -28.62 28.62 7.92
C PHE B 58 -28.42 30.05 8.41
N PHE B 59 -29.40 30.53 9.17
CA PHE B 59 -29.33 31.83 9.85
C PHE B 59 -28.96 32.98 8.90
N SER B 60 -29.33 32.88 7.63
CA SER B 60 -28.98 33.91 6.67
C SER B 60 -30.22 34.69 6.22
N ASN B 61 -30.02 35.94 5.80
CA ASN B 61 -31.11 36.71 5.17
C ASN B 61 -31.47 36.10 3.81
N VAL B 62 -32.60 35.41 3.76
CA VAL B 62 -33.28 35.09 2.51
C VAL B 62 -34.30 36.20 2.26
N THR B 63 -34.53 36.52 0.99
CA THR B 63 -35.41 37.64 0.65
C THR B 63 -36.79 37.43 1.27
N TRP B 64 -37.40 38.53 1.70
CA TRP B 64 -38.69 38.51 2.36
C TRP B 64 -39.71 39.29 1.55
N PHE B 65 -40.87 38.69 1.34
CA PHE B 65 -41.98 39.32 0.65
C PHE B 65 -43.25 39.15 1.48
N HIS B 66 -44.21 40.02 1.21
CA HIS B 66 -45.48 40.02 1.95
C HIS B 66 -46.60 40.61 1.10
N ASN B 81 -47.05 36.26 -9.73
CA ASN B 81 -47.05 37.00 -10.99
C ASN B 81 -45.65 37.42 -11.45
N PRO B 82 -44.85 38.04 -10.60
CA PRO B 82 -43.49 38.41 -11.02
C PRO B 82 -42.60 37.18 -11.17
N VAL B 83 -41.66 37.29 -12.10
CA VAL B 83 -40.75 36.20 -12.42
C VAL B 83 -39.44 36.41 -11.65
N LEU B 84 -38.84 35.31 -11.20
CA LEU B 84 -37.64 35.37 -10.38
C LEU B 84 -36.66 34.28 -10.81
N PRO B 85 -35.36 34.50 -10.62
CA PRO B 85 -34.36 33.54 -11.11
C PRO B 85 -34.43 32.21 -10.38
N PHE B 86 -33.99 31.17 -11.10
CA PHE B 86 -33.91 29.79 -10.60
C PHE B 86 -32.58 29.18 -11.01
N ASN B 87 -31.49 29.88 -10.67
CA ASN B 87 -30.15 29.50 -11.12
C ASN B 87 -29.89 28.00 -10.97
N ASP B 88 -30.02 27.47 -9.75
CA ASP B 88 -29.78 26.05 -9.53
C ASP B 88 -30.87 25.41 -8.69
N GLY B 89 -31.58 26.22 -7.89
CA GLY B 89 -32.62 25.70 -7.04
C GLY B 89 -33.13 26.73 -6.05
N VAL B 90 -34.44 26.74 -5.82
CA VAL B 90 -35.08 27.71 -4.95
C VAL B 90 -36.02 26.98 -4.01
N TYR B 91 -35.85 27.23 -2.70
CA TYR B 91 -36.76 26.71 -1.68
C TYR B 91 -37.97 27.63 -1.60
N PHE B 92 -39.06 27.25 -2.25
CA PHE B 92 -40.27 28.05 -2.30
C PHE B 92 -41.21 27.63 -1.18
N ALA B 93 -41.25 28.43 -0.11
CA ALA B 93 -42.19 28.23 0.97
C ALA B 93 -43.56 28.74 0.55
N SER B 94 -44.43 27.82 0.14
CA SER B 94 -45.75 28.15 -0.38
C SER B 94 -46.65 28.59 0.77
N THR B 95 -47.13 29.83 0.71
CA THR B 95 -48.03 30.39 1.71
C THR B 95 -49.37 30.65 1.02
N GLU B 96 -50.22 29.63 0.99
CA GLU B 96 -51.51 29.69 0.34
C GLU B 96 -52.62 29.47 1.34
N LYS B 97 -53.58 30.40 1.37
CA LYS B 97 -54.74 30.32 2.24
C LYS B 97 -56.01 29.91 1.52
N SER B 98 -56.32 30.53 0.37
CA SER B 98 -57.48 30.18 -0.42
C SER B 98 -57.10 29.48 -1.72
N ASN B 99 -55.95 28.80 -1.76
CA ASN B 99 -55.47 28.10 -2.94
C ASN B 99 -55.35 29.03 -4.14
N ILE B 100 -54.92 30.27 -3.91
CA ILE B 100 -54.72 31.21 -5.00
C ILE B 100 -53.65 30.71 -5.98
N ILE B 101 -52.70 29.92 -5.50
CA ILE B 101 -51.69 29.30 -6.35
C ILE B 101 -52.14 27.86 -6.59
N ARG B 102 -52.19 27.47 -7.86
CA ARG B 102 -52.64 26.13 -8.24
C ARG B 102 -51.57 25.32 -8.96
N GLY B 103 -50.46 25.93 -9.34
CA GLY B 103 -49.40 25.21 -10.02
C GLY B 103 -48.13 26.02 -10.02
N TRP B 104 -47.19 25.59 -10.85
CA TRP B 104 -45.90 26.27 -10.98
C TRP B 104 -45.42 26.18 -12.41
N ILE B 105 -44.96 27.31 -12.93
CA ILE B 105 -44.40 27.40 -14.27
C ILE B 105 -42.89 27.61 -14.16
N PHE B 106 -42.13 26.54 -14.39
CA PHE B 106 -40.68 26.57 -14.29
C PHE B 106 -40.09 26.32 -15.67
N GLY B 107 -39.30 27.27 -16.16
CA GLY B 107 -38.68 27.13 -17.46
C GLY B 107 -37.79 28.28 -17.85
N THR B 108 -37.21 28.22 -19.05
CA THR B 108 -36.30 29.24 -19.53
C THR B 108 -37.03 30.48 -20.02
N THR B 109 -37.99 30.32 -20.92
CA THR B 109 -38.74 31.44 -21.47
C THR B 109 -40.16 31.56 -20.92
N LEU B 110 -40.64 30.54 -20.20
CA LEU B 110 -41.99 30.53 -19.62
C LEU B 110 -43.07 30.74 -20.68
N ASP B 111 -42.84 30.23 -21.89
CA ASP B 111 -43.77 30.40 -22.99
C ASP B 111 -43.76 29.13 -23.83
N SER B 112 -44.35 29.21 -25.02
CA SER B 112 -44.42 28.07 -25.92
C SER B 112 -43.07 27.87 -26.61
N LYS B 113 -43.07 26.97 -27.61
CA LYS B 113 -41.91 26.62 -28.41
C LYS B 113 -40.79 26.00 -27.58
N THR B 114 -41.12 25.41 -26.44
CA THR B 114 -40.14 24.78 -25.58
C THR B 114 -40.85 23.79 -24.67
N GLN B 115 -40.06 22.98 -23.96
CA GLN B 115 -40.60 21.99 -23.05
C GLN B 115 -40.53 22.49 -21.61
N SER B 116 -41.60 22.25 -20.86
CA SER B 116 -41.68 22.66 -19.47
C SER B 116 -42.59 21.69 -18.72
N LEU B 117 -42.64 21.85 -17.40
CA LEU B 117 -43.45 20.99 -16.56
C LEU B 117 -44.71 21.71 -16.10
N LEU B 118 -45.69 20.91 -15.65
CA LEU B 118 -46.95 21.44 -15.12
C LEU B 118 -47.51 20.41 -14.16
N ILE B 119 -48.16 20.88 -13.10
CA ILE B 119 -48.77 20.03 -12.08
C ILE B 119 -50.11 20.65 -11.69
N VAL B 120 -51.21 19.95 -11.97
CA VAL B 120 -52.55 20.43 -11.67
C VAL B 120 -53.38 19.26 -11.16
N ASN B 121 -54.22 19.55 -10.16
CA ASN B 121 -55.18 18.60 -9.63
C ASN B 121 -56.34 19.35 -9.02
N ASN B 122 -57.57 18.87 -9.29
CA ASN B 122 -58.77 19.42 -8.67
C ASN B 122 -59.59 18.25 -8.11
N ALA B 123 -59.18 17.75 -6.94
CA ALA B 123 -59.91 16.75 -6.18
C ALA B 123 -60.10 15.43 -6.92
N THR B 124 -59.53 15.31 -8.12
CA THR B 124 -59.74 14.10 -8.91
C THR B 124 -58.47 13.33 -9.19
N ASN B 125 -57.46 13.97 -9.78
CA ASN B 125 -56.21 13.32 -10.15
C ASN B 125 -55.22 14.40 -10.55
N VAL B 126 -53.93 14.07 -10.43
CA VAL B 126 -52.84 15.00 -10.72
C VAL B 126 -52.35 14.75 -12.14
N VAL B 127 -52.07 15.84 -12.86
CA VAL B 127 -51.48 15.76 -14.20
C VAL B 127 -50.04 16.27 -14.11
N ILE B 128 -49.09 15.41 -14.48
CA ILE B 128 -47.67 15.72 -14.38
C ILE B 128 -46.98 15.27 -15.66
N LYS B 129 -46.18 16.17 -16.24
CA LYS B 129 -45.49 15.87 -17.49
C LYS B 129 -44.42 16.93 -17.75
N VAL B 130 -43.58 16.63 -18.73
CA VAL B 130 -42.49 17.50 -19.19
C VAL B 130 -42.89 17.99 -20.58
N CYS B 131 -44.19 18.13 -20.78
CA CYS B 131 -44.79 17.98 -22.09
C CYS B 131 -44.63 19.25 -22.92
N GLU B 132 -44.77 19.09 -24.23
CA GLU B 132 -44.76 20.23 -25.17
C GLU B 132 -46.15 20.86 -25.14
N PHE B 133 -46.35 21.75 -24.17
CA PHE B 133 -47.68 22.29 -23.90
C PHE B 133 -48.08 23.32 -24.94
N GLN B 134 -49.39 23.45 -25.15
CA GLN B 134 -49.95 24.54 -25.96
C GLN B 134 -50.30 25.71 -25.04
N PHE B 135 -49.30 26.12 -24.27
CA PHE B 135 -49.48 27.18 -23.29
C PHE B 135 -49.64 28.53 -23.97
N CYS B 136 -50.44 29.39 -23.33
CA CYS B 136 -50.57 30.78 -23.75
C CYS B 136 -49.51 31.64 -23.09
N ASN B 137 -49.63 32.95 -23.27
CA ASN B 137 -48.73 33.88 -22.59
C ASN B 137 -48.88 33.78 -21.08
N ASP B 138 -50.10 33.54 -20.61
CA ASP B 138 -50.38 33.34 -19.18
C ASP B 138 -51.20 32.06 -19.04
N PRO B 139 -50.53 30.92 -18.91
CA PRO B 139 -51.24 29.65 -18.83
C PRO B 139 -52.17 29.58 -17.61
N PHE B 140 -53.29 28.92 -17.81
CA PHE B 140 -54.30 28.79 -16.77
C PHE B 140 -55.12 27.51 -16.95
N ASN B 164 -50.59 13.23 -24.49
CA ASN B 164 -50.87 13.50 -25.90
C ASN B 164 -49.71 14.24 -26.55
N ASN B 165 -49.04 13.57 -27.50
CA ASN B 165 -47.83 14.09 -28.12
C ASN B 165 -46.84 14.47 -27.02
N CYS B 166 -46.46 13.48 -26.21
CA CYS B 166 -45.82 13.77 -24.94
C CYS B 166 -44.70 12.78 -24.65
N THR B 167 -43.55 13.30 -24.19
CA THR B 167 -42.43 12.45 -23.83
C THR B 167 -42.62 11.75 -22.49
N PHE B 168 -43.26 12.40 -21.53
CA PHE B 168 -43.55 11.77 -20.24
C PHE B 168 -45.05 11.83 -20.01
N GLU B 169 -45.75 10.77 -20.44
CA GLU B 169 -47.20 10.70 -20.35
C GLU B 169 -47.60 10.11 -19.01
N TYR B 170 -48.17 10.94 -18.15
CA TYR B 170 -48.61 10.48 -16.84
C TYR B 170 -49.69 11.41 -16.30
N VAL B 171 -50.75 10.81 -15.76
CA VAL B 171 -51.81 11.52 -15.08
C VAL B 171 -52.07 10.82 -13.75
N SER B 172 -51.44 11.33 -12.69
CA SER B 172 -51.56 10.74 -11.36
C SER B 172 -52.96 10.98 -10.79
N PHE B 186 -52.34 32.49 6.07
CA PHE B 186 -51.48 31.43 5.56
C PHE B 186 -51.29 30.33 6.60
N LYS B 187 -52.40 29.79 7.09
CA LYS B 187 -52.32 28.73 8.09
C LYS B 187 -51.80 27.43 7.49
N ASN B 188 -52.05 27.20 6.20
CA ASN B 188 -51.59 25.99 5.51
C ASN B 188 -50.21 26.26 4.95
N LEU B 189 -49.17 25.94 5.74
CA LEU B 189 -47.79 26.15 5.32
C LEU B 189 -47.34 24.92 4.54
N ARG B 190 -47.66 24.92 3.24
CA ARG B 190 -47.30 23.82 2.35
C ARG B 190 -45.85 24.00 1.92
N GLU B 191 -44.93 23.69 2.84
CA GLU B 191 -43.50 23.80 2.57
C GLU B 191 -43.10 22.83 1.47
N PHE B 192 -42.57 23.37 0.37
CA PHE B 192 -42.12 22.57 -0.75
C PHE B 192 -40.67 22.92 -1.07
N VAL B 193 -39.93 21.94 -1.59
CA VAL B 193 -38.56 22.15 -2.07
C VAL B 193 -38.57 21.78 -3.55
N PHE B 194 -38.74 22.79 -4.40
CA PHE B 194 -38.73 22.60 -5.85
C PHE B 194 -37.29 22.69 -6.33
N LYS B 195 -36.70 21.54 -6.67
CA LYS B 195 -35.32 21.50 -7.12
C LYS B 195 -35.15 20.39 -8.15
N ASN B 196 -34.21 20.61 -9.07
CA ASN B 196 -33.92 19.64 -10.11
C ASN B 196 -32.79 18.69 -9.68
N TYR B 200 -32.17 11.90 -11.30
CA TYR B 200 -33.09 12.75 -12.04
C TYR B 200 -33.84 13.71 -11.12
N PHE B 201 -34.83 14.41 -11.68
CA PHE B 201 -35.61 15.40 -10.95
C PHE B 201 -36.46 14.69 -9.90
N LYS B 202 -36.46 15.23 -8.69
CA LYS B 202 -37.26 14.71 -7.59
C LYS B 202 -37.94 15.87 -6.86
N ILE B 203 -39.16 15.62 -6.38
CA ILE B 203 -39.93 16.62 -5.66
C ILE B 203 -39.81 16.33 -4.17
N TYR B 204 -39.49 17.36 -3.39
CA TYR B 204 -39.38 17.25 -1.94
C TYR B 204 -40.41 18.17 -1.30
N SER B 205 -41.43 17.58 -0.69
CA SER B 205 -42.55 18.35 -0.16
C SER B 205 -42.81 17.95 1.29
N LYS B 206 -43.62 18.78 1.96
CA LYS B 206 -44.05 18.50 3.31
C LYS B 206 -45.29 19.33 3.60
N HIS B 207 -46.40 18.67 3.89
CA HIS B 207 -47.66 19.34 4.20
C HIS B 207 -47.75 19.47 5.71
N THR B 208 -47.36 20.63 6.23
CA THR B 208 -47.34 20.89 7.65
C THR B 208 -48.26 22.05 7.99
N PRO B 209 -49.16 21.86 8.95
CA PRO B 209 -50.06 22.94 9.35
C PRO B 209 -49.47 23.82 10.44
N ILE B 210 -49.67 25.12 10.27
CA ILE B 210 -49.19 26.14 11.22
C ILE B 210 -50.34 27.09 11.52
N ASN B 211 -50.05 28.10 12.34
CA ASN B 211 -51.04 29.10 12.70
C ASN B 211 -50.39 30.46 12.92
N ASP B 215 -42.06 36.73 9.64
CA ASP B 215 -43.05 35.93 8.92
C ASP B 215 -42.71 34.45 8.98
N LEU B 216 -41.48 34.11 8.65
CA LEU B 216 -41.03 32.72 8.68
C LEU B 216 -40.93 32.25 10.14
N PRO B 217 -41.67 31.22 10.53
CA PRO B 217 -41.65 30.79 11.93
C PRO B 217 -40.29 30.21 12.32
N GLN B 218 -39.90 30.47 13.57
CA GLN B 218 -38.65 29.94 14.10
C GLN B 218 -38.85 28.48 14.47
N GLY B 219 -38.13 27.59 13.79
CA GLY B 219 -38.27 26.16 14.03
C GLY B 219 -37.61 25.36 12.93
N PHE B 220 -37.58 24.05 13.15
CA PHE B 220 -36.93 23.14 12.22
C PHE B 220 -37.94 22.11 11.73
N SER B 221 -37.77 21.69 10.48
CA SER B 221 -38.60 20.66 9.89
C SER B 221 -37.83 20.00 8.76
N ALA B 222 -38.23 18.77 8.43
CA ALA B 222 -37.61 18.00 7.37
C ALA B 222 -38.65 17.67 6.30
N LEU B 223 -38.21 17.71 5.05
CA LEU B 223 -39.07 17.43 3.91
C LEU B 223 -38.69 16.08 3.29
N GLU B 224 -39.71 15.34 2.87
CA GLU B 224 -39.44 14.01 2.34
C GLU B 224 -39.81 13.92 0.87
N PRO B 225 -38.96 13.29 0.06
CA PRO B 225 -39.30 13.07 -1.35
C PRO B 225 -40.39 12.02 -1.47
N LEU B 226 -41.37 12.27 -2.34
CA LEU B 226 -42.55 11.44 -2.43
C LEU B 226 -42.95 11.00 -3.82
N VAL B 227 -42.64 11.76 -4.87
CA VAL B 227 -43.01 11.41 -6.24
C VAL B 227 -41.77 11.46 -7.12
N ASP B 228 -41.66 10.49 -8.03
CA ASP B 228 -40.56 10.41 -8.99
C ASP B 228 -41.02 11.06 -10.29
N LEU B 229 -40.27 12.07 -10.73
CA LEU B 229 -40.57 12.77 -11.98
C LEU B 229 -39.29 13.00 -12.77
N PRO B 230 -38.85 12.03 -13.58
CA PRO B 230 -37.65 12.23 -14.41
C PRO B 230 -37.93 13.15 -15.60
N ILE B 231 -37.91 14.46 -15.34
CA ILE B 231 -38.25 15.48 -16.33
C ILE B 231 -37.02 16.30 -16.74
N GLY B 232 -36.32 16.86 -15.76
CA GLY B 232 -35.09 17.59 -16.02
C GLY B 232 -35.23 18.83 -16.88
N ILE B 233 -36.11 19.74 -16.49
CA ILE B 233 -36.23 21.03 -17.17
C ILE B 233 -35.43 22.07 -16.40
N ASN B 234 -34.43 22.66 -17.06
CA ASN B 234 -33.67 23.72 -16.43
C ASN B 234 -34.45 25.03 -16.46
N ILE B 235 -34.25 25.87 -15.45
CA ILE B 235 -34.96 27.14 -15.34
C ILE B 235 -33.93 28.24 -15.15
N THR B 236 -34.12 29.36 -15.85
CA THR B 236 -33.36 30.57 -15.61
C THR B 236 -34.15 31.62 -14.86
N ARG B 237 -35.45 31.73 -15.10
CA ARG B 237 -36.33 32.62 -14.36
C ARG B 237 -37.66 31.90 -14.17
N PHE B 238 -38.21 32.02 -12.96
CA PHE B 238 -39.46 31.33 -12.66
C PHE B 238 -40.41 32.29 -11.97
N GLN B 239 -41.70 32.10 -12.24
CA GLN B 239 -42.76 32.91 -11.64
C GLN B 239 -43.77 31.99 -10.98
N THR B 240 -44.33 32.45 -9.87
CA THR B 240 -45.33 31.67 -9.14
C THR B 240 -46.66 31.68 -9.88
N LEU B 241 -47.08 30.52 -10.32
CA LEU B 241 -48.33 30.36 -11.07
C LEU B 241 -49.51 30.48 -10.11
N LEU B 242 -50.21 31.62 -10.18
CA LEU B 242 -51.37 31.84 -9.32
C LEU B 242 -52.61 32.12 -10.16
N ALA B 263 -47.53 40.16 -2.73
CA ALA B 263 -47.40 38.71 -2.82
C ALA B 263 -46.29 38.22 -1.91
N ALA B 264 -46.60 37.23 -1.08
CA ALA B 264 -45.64 36.66 -0.14
C ALA B 264 -44.98 35.45 -0.77
N TYR B 265 -43.75 35.63 -1.24
CA TYR B 265 -42.97 34.53 -1.82
C TYR B 265 -41.52 34.70 -1.42
N TYR B 266 -40.81 33.58 -1.31
CA TYR B 266 -39.42 33.58 -0.91
C TYR B 266 -38.59 32.83 -1.94
N VAL B 267 -37.57 33.49 -2.46
CA VAL B 267 -36.70 32.93 -3.49
C VAL B 267 -35.28 32.94 -2.94
N GLY B 268 -34.85 31.81 -2.37
CA GLY B 268 -33.49 31.63 -1.91
C GLY B 268 -32.80 30.58 -2.74
N TYR B 269 -31.58 30.89 -3.16
CA TYR B 269 -30.81 30.06 -4.07
C TYR B 269 -29.92 29.11 -3.29
N LEU B 270 -30.00 27.82 -3.62
CA LEU B 270 -29.22 26.81 -2.92
C LEU B 270 -27.75 26.90 -3.31
N GLN B 271 -26.90 26.27 -2.49
CA GLN B 271 -25.47 26.24 -2.71
C GLN B 271 -24.92 24.89 -2.29
N PRO B 272 -24.03 24.30 -3.09
CA PRO B 272 -23.50 22.96 -2.76
C PRO B 272 -22.55 22.99 -1.58
N ARG B 273 -23.11 23.10 -0.38
CA ARG B 273 -22.35 23.15 0.86
C ARG B 273 -22.51 21.85 1.64
N THR B 274 -21.52 21.56 2.48
CA THR B 274 -21.54 20.37 3.30
C THR B 274 -22.41 20.60 4.53
N PHE B 275 -23.21 19.59 4.89
CA PHE B 275 -24.14 19.69 5.99
C PHE B 275 -23.91 18.54 6.97
N LEU B 276 -24.22 18.79 8.23
CA LEU B 276 -24.18 17.79 9.28
C LEU B 276 -25.60 17.55 9.79
N LEU B 277 -26.10 16.33 9.61
CA LEU B 277 -27.46 15.97 9.97
C LEU B 277 -27.46 15.03 11.17
N LYS B 278 -28.51 15.14 11.98
CA LYS B 278 -28.67 14.34 13.18
C LYS B 278 -29.96 13.52 13.08
N TYR B 279 -29.85 12.22 13.37
CA TYR B 279 -30.98 11.32 13.35
C TYR B 279 -31.30 10.86 14.76
N ASN B 280 -32.60 10.82 15.08
CA ASN B 280 -33.05 10.39 16.39
C ASN B 280 -33.32 8.89 16.38
N GLU B 281 -33.96 8.38 17.44
CA GLU B 281 -34.29 6.96 17.49
C GLU B 281 -35.33 6.60 16.42
N ASN B 282 -36.28 7.50 16.17
CA ASN B 282 -37.29 7.27 15.15
C ASN B 282 -36.79 7.59 13.75
N GLY B 283 -35.53 8.00 13.60
CA GLY B 283 -34.99 8.34 12.30
C GLY B 283 -35.36 9.71 11.78
N THR B 284 -36.25 10.43 12.47
CA THR B 284 -36.66 11.74 12.01
C THR B 284 -35.58 12.78 12.35
N ILE B 285 -35.22 13.58 11.36
CA ILE B 285 -34.21 14.61 11.58
C ILE B 285 -34.77 15.67 12.53
N THR B 286 -34.03 15.93 13.61
CA THR B 286 -34.44 16.91 14.61
C THR B 286 -33.69 18.23 14.51
N ASP B 287 -32.48 18.22 13.94
CA ASP B 287 -31.70 19.45 13.78
C ASP B 287 -30.60 19.19 12.76
N ALA B 288 -29.99 20.28 12.30
CA ALA B 288 -28.90 20.19 11.34
C ALA B 288 -27.92 21.31 11.58
N VAL B 289 -26.72 21.14 11.03
CA VAL B 289 -25.64 22.12 11.17
C VAL B 289 -24.89 22.20 9.85
N ASP B 290 -24.77 23.41 9.31
CA ASP B 290 -23.99 23.68 8.11
C ASP B 290 -22.68 24.33 8.51
N CYS B 291 -21.57 23.67 8.21
CA CYS B 291 -20.24 24.19 8.52
C CYS B 291 -19.69 25.12 7.44
N ALA B 292 -20.57 25.74 6.66
CA ALA B 292 -20.21 26.80 5.74
C ALA B 292 -20.75 28.16 6.19
N LEU B 293 -21.34 28.24 7.38
CA LEU B 293 -21.96 29.47 7.85
C LEU B 293 -21.02 30.28 8.75
N ASP B 294 -20.59 29.70 9.86
CA ASP B 294 -19.80 30.40 10.86
C ASP B 294 -18.73 29.47 11.40
N PRO B 295 -17.67 30.03 12.01
CA PRO B 295 -16.61 29.16 12.56
C PRO B 295 -17.10 28.19 13.61
N LEU B 296 -18.09 28.56 14.41
CA LEU B 296 -18.65 27.62 15.38
C LEU B 296 -19.25 26.42 14.66
N SER B 297 -20.00 26.66 13.59
CA SER B 297 -20.57 25.56 12.82
C SER B 297 -19.48 24.76 12.12
N GLU B 298 -18.40 25.44 11.69
CA GLU B 298 -17.28 24.73 11.10
C GLU B 298 -16.67 23.76 12.09
N THR B 299 -16.48 24.20 13.34
CA THR B 299 -15.98 23.30 14.38
C THR B 299 -16.95 22.16 14.65
N LYS B 300 -18.25 22.46 14.74
CA LYS B 300 -19.24 21.41 14.97
C LYS B 300 -19.22 20.37 13.86
N CYS B 301 -19.02 20.81 12.62
CA CYS B 301 -19.07 19.92 11.47
C CYS B 301 -17.76 19.17 11.26
N THR B 302 -16.64 19.73 11.73
CA THR B 302 -15.39 18.99 11.64
C THR B 302 -15.17 18.06 12.83
N LEU B 303 -15.88 18.29 13.92
CA LEU B 303 -15.79 17.42 15.09
C LEU B 303 -16.85 16.32 15.10
N LYS B 304 -17.75 16.30 14.10
CA LYS B 304 -18.77 15.27 13.99
C LYS B 304 -19.67 15.22 15.23
N SER B 305 -20.15 16.38 15.66
CA SER B 305 -20.99 16.46 16.84
C SER B 305 -21.73 17.79 16.82
N PHE B 306 -22.81 17.85 17.60
CA PHE B 306 -23.57 19.08 17.79
C PHE B 306 -23.12 19.87 19.02
N THR B 307 -22.39 19.24 19.93
CA THR B 307 -21.87 19.90 21.12
C THR B 307 -20.35 19.87 21.06
N VAL B 308 -19.73 21.04 21.20
CA VAL B 308 -18.29 21.19 21.14
C VAL B 308 -17.81 21.73 22.48
N GLU B 309 -16.92 20.98 23.13
CA GLU B 309 -16.38 21.38 24.41
C GLU B 309 -15.35 22.49 24.24
N LYS B 310 -14.87 23.00 25.37
CA LYS B 310 -13.87 24.06 25.34
C LYS B 310 -12.55 23.55 24.78
N GLY B 311 -11.91 24.37 23.96
CA GLY B 311 -10.63 23.99 23.38
C GLY B 311 -10.42 24.70 22.07
N ILE B 312 -9.26 24.42 21.47
CA ILE B 312 -8.87 24.96 20.18
C ILE B 312 -8.79 23.81 19.18
N TYR B 313 -9.37 24.03 18.00
CA TYR B 313 -9.51 22.98 17.00
C TYR B 313 -9.11 23.51 15.63
N GLN B 314 -8.42 22.67 14.86
CA GLN B 314 -8.05 22.99 13.49
C GLN B 314 -9.11 22.46 12.55
N THR B 315 -9.77 23.36 11.82
CA THR B 315 -10.86 22.99 10.93
C THR B 315 -10.40 22.81 9.49
N SER B 316 -9.77 23.81 8.89
CA SER B 316 -9.32 23.75 7.52
C SER B 316 -7.95 24.39 7.42
N ASN B 317 -7.51 24.65 6.20
CA ASN B 317 -6.22 25.26 5.93
C ASN B 317 -6.45 26.57 5.19
N PHE B 318 -6.30 27.69 5.91
CA PHE B 318 -6.44 29.01 5.30
C PHE B 318 -5.28 29.24 4.33
N ARG B 319 -5.61 29.46 3.07
CA ARG B 319 -4.59 29.59 2.04
C ARG B 319 -4.96 30.72 1.10
N VAL B 320 -4.09 31.71 1.00
CA VAL B 320 -4.28 32.81 0.06
C VAL B 320 -4.12 32.26 -1.36
N GLN B 321 -5.22 32.16 -2.07
CA GLN B 321 -5.20 31.61 -3.41
C GLN B 321 -4.57 32.61 -4.38
N PRO B 322 -3.91 32.11 -5.42
CA PRO B 322 -3.27 33.02 -6.38
C PRO B 322 -4.28 33.89 -7.09
N THR B 323 -4.01 35.20 -7.08
CA THR B 323 -4.91 36.17 -7.72
C THR B 323 -4.87 36.11 -9.23
N GLU B 324 -3.76 35.70 -9.82
CA GLU B 324 -3.62 35.61 -11.26
C GLU B 324 -2.43 34.73 -11.59
N SER B 325 -2.10 34.64 -12.87
CA SER B 325 -0.99 33.83 -13.34
C SER B 325 -0.04 34.70 -14.16
N ILE B 326 1.22 34.30 -14.18
CA ILE B 326 2.27 35.02 -14.90
C ILE B 326 3.12 34.01 -15.66
N VAL B 327 3.36 34.28 -16.95
CA VAL B 327 4.13 33.41 -17.82
C VAL B 327 5.40 34.13 -18.22
N ARG B 328 6.55 33.52 -17.91
CA ARG B 328 7.86 34.08 -18.24
C ARG B 328 8.60 33.12 -19.14
N PHE B 329 9.10 33.62 -20.26
CA PHE B 329 9.79 32.84 -21.26
C PHE B 329 10.78 33.75 -21.97
N PRO B 330 11.78 33.17 -22.65
CA PRO B 330 12.84 34.01 -23.25
C PRO B 330 12.28 34.94 -24.32
N ASN B 331 13.17 35.81 -24.80
CA ASN B 331 12.80 36.81 -25.80
C ASN B 331 12.34 36.14 -27.08
N ILE B 332 11.69 36.94 -27.94
CA ILE B 332 11.36 36.47 -29.27
C ILE B 332 12.59 36.39 -30.16
N THR B 333 13.76 36.76 -29.62
CA THR B 333 15.01 36.66 -30.35
C THR B 333 15.30 35.20 -30.70
N ASN B 334 16.35 35.01 -31.50
CA ASN B 334 16.65 33.70 -32.10
C ASN B 334 15.44 33.26 -32.94
N LEU B 335 14.85 34.22 -33.63
CA LEU B 335 13.67 33.96 -34.44
C LEU B 335 14.06 33.22 -35.72
N CYS B 336 13.25 32.26 -36.11
CA CYS B 336 13.48 31.51 -37.34
C CYS B 336 13.41 32.44 -38.55
N PRO B 337 14.13 32.12 -39.62
CA PRO B 337 13.91 32.84 -40.90
C PRO B 337 12.64 32.34 -41.60
N PHE B 338 11.55 32.29 -40.81
CA PHE B 338 10.26 31.85 -41.34
C PHE B 338 9.73 32.80 -42.40
N GLY B 339 10.19 34.05 -42.41
CA GLY B 339 9.86 34.93 -43.52
C GLY B 339 10.36 34.40 -44.85
N GLU B 340 11.41 33.56 -44.81
CA GLU B 340 11.93 32.95 -46.02
C GLU B 340 11.11 31.74 -46.45
N VAL B 341 10.14 31.30 -45.65
CA VAL B 341 9.23 30.24 -46.04
C VAL B 341 7.77 30.70 -45.95
N PHE B 342 7.40 31.40 -44.87
CA PHE B 342 6.02 31.82 -44.71
C PHE B 342 5.70 33.05 -45.55
N ASN B 343 6.47 34.12 -45.39
CA ASN B 343 6.34 35.31 -46.23
C ASN B 343 7.33 35.30 -47.39
N ALA B 344 7.69 34.11 -47.88
CA ALA B 344 8.71 33.99 -48.91
C ALA B 344 8.23 34.58 -50.23
N THR B 345 9.17 34.84 -51.14
CA THR B 345 8.83 35.38 -52.44
C THR B 345 8.79 34.29 -53.50
N ARG B 346 9.86 33.51 -53.61
CA ARG B 346 10.02 32.53 -54.69
C ARG B 346 10.07 31.12 -54.12
N PHE B 347 9.53 30.17 -54.88
CA PHE B 347 9.52 28.76 -54.51
C PHE B 347 9.97 27.92 -55.69
N ALA B 348 10.04 26.61 -55.47
CA ALA B 348 10.60 25.70 -56.46
C ALA B 348 9.51 24.85 -57.11
N SER B 349 9.94 23.92 -57.96
CA SER B 349 9.03 23.05 -58.69
C SER B 349 8.75 21.77 -57.90
N VAL B 350 7.91 20.91 -58.48
CA VAL B 350 7.45 19.72 -57.76
C VAL B 350 8.56 18.67 -57.68
N TYR B 351 9.27 18.43 -58.79
CA TYR B 351 10.29 17.39 -58.81
C TYR B 351 11.61 17.84 -58.20
N ALA B 352 11.73 19.11 -57.82
CA ALA B 352 12.95 19.65 -57.23
C ALA B 352 12.70 20.08 -55.79
N TRP B 353 11.86 19.31 -55.08
CA TRP B 353 11.57 19.62 -53.69
C TRP B 353 12.77 19.31 -52.81
N ASN B 354 13.39 20.37 -52.28
CA ASN B 354 14.58 20.22 -51.44
C ASN B 354 14.25 20.48 -49.98
N ARG B 355 14.91 19.73 -49.10
CA ARG B 355 14.65 19.83 -47.67
C ARG B 355 15.58 20.86 -47.06
N LYS B 356 15.03 21.73 -46.22
CA LYS B 356 15.79 22.76 -45.53
C LYS B 356 15.64 22.57 -44.03
N ARG B 357 16.70 22.07 -43.39
CA ARG B 357 16.67 21.85 -41.95
C ARG B 357 17.03 23.12 -41.21
N ILE B 358 16.01 23.87 -40.79
CA ILE B 358 16.18 25.12 -40.06
C ILE B 358 16.18 24.79 -38.57
N SER B 359 17.08 25.44 -37.83
CA SER B 359 17.27 25.12 -36.42
C SER B 359 16.98 26.36 -35.57
N ASN B 360 16.57 26.10 -34.33
CA ASN B 360 16.34 27.14 -33.33
C ASN B 360 15.33 28.18 -33.83
N CYS B 361 14.10 27.72 -34.02
CA CYS B 361 13.08 28.52 -34.67
C CYS B 361 11.98 28.90 -33.69
N VAL B 362 11.17 29.88 -34.10
CA VAL B 362 9.98 30.30 -33.37
C VAL B 362 8.80 30.28 -34.33
N ALA B 363 7.84 29.40 -34.08
CA ALA B 363 6.80 29.10 -35.06
C ALA B 363 5.59 30.00 -34.85
N ASP B 364 5.61 31.19 -35.45
CA ASP B 364 4.48 32.11 -35.42
C ASP B 364 3.47 31.62 -36.45
N TYR B 365 2.35 31.07 -35.97
CA TYR B 365 1.34 30.51 -36.87
C TYR B 365 0.08 31.35 -36.95
N SER B 366 -0.04 32.40 -36.12
CA SER B 366 -1.22 33.24 -36.18
C SER B 366 -1.32 33.99 -37.50
N VAL B 367 -0.16 34.40 -38.04
CA VAL B 367 -0.15 35.12 -39.31
C VAL B 367 -0.66 34.22 -40.43
N LEU B 368 -0.26 32.94 -40.42
CA LEU B 368 -0.73 32.02 -41.44
C LEU B 368 -2.20 31.65 -41.22
N TYR B 369 -2.61 31.58 -39.96
CA TYR B 369 -4.00 31.23 -39.65
C TYR B 369 -4.95 32.34 -40.06
N ASN B 370 -4.50 33.60 -39.97
CA ASN B 370 -5.35 34.72 -40.34
C ASN B 370 -4.92 35.38 -41.64
N SER B 371 -4.06 34.73 -42.42
CA SER B 371 -3.53 35.35 -43.63
C SER B 371 -4.60 35.48 -44.70
N ALA B 372 -4.69 36.68 -45.28
CA ALA B 372 -5.58 36.94 -46.41
C ALA B 372 -4.90 36.75 -47.75
N SER B 373 -3.58 36.89 -47.82
CA SER B 373 -2.84 36.61 -49.05
C SER B 373 -2.88 35.14 -49.43
N PHE B 374 -3.10 34.25 -48.47
CA PHE B 374 -3.27 32.82 -48.75
C PHE B 374 -4.75 32.49 -48.70
N SER B 375 -5.30 32.09 -49.85
CA SER B 375 -6.75 31.92 -49.95
C SER B 375 -7.25 30.72 -49.15
N THR B 376 -6.47 29.64 -49.11
CA THR B 376 -6.93 28.42 -48.46
C THR B 376 -6.00 28.06 -47.33
N PHE B 377 -6.60 27.59 -46.22
CA PHE B 377 -5.85 27.07 -45.08
C PHE B 377 -6.58 25.80 -44.64
N LYS B 378 -6.24 24.68 -45.29
CA LYS B 378 -6.83 23.38 -45.01
C LYS B 378 -5.78 22.57 -44.28
N CYS B 379 -6.08 22.13 -43.07
CA CYS B 379 -5.07 21.60 -42.17
C CYS B 379 -5.52 20.25 -41.63
N TYR B 380 -4.65 19.25 -41.73
CA TYR B 380 -5.02 17.86 -41.50
C TYR B 380 -4.46 17.27 -40.22
N GLY B 381 -3.15 17.37 -40.00
CA GLY B 381 -2.49 16.62 -38.95
C GLY B 381 -2.96 16.93 -37.54
N VAL B 382 -3.13 18.21 -37.23
CA VAL B 382 -3.64 18.65 -35.93
C VAL B 382 -4.69 19.73 -36.17
N SER B 383 -5.23 20.26 -35.08
CA SER B 383 -6.24 21.31 -35.16
C SER B 383 -5.57 22.62 -35.54
N PRO B 384 -6.15 23.37 -36.47
CA PRO B 384 -5.51 24.62 -36.91
C PRO B 384 -5.45 25.68 -35.82
N THR B 385 -6.32 25.61 -34.81
CA THR B 385 -6.29 26.57 -33.72
C THR B 385 -5.22 26.27 -32.70
N LYS B 386 -4.82 25.01 -32.56
CA LYS B 386 -3.75 24.62 -31.64
C LYS B 386 -2.46 24.29 -32.36
N LEU B 387 -2.12 25.03 -33.42
CA LEU B 387 -0.87 24.80 -34.12
C LEU B 387 0.35 25.22 -33.29
N ASN B 388 0.13 26.03 -32.25
CA ASN B 388 1.25 26.58 -31.49
C ASN B 388 1.51 25.84 -30.18
N ASP B 389 0.53 25.12 -29.64
CA ASP B 389 0.71 24.46 -28.35
C ASP B 389 1.68 23.29 -28.41
N LEU B 390 1.69 22.52 -29.50
CA LEU B 390 2.68 21.47 -29.69
C LEU B 390 3.79 21.95 -30.62
N CYS B 391 5.03 21.69 -30.23
CA CYS B 391 6.18 22.10 -31.02
C CYS B 391 7.14 20.92 -31.16
N PHE B 392 7.59 20.69 -32.38
CA PHE B 392 8.28 19.47 -32.77
C PHE B 392 9.78 19.60 -32.57
N THR B 393 10.49 18.53 -32.94
CA THR B 393 11.94 18.46 -32.77
C THR B 393 12.71 18.89 -34.01
N ASN B 394 12.48 18.22 -35.14
CA ASN B 394 13.19 18.55 -36.37
C ASN B 394 12.18 18.77 -37.49
N VAL B 395 12.54 19.66 -38.41
CA VAL B 395 11.73 19.95 -39.59
C VAL B 395 12.63 19.91 -40.81
N TYR B 396 12.03 19.61 -41.97
CA TYR B 396 12.72 19.70 -43.24
C TYR B 396 11.79 20.40 -44.24
N ALA B 397 12.02 21.68 -44.46
CA ALA B 397 11.14 22.51 -45.28
C ALA B 397 11.30 22.10 -46.73
N ASP B 398 10.22 21.58 -47.32
CA ASP B 398 10.20 21.16 -48.71
C ASP B 398 9.43 22.17 -49.54
N SER B 399 10.05 22.69 -50.59
CA SER B 399 9.45 23.68 -51.47
C SER B 399 9.13 23.03 -52.80
N PHE B 400 7.83 22.97 -53.13
CA PHE B 400 7.38 22.41 -54.39
C PHE B 400 5.98 22.95 -54.68
N VAL B 401 5.60 22.92 -55.95
CA VAL B 401 4.34 23.50 -56.42
C VAL B 401 3.58 22.46 -57.22
N ILE B 402 2.25 22.49 -57.13
CA ILE B 402 1.36 21.61 -57.87
C ILE B 402 0.46 22.47 -58.75
N ARG B 403 -0.14 21.83 -59.76
CA ARG B 403 -1.05 22.53 -60.65
C ARG B 403 -2.24 23.10 -59.89
N GLY B 404 -2.91 24.07 -60.52
CA GLY B 404 -3.97 24.78 -59.84
C GLY B 404 -5.28 24.02 -59.81
N ASP B 405 -5.60 23.31 -60.90
CA ASP B 405 -6.87 22.58 -60.99
C ASP B 405 -7.03 21.51 -59.93
N GLU B 406 -5.98 21.22 -59.16
CA GLU B 406 -5.99 20.17 -58.16
C GLU B 406 -6.20 20.69 -56.75
N VAL B 407 -7.02 21.73 -56.55
CA VAL B 407 -7.24 22.30 -55.23
C VAL B 407 -7.66 21.22 -54.24
N ARG B 408 -8.71 20.46 -54.57
CA ARG B 408 -9.17 19.41 -53.66
C ARG B 408 -8.17 18.26 -53.61
N GLN B 409 -7.34 18.10 -54.64
CA GLN B 409 -6.38 17.01 -54.67
C GLN B 409 -5.15 17.28 -53.82
N ILE B 410 -5.06 18.46 -53.20
CA ILE B 410 -3.96 18.77 -52.28
C ILE B 410 -4.43 18.29 -50.90
N ALA B 411 -4.25 16.99 -50.66
CA ALA B 411 -4.69 16.34 -49.43
C ALA B 411 -4.15 14.92 -49.40
N PRO B 412 -3.90 14.36 -48.21
CA PRO B 412 -3.43 12.97 -48.15
C PRO B 412 -4.54 12.00 -48.56
N GLY B 413 -4.16 11.00 -49.35
CA GLY B 413 -5.11 10.00 -49.80
C GLY B 413 -5.78 10.36 -51.12
N GLN B 414 -4.98 10.68 -52.13
CA GLN B 414 -5.49 11.02 -53.45
C GLN B 414 -4.64 10.34 -54.51
N THR B 415 -5.22 10.19 -55.70
CA THR B 415 -4.56 9.51 -56.80
C THR B 415 -4.72 10.33 -58.07
N GLY B 416 -4.13 9.85 -59.14
CA GLY B 416 -4.18 10.53 -60.43
C GLY B 416 -2.98 10.19 -61.27
N LYS B 417 -3.03 10.66 -62.52
CA LYS B 417 -1.94 10.40 -63.46
C LYS B 417 -0.61 10.96 -62.96
N ILE B 418 -0.67 11.99 -62.13
CA ILE B 418 0.55 12.59 -61.57
C ILE B 418 0.80 12.09 -60.16
N ALA B 419 -0.26 11.92 -59.38
CA ALA B 419 -0.11 11.45 -58.00
C ALA B 419 0.34 10.00 -57.91
N ASP B 420 0.22 9.25 -59.00
CA ASP B 420 0.60 7.84 -59.01
C ASP B 420 2.03 7.61 -59.50
N TYR B 421 2.63 8.59 -60.17
CA TYR B 421 3.92 8.38 -60.80
C TYR B 421 4.94 9.50 -60.55
N ASN B 422 4.56 10.60 -59.91
CA ASN B 422 5.48 11.72 -59.74
C ASN B 422 5.85 11.97 -58.29
N TYR B 423 4.86 12.17 -57.41
CA TYR B 423 5.15 12.54 -56.02
C TYR B 423 3.90 12.32 -55.20
N LYS B 424 4.05 11.76 -54.01
CA LYS B 424 2.94 11.42 -53.14
C LYS B 424 3.20 11.95 -51.73
N LEU B 425 2.12 12.21 -51.00
CA LEU B 425 2.17 12.68 -49.62
C LEU B 425 1.78 11.56 -48.66
N PRO B 426 2.31 11.56 -47.44
CA PRO B 426 1.94 10.51 -46.48
C PRO B 426 0.49 10.63 -46.05
N ASP B 427 -0.14 9.49 -45.78
CA ASP B 427 -1.53 9.49 -45.34
C ASP B 427 -1.65 9.96 -43.90
N ASP B 428 -0.61 9.74 -43.10
CA ASP B 428 -0.57 10.20 -41.71
C ASP B 428 0.23 11.49 -41.58
N PHE B 429 0.12 12.35 -42.58
CA PHE B 429 0.88 13.60 -42.59
C PHE B 429 0.49 14.48 -41.41
N THR B 430 1.46 14.72 -40.52
CA THR B 430 1.28 15.60 -39.38
C THR B 430 1.83 16.96 -39.75
N GLY B 431 0.96 17.94 -39.83
CA GLY B 431 1.37 19.27 -40.23
C GLY B 431 0.19 20.06 -40.75
N CYS B 432 0.50 21.02 -41.62
CA CYS B 432 -0.44 22.05 -42.02
C CYS B 432 0.02 22.67 -43.33
N VAL B 433 -0.86 22.67 -44.32
CA VAL B 433 -0.51 23.09 -45.68
C VAL B 433 -1.14 24.45 -45.96
N ILE B 434 -0.55 25.19 -46.89
CA ILE B 434 -1.00 26.52 -47.26
C ILE B 434 -1.01 26.61 -48.78
N ALA B 435 -2.07 27.22 -49.34
CA ALA B 435 -2.18 27.37 -50.78
C ALA B 435 -2.89 28.67 -51.10
N TRP B 436 -2.53 29.26 -52.24
CA TRP B 436 -3.15 30.50 -52.67
C TRP B 436 -3.11 30.57 -54.20
N ASN B 437 -3.98 31.41 -54.75
CA ASN B 437 -4.03 31.60 -56.19
C ASN B 437 -2.79 32.31 -56.70
N SER B 438 -2.15 31.71 -57.71
CA SER B 438 -0.97 32.30 -58.31
C SER B 438 -1.19 32.69 -59.77
N ASN B 439 -2.45 32.92 -60.17
CA ASN B 439 -2.74 33.33 -61.54
C ASN B 439 -2.03 34.64 -61.87
N ASN B 440 -1.99 35.58 -60.92
CA ASN B 440 -1.28 36.83 -61.15
C ASN B 440 0.22 36.65 -60.96
N LEU B 441 0.62 35.79 -60.02
CA LEU B 441 2.04 35.59 -59.76
C LEU B 441 2.66 34.66 -60.80
N ASP B 442 2.15 33.45 -60.91
CA ASP B 442 2.68 32.49 -61.89
C ASP B 442 1.84 32.48 -63.16
N ASN B 448 6.83 33.06 -68.22
CA ASN B 448 6.04 32.09 -67.48
C ASN B 448 6.06 30.72 -68.15
N TYR B 449 7.27 30.24 -68.45
CA TYR B 449 7.48 28.93 -69.07
C TYR B 449 8.25 27.97 -68.16
N ASN B 450 8.24 28.20 -66.85
CA ASN B 450 9.21 27.58 -65.95
C ASN B 450 8.55 26.75 -64.85
N TYR B 451 7.58 25.89 -65.20
CA TYR B 451 6.99 24.97 -64.25
C TYR B 451 6.73 23.64 -64.96
N LEU B 452 7.11 22.54 -64.32
CA LEU B 452 7.02 21.21 -64.89
C LEU B 452 6.40 20.23 -63.90
N TYR B 453 5.93 19.10 -64.41
CA TYR B 453 5.38 18.03 -63.60
C TYR B 453 5.39 16.74 -64.42
N ARG B 454 5.82 15.65 -63.78
CA ARG B 454 6.06 14.39 -64.48
C ARG B 454 4.79 13.56 -64.56
N LEU B 455 4.67 12.78 -65.63
CA LEU B 455 3.47 11.99 -65.92
C LEU B 455 3.69 10.49 -65.80
N PHE B 456 4.68 9.94 -66.50
CA PHE B 456 4.85 8.49 -66.62
C PHE B 456 6.07 8.03 -65.84
N ARG B 457 5.90 6.95 -65.08
CA ARG B 457 7.00 6.37 -64.30
C ARG B 457 6.76 4.87 -64.21
N LYS B 458 7.67 4.19 -63.49
CA LYS B 458 7.60 2.74 -63.39
C LYS B 458 6.41 2.30 -62.52
N SER B 459 6.41 2.70 -61.25
CA SER B 459 5.38 2.27 -60.33
C SER B 459 5.13 3.36 -59.29
N ASN B 460 4.27 3.03 -58.33
CA ASN B 460 3.95 3.98 -57.27
C ASN B 460 5.14 4.18 -56.35
N LEU B 461 5.27 5.40 -55.82
CA LEU B 461 6.35 5.74 -54.93
C LEU B 461 5.86 5.79 -53.48
N LYS B 462 6.78 5.58 -52.55
CA LYS B 462 6.46 5.66 -51.14
C LYS B 462 6.28 7.13 -50.74
N PRO B 463 5.64 7.38 -49.59
CA PRO B 463 5.52 8.77 -49.12
C PRO B 463 6.89 9.41 -48.92
N PHE B 464 7.00 10.66 -49.39
CA PHE B 464 8.25 11.44 -49.28
C PHE B 464 9.40 10.75 -50.00
N GLU B 465 9.17 10.26 -51.22
CA GLU B 465 10.21 9.61 -51.99
C GLU B 465 10.79 10.58 -53.02
N ARG B 466 12.11 10.52 -53.18
CA ARG B 466 12.84 11.39 -54.10
C ARG B 466 13.07 10.62 -55.41
N ASP B 467 12.28 10.93 -56.43
CA ASP B 467 12.37 10.28 -57.72
C ASP B 467 12.43 11.32 -58.83
N ILE B 468 13.41 11.17 -59.72
CA ILE B 468 13.58 12.08 -60.86
C ILE B 468 13.86 11.22 -62.08
N SER B 469 12.89 11.15 -62.99
CA SER B 469 13.02 10.41 -64.23
C SER B 469 12.25 11.14 -65.33
N THR B 470 12.76 11.05 -66.56
CA THR B 470 12.23 11.84 -67.67
C THR B 470 12.10 10.99 -68.94
N GLU B 471 11.52 9.80 -68.84
CA GLU B 471 11.34 8.91 -69.98
C GLU B 471 10.26 7.88 -69.70
N ILE B 472 10.18 6.88 -70.58
CA ILE B 472 9.35 5.70 -70.41
C ILE B 472 7.86 6.06 -70.32
N TYR B 473 7.34 6.60 -71.42
CA TYR B 473 5.90 6.76 -71.56
C TYR B 473 5.25 5.40 -71.70
N GLN B 474 3.94 5.33 -71.50
CA GLN B 474 3.26 4.03 -71.37
C GLN B 474 3.34 3.17 -72.63
N ALA B 475 2.66 3.58 -73.70
CA ALA B 475 2.63 2.77 -74.91
C ALA B 475 2.94 3.58 -76.17
N GLY B 476 2.42 4.81 -76.24
CA GLY B 476 2.54 5.62 -77.43
C GLY B 476 2.18 7.07 -77.15
N GLU B 484 12.19 7.48 -75.13
CA GLU B 484 12.58 8.88 -75.02
C GLU B 484 11.79 9.75 -75.97
N GLY B 485 12.05 9.59 -77.28
CA GLY B 485 11.34 10.35 -78.30
C GLY B 485 10.52 9.45 -79.22
N PHE B 486 10.55 8.15 -79.02
CA PHE B 486 9.76 7.21 -79.81
C PHE B 486 8.34 7.20 -79.28
N ASN B 487 7.57 6.17 -79.66
CA ASN B 487 6.24 5.94 -79.11
C ASN B 487 6.20 6.20 -77.61
N CYS B 488 7.13 5.57 -76.89
CA CYS B 488 7.41 6.00 -75.52
C CYS B 488 8.10 7.35 -75.59
N TYR B 489 7.35 8.41 -75.33
CA TYR B 489 7.78 9.76 -75.64
C TYR B 489 8.02 10.51 -74.33
N PHE B 490 8.30 11.81 -74.44
CA PHE B 490 8.65 12.65 -73.31
C PHE B 490 7.50 12.67 -72.29
N PRO B 491 7.72 12.17 -71.07
CA PRO B 491 6.67 12.22 -70.04
C PRO B 491 6.51 13.58 -69.37
N LEU B 492 7.51 14.45 -69.45
CA LEU B 492 7.41 15.82 -68.97
C LEU B 492 6.81 16.71 -70.05
N GLN B 493 6.09 17.74 -69.60
CA GLN B 493 5.50 18.72 -70.50
C GLN B 493 5.44 20.07 -69.82
N SER B 494 5.81 21.11 -70.56
CA SER B 494 5.68 22.48 -70.07
C SER B 494 4.21 22.80 -69.84
N TYR B 495 3.95 23.41 -68.68
CA TYR B 495 2.58 23.71 -68.26
C TYR B 495 1.95 24.73 -69.18
N GLY B 496 0.62 24.62 -69.34
CA GLY B 496 -0.09 25.45 -70.29
C GLY B 496 -0.35 26.87 -69.85
N PHE B 497 0.57 27.46 -69.08
CA PHE B 497 0.45 28.83 -68.64
C PHE B 497 1.55 29.66 -69.30
N GLN B 498 1.39 30.98 -69.25
CA GLN B 498 2.16 31.95 -70.02
C GLN B 498 1.84 33.31 -69.40
N PRO B 499 2.59 34.38 -69.72
CA PRO B 499 2.16 35.71 -69.24
C PRO B 499 0.77 36.11 -69.70
N THR B 500 0.15 35.35 -70.60
CA THR B 500 -1.26 35.51 -70.93
C THR B 500 -2.18 34.67 -70.06
N ASN B 501 -1.74 33.49 -69.63
CA ASN B 501 -2.52 32.63 -68.75
C ASN B 501 -2.07 32.78 -67.30
N VAL B 503 -11.68 29.71 -64.55
CA VAL B 503 -11.17 29.85 -63.19
C VAL B 503 -10.47 28.55 -62.76
N GLY B 504 -10.78 27.47 -63.47
CA GLY B 504 -10.19 26.18 -63.15
C GLY B 504 -8.75 26.04 -63.62
N TYR B 505 -8.31 26.83 -64.59
CA TYR B 505 -6.96 26.77 -65.11
C TYR B 505 -6.00 27.72 -64.39
N GLN B 506 -6.42 28.29 -63.26
CA GLN B 506 -5.52 29.18 -62.55
C GLN B 506 -4.58 28.38 -61.65
N PRO B 507 -3.27 28.58 -61.77
CA PRO B 507 -2.33 27.77 -60.99
C PRO B 507 -2.27 28.23 -59.55
N TYR B 508 -2.22 27.26 -58.64
CA TYR B 508 -2.13 27.51 -57.21
C TYR B 508 -0.77 27.07 -56.68
N ARG B 509 -0.20 27.89 -55.82
CA ARG B 509 1.06 27.58 -55.16
C ARG B 509 0.75 26.81 -53.88
N VAL B 510 1.68 25.96 -53.45
CA VAL B 510 1.51 25.13 -52.27
C VAL B 510 2.84 25.07 -51.53
N VAL B 511 2.78 25.05 -50.20
CA VAL B 511 3.96 24.95 -49.35
C VAL B 511 3.65 23.99 -48.20
N VAL B 512 4.64 23.20 -47.82
CA VAL B 512 4.52 22.29 -46.69
C VAL B 512 5.81 22.37 -45.87
N LEU B 513 5.65 22.34 -44.55
CA LEU B 513 6.77 22.30 -43.61
C LEU B 513 6.84 20.88 -43.09
N SER B 514 7.61 20.03 -43.77
CA SER B 514 7.71 18.62 -43.41
C SER B 514 8.43 18.50 -42.07
N PHE B 515 7.70 18.07 -41.04
CA PHE B 515 8.24 17.94 -39.69
C PHE B 515 8.71 16.50 -39.48
N GLU B 516 10.00 16.35 -39.18
CA GLU B 516 10.57 15.04 -38.85
C GLU B 516 10.40 14.82 -37.36
N LEU B 517 9.42 13.99 -36.99
CA LEU B 517 9.04 13.80 -35.60
C LEU B 517 9.88 12.72 -34.90
N LEU B 518 11.05 12.38 -35.43
CA LEU B 518 11.89 11.38 -34.80
C LEU B 518 12.51 11.94 -33.52
N HIS B 519 12.93 11.03 -32.63
CA HIS B 519 13.58 11.44 -31.39
C HIS B 519 14.90 12.12 -31.69
N ALA B 520 14.96 13.43 -31.51
CA ALA B 520 16.11 14.21 -31.94
C ALA B 520 16.06 15.56 -31.22
N PRO B 521 17.17 16.29 -31.19
CA PRO B 521 17.17 17.62 -30.56
C PRO B 521 16.15 18.55 -31.20
N ALA B 522 15.53 19.38 -30.38
CA ALA B 522 14.50 20.30 -30.85
C ALA B 522 15.14 21.45 -31.63
N THR B 523 14.60 21.73 -32.81
CA THR B 523 15.10 22.80 -33.66
C THR B 523 14.05 23.82 -34.05
N VAL B 524 12.76 23.50 -33.90
CA VAL B 524 11.67 24.40 -34.24
C VAL B 524 10.61 24.26 -33.16
N CYS B 525 10.43 25.31 -32.35
CA CYS B 525 9.40 25.31 -31.33
C CYS B 525 8.59 26.59 -31.40
N GLY B 526 7.43 26.58 -30.75
CA GLY B 526 6.46 27.64 -30.87
C GLY B 526 6.78 28.86 -30.04
N PRO B 527 6.03 29.94 -30.25
CA PRO B 527 6.26 31.19 -29.52
C PRO B 527 5.55 31.16 -28.17
N LYS B 528 6.32 31.28 -27.10
CA LYS B 528 5.79 31.32 -25.75
C LYS B 528 5.69 32.80 -25.34
N LYS B 529 4.51 33.38 -25.54
CA LYS B 529 4.30 34.80 -25.26
C LYS B 529 4.44 35.05 -23.77
N SER B 530 5.53 35.69 -23.38
CA SER B 530 5.75 36.01 -21.97
C SER B 530 4.78 37.10 -21.50
N THR B 531 4.56 37.15 -20.20
CA THR B 531 3.68 38.11 -19.57
C THR B 531 4.48 39.01 -18.64
N ASN B 532 3.86 40.12 -18.24
CA ASN B 532 4.50 41.04 -17.32
C ASN B 532 4.53 40.45 -15.91
N LEU B 533 5.57 40.79 -15.17
CA LEU B 533 5.77 40.30 -13.82
C LEU B 533 5.25 41.33 -12.81
N VAL B 534 4.69 40.82 -11.72
CA VAL B 534 4.19 41.66 -10.64
C VAL B 534 4.98 41.34 -9.37
N LYS B 535 5.04 42.31 -8.47
CA LYS B 535 5.76 42.18 -7.23
C LYS B 535 4.80 42.30 -6.05
N ASN B 536 5.19 41.69 -4.94
CA ASN B 536 4.43 41.71 -3.69
C ASN B 536 3.03 41.13 -3.86
N LYS B 537 2.85 40.26 -4.85
CA LYS B 537 1.59 39.56 -5.07
C LYS B 537 1.90 38.14 -5.49
N CYS B 538 1.51 37.17 -4.65
CA CYS B 538 1.71 35.77 -4.95
C CYS B 538 0.88 35.38 -6.15
N VAL B 539 1.54 34.86 -7.19
CA VAL B 539 0.87 34.50 -8.44
C VAL B 539 1.43 33.20 -8.93
N ASN B 540 0.63 32.52 -9.74
CA ASN B 540 1.01 31.25 -10.35
C ASN B 540 1.98 31.55 -11.49
N PHE B 541 3.28 31.46 -11.20
CA PHE B 541 4.30 31.79 -12.18
C PHE B 541 4.57 30.61 -13.12
N ASN B 542 4.94 30.93 -14.34
CA ASN B 542 5.30 29.92 -15.33
C ASN B 542 6.61 30.35 -15.99
N PHE B 543 7.71 29.76 -15.54
CA PHE B 543 9.04 30.11 -16.01
C PHE B 543 9.51 29.06 -17.02
N ASN B 544 10.80 29.13 -17.37
CA ASN B 544 11.34 28.30 -18.45
C ASN B 544 11.08 26.82 -18.22
N GLY B 545 11.50 26.29 -17.06
CA GLY B 545 11.41 24.87 -16.83
C GLY B 545 10.37 24.44 -15.82
N LEU B 546 10.16 25.26 -14.78
CA LEU B 546 9.27 24.88 -13.70
C LEU B 546 8.09 25.85 -13.64
N THR B 547 7.04 25.42 -12.95
CA THR B 547 5.87 26.22 -12.68
C THR B 547 5.59 26.19 -11.18
N GLY B 548 4.68 27.06 -10.74
CA GLY B 548 4.33 27.11 -9.34
C GLY B 548 3.69 28.44 -9.00
N THR B 549 3.37 28.58 -7.71
CA THR B 549 2.74 29.78 -7.18
C THR B 549 3.64 30.36 -6.10
N GLY B 550 3.98 31.64 -6.25
CA GLY B 550 4.84 32.29 -5.27
C GLY B 550 4.90 33.78 -5.51
N VAL B 551 5.68 34.45 -4.67
CA VAL B 551 5.85 35.89 -4.74
C VAL B 551 7.16 36.19 -5.47
N LEU B 552 7.10 37.08 -6.46
CA LEU B 552 8.27 37.53 -7.20
C LEU B 552 8.69 38.89 -6.68
N THR B 553 9.94 39.01 -6.28
CA THR B 553 10.44 40.26 -5.71
C THR B 553 11.90 40.44 -6.13
N GLU B 554 12.40 41.66 -5.92
CA GLU B 554 13.78 41.97 -6.24
C GLU B 554 14.72 41.20 -5.31
N SER B 555 15.73 40.57 -5.89
CA SER B 555 16.67 39.75 -5.15
C SER B 555 18.01 40.47 -5.00
N ASN B 556 18.90 39.85 -4.22
CA ASN B 556 20.24 40.39 -4.01
C ASN B 556 21.34 39.39 -4.36
N LYS B 557 20.99 38.18 -4.78
CA LYS B 557 21.99 37.19 -5.14
C LYS B 557 22.64 37.55 -6.47
N LYS B 558 23.89 37.11 -6.64
CA LYS B 558 24.68 37.38 -7.83
C LYS B 558 24.81 36.07 -8.61
N PHE B 559 23.87 35.83 -9.51
CA PHE B 559 23.92 34.64 -10.33
C PHE B 559 25.10 34.71 -11.32
N LEU B 560 25.57 33.53 -11.70
CA LEU B 560 26.63 33.44 -12.69
C LEU B 560 26.06 33.67 -14.09
N PRO B 561 26.89 34.09 -15.04
CA PRO B 561 26.36 34.44 -16.38
C PRO B 561 25.67 33.30 -17.11
N PHE B 562 25.63 32.10 -16.55
CA PHE B 562 24.99 30.96 -17.20
C PHE B 562 23.84 30.37 -16.41
N GLN B 563 23.88 30.46 -15.08
CA GLN B 563 22.87 29.82 -14.25
C GLN B 563 21.50 30.43 -14.49
N GLN B 564 20.50 29.56 -14.69
CA GLN B 564 19.13 29.98 -14.97
C GLN B 564 18.21 29.88 -13.75
N PHE B 565 18.35 28.84 -12.95
CA PHE B 565 17.49 28.62 -11.79
C PHE B 565 18.33 28.54 -10.53
N GLY B 566 17.71 28.85 -9.41
CA GLY B 566 18.33 28.69 -8.12
C GLY B 566 17.73 27.52 -7.35
N ARG B 567 18.39 27.14 -6.27
CA ARG B 567 17.92 26.03 -5.44
C ARG B 567 18.34 26.27 -4.00
N ASP B 568 17.45 25.92 -3.08
CA ASP B 568 17.75 26.01 -1.66
C ASP B 568 18.39 24.71 -1.18
N ILE B 569 18.47 24.55 0.14
CA ILE B 569 19.10 23.36 0.71
C ILE B 569 18.32 22.11 0.35
N ALA B 570 17.01 22.12 0.60
CA ALA B 570 16.18 20.94 0.39
C ALA B 570 15.56 20.89 -1.00
N ASP B 571 16.36 21.06 -2.05
CA ASP B 571 15.92 20.88 -3.44
C ASP B 571 14.66 21.67 -3.75
N THR B 572 14.61 22.91 -3.27
CA THR B 572 13.48 23.80 -3.48
C THR B 572 13.94 25.05 -4.21
N THR B 573 13.26 25.37 -5.31
CA THR B 573 13.60 26.55 -6.09
C THR B 573 13.26 27.82 -5.32
N ASP B 574 14.24 28.70 -5.18
CA ASP B 574 14.06 29.96 -4.47
C ASP B 574 14.33 31.19 -5.31
N ALA B 575 15.20 31.10 -6.31
CA ALA B 575 15.53 32.24 -7.16
C ALA B 575 15.56 31.80 -8.61
N VAL B 576 15.12 32.68 -9.51
CA VAL B 576 15.09 32.40 -10.93
C VAL B 576 15.45 33.66 -11.70
N ARG B 577 16.25 33.48 -12.74
CA ARG B 577 16.66 34.58 -13.62
C ARG B 577 15.58 34.78 -14.68
N ASP B 578 15.21 36.03 -14.93
CA ASP B 578 14.20 36.32 -15.93
C ASP B 578 14.71 35.92 -17.30
N PRO B 579 13.94 35.17 -18.08
CA PRO B 579 14.43 34.68 -19.38
C PRO B 579 14.47 35.73 -20.47
N GLN B 580 13.73 36.84 -20.32
CA GLN B 580 13.72 37.91 -21.31
C GLN B 580 14.75 38.99 -21.01
N THR B 581 14.68 39.58 -19.82
CA THR B 581 15.65 40.57 -19.39
C THR B 581 16.58 39.94 -18.35
N LEU B 582 17.83 40.39 -18.34
CA LEU B 582 18.83 39.82 -17.44
C LEU B 582 18.57 40.29 -16.01
N GLU B 583 17.51 39.79 -15.39
CA GLU B 583 17.15 40.14 -14.03
C GLU B 583 16.92 38.87 -13.21
N ILE B 584 17.14 38.98 -11.90
CA ILE B 584 17.00 37.85 -10.98
C ILE B 584 15.76 38.08 -10.15
N LEU B 585 14.92 37.05 -10.04
CA LEU B 585 13.66 37.12 -9.30
C LEU B 585 13.64 36.02 -8.26
N ASP B 586 13.04 36.30 -7.11
CA ASP B 586 12.92 35.32 -6.05
C ASP B 586 11.57 34.62 -6.11
N ILE B 587 11.49 33.48 -5.42
CA ILE B 587 10.28 32.68 -5.35
C ILE B 587 9.93 32.49 -3.88
N THR B 588 8.72 32.86 -3.51
CA THR B 588 8.23 32.70 -2.14
C THR B 588 6.73 32.44 -2.17
N PRO B 589 6.29 31.21 -1.88
CA PRO B 589 4.84 30.95 -1.81
C PRO B 589 4.19 31.76 -0.71
N CYS B 590 3.06 32.38 -1.03
CA CYS B 590 2.40 33.31 -0.11
C CYS B 590 1.60 32.53 0.95
N SER B 591 0.75 33.27 1.67
CA SER B 591 0.21 32.79 2.93
C SER B 591 -0.55 31.48 2.78
N PHE B 592 -0.29 30.56 3.72
CA PHE B 592 -1.05 29.32 3.85
C PHE B 592 -0.85 28.78 5.27
N GLY B 593 -1.91 28.24 5.84
CA GLY B 593 -1.88 27.84 7.24
C GLY B 593 -3.25 27.34 7.67
N GLY B 594 -3.23 26.51 8.71
CA GLY B 594 -4.44 25.90 9.19
C GLY B 594 -5.40 26.90 9.81
N VAL B 595 -6.68 26.69 9.53
CA VAL B 595 -7.75 27.46 10.15
C VAL B 595 -7.96 26.89 11.54
N SER B 596 -7.43 27.59 12.55
CA SER B 596 -7.55 27.18 13.93
C SER B 596 -8.58 28.07 14.63
N VAL B 597 -9.67 27.47 15.10
CA VAL B 597 -10.78 28.21 15.70
C VAL B 597 -10.72 28.05 17.21
N ILE B 598 -10.82 29.16 17.93
CA ILE B 598 -10.84 29.18 19.39
C ILE B 598 -12.28 29.41 19.83
N THR B 599 -12.88 28.38 20.42
CA THR B 599 -14.27 28.47 20.86
C THR B 599 -14.42 27.97 22.29
N PRO B 600 -15.24 28.62 23.10
CA PRO B 600 -15.55 28.09 24.43
C PRO B 600 -16.59 26.98 24.35
N GLY B 601 -17.05 26.52 25.50
CA GLY B 601 -18.06 25.47 25.51
C GLY B 601 -19.39 25.97 24.97
N THR B 602 -20.04 25.14 24.16
CA THR B 602 -21.34 25.51 23.61
C THR B 602 -22.41 25.62 24.70
N ASN B 603 -22.19 24.97 25.84
CA ASN B 603 -23.12 25.13 26.97
C ASN B 603 -23.07 26.55 27.52
N THR B 604 -21.97 27.26 27.31
CA THR B 604 -21.81 28.62 27.82
C THR B 604 -22.34 29.66 26.84
N SER B 605 -21.80 29.68 25.62
CA SER B 605 -22.21 30.67 24.62
C SER B 605 -21.89 30.14 23.24
N ASN B 606 -22.18 30.97 22.23
CA ASN B 606 -21.90 30.64 20.84
C ASN B 606 -20.93 31.61 20.19
N GLU B 607 -20.50 32.64 20.91
CA GLU B 607 -19.55 33.60 20.37
C GLU B 607 -18.16 32.98 20.34
N VAL B 608 -17.53 33.02 19.16
CA VAL B 608 -16.25 32.36 18.93
C VAL B 608 -15.24 33.38 18.45
N ALA B 609 -13.98 32.94 18.36
CA ALA B 609 -12.88 33.73 17.83
C ALA B 609 -12.09 32.87 16.86
N VAL B 610 -11.45 33.51 15.89
CA VAL B 610 -10.71 32.83 14.84
C VAL B 610 -9.24 33.17 14.97
N LEU B 611 -8.38 32.17 14.74
CA LEU B 611 -6.94 32.34 14.80
C LEU B 611 -6.35 32.11 13.40
N TYR B 612 -5.47 33.02 12.98
CA TYR B 612 -4.68 32.84 11.78
C TYR B 612 -3.22 32.73 12.17
N GLN B 613 -2.59 31.62 11.79
CA GLN B 613 -1.30 31.24 12.36
C GLN B 613 -0.14 31.82 11.58
N ASP B 614 0.83 32.38 12.30
CA ASP B 614 2.12 32.77 11.75
C ASP B 614 1.96 33.77 10.60
N VAL B 615 0.92 34.58 10.68
CA VAL B 615 0.65 35.58 9.65
C VAL B 615 0.18 36.87 10.30
N ASN B 616 0.76 37.99 9.86
CA ASN B 616 0.25 39.29 10.25
C ASN B 616 -0.88 39.67 9.30
N CYS B 617 -2.04 39.92 9.85
CA CYS B 617 -3.23 39.77 9.01
C CYS B 617 -3.54 40.99 8.18
N THR B 618 -2.53 41.77 7.85
CA THR B 618 -2.60 42.75 6.78
C THR B 618 -2.99 42.10 5.45
N GLU B 619 -2.64 40.82 5.27
CA GLU B 619 -2.85 40.15 3.99
C GLU B 619 -4.23 39.52 3.86
N VAL B 620 -4.83 39.08 4.96
CA VAL B 620 -6.11 38.37 4.88
C VAL B 620 -7.25 39.31 4.49
N ASN B 641 -11.86 44.95 16.16
CA ASN B 641 -11.31 44.01 17.13
C ASN B 641 -10.28 43.08 16.49
N VAL B 642 -9.11 43.63 16.18
CA VAL B 642 -8.00 42.88 15.60
C VAL B 642 -6.77 43.15 16.44
N PHE B 643 -6.09 42.08 16.86
CA PHE B 643 -4.90 42.17 17.67
C PHE B 643 -3.89 41.12 17.20
N GLN B 644 -2.61 41.48 17.25
CA GLN B 644 -1.54 40.66 16.71
C GLN B 644 -0.70 40.06 17.82
N THR B 645 -0.35 38.78 17.66
CA THR B 645 0.56 38.07 18.55
C THR B 645 1.72 37.55 17.74
N ARG B 646 2.67 36.90 18.43
CA ARG B 646 3.85 36.37 17.75
C ARG B 646 3.48 35.24 16.79
N ALA B 647 2.48 34.44 17.16
CA ALA B 647 2.07 33.33 16.30
C ALA B 647 1.01 33.74 15.28
N GLY B 648 0.61 35.00 15.27
CA GLY B 648 -0.37 35.49 14.32
C GLY B 648 -1.28 36.48 15.01
N CYS B 649 -2.20 37.06 14.23
CA CYS B 649 -3.16 38.02 14.78
C CYS B 649 -4.42 37.27 15.19
N LEU B 650 -4.98 37.66 16.33
CA LEU B 650 -6.18 37.02 16.88
C LEU B 650 -7.37 37.94 16.63
N ILE B 651 -8.37 37.41 15.94
CA ILE B 651 -9.59 38.16 15.63
C ILE B 651 -10.68 37.70 16.60
N GLY B 652 -11.27 38.65 17.31
CA GLY B 652 -12.32 38.36 18.26
C GLY B 652 -11.98 38.61 19.71
N ALA B 653 -10.71 38.91 20.01
CA ALA B 653 -10.28 39.18 21.38
C ALA B 653 -9.44 40.44 21.42
N GLU B 654 -9.57 41.19 22.51
CA GLU B 654 -8.80 42.41 22.71
C GLU B 654 -7.63 42.15 23.64
N HIS B 655 -6.52 42.84 23.41
CA HIS B 655 -5.38 42.74 24.30
C HIS B 655 -5.72 43.33 25.66
N VAL B 656 -5.26 42.65 26.72
CA VAL B 656 -5.60 43.02 28.08
C VAL B 656 -4.33 43.42 28.83
N ASN B 657 -4.43 44.45 29.66
CA ASN B 657 -3.33 44.82 30.54
C ASN B 657 -2.92 43.66 31.44
N ASN B 658 -3.83 43.21 32.30
CA ASN B 658 -3.50 42.20 33.29
C ASN B 658 -3.39 40.82 32.64
N SER B 659 -2.55 39.97 33.21
CA SER B 659 -2.42 38.60 32.75
C SER B 659 -3.19 37.66 33.67
N TYR B 660 -3.55 36.50 33.14
CA TYR B 660 -4.34 35.54 33.90
C TYR B 660 -3.80 34.14 33.62
N GLU B 661 -4.45 33.15 34.23
CA GLU B 661 -4.08 31.76 34.01
C GLU B 661 -4.46 31.34 32.59
N CYS B 662 -3.76 30.32 32.09
CA CYS B 662 -3.97 29.87 30.73
C CYS B 662 -5.14 28.90 30.67
N ASP B 663 -6.05 29.12 29.73
CA ASP B 663 -7.24 28.30 29.57
C ASP B 663 -7.26 27.52 28.26
N ILE B 664 -7.20 28.20 27.13
CA ILE B 664 -7.23 27.58 25.82
C ILE B 664 -5.98 28.02 25.06
N PRO B 665 -5.01 27.14 24.82
CA PRO B 665 -3.74 27.58 24.24
C PRO B 665 -3.92 28.07 22.81
N ILE B 666 -3.23 29.19 22.51
CA ILE B 666 -3.21 29.78 21.18
C ILE B 666 -1.83 29.72 20.56
N GLY B 667 -0.79 30.04 21.34
CA GLY B 667 0.58 29.96 20.85
C GLY B 667 1.43 31.17 21.22
N ALA B 668 2.72 30.92 21.45
CA ALA B 668 3.71 31.95 21.71
C ALA B 668 3.35 32.77 22.95
N GLY B 669 2.95 32.08 24.01
CA GLY B 669 2.64 32.73 25.27
C GLY B 669 1.29 33.41 25.33
N ILE B 670 0.48 33.30 24.29
CA ILE B 670 -0.85 33.91 24.26
C ILE B 670 -1.88 32.79 24.32
N CYS B 671 -2.86 32.94 25.22
CA CYS B 671 -3.99 32.03 25.28
C CYS B 671 -5.19 32.76 25.84
N ALA B 672 -6.38 32.34 25.40
CA ALA B 672 -7.61 33.07 25.64
C ALA B 672 -8.49 32.37 26.66
N SER B 673 -9.42 33.12 27.22
CA SER B 673 -10.38 32.60 28.19
C SER B 673 -11.66 33.40 28.10
N TYR B 674 -12.75 32.79 28.57
CA TYR B 674 -14.07 33.42 28.56
C TYR B 674 -14.35 33.96 29.96
N GLN B 675 -14.01 35.23 30.18
CA GLN B 675 -14.19 35.87 31.47
C GLN B 675 -14.85 37.22 31.29
N THR B 676 -15.42 37.72 32.38
CA THR B 676 -16.11 39.01 32.38
C THR B 676 -15.13 40.16 32.14
N SER B 689 -21.34 40.45 28.84
CA SER B 689 -20.44 40.47 29.98
C SER B 689 -19.17 39.68 29.71
N GLN B 690 -19.25 38.36 29.85
CA GLN B 690 -18.12 37.48 29.59
C GLN B 690 -17.83 37.43 28.10
N SER B 691 -16.54 37.56 27.77
CA SER B 691 -16.12 37.59 26.37
C SER B 691 -14.75 36.92 26.26
N ILE B 692 -14.27 36.80 25.03
CA ILE B 692 -12.98 36.20 24.75
C ILE B 692 -11.91 37.27 24.89
N ILE B 693 -10.98 37.07 25.82
CA ILE B 693 -9.90 38.01 26.09
C ILE B 693 -8.59 37.39 25.65
N ALA B 694 -7.69 38.24 25.16
CA ALA B 694 -6.35 37.83 24.77
C ALA B 694 -5.32 38.56 25.61
N TYR B 695 -4.28 37.85 26.02
CA TYR B 695 -3.28 38.41 26.91
C TYR B 695 -2.05 37.52 26.91
N THR B 696 -0.91 38.13 27.21
CA THR B 696 0.30 37.35 27.46
C THR B 696 0.09 36.51 28.72
N MET B 697 0.15 35.19 28.56
CA MET B 697 -0.20 34.29 29.65
C MET B 697 0.67 34.54 30.86
N SER B 698 0.08 34.36 32.04
CA SER B 698 0.81 34.49 33.30
C SER B 698 1.37 33.13 33.69
N LEU B 699 2.66 33.13 34.06
CA LEU B 699 3.31 31.94 34.58
C LEU B 699 3.01 31.72 36.05
N GLY B 700 1.99 32.37 36.57
CA GLY B 700 1.64 32.32 37.97
C GLY B 700 1.60 33.70 38.60
N ALA B 701 1.27 33.71 39.89
CA ALA B 701 1.26 34.96 40.63
C ALA B 701 2.68 35.50 40.77
N GLU B 702 2.88 36.74 40.33
CA GLU B 702 4.18 37.38 40.45
C GLU B 702 4.58 37.46 41.92
N ASN B 703 5.66 36.76 42.28
CA ASN B 703 6.07 36.65 43.66
C ASN B 703 7.56 36.95 43.77
N SER B 704 8.00 37.22 45.00
CA SER B 704 9.40 37.47 45.30
C SER B 704 9.71 36.90 46.68
N VAL B 705 10.97 36.54 46.89
CA VAL B 705 11.42 35.95 48.15
C VAL B 705 12.43 36.88 48.78
N ALA B 706 12.27 37.14 50.08
CA ALA B 706 13.15 38.04 50.81
C ALA B 706 14.27 37.23 51.47
N TYR B 707 15.29 36.92 50.67
CA TYR B 707 16.43 36.18 51.15
C TYR B 707 17.50 37.13 51.68
N SER B 708 17.92 36.92 52.92
CA SER B 708 18.92 37.77 53.55
C SER B 708 19.74 36.93 54.52
N ASN B 709 20.48 37.63 55.38
CA ASN B 709 21.33 36.98 56.38
C ASN B 709 20.55 36.11 57.35
N ASN B 710 19.42 36.60 57.88
CA ASN B 710 18.72 35.94 58.97
C ASN B 710 17.26 35.70 58.61
N SER B 711 16.97 35.54 57.32
CA SER B 711 15.60 35.37 56.84
C SER B 711 15.30 33.89 56.71
N ILE B 712 14.29 33.42 57.45
CA ILE B 712 13.88 32.03 57.40
C ILE B 712 12.45 31.94 57.90
N ALA B 713 11.70 30.97 57.36
CA ALA B 713 10.31 30.75 57.73
C ALA B 713 10.10 29.27 58.04
N ILE B 714 9.54 28.99 59.21
CA ILE B 714 9.21 27.64 59.63
C ILE B 714 7.73 27.62 59.99
N PRO B 715 6.89 26.89 59.26
CA PRO B 715 5.44 27.03 59.44
C PRO B 715 4.97 26.35 60.72
N THR B 716 3.84 26.85 61.26
CA THR B 716 3.29 26.34 62.51
C THR B 716 2.04 25.51 62.31
N ASN B 717 1.00 26.06 61.67
CA ASN B 717 -0.26 25.35 61.46
C ASN B 717 -0.31 24.86 60.03
N PHE B 718 -0.40 23.54 59.88
CA PHE B 718 -0.32 22.91 58.57
C PHE B 718 -1.71 22.46 58.14
N THR B 719 -1.77 21.91 56.93
CA THR B 719 -2.97 21.26 56.40
C THR B 719 -2.58 19.94 55.78
N ILE B 720 -3.59 19.15 55.42
CA ILE B 720 -3.39 17.86 54.77
C ILE B 720 -4.35 17.82 53.58
N SER B 721 -3.80 17.63 52.38
CA SER B 721 -4.59 17.57 51.17
C SER B 721 -4.48 16.19 50.53
N VAL B 722 -5.41 15.92 49.61
CA VAL B 722 -5.45 14.66 48.87
C VAL B 722 -5.58 15.02 47.39
N THR B 723 -4.66 14.51 46.59
CA THR B 723 -4.63 14.77 45.16
C THR B 723 -5.01 13.51 44.40
N THR B 724 -5.89 13.66 43.41
CA THR B 724 -6.38 12.54 42.63
C THR B 724 -5.47 12.35 41.40
N GLU B 725 -4.40 11.58 41.58
CA GLU B 725 -3.49 11.24 40.50
C GLU B 725 -4.09 10.08 39.72
N ILE B 726 -4.67 10.38 38.57
CA ILE B 726 -5.35 9.38 37.74
C ILE B 726 -4.40 8.99 36.62
N LEU B 727 -4.10 7.71 36.52
CA LEU B 727 -3.16 7.19 35.55
C LEU B 727 -3.80 6.07 34.74
N PRO B 728 -3.73 6.11 33.41
CA PRO B 728 -4.23 4.99 32.62
C PRO B 728 -3.37 3.76 32.82
N VAL B 729 -4.02 2.64 33.10
CA VAL B 729 -3.35 1.38 33.40
C VAL B 729 -3.38 0.44 32.20
N SER B 730 -4.57 0.16 31.67
CA SER B 730 -4.71 -0.74 30.54
C SER B 730 -5.66 -0.11 29.54
N MET B 731 -5.79 -0.78 28.40
CA MET B 731 -6.72 -0.38 27.35
C MET B 731 -7.66 -1.52 27.03
N THR B 732 -8.71 -1.20 26.29
CA THR B 732 -9.69 -2.20 25.89
C THR B 732 -9.00 -3.31 25.10
N LYS B 733 -9.23 -4.55 25.50
CA LYS B 733 -8.56 -5.70 24.88
C LYS B 733 -9.20 -5.97 23.51
N THR B 734 -8.88 -5.11 22.55
CA THR B 734 -9.41 -5.25 21.20
C THR B 734 -8.66 -6.35 20.46
N SER B 735 -9.39 -7.40 20.11
CA SER B 735 -8.85 -8.49 19.31
C SER B 735 -9.55 -8.49 17.96
N VAL B 736 -8.77 -8.33 16.90
CA VAL B 736 -9.32 -8.19 15.55
C VAL B 736 -8.81 -9.36 14.71
N ASP B 737 -9.74 -10.17 14.23
CA ASP B 737 -9.39 -11.28 13.35
C ASP B 737 -9.00 -10.73 11.99
N CYS B 738 -7.83 -11.16 11.49
CA CYS B 738 -7.29 -10.61 10.26
C CYS B 738 -8.26 -10.81 9.10
N THR B 739 -8.62 -12.07 8.81
CA THR B 739 -9.50 -12.35 7.68
C THR B 739 -10.87 -11.73 7.88
N MET B 740 -11.43 -11.87 9.09
CA MET B 740 -12.76 -11.34 9.37
C MET B 740 -12.84 -9.84 9.09
N TYR B 741 -11.85 -9.08 9.56
CA TYR B 741 -11.90 -7.64 9.31
C TYR B 741 -11.57 -7.32 7.85
N ILE B 742 -10.63 -8.03 7.26
CA ILE B 742 -10.20 -7.69 5.91
C ILE B 742 -11.26 -8.03 4.88
N CYS B 743 -11.57 -9.30 4.69
CA CYS B 743 -12.62 -9.72 3.78
C CYS B 743 -13.35 -10.96 4.30
N GLY B 744 -13.71 -10.94 5.58
CA GLY B 744 -14.39 -12.06 6.21
C GLY B 744 -15.51 -12.69 5.40
N ASP B 745 -15.61 -14.02 5.46
CA ASP B 745 -16.62 -14.81 4.76
C ASP B 745 -16.52 -14.63 3.24
N SER B 746 -15.34 -14.95 2.71
CA SER B 746 -15.11 -14.94 1.27
C SER B 746 -13.92 -15.83 0.96
N THR B 747 -14.18 -16.99 0.36
CA THR B 747 -13.11 -17.94 0.09
C THR B 747 -12.16 -17.43 -0.99
N GLU B 748 -12.70 -16.79 -2.02
CA GLU B 748 -11.85 -16.25 -3.08
C GLU B 748 -10.88 -15.21 -2.53
N CYS B 749 -11.37 -14.31 -1.67
CA CYS B 749 -10.50 -13.30 -1.10
C CYS B 749 -9.55 -13.89 -0.07
N SER B 750 -9.98 -14.94 0.63
CA SER B 750 -9.05 -15.63 1.53
C SER B 750 -7.88 -16.22 0.73
N ASN B 751 -8.18 -16.86 -0.40
CA ASN B 751 -7.13 -17.39 -1.25
C ASN B 751 -6.24 -16.28 -1.80
N LEU B 752 -6.84 -15.14 -2.18
CA LEU B 752 -6.03 -14.03 -2.67
C LEU B 752 -5.15 -13.45 -1.58
N LEU B 753 -5.62 -13.47 -0.34
CA LEU B 753 -4.82 -12.96 0.77
C LEU B 753 -3.68 -13.90 1.12
N LEU B 754 -3.90 -15.21 0.99
CA LEU B 754 -2.81 -16.16 1.20
C LEU B 754 -1.68 -15.97 0.19
N GLN B 755 -1.94 -15.30 -0.94
CA GLN B 755 -0.85 -14.96 -1.85
C GLN B 755 0.05 -13.87 -1.28
N TYR B 756 -0.44 -13.09 -0.31
CA TYR B 756 0.35 -12.08 0.38
C TYR B 756 1.18 -12.66 1.52
N GLY B 757 1.35 -13.98 1.56
CA GLY B 757 2.14 -14.58 2.61
C GLY B 757 1.43 -14.56 3.95
N SER B 758 2.16 -14.18 4.98
CA SER B 758 1.68 -14.24 6.36
C SER B 758 1.43 -12.86 6.95
N PHE B 759 0.97 -11.91 6.14
CA PHE B 759 0.75 -10.55 6.62
C PHE B 759 -0.26 -10.49 7.76
N CYS B 760 -1.49 -10.96 7.51
CA CYS B 760 -2.50 -10.88 8.55
C CYS B 760 -2.21 -11.83 9.70
N THR B 761 -1.41 -12.87 9.46
CA THR B 761 -0.99 -13.74 10.56
C THR B 761 -0.04 -13.00 11.50
N GLN B 762 0.91 -12.24 10.94
CA GLN B 762 1.75 -11.39 11.79
C GLN B 762 0.91 -10.34 12.51
N LEU B 763 -0.10 -9.80 11.84
CA LEU B 763 -0.97 -8.84 12.51
C LEU B 763 -1.72 -9.49 13.67
N ASN B 764 -2.24 -10.71 13.47
CA ASN B 764 -2.90 -11.42 14.56
C ASN B 764 -1.93 -11.70 15.70
N ARG B 765 -0.69 -12.05 15.36
CA ARG B 765 0.33 -12.29 16.38
C ARG B 765 0.57 -11.03 17.21
N ALA B 766 0.73 -9.89 16.53
CA ALA B 766 0.99 -8.65 17.24
C ALA B 766 -0.20 -8.24 18.10
N LEU B 767 -1.42 -8.44 17.59
CA LEU B 767 -2.60 -8.05 18.36
C LEU B 767 -2.80 -8.96 19.56
N THR B 768 -2.54 -10.26 19.39
CA THR B 768 -2.62 -11.17 20.53
C THR B 768 -1.53 -10.86 21.55
N GLY B 769 -0.38 -10.41 21.07
CA GLY B 769 0.67 -9.97 21.98
C GLY B 769 0.24 -8.77 22.79
N ILE B 770 -0.40 -7.79 22.13
CA ILE B 770 -0.93 -6.64 22.85
C ILE B 770 -1.98 -7.08 23.86
N ALA B 771 -2.82 -8.04 23.47
CA ALA B 771 -3.87 -8.51 24.36
C ALA B 771 -3.30 -9.17 25.61
N VAL B 772 -2.33 -10.07 25.43
CA VAL B 772 -1.75 -10.76 26.58
C VAL B 772 -0.91 -9.79 27.40
N GLU B 773 -0.33 -8.77 26.75
CA GLU B 773 0.40 -7.75 27.48
C GLU B 773 -0.52 -6.91 28.34
N GLN B 774 -1.76 -6.70 27.89
CA GLN B 774 -2.74 -6.01 28.72
C GLN B 774 -2.97 -6.76 30.02
N ASP B 775 -3.17 -8.07 29.93
CA ASP B 775 -3.38 -8.88 31.12
C ASP B 775 -2.12 -8.94 31.98
N LYS B 776 -0.95 -8.98 31.34
CA LYS B 776 0.30 -8.96 32.08
C LYS B 776 0.44 -7.67 32.88
N ASN B 777 0.15 -6.54 32.22
CA ASN B 777 0.14 -5.26 32.92
C ASN B 777 -0.81 -5.29 34.11
N THR B 778 -2.09 -5.59 33.85
CA THR B 778 -3.10 -5.64 34.90
C THR B 778 -2.65 -6.50 36.07
N GLN B 779 -2.12 -7.68 35.77
CA GLN B 779 -1.58 -8.56 36.80
C GLN B 779 -0.51 -7.86 37.62
N GLU B 780 0.56 -7.40 36.97
CA GLU B 780 1.70 -6.87 37.69
C GLU B 780 1.38 -5.55 38.41
N VAL B 781 0.26 -4.92 38.06
CA VAL B 781 -0.01 -3.59 38.60
C VAL B 781 -1.10 -3.66 39.67
N PHE B 782 -1.94 -4.70 39.63
CA PHE B 782 -3.01 -4.85 40.61
C PHE B 782 -2.71 -5.96 41.60
N ALA B 783 -2.44 -7.17 41.11
CA ALA B 783 -2.27 -8.32 42.00
C ALA B 783 -0.80 -8.47 42.40
N GLN B 784 -0.35 -7.51 43.20
CA GLN B 784 0.99 -7.56 43.78
C GLN B 784 0.99 -8.11 45.19
N VAL B 785 -0.18 -8.44 45.74
CA VAL B 785 -0.30 -9.08 47.05
C VAL B 785 -1.07 -10.37 46.87
N LYS B 786 -0.59 -11.44 47.50
CA LYS B 786 -1.19 -12.75 47.31
C LYS B 786 -2.41 -12.96 48.19
N GLN B 787 -2.38 -12.45 49.42
CA GLN B 787 -3.43 -12.70 50.40
C GLN B 787 -4.46 -11.58 50.36
N ILE B 788 -5.73 -11.97 50.32
CA ILE B 788 -6.84 -11.02 50.34
C ILE B 788 -7.23 -10.81 51.80
N TYR B 789 -7.23 -9.55 52.24
CA TYR B 789 -7.54 -9.21 53.62
C TYR B 789 -8.93 -8.62 53.74
N LYS B 790 -9.43 -8.56 54.97
CA LYS B 790 -10.75 -8.02 55.26
C LYS B 790 -10.73 -7.30 56.59
N THR B 791 -11.63 -6.34 56.74
CA THR B 791 -11.73 -5.59 57.99
C THR B 791 -12.71 -6.26 58.94
N PRO B 792 -12.45 -6.19 60.25
CA PRO B 792 -13.39 -6.76 61.23
C PRO B 792 -14.66 -5.92 61.29
N PRO B 793 -15.72 -6.45 61.92
CA PRO B 793 -16.94 -5.65 62.04
C PRO B 793 -16.74 -4.37 62.82
N ILE B 794 -15.78 -4.33 63.74
CA ILE B 794 -15.44 -3.11 64.46
C ILE B 794 -14.68 -2.20 63.51
N LYS B 795 -15.27 -1.06 63.16
CA LYS B 795 -14.67 -0.12 62.21
C LYS B 795 -13.85 0.96 62.89
N ASP B 796 -13.26 0.67 64.04
CA ASP B 796 -12.45 1.64 64.77
C ASP B 796 -11.13 1.83 64.04
N PHE B 797 -11.08 2.83 63.16
CA PHE B 797 -9.88 3.14 62.40
C PHE B 797 -9.18 4.40 62.89
N GLY B 798 -9.50 4.87 64.09
CA GLY B 798 -8.87 6.07 64.61
C GLY B 798 -9.71 7.32 64.49
N GLY B 799 -11.03 7.19 64.51
CA GLY B 799 -11.92 8.34 64.44
C GLY B 799 -12.36 8.71 63.05
N PHE B 800 -12.07 7.88 62.05
CA PHE B 800 -12.31 8.22 60.66
C PHE B 800 -13.62 7.57 60.19
N ASN B 801 -14.49 8.37 59.58
CA ASN B 801 -15.47 7.82 58.67
C ASN B 801 -14.75 7.38 57.40
N PHE B 802 -14.54 6.06 57.28
CA PHE B 802 -13.63 5.51 56.29
C PHE B 802 -14.35 4.63 55.27
N SER B 803 -15.67 4.49 55.40
CA SER B 803 -16.40 3.61 54.50
C SER B 803 -16.48 4.19 53.09
N GLN B 804 -16.08 5.44 52.91
CA GLN B 804 -16.13 6.05 51.58
C GLN B 804 -15.13 5.39 50.63
N ILE B 805 -14.02 4.88 51.16
CA ILE B 805 -13.07 4.13 50.35
C ILE B 805 -12.99 2.67 50.75
N LEU B 806 -13.63 2.26 51.84
CA LEU B 806 -13.76 0.85 52.14
C LEU B 806 -14.96 0.27 51.40
N PRO B 807 -14.77 -0.83 50.66
CA PRO B 807 -15.85 -1.34 49.81
C PRO B 807 -17.11 -1.67 50.61
N ASP B 808 -18.25 -1.22 50.07
CA ASP B 808 -19.54 -1.45 50.71
C ASP B 808 -20.17 -2.71 50.12
N PRO B 809 -20.42 -3.74 50.92
CA PRO B 809 -20.99 -4.99 50.36
C PRO B 809 -22.45 -4.87 49.96
N SER B 810 -23.03 -3.67 50.01
CA SER B 810 -24.43 -3.49 49.65
C SER B 810 -24.73 -3.85 48.21
N LYS B 811 -23.80 -3.64 47.29
CA LYS B 811 -24.02 -3.97 45.89
C LYS B 811 -23.60 -5.40 45.60
N SER B 813 -21.14 -6.89 44.33
CA SER B 813 -19.98 -6.09 44.00
C SER B 813 -19.52 -5.28 45.21
N LYS B 814 -18.33 -5.63 45.73
CA LYS B 814 -17.76 -4.95 46.89
C LYS B 814 -17.06 -3.69 46.42
N ARG B 815 -17.81 -2.59 46.40
CA ARG B 815 -17.29 -1.29 46.02
C ARG B 815 -17.70 -0.25 47.04
N SER B 816 -16.80 0.70 47.28
CA SER B 816 -16.98 1.74 48.28
C SER B 816 -17.86 2.87 47.74
N PHE B 817 -17.91 3.97 48.49
CA PHE B 817 -18.65 5.14 48.04
C PHE B 817 -17.89 5.88 46.95
N ILE B 818 -16.60 6.16 47.19
CA ILE B 818 -15.78 6.76 46.14
C ILE B 818 -15.63 5.80 44.97
N GLU B 819 -15.60 4.50 45.26
CA GLU B 819 -15.56 3.51 44.19
C GLU B 819 -16.84 3.55 43.37
N ASP B 820 -17.99 3.71 44.04
CA ASP B 820 -19.26 3.85 43.33
C ASP B 820 -19.25 5.09 42.46
N LEU B 821 -18.77 6.21 42.99
CA LEU B 821 -18.69 7.43 42.19
C LEU B 821 -17.77 7.24 40.98
N LEU B 822 -16.68 6.49 41.16
CA LEU B 822 -15.74 6.28 40.06
C LEU B 822 -16.24 5.22 39.10
N PHE B 823 -17.29 4.48 39.47
CA PHE B 823 -17.82 3.47 38.57
C PHE B 823 -19.03 4.00 37.79
N ASN B 824 -19.88 4.80 38.43
CA ASN B 824 -21.05 5.31 37.73
C ASN B 824 -20.77 6.59 36.97
N LYS B 825 -20.16 7.58 37.61
CA LYS B 825 -19.79 8.82 36.95
C LYS B 825 -18.71 8.61 35.88
N VAL B 826 -18.04 7.46 35.90
CA VAL B 826 -17.10 7.06 34.86
C VAL B 826 -17.62 5.77 34.24
N THR B 827 -18.39 5.90 33.16
CA THR B 827 -19.01 4.75 32.53
C THR B 827 -18.02 4.04 31.61
N LYS B 854 -18.48 -3.64 15.41
CA LYS B 854 -19.18 -4.40 16.44
C LYS B 854 -19.38 -5.85 16.01
N PHE B 855 -19.50 -6.06 14.69
CA PHE B 855 -19.67 -7.40 14.16
C PHE B 855 -18.82 -7.64 12.91
N ASN B 856 -17.80 -6.81 12.69
CA ASN B 856 -16.94 -6.93 11.52
C ASN B 856 -15.59 -7.55 11.89
N GLY B 857 -15.62 -8.52 12.80
CA GLY B 857 -14.42 -9.21 13.22
C GLY B 857 -13.74 -8.61 14.44
N LEU B 858 -14.09 -7.40 14.84
CA LEU B 858 -13.51 -6.77 16.02
C LEU B 858 -14.20 -7.36 17.25
N THR B 859 -13.41 -7.90 18.18
CA THR B 859 -13.91 -8.47 19.41
C THR B 859 -13.24 -7.78 20.59
N VAL B 860 -13.98 -7.69 21.70
CA VAL B 860 -13.48 -7.14 22.94
C VAL B 860 -13.33 -8.30 23.91
N LEU B 861 -12.13 -8.87 23.98
CA LEU B 861 -11.89 -9.99 24.87
C LEU B 861 -12.02 -9.53 26.31
N PRO B 862 -12.79 -10.24 27.15
CA PRO B 862 -12.94 -9.82 28.53
C PRO B 862 -11.60 -9.92 29.26
N PRO B 863 -11.33 -9.00 30.17
CA PRO B 863 -10.07 -9.07 30.91
C PRO B 863 -10.02 -10.29 31.82
N LEU B 864 -8.81 -10.81 32.01
CA LEU B 864 -8.63 -11.94 32.90
C LEU B 864 -9.11 -11.60 34.31
N LEU B 865 -9.00 -10.34 34.71
CA LEU B 865 -9.51 -9.87 35.99
C LEU B 865 -10.76 -9.03 35.72
N THR B 866 -11.91 -9.55 36.12
CA THR B 866 -13.18 -8.88 35.87
C THR B 866 -13.30 -7.62 36.73
N ASP B 867 -14.43 -6.94 36.60
CA ASP B 867 -14.68 -5.74 37.39
C ASP B 867 -14.78 -6.08 38.87
N GLU B 868 -15.57 -7.10 39.21
CA GLU B 868 -15.73 -7.48 40.61
C GLU B 868 -14.41 -7.99 41.20
N MET B 869 -13.65 -8.75 40.41
CA MET B 869 -12.39 -9.29 40.92
C MET B 869 -11.35 -8.19 41.08
N ILE B 870 -11.34 -7.21 40.17
CA ILE B 870 -10.40 -6.10 40.31
C ILE B 870 -10.79 -5.22 41.48
N ALA B 871 -12.09 -5.12 41.75
CA ALA B 871 -12.55 -4.41 42.95
C ALA B 871 -12.10 -5.15 44.20
N GLN B 872 -12.18 -6.47 44.19
CA GLN B 872 -11.69 -7.25 45.32
C GLN B 872 -10.18 -7.09 45.50
N TYR B 873 -9.45 -7.02 44.40
CA TYR B 873 -8.01 -6.80 44.47
C TYR B 873 -7.69 -5.45 45.10
N THR B 874 -8.33 -4.39 44.60
CA THR B 874 -8.11 -3.07 45.18
C THR B 874 -8.52 -3.03 46.65
N SER B 875 -9.60 -3.74 46.99
CA SER B 875 -10.03 -3.84 48.39
C SER B 875 -8.94 -4.47 49.24
N ALA B 876 -8.41 -5.61 48.80
CA ALA B 876 -7.33 -6.26 49.53
C ALA B 876 -6.14 -5.33 49.69
N LEU B 877 -5.74 -4.66 48.61
CA LEU B 877 -4.60 -3.76 48.67
C LEU B 877 -4.80 -2.66 49.71
N LEU B 878 -5.92 -1.93 49.60
CA LEU B 878 -6.13 -0.80 50.51
C LEU B 878 -6.35 -1.28 51.94
N ALA B 879 -6.97 -2.44 52.12
CA ALA B 879 -7.20 -2.96 53.46
C ALA B 879 -5.89 -3.37 54.12
N GLY B 880 -5.07 -4.15 53.41
CA GLY B 880 -3.76 -4.47 53.93
C GLY B 880 -2.93 -3.24 54.23
N THR B 881 -3.03 -2.22 53.37
CA THR B 881 -2.35 -0.95 53.64
C THR B 881 -2.81 -0.37 54.97
N ILE B 882 -4.10 -0.04 55.07
CA ILE B 882 -4.61 0.67 56.24
C ILE B 882 -4.52 -0.17 57.50
N THR B 883 -4.30 -1.48 57.36
CA THR B 883 -4.22 -2.34 58.53
C THR B 883 -2.81 -2.71 58.95
N SER B 884 -1.83 -2.66 58.05
CA SER B 884 -0.49 -3.13 58.38
C SER B 884 0.64 -2.24 57.88
N GLY B 885 0.37 -1.06 57.37
CA GLY B 885 1.45 -0.20 56.90
C GLY B 885 2.13 -0.81 55.70
N TRP B 886 3.41 -1.10 55.84
CA TRP B 886 4.23 -1.65 54.76
C TRP B 886 4.59 -3.11 54.96
N THR B 887 4.23 -3.70 56.11
CA THR B 887 4.64 -5.07 56.39
C THR B 887 3.91 -6.06 55.48
N PHE B 888 2.66 -5.75 55.12
CA PHE B 888 1.92 -6.65 54.24
C PHE B 888 2.54 -6.70 52.85
N GLY B 889 3.23 -5.63 52.45
CA GLY B 889 3.91 -5.62 51.18
C GLY B 889 5.31 -6.21 51.27
N ALA B 890 5.96 -6.02 52.43
CA ALA B 890 7.32 -6.51 52.60
C ALA B 890 7.37 -7.98 52.98
N GLY B 891 6.26 -8.57 53.41
CA GLY B 891 6.25 -9.95 53.84
C GLY B 891 4.98 -10.32 54.58
N ALA B 892 5.12 -10.92 55.75
CA ALA B 892 3.95 -11.23 56.57
C ALA B 892 3.28 -9.96 57.05
N ALA B 893 1.96 -9.91 56.93
CA ALA B 893 1.20 -8.71 57.30
C ALA B 893 1.18 -8.57 58.81
N LEU B 894 1.94 -7.59 59.33
CA LEU B 894 1.97 -7.30 60.75
C LEU B 894 0.98 -6.17 61.01
N GLN B 895 -0.16 -6.50 61.61
CA GLN B 895 -1.17 -5.49 61.87
C GLN B 895 -0.67 -4.51 62.93
N ILE B 896 -1.01 -3.23 62.73
CA ILE B 896 -0.57 -2.16 63.62
C ILE B 896 -1.68 -1.13 63.74
N PRO B 897 -1.81 -0.52 64.93
CA PRO B 897 -2.80 0.54 65.09
C PRO B 897 -2.53 1.70 64.14
N PHE B 898 -3.63 2.29 63.65
CA PHE B 898 -3.50 3.36 62.67
C PHE B 898 -2.84 4.60 63.25
N ALA B 899 -3.02 4.84 64.55
CA ALA B 899 -2.37 5.97 65.20
C ALA B 899 -0.85 5.86 65.12
N MET B 900 -0.30 4.71 65.53
CA MET B 900 1.14 4.55 65.46
C MET B 900 1.61 4.37 64.02
N GLN B 901 0.75 3.92 63.11
CA GLN B 901 1.11 3.91 61.70
C GLN B 901 1.32 5.32 61.18
N MET B 902 0.39 6.23 61.49
CA MET B 902 0.57 7.63 61.14
C MET B 902 1.76 8.24 61.87
N ALA B 903 2.04 7.79 63.08
CA ALA B 903 3.25 8.25 63.77
C ALA B 903 4.49 7.86 62.99
N TYR B 904 4.54 6.62 62.50
CA TYR B 904 5.66 6.19 61.65
C TYR B 904 5.74 7.01 60.38
N ARG B 905 4.60 7.27 59.75
CA ARG B 905 4.59 8.05 58.52
C ARG B 905 5.15 9.44 58.75
N PHE B 906 4.74 10.09 59.85
CA PHE B 906 5.27 11.41 60.19
C PHE B 906 6.76 11.33 60.49
N ASN B 907 7.20 10.27 61.17
CA ASN B 907 8.63 10.07 61.38
C ASN B 907 9.36 9.89 60.06
N GLY B 908 8.65 9.48 59.02
CA GLY B 908 9.24 9.31 57.71
C GLY B 908 9.47 10.58 56.92
N ILE B 909 8.96 11.72 57.39
CA ILE B 909 9.14 12.99 56.70
C ILE B 909 9.80 14.03 57.59
N GLY B 910 10.35 13.60 58.72
CA GLY B 910 11.13 14.50 59.57
C GLY B 910 10.34 15.27 60.59
N VAL B 911 9.15 14.82 60.97
CA VAL B 911 8.36 15.45 62.02
C VAL B 911 8.06 14.42 63.10
N THR B 912 8.06 14.86 64.35
CA THR B 912 7.97 13.95 65.48
C THR B 912 6.50 13.60 65.78
N GLN B 913 6.30 12.40 66.32
CA GLN B 913 4.97 11.90 66.65
C GLN B 913 4.32 12.64 67.81
N ASN B 914 5.08 13.45 68.55
CA ASN B 914 4.50 14.16 69.68
C ASN B 914 3.44 15.15 69.23
N VAL B 915 3.70 15.85 68.12
CA VAL B 915 2.72 16.80 67.61
C VAL B 915 1.48 16.07 67.10
N LEU B 916 1.67 14.91 66.48
CA LEU B 916 0.53 14.12 66.03
C LEU B 916 -0.34 13.70 67.21
N TYR B 917 0.29 13.21 68.27
CA TYR B 917 -0.50 12.73 69.40
C TYR B 917 -1.09 13.88 70.21
N GLU B 918 -0.52 15.07 70.11
CA GLU B 918 -1.13 16.24 70.72
C GLU B 918 -2.33 16.76 69.94
N ASN B 919 -2.22 16.90 68.62
CA ASN B 919 -3.32 17.41 67.79
C ASN B 919 -3.99 16.29 66.99
N GLN B 920 -4.09 15.10 67.58
CA GLN B 920 -4.86 14.02 66.97
C GLN B 920 -6.28 14.46 66.63
N LYS B 921 -6.89 15.28 67.49
CA LYS B 921 -8.23 15.78 67.20
C LYS B 921 -8.24 16.61 65.93
N LEU B 922 -7.32 17.57 65.84
CA LEU B 922 -7.24 18.43 64.67
C LEU B 922 -6.96 17.64 63.40
N ILE B 923 -6.05 16.66 63.48
CA ILE B 923 -5.66 15.93 62.28
C ILE B 923 -6.78 14.97 61.86
N ALA B 924 -7.49 14.38 62.83
CA ALA B 924 -8.58 13.49 62.48
C ALA B 924 -9.73 14.26 61.85
N ASN B 925 -10.03 15.44 62.40
CA ASN B 925 -11.07 16.28 61.80
C ASN B 925 -10.63 16.77 60.43
N GLN B 926 -9.34 17.10 60.27
CA GLN B 926 -8.85 17.54 58.98
C GLN B 926 -8.92 16.42 57.95
N PHE B 927 -8.61 15.19 58.35
CA PHE B 927 -8.68 14.07 57.41
C PHE B 927 -10.13 13.75 57.06
N ASN B 928 -11.04 13.86 58.03
CA ASN B 928 -12.45 13.60 57.75
C ASN B 928 -13.00 14.66 56.79
N SER B 929 -12.76 15.95 57.09
CA SER B 929 -13.21 17.01 56.21
C SER B 929 -12.47 16.96 54.87
N ALA B 930 -11.29 16.36 54.84
CA ALA B 930 -10.55 16.28 53.59
C ALA B 930 -11.09 15.16 52.71
N ILE B 931 -11.46 14.04 53.30
CA ILE B 931 -12.11 12.99 52.52
C ILE B 931 -13.50 13.46 52.08
N GLY B 932 -14.13 14.34 52.88
CA GLY B 932 -15.37 14.94 52.44
C GLY B 932 -15.18 15.91 51.29
N LYS B 933 -14.10 16.68 51.32
CA LYS B 933 -13.76 17.54 50.20
C LYS B 933 -13.42 16.71 48.96
N ILE B 934 -12.84 15.53 49.16
CA ILE B 934 -12.56 14.63 48.05
C ILE B 934 -13.87 14.11 47.46
N GLN B 935 -14.82 13.76 48.33
CA GLN B 935 -16.17 13.45 47.86
C GLN B 935 -16.73 14.59 47.01
N ASP B 936 -16.69 15.81 47.55
CA ASP B 936 -17.22 16.97 46.85
C ASP B 936 -16.58 17.12 45.47
N SER B 937 -15.25 17.07 45.41
CA SER B 937 -14.55 17.26 44.15
C SER B 937 -14.87 16.13 43.16
N LEU B 938 -14.59 14.89 43.55
CA LEU B 938 -14.79 13.77 42.63
C LEU B 938 -16.26 13.54 42.32
N SER B 939 -17.17 14.27 42.98
CA SER B 939 -18.58 14.16 42.64
C SER B 939 -19.03 15.31 41.75
N SER B 940 -18.49 16.50 41.97
CA SER B 940 -18.93 17.67 41.20
C SER B 940 -18.11 17.81 39.91
N THR B 941 -16.79 17.88 40.03
CA THR B 941 -15.91 18.08 38.89
C THR B 941 -15.35 16.75 38.43
N ALA B 942 -15.46 16.50 37.13
CA ALA B 942 -14.93 15.29 36.52
C ALA B 942 -13.72 15.55 35.63
N SER B 943 -13.07 16.71 35.79
CA SER B 943 -11.93 17.04 34.94
C SER B 943 -10.70 16.22 35.27
N ALA B 944 -10.66 15.59 36.45
CA ALA B 944 -9.53 14.73 36.78
C ALA B 944 -9.53 13.46 35.95
N LEU B 945 -10.67 13.13 35.34
CA LEU B 945 -10.81 11.96 34.49
C LEU B 945 -10.26 12.18 33.10
N GLY B 946 -9.43 13.21 32.92
CA GLY B 946 -8.98 13.56 31.58
C GLY B 946 -8.17 12.47 30.92
N LYS B 947 -7.22 11.88 31.66
CA LYS B 947 -6.34 10.88 31.08
C LYS B 947 -7.11 9.62 30.71
N LEU B 948 -7.98 9.15 31.62
CA LEU B 948 -8.75 7.94 31.33
C LEU B 948 -9.71 8.15 30.18
N GLN B 949 -10.44 9.28 30.18
CA GLN B 949 -11.35 9.56 29.09
C GLN B 949 -10.59 9.73 27.78
N ASP B 950 -9.37 10.28 27.84
CA ASP B 950 -8.58 10.45 26.63
C ASP B 950 -8.15 9.10 26.08
N VAL B 951 -7.73 8.18 26.95
CA VAL B 951 -7.36 6.84 26.48
C VAL B 951 -8.57 6.13 25.89
N VAL B 952 -9.72 6.23 26.56
CA VAL B 952 -10.92 5.56 26.08
C VAL B 952 -11.34 6.13 24.74
N ASN B 953 -11.32 7.46 24.61
CA ASN B 953 -11.71 8.09 23.35
C ASN B 953 -10.70 7.79 22.25
N GLN B 954 -9.42 7.64 22.62
CA GLN B 954 -8.40 7.25 21.65
C GLN B 954 -8.70 5.87 21.09
N ASN B 955 -8.97 4.92 21.97
CA ASN B 955 -9.33 3.57 21.52
C ASN B 955 -10.60 3.60 20.68
N ALA B 956 -11.57 4.43 21.08
CA ALA B 956 -12.84 4.49 20.36
C ALA B 956 -12.65 5.08 18.97
N GLN B 957 -11.89 6.17 18.86
CA GLN B 957 -11.63 6.76 17.56
C GLN B 957 -10.79 5.84 16.69
N ALA B 958 -9.87 5.07 17.30
CA ALA B 958 -9.11 4.10 16.53
C ALA B 958 -10.01 3.03 15.94
N LEU B 959 -10.91 2.48 16.77
CA LEU B 959 -11.83 1.46 16.29
C LEU B 959 -12.77 2.03 15.24
N ASN B 960 -13.22 3.27 15.43
CA ASN B 960 -14.15 3.88 14.48
C ASN B 960 -13.46 4.17 13.16
N THR B 961 -12.20 4.59 13.21
CA THR B 961 -11.41 4.75 11.98
C THR B 961 -11.24 3.42 11.27
N LEU B 962 -10.95 2.37 12.04
CA LEU B 962 -10.82 1.04 11.44
C LEU B 962 -12.11 0.62 10.76
N VAL B 963 -13.25 0.90 11.39
CA VAL B 963 -14.53 0.53 10.81
C VAL B 963 -14.80 1.34 9.56
N LYS B 964 -14.60 2.66 9.63
CA LYS B 964 -14.86 3.53 8.49
C LYS B 964 -13.90 3.28 7.34
N GLN B 965 -12.76 2.64 7.59
CA GLN B 965 -11.92 2.21 6.49
C GLN B 965 -12.68 1.27 5.56
N LEU B 966 -13.47 0.36 6.12
CA LEU B 966 -14.33 -0.48 5.30
C LEU B 966 -15.36 0.36 4.54
N SER B 967 -15.78 1.47 5.14
CA SER B 967 -16.69 2.38 4.45
C SER B 967 -16.00 3.10 3.29
N SER B 968 -14.68 3.23 3.33
CA SER B 968 -13.95 3.85 2.23
C SER B 968 -13.78 2.84 1.09
N ASN B 969 -13.36 3.36 -0.07
CA ASN B 969 -13.16 2.52 -1.24
C ASN B 969 -11.72 2.12 -1.46
N PHE B 970 -10.76 2.91 -0.96
CA PHE B 970 -9.34 2.68 -1.20
C PHE B 970 -9.05 2.59 -2.71
N GLY B 971 -9.77 3.41 -3.49
CA GLY B 971 -9.62 3.40 -4.93
C GLY B 971 -10.42 2.34 -5.64
N ALA B 972 -11.10 1.46 -4.92
CA ALA B 972 -11.91 0.43 -5.56
C ALA B 972 -13.25 1.01 -6.02
N ILE B 973 -13.92 0.26 -6.89
CA ILE B 973 -15.19 0.70 -7.44
C ILE B 973 -16.33 0.58 -6.44
N SER B 974 -16.13 -0.10 -5.32
CA SER B 974 -17.14 -0.22 -4.29
C SER B 974 -16.46 -0.45 -2.95
N SER B 975 -17.21 -0.18 -1.88
CA SER B 975 -16.69 -0.30 -0.53
C SER B 975 -17.14 -1.57 0.18
N VAL B 976 -18.00 -2.36 -0.44
CA VAL B 976 -18.53 -3.58 0.17
C VAL B 976 -17.92 -4.78 -0.53
N LEU B 977 -17.33 -5.69 0.26
CA LEU B 977 -16.71 -6.88 -0.30
C LEU B 977 -17.74 -7.74 -1.03
N ASN B 978 -18.91 -7.94 -0.43
CA ASN B 978 -19.94 -8.73 -1.07
C ASN B 978 -20.45 -8.07 -2.34
N ASP B 979 -20.50 -6.73 -2.34
CA ASP B 979 -20.88 -6.01 -3.56
C ASP B 979 -19.84 -6.22 -4.66
N ILE B 980 -18.56 -6.20 -4.30
CA ILE B 980 -17.50 -6.47 -5.28
C ILE B 980 -17.64 -7.89 -5.82
N LEU B 981 -17.89 -8.85 -4.93
CA LEU B 981 -17.96 -10.25 -5.34
C LEU B 981 -19.15 -10.51 -6.26
N SER B 982 -20.32 -9.99 -5.89
CA SER B 982 -21.53 -10.26 -6.67
C SER B 982 -21.55 -9.57 -8.02
N ARG B 983 -20.55 -8.75 -8.33
CA ARG B 983 -20.53 -8.00 -9.58
C ARG B 983 -19.40 -8.40 -10.52
N LEU B 984 -18.22 -8.73 -10.00
CA LEU B 984 -17.04 -8.91 -10.81
C LEU B 984 -16.67 -10.38 -10.93
N ASP B 985 -16.40 -10.81 -12.16
CA ASP B 985 -15.87 -12.14 -12.40
C ASP B 985 -14.44 -12.22 -11.88
N PRO B 986 -13.95 -13.43 -11.59
CA PRO B 986 -12.60 -13.58 -11.01
C PRO B 986 -11.52 -12.84 -11.79
N PRO B 987 -11.48 -12.92 -13.13
CA PRO B 987 -10.33 -12.32 -13.86
C PRO B 987 -10.06 -10.85 -13.56
N GLU B 988 -11.07 -10.08 -13.16
CA GLU B 988 -10.87 -8.69 -12.77
C GLU B 988 -11.15 -8.42 -11.30
N ALA B 989 -12.00 -9.26 -10.69
CA ALA B 989 -12.18 -9.20 -9.25
C ALA B 989 -10.88 -9.47 -8.53
N GLU B 990 -9.97 -10.22 -9.15
CA GLU B 990 -8.65 -10.42 -8.55
C GLU B 990 -7.92 -9.10 -8.37
N VAL B 991 -7.91 -8.27 -9.40
CA VAL B 991 -7.20 -6.99 -9.32
C VAL B 991 -7.94 -6.02 -8.41
N GLN B 992 -9.28 -6.00 -8.51
CA GLN B 992 -10.06 -5.10 -7.66
C GLN B 992 -9.90 -5.46 -6.19
N ILE B 993 -9.99 -6.75 -5.86
CA ILE B 993 -9.78 -7.20 -4.50
C ILE B 993 -8.33 -6.99 -4.09
N ASP B 994 -7.40 -7.06 -5.03
CA ASP B 994 -6.01 -6.76 -4.70
C ASP B 994 -5.87 -5.32 -4.23
N ARG B 995 -6.49 -4.37 -4.95
CA ARG B 995 -6.47 -2.98 -4.52
C ARG B 995 -7.15 -2.82 -3.16
N LEU B 996 -8.32 -3.43 -3.00
CA LEU B 996 -9.07 -3.29 -1.75
C LEU B 996 -8.29 -3.85 -0.57
N ILE B 997 -7.68 -5.02 -0.75
CA ILE B 997 -6.95 -5.66 0.34
C ILE B 997 -5.66 -4.91 0.63
N THR B 998 -5.03 -4.35 -0.42
CA THR B 998 -3.87 -3.50 -0.20
C THR B 998 -4.23 -2.32 0.69
N GLY B 999 -5.33 -1.64 0.34
CA GLY B 999 -5.76 -0.51 1.16
C GLY B 999 -6.12 -0.91 2.58
N ARG B 1000 -6.87 -2.00 2.72
CA ARG B 1000 -7.34 -2.42 4.04
C ARG B 1000 -6.18 -2.94 4.89
N LEU B 1001 -5.20 -3.59 4.26
CA LEU B 1001 -4.05 -4.08 4.99
C LEU B 1001 -3.13 -2.94 5.39
N GLN B 1002 -3.03 -1.91 4.54
CA GLN B 1002 -2.27 -0.73 4.91
C GLN B 1002 -2.94 0.00 6.07
N SER B 1003 -4.27 0.04 6.07
CA SER B 1003 -4.98 0.66 7.17
C SER B 1003 -4.80 -0.14 8.45
N LEU B 1004 -4.89 -1.47 8.36
CA LEU B 1004 -4.62 -2.29 9.54
C LEU B 1004 -3.19 -2.13 10.02
N GLN B 1005 -2.26 -1.90 9.09
CA GLN B 1005 -0.86 -1.74 9.48
C GLN B 1005 -0.66 -0.43 10.24
N THR B 1006 -1.23 0.65 9.71
CA THR B 1006 -1.23 1.92 10.43
C THR B 1006 -1.89 1.76 11.79
N TYR B 1007 -2.99 1.00 11.84
CA TYR B 1007 -3.72 0.83 13.09
C TYR B 1007 -2.91 0.05 14.11
N VAL B 1008 -2.24 -1.02 13.68
CA VAL B 1008 -1.51 -1.85 14.62
C VAL B 1008 -0.23 -1.14 15.06
N THR B 1009 0.33 -0.30 14.19
CA THR B 1009 1.49 0.48 14.60
C THR B 1009 1.09 1.55 15.62
N GLN B 1010 -0.04 2.22 15.37
CA GLN B 1010 -0.54 3.17 16.35
C GLN B 1010 -0.89 2.47 17.65
N GLN B 1011 -1.49 1.30 17.58
CA GLN B 1011 -1.84 0.54 18.78
C GLN B 1011 -0.58 0.08 19.51
N LEU B 1012 0.47 -0.25 18.76
CA LEU B 1012 1.71 -0.71 19.37
C LEU B 1012 2.42 0.43 20.08
N ILE B 1013 2.47 1.62 19.45
CA ILE B 1013 3.13 2.74 20.11
C ILE B 1013 2.29 3.24 21.28
N ARG B 1014 0.97 3.23 21.14
CA ARG B 1014 0.11 3.62 22.25
C ARG B 1014 0.18 2.59 23.37
N ALA B 1015 0.37 1.32 23.04
CA ALA B 1015 0.50 0.28 24.05
C ALA B 1015 1.86 0.36 24.73
N ALA B 1016 2.88 0.79 23.99
CA ALA B 1016 4.18 1.05 24.62
C ALA B 1016 4.08 2.21 25.59
N GLU B 1017 3.37 3.27 25.21
CA GLU B 1017 3.14 4.37 26.14
C GLU B 1017 2.33 3.92 27.34
N ILE B 1018 1.30 3.11 27.10
CA ILE B 1018 0.45 2.61 28.18
C ILE B 1018 1.24 1.71 29.11
N ARG B 1019 2.17 0.92 28.54
CA ARG B 1019 2.95 0.00 29.36
C ARG B 1019 4.03 0.74 30.14
N ALA B 1020 4.56 1.82 29.57
CA ALA B 1020 5.46 2.68 30.34
C ALA B 1020 4.72 3.32 31.50
N SER B 1021 3.54 3.89 31.24
CA SER B 1021 2.74 4.46 32.32
C SER B 1021 2.27 3.38 33.29
N ALA B 1022 2.18 2.13 32.82
CA ALA B 1022 1.72 1.05 33.68
C ALA B 1022 2.82 0.56 34.60
N ASN B 1023 4.06 0.50 34.09
CA ASN B 1023 5.19 0.23 34.96
C ASN B 1023 5.37 1.39 35.94
N LEU B 1024 5.13 2.62 35.48
CA LEU B 1024 5.12 3.75 36.40
C LEU B 1024 4.07 3.58 37.49
N ALA B 1025 2.86 3.17 37.11
CA ALA B 1025 1.79 2.99 38.10
C ALA B 1025 2.10 1.83 39.02
N ALA B 1026 2.79 0.80 38.51
CA ALA B 1026 3.14 -0.35 39.34
C ALA B 1026 4.18 0.03 40.39
N THR B 1027 5.26 0.67 39.96
CA THR B 1027 6.26 1.13 40.93
C THR B 1027 5.66 2.18 41.85
N LYS B 1028 4.69 2.95 41.36
CA LYS B 1028 4.06 3.96 42.20
C LYS B 1028 3.17 3.32 43.25
N MET B 1029 2.45 2.26 42.89
CA MET B 1029 1.63 1.56 43.87
C MET B 1029 2.51 0.84 44.88
N SER B 1030 3.63 0.28 44.43
CA SER B 1030 4.52 -0.40 45.36
C SER B 1030 5.24 0.59 46.27
N GLU B 1031 5.42 1.83 45.82
CA GLU B 1031 6.17 2.81 46.59
C GLU B 1031 5.30 3.78 47.36
N CYS B 1032 4.00 3.81 47.10
CA CYS B 1032 3.06 4.65 47.83
C CYS B 1032 2.03 3.85 48.63
N VAL B 1033 1.51 2.76 48.08
CA VAL B 1033 0.55 1.91 48.77
C VAL B 1033 1.26 0.81 49.54
N LEU B 1034 2.03 -0.03 48.84
CA LEU B 1034 2.81 -1.08 49.47
C LEU B 1034 3.92 -0.56 50.36
N GLY B 1035 4.18 0.74 50.34
CA GLY B 1035 5.20 1.35 51.15
C GLY B 1035 5.04 2.84 51.19
N GLN B 1036 6.15 3.54 51.39
CA GLN B 1036 6.16 5.01 51.42
C GLN B 1036 7.43 5.51 50.75
N SER B 1037 7.27 6.28 49.68
CA SER B 1037 8.42 6.80 48.96
C SER B 1037 9.05 7.96 49.73
N LYS B 1038 10.38 8.00 49.74
CA LYS B 1038 11.12 9.13 50.28
C LYS B 1038 11.49 10.13 49.19
N ARG B 1039 11.01 9.92 47.97
CA ARG B 1039 11.30 10.80 46.84
C ARG B 1039 10.29 11.93 46.81
N VAL B 1040 10.78 13.16 46.64
CA VAL B 1040 9.88 14.30 46.56
C VAL B 1040 9.13 14.26 45.23
N ASP B 1041 7.83 14.54 45.30
CA ASP B 1041 6.94 14.66 44.14
C ASP B 1041 6.74 13.33 43.41
N PHE B 1042 7.06 12.20 44.05
CA PHE B 1042 6.82 10.91 43.42
C PHE B 1042 5.54 10.24 43.88
N CYS B 1043 5.11 10.49 45.12
CA CYS B 1043 3.88 9.95 45.67
C CYS B 1043 2.95 11.08 46.10
N GLY B 1044 2.85 12.10 45.27
CA GLY B 1044 2.04 13.26 45.58
C GLY B 1044 2.88 14.51 45.82
N LYS B 1045 2.27 15.65 45.52
CA LYS B 1045 2.99 16.92 45.66
C LYS B 1045 3.22 17.24 47.14
N GLY B 1046 4.48 17.19 47.55
CA GLY B 1046 4.87 17.49 48.91
C GLY B 1046 5.37 16.27 49.65
N TYR B 1047 5.41 16.39 50.97
CA TYR B 1047 5.88 15.31 51.84
C TYR B 1047 4.82 14.22 51.85
N HIS B 1048 5.21 13.02 51.43
CA HIS B 1048 4.25 11.94 51.25
C HIS B 1048 3.95 11.25 52.58
N LEU B 1049 2.69 10.81 52.72
CA LEU B 1049 2.29 10.00 53.86
C LEU B 1049 1.85 8.60 53.45
N MET B 1050 0.86 8.49 52.57
CA MET B 1050 0.40 7.20 52.06
C MET B 1050 -0.61 7.47 50.95
N SER B 1051 -0.84 6.42 50.13
CA SER B 1051 -1.81 6.51 49.05
C SER B 1051 -2.74 5.31 49.11
N PHE B 1052 -4.01 5.55 48.77
CA PHE B 1052 -5.04 4.54 48.81
C PHE B 1052 -5.57 4.32 47.39
N PRO B 1053 -5.39 3.14 46.81
CA PRO B 1053 -5.80 2.94 45.41
C PRO B 1053 -7.30 2.72 45.28
N GLN B 1054 -7.84 3.16 44.16
CA GLN B 1054 -9.25 2.95 43.83
C GLN B 1054 -9.34 2.50 42.37
N SER B 1055 -10.20 1.50 42.13
CA SER B 1055 -10.32 0.93 40.80
C SER B 1055 -10.92 1.94 39.82
N ALA B 1056 -10.77 1.64 38.54
CA ALA B 1056 -11.28 2.48 37.48
C ALA B 1056 -11.35 1.66 36.21
N PRO B 1057 -12.26 1.97 35.28
CA PRO B 1057 -12.33 1.22 34.02
C PRO B 1057 -11.05 1.43 33.23
N HIS B 1058 -10.28 0.35 33.08
CA HIS B 1058 -9.00 0.35 32.38
C HIS B 1058 -8.01 1.34 32.99
N GLY B 1059 -8.06 1.55 34.30
CA GLY B 1059 -7.16 2.47 34.95
C GLY B 1059 -7.24 2.34 36.45
N VAL B 1060 -6.52 3.22 37.13
CA VAL B 1060 -6.50 3.26 38.58
C VAL B 1060 -6.43 4.72 39.02
N VAL B 1061 -6.92 4.98 40.24
CA VAL B 1061 -6.92 6.32 40.82
C VAL B 1061 -6.24 6.24 42.18
N PHE B 1062 -5.30 7.16 42.41
CA PHE B 1062 -4.56 7.23 43.67
C PHE B 1062 -5.07 8.40 44.50
N LEU B 1063 -4.95 8.28 45.82
CA LEU B 1063 -5.29 9.35 46.75
C LEU B 1063 -4.05 9.63 47.58
N HIS B 1064 -3.19 10.51 47.07
CA HIS B 1064 -1.91 10.81 47.70
C HIS B 1064 -2.13 11.75 48.87
N VAL B 1065 -1.97 11.24 50.09
CA VAL B 1065 -2.08 12.06 51.29
C VAL B 1065 -0.74 12.76 51.50
N THR B 1066 -0.70 14.06 51.25
CA THR B 1066 0.53 14.83 51.30
C THR B 1066 0.48 15.82 52.46
N TYR B 1067 1.66 16.14 53.01
CA TYR B 1067 1.77 17.07 54.12
C TYR B 1067 2.18 18.44 53.59
N VAL B 1068 1.33 19.44 53.81
CA VAL B 1068 1.61 20.80 53.34
C VAL B 1068 1.45 21.78 54.50
N PRO B 1069 2.51 22.51 54.85
CA PRO B 1069 2.39 23.49 55.95
C PRO B 1069 2.03 24.86 55.41
N ALA B 1070 1.34 25.65 56.25
CA ALA B 1070 0.73 26.89 55.79
C ALA B 1070 1.29 28.15 56.44
N GLN B 1071 1.26 28.26 57.77
CA GLN B 1071 1.45 29.55 58.44
C GLN B 1071 2.80 29.61 59.14
N GLU B 1072 3.64 30.55 58.71
CA GLU B 1072 4.98 30.74 59.24
C GLU B 1072 5.05 32.04 60.03
N LYS B 1073 6.27 32.38 60.47
CA LYS B 1073 6.51 33.58 61.25
C LYS B 1073 7.90 34.13 60.93
N ASN B 1074 8.20 35.28 61.50
CA ASN B 1074 9.54 35.86 61.42
C ASN B 1074 10.45 35.22 62.46
N PHE B 1075 11.66 34.87 62.04
CA PHE B 1075 12.60 34.22 62.93
C PHE B 1075 14.02 34.66 62.60
N THR B 1076 14.78 34.95 63.65
CA THR B 1076 16.20 35.28 63.51
C THR B 1076 17.03 34.02 63.67
N THR B 1077 17.79 33.69 62.64
CA THR B 1077 18.51 32.42 62.58
C THR B 1077 20.01 32.66 62.43
N ALA B 1078 20.78 31.63 62.74
CA ALA B 1078 22.23 31.64 62.66
C ALA B 1078 22.70 30.21 62.42
N PRO B 1079 23.65 30.00 61.51
CA PRO B 1079 24.03 28.63 61.15
C PRO B 1079 24.63 27.83 62.30
N ALA B 1080 25.08 28.49 63.35
CA ALA B 1080 25.65 27.81 64.51
C ALA B 1080 25.56 28.75 65.71
N ILE B 1081 25.94 28.24 66.88
CA ILE B 1081 25.93 28.99 68.11
C ILE B 1081 27.18 28.66 68.92
N CYS B 1082 27.89 29.68 69.37
CA CYS B 1082 29.09 29.52 70.17
C CYS B 1082 28.77 29.87 71.62
N HIS B 1083 29.21 29.02 72.55
CA HIS B 1083 28.94 29.23 73.97
C HIS B 1083 30.20 29.59 74.74
N ASP B 1084 31.24 28.76 74.68
CA ASP B 1084 32.49 29.00 75.38
C ASP B 1084 33.68 28.72 74.47
N GLY B 1085 33.63 29.26 73.25
CA GLY B 1085 34.65 29.02 72.26
C GLY B 1085 34.37 27.83 71.36
N LYS B 1086 33.39 27.00 71.71
CA LYS B 1086 33.02 25.84 70.91
C LYS B 1086 31.75 26.13 70.12
N ALA B 1087 31.68 25.54 68.93
CA ALA B 1087 30.51 25.73 68.06
C ALA B 1087 29.55 24.56 68.26
N HIS B 1088 28.26 24.86 68.27
CA HIS B 1088 27.22 23.86 68.49
C HIS B 1088 26.33 23.79 67.26
N PHE B 1089 25.99 22.58 66.84
CA PHE B 1089 25.17 22.36 65.66
C PHE B 1089 24.05 21.37 65.98
N PRO B 1090 22.83 21.62 65.52
CA PRO B 1090 21.71 20.75 65.87
C PRO B 1090 21.76 19.44 65.10
N ARG B 1091 21.11 18.42 65.67
CA ARG B 1091 21.02 17.13 64.99
C ARG B 1091 20.07 17.21 63.80
N GLU B 1092 18.97 17.95 63.95
CA GLU B 1092 18.01 18.14 62.88
C GLU B 1092 17.21 19.40 63.17
N GLY B 1093 16.98 20.21 62.14
CA GLY B 1093 16.21 21.42 62.29
C GLY B 1093 17.08 22.67 62.38
N VAL B 1094 16.41 23.81 62.48
CA VAL B 1094 17.08 25.11 62.47
C VAL B 1094 16.81 25.80 63.80
N PHE B 1095 17.42 26.98 63.97
CA PHE B 1095 17.21 27.79 65.17
C PHE B 1095 16.14 28.85 64.92
N VAL B 1096 15.39 29.15 65.97
CA VAL B 1096 14.36 30.18 65.92
C VAL B 1096 14.50 31.06 67.17
N SER B 1097 13.59 32.01 67.30
CA SER B 1097 13.66 33.00 68.37
C SER B 1097 12.30 33.22 69.02
N ASN B 1098 12.32 33.51 70.31
CA ASN B 1098 11.18 34.03 71.06
C ASN B 1098 10.93 35.50 70.74
N GLY B 1099 11.55 36.01 69.68
CA GLY B 1099 11.64 37.42 69.41
C GLY B 1099 13.04 37.89 69.73
N THR B 1100 13.55 37.50 70.90
CA THR B 1100 14.94 37.72 71.26
C THR B 1100 15.60 36.53 71.94
N HIS B 1101 14.85 35.53 72.39
CA HIS B 1101 15.39 34.33 72.99
C HIS B 1101 15.46 33.21 71.96
N TRP B 1102 16.66 32.71 71.71
CA TRP B 1102 16.91 31.71 70.68
C TRP B 1102 16.34 30.36 71.09
N PHE B 1103 15.90 29.59 70.10
CA PHE B 1103 15.39 28.25 70.30
C PHE B 1103 15.85 27.35 69.15
N VAL B 1104 15.23 26.18 69.05
CA VAL B 1104 15.49 25.23 67.97
C VAL B 1104 14.22 24.45 67.68
N THR B 1105 14.00 24.15 66.40
CA THR B 1105 12.79 23.45 65.99
C THR B 1105 13.10 22.61 64.76
N GLN B 1106 12.12 21.80 64.36
CA GLN B 1106 12.26 20.96 63.18
C GLN B 1106 12.27 21.81 61.91
N ARG B 1107 12.65 21.18 60.80
CA ARG B 1107 12.77 21.90 59.53
C ARG B 1107 11.47 21.94 58.74
N ASN B 1108 10.44 21.21 59.16
CA ASN B 1108 9.16 21.21 58.46
C ASN B 1108 7.97 21.52 59.36
N PHE B 1109 8.22 21.85 60.63
CA PHE B 1109 7.14 22.19 61.55
C PHE B 1109 7.75 23.01 62.69
N TYR B 1110 7.06 24.09 63.06
CA TYR B 1110 7.57 24.97 64.11
C TYR B 1110 7.21 24.41 65.47
N GLU B 1111 8.16 23.68 66.08
CA GLU B 1111 8.03 23.18 67.44
C GLU B 1111 9.18 23.78 68.24
N PRO B 1112 9.00 24.98 68.78
CA PRO B 1112 10.11 25.67 69.47
C PRO B 1112 10.56 24.89 70.69
N GLN B 1113 11.81 24.43 70.65
CA GLN B 1113 12.42 23.71 71.76
C GLN B 1113 13.68 24.43 72.20
N ILE B 1114 14.03 24.30 73.48
CA ILE B 1114 15.28 24.85 73.96
C ILE B 1114 16.44 24.05 73.36
N ILE B 1115 17.51 24.76 73.01
CA ILE B 1115 18.65 24.12 72.35
C ILE B 1115 19.39 23.27 73.38
N THR B 1116 19.23 21.94 73.26
CA THR B 1116 19.80 20.99 74.20
C THR B 1116 20.84 20.11 73.52
N THR B 1117 21.77 19.59 74.31
CA THR B 1117 22.76 18.67 73.76
C THR B 1117 22.13 17.34 73.36
N ASP B 1118 20.88 17.09 73.74
CA ASP B 1118 20.13 16.00 73.13
C ASP B 1118 19.82 16.31 71.67
N ASN B 1119 19.91 17.57 71.26
CA ASN B 1119 19.72 17.96 69.87
C ASN B 1119 20.98 18.52 69.23
N THR B 1120 21.90 19.07 70.01
CA THR B 1120 23.13 19.63 69.49
C THR B 1120 24.34 18.89 70.06
N PHE B 1121 25.53 19.32 69.67
CA PHE B 1121 26.77 18.72 70.12
C PHE B 1121 27.89 19.75 70.06
N VAL B 1122 29.09 19.32 70.44
CA VAL B 1122 30.27 20.16 70.43
C VAL B 1122 31.12 19.81 69.20
N SER B 1123 31.64 20.83 68.53
CA SER B 1123 32.48 20.64 67.35
C SER B 1123 33.17 21.94 67.02
N GLY B 1124 34.48 21.85 66.78
CA GLY B 1124 35.24 22.98 66.25
C GLY B 1124 35.23 24.20 67.15
N ASN B 1125 35.51 25.35 66.54
CA ASN B 1125 35.60 26.62 67.25
C ASN B 1125 34.81 27.67 66.48
N CYS B 1126 34.41 28.71 67.19
CA CYS B 1126 33.58 29.77 66.62
C CYS B 1126 34.38 30.97 66.12
N ASP B 1127 35.66 30.77 65.78
CA ASP B 1127 36.47 31.84 65.22
C ASP B 1127 36.60 31.74 63.69
N VAL B 1128 36.31 30.57 63.12
CA VAL B 1128 36.42 30.36 61.68
C VAL B 1128 35.05 30.30 61.01
N VAL B 1129 34.03 29.81 61.72
CA VAL B 1129 32.69 29.74 61.16
C VAL B 1129 32.14 31.15 60.97
N ILE B 1130 31.23 31.30 60.02
CA ILE B 1130 30.62 32.59 59.71
C ILE B 1130 29.15 32.56 60.12
N GLY B 1131 28.71 33.62 60.78
CA GLY B 1131 27.32 33.75 61.20
C GLY B 1131 27.04 33.26 62.60
N ILE B 1132 28.07 32.93 63.38
CA ILE B 1132 27.84 32.43 64.73
C ILE B 1132 27.66 33.59 65.70
N VAL B 1133 26.93 33.33 66.78
CA VAL B 1133 26.61 34.35 67.78
C VAL B 1133 26.71 33.72 69.16
N ASN B 1134 26.70 34.58 70.18
CA ASN B 1134 26.62 34.12 71.56
C ASN B 1134 25.26 33.46 71.78
N ASN B 1135 25.26 32.44 72.63
CA ASN B 1135 24.04 31.74 73.03
C ASN B 1135 24.37 30.85 74.23
N THR B 1136 23.38 30.65 75.08
CA THR B 1136 23.50 29.78 76.24
C THR B 1136 22.83 28.46 75.90
N VAL B 1137 23.59 27.38 75.92
CA VAL B 1137 23.13 26.08 75.46
C VAL B 1137 22.67 25.24 76.64
N TYR B 1138 21.49 24.64 76.51
CA TYR B 1138 20.99 23.70 77.49
C TYR B 1138 21.75 22.39 77.36
N ASP B 1139 22.17 21.84 78.50
CA ASP B 1139 22.95 20.61 78.52
C ASP B 1139 22.26 19.59 79.40
N PRO B 1140 21.22 18.91 78.91
CA PRO B 1140 20.27 18.18 79.81
C PRO B 1140 20.91 17.51 81.01
N LEU B 1141 22.09 16.90 80.86
CA LEU B 1141 22.76 16.33 82.02
C LEU B 1141 23.18 17.38 83.04
N GLN B 1142 23.46 18.61 82.60
CA GLN B 1142 23.90 19.64 83.54
C GLN B 1142 22.79 20.07 84.49
N PRO B 1143 21.57 20.38 84.04
CA PRO B 1143 20.50 20.63 85.02
C PRO B 1143 20.11 19.41 85.81
N GLU B 1144 20.16 18.22 85.21
CA GLU B 1144 19.87 17.00 85.97
C GLU B 1144 20.85 16.84 87.14
N LEU B 1145 22.12 17.21 86.92
CA LEU B 1145 23.10 17.12 88.00
C LEU B 1145 22.94 18.25 89.01
N ASP B 1146 22.84 19.49 88.53
CA ASP B 1146 22.83 20.62 89.45
C ASP B 1146 21.46 20.81 90.10
N SER B 1147 20.44 21.11 89.30
CA SER B 1147 19.10 21.34 89.82
C SER B 1147 18.46 20.03 90.28
N ALA C 27 51.82 7.24 -21.05
CA ALA C 27 52.49 8.34 -20.32
C ALA C 27 51.59 8.82 -19.18
N TYR C 28 51.81 8.28 -17.97
CA TYR C 28 50.99 8.62 -16.78
C TYR C 28 51.29 10.03 -16.27
N THR C 29 50.33 10.64 -15.57
CA THR C 29 50.46 12.01 -14.99
C THR C 29 49.44 12.18 -13.87
N ASN C 30 49.73 13.09 -12.92
CA ASN C 30 48.83 13.34 -11.77
C ASN C 30 47.65 14.21 -12.19
N SER C 31 46.47 13.97 -11.60
CA SER C 31 45.28 14.78 -11.88
C SER C 31 44.60 15.08 -10.54
N PHE C 32 44.97 16.22 -9.96
CA PHE C 32 44.45 16.62 -8.65
C PHE C 32 42.94 16.75 -8.68
N THR C 33 42.44 17.73 -9.42
CA THR C 33 41.00 17.95 -9.53
C THR C 33 40.54 18.32 -10.94
N ARG C 34 41.39 18.16 -11.95
CA ARG C 34 41.01 18.59 -13.30
C ARG C 34 40.02 17.60 -13.92
N GLY C 35 39.19 18.14 -14.81
CA GLY C 35 38.19 17.33 -15.47
C GLY C 35 36.83 17.37 -14.80
N VAL C 36 36.44 18.55 -14.33
CA VAL C 36 35.15 18.76 -13.66
C VAL C 36 34.39 19.83 -14.41
N TYR C 37 33.09 19.59 -14.63
CA TYR C 37 32.23 20.56 -15.28
C TYR C 37 30.91 20.65 -14.55
N TYR C 38 30.20 21.75 -14.75
CA TYR C 38 28.93 21.95 -14.10
C TYR C 38 27.90 20.93 -14.61
N PRO C 39 27.20 20.22 -13.73
CA PRO C 39 26.24 19.22 -14.20
C PRO C 39 24.98 19.83 -14.81
N ASP C 40 24.61 21.04 -14.43
CA ASP C 40 23.42 21.70 -14.94
C ASP C 40 23.58 23.20 -14.76
N LYS C 41 22.50 23.94 -14.99
CA LYS C 41 22.51 25.40 -14.89
C LYS C 41 21.77 25.88 -13.65
N VAL C 42 21.89 25.15 -12.54
CA VAL C 42 21.21 25.48 -11.29
C VAL C 42 22.19 26.19 -10.38
N PHE C 43 21.73 27.28 -9.76
CA PHE C 43 22.57 28.03 -8.83
C PHE C 43 22.50 27.42 -7.44
N ARG C 44 23.63 27.37 -6.76
CA ARG C 44 23.71 26.86 -5.40
C ARG C 44 24.69 27.74 -4.61
N SER C 45 24.35 28.00 -3.35
CA SER C 45 25.14 28.89 -2.51
C SER C 45 25.48 28.19 -1.20
N SER C 46 26.77 27.93 -0.99
CA SER C 46 27.28 27.39 0.27
C SER C 46 26.58 26.08 0.64
N VAL C 47 26.43 25.20 -0.35
CA VAL C 47 25.81 23.90 -0.16
C VAL C 47 26.60 22.87 -0.96
N LEU C 48 26.51 21.61 -0.53
CA LEU C 48 27.23 20.51 -1.16
C LEU C 48 26.23 19.61 -1.86
N HIS C 49 26.41 19.40 -3.16
CA HIS C 49 25.53 18.59 -3.98
C HIS C 49 26.31 17.47 -4.62
N SER C 50 25.77 16.25 -4.55
CA SER C 50 26.41 15.07 -5.10
C SER C 50 25.64 14.59 -6.32
N THR C 51 26.35 14.39 -7.43
CA THR C 51 25.75 13.92 -8.67
C THR C 51 26.61 12.83 -9.26
N GLN C 52 25.99 11.99 -10.09
CA GLN C 52 26.68 10.93 -10.82
C GLN C 52 26.63 11.25 -12.30
N ASP C 53 27.79 11.39 -12.92
CA ASP C 53 27.87 11.70 -14.34
C ASP C 53 29.23 11.25 -14.87
N LEU C 54 29.38 11.30 -16.19
CA LEU C 54 30.61 10.86 -16.85
C LEU C 54 31.71 11.86 -16.53
N PHE C 55 32.57 11.53 -15.59
CA PHE C 55 33.62 12.42 -15.12
C PHE C 55 34.98 11.74 -15.23
N LEU C 56 36.02 12.56 -15.24
CA LEU C 56 37.39 12.04 -15.16
C LEU C 56 37.72 11.75 -13.72
N PRO C 57 38.03 10.50 -13.36
CA PRO C 57 38.31 10.19 -11.96
C PRO C 57 39.59 10.86 -11.48
N PHE C 58 39.68 11.07 -10.17
CA PHE C 58 40.86 11.70 -9.60
C PHE C 58 42.03 10.74 -9.62
N PHE C 59 43.24 11.31 -9.74
CA PHE C 59 44.49 10.54 -9.72
C PHE C 59 44.51 9.49 -10.83
N SER C 60 43.76 9.80 -11.90
CA SER C 60 43.64 8.90 -13.08
C SER C 60 44.57 9.39 -14.18
N ASN C 61 45.75 8.77 -14.31
CA ASN C 61 46.75 9.13 -15.33
C ASN C 61 46.06 9.21 -16.70
N VAL C 62 46.22 10.34 -17.39
CA VAL C 62 45.61 10.51 -18.75
C VAL C 62 46.70 10.22 -19.79
N THR C 63 46.50 10.69 -21.03
CA THR C 63 47.50 10.44 -22.06
C THR C 63 48.18 11.73 -22.48
N TRP C 64 49.52 11.70 -22.52
CA TRP C 64 50.33 12.84 -22.89
C TRP C 64 50.86 12.66 -24.30
N PHE C 65 50.86 13.74 -25.08
CA PHE C 65 51.36 13.73 -26.44
C PHE C 65 52.26 14.94 -26.66
N HIS C 66 52.92 14.94 -27.81
CA HIS C 66 53.82 16.05 -28.17
C HIS C 66 53.78 16.32 -29.66
N ASN C 81 48.10 12.68 -35.42
CA ASN C 81 46.67 12.73 -35.12
C ASN C 81 46.13 11.34 -34.82
N PRO C 82 46.39 10.83 -33.62
CA PRO C 82 45.92 9.49 -33.27
C PRO C 82 44.42 9.48 -33.01
N VAL C 83 43.76 8.47 -33.56
CA VAL C 83 42.33 8.25 -33.35
C VAL C 83 42.14 7.51 -32.03
N LEU C 84 41.59 8.21 -31.04
CA LEU C 84 41.46 7.66 -29.70
C LEU C 84 39.99 7.41 -29.39
N PRO C 85 39.68 6.30 -28.72
CA PRO C 85 38.28 5.96 -28.46
C PRO C 85 37.56 7.00 -27.62
N PHE C 86 36.23 7.00 -27.76
CA PHE C 86 35.33 7.86 -26.99
C PHE C 86 34.28 6.97 -26.33
N ASN C 87 34.75 5.90 -25.66
CA ASN C 87 33.85 4.89 -25.12
C ASN C 87 32.79 5.49 -24.21
N ASP C 88 33.21 6.34 -23.26
CA ASP C 88 32.27 6.95 -22.34
C ASP C 88 32.56 8.44 -22.13
N GLY C 89 33.17 9.10 -23.10
CA GLY C 89 33.51 10.50 -22.96
C GLY C 89 34.97 10.70 -22.60
N VAL C 90 35.60 11.70 -23.18
CA VAL C 90 37.01 12.01 -22.91
C VAL C 90 37.11 13.45 -22.43
N TYR C 91 38.03 13.69 -21.51
CA TYR C 91 38.35 15.04 -21.04
C TYR C 91 39.60 15.52 -21.77
N PHE C 92 39.53 16.71 -22.33
CA PHE C 92 40.63 17.27 -23.10
C PHE C 92 41.32 18.38 -22.32
N ALA C 93 42.64 18.34 -22.28
CA ALA C 93 43.45 19.41 -21.71
C ALA C 93 44.51 19.78 -22.74
N SER C 94 44.39 21.00 -23.29
CA SER C 94 45.24 21.43 -24.38
C SER C 94 46.18 22.52 -23.89
N THR C 95 47.41 22.49 -24.42
CA THR C 95 48.43 23.49 -24.14
C THR C 95 48.84 24.12 -25.47
N GLU C 96 48.12 25.14 -25.89
CA GLU C 96 48.38 25.83 -27.15
C GLU C 96 49.26 27.04 -26.90
N LYS C 97 50.22 27.25 -27.80
CA LYS C 97 51.13 28.38 -27.70
C LYS C 97 51.11 29.21 -28.98
N SER C 98 50.77 28.58 -30.11
CA SER C 98 50.73 29.27 -31.39
C SER C 98 49.48 28.90 -32.19
N ASN C 99 48.43 28.43 -31.51
CA ASN C 99 47.16 28.07 -32.15
C ASN C 99 47.35 27.03 -33.24
N ILE C 100 48.27 26.09 -32.98
CA ILE C 100 48.55 25.04 -33.95
C ILE C 100 47.33 24.16 -34.15
N ILE C 101 46.56 23.95 -33.09
CA ILE C 101 45.34 23.15 -33.18
C ILE C 101 44.18 24.05 -33.60
N ARG C 102 43.46 23.62 -34.64
CA ARG C 102 42.34 24.39 -35.15
C ARG C 102 40.98 23.73 -34.93
N GLY C 103 40.90 22.41 -34.94
CA GLY C 103 39.63 21.74 -34.74
C GLY C 103 39.82 20.25 -34.48
N TRP C 104 38.70 19.53 -34.52
CA TRP C 104 38.69 18.10 -34.26
C TRP C 104 37.63 17.44 -35.15
N ILE C 105 37.72 16.12 -35.24
CA ILE C 105 36.75 15.32 -35.98
C ILE C 105 36.16 14.29 -35.03
N PHE C 106 34.90 14.50 -34.65
CA PHE C 106 34.23 13.65 -33.68
C PHE C 106 33.20 12.78 -34.38
N GLY C 107 33.07 11.55 -33.90
CA GLY C 107 32.09 10.63 -34.47
C GLY C 107 32.45 9.19 -34.11
N THR C 108 31.90 8.27 -34.90
CA THR C 108 32.19 6.86 -34.76
C THR C 108 33.12 6.36 -35.85
N THR C 109 32.76 6.57 -37.12
CA THR C 109 33.62 6.22 -38.25
C THR C 109 34.57 7.35 -38.62
N LEU C 110 34.06 8.59 -38.65
CA LEU C 110 34.89 9.78 -38.87
C LEU C 110 35.67 9.68 -40.18
N ASP C 111 35.06 9.10 -41.20
CA ASP C 111 35.69 8.95 -42.51
C ASP C 111 34.71 9.33 -43.62
N SER C 112 33.96 10.40 -43.40
CA SER C 112 32.98 10.90 -44.37
C SER C 112 31.92 9.86 -44.70
N LYS C 113 31.61 8.98 -43.74
CA LYS C 113 30.54 8.01 -43.89
C LYS C 113 29.25 8.46 -43.20
N THR C 114 29.36 8.97 -41.98
CA THR C 114 28.25 9.60 -41.28
C THR C 114 28.63 11.05 -41.01
N GLN C 115 27.71 11.78 -40.38
CA GLN C 115 27.97 13.17 -40.03
C GLN C 115 29.09 13.25 -39.00
N SER C 116 30.11 14.05 -39.30
CA SER C 116 31.27 14.20 -38.44
C SER C 116 31.45 15.66 -38.09
N LEU C 117 31.89 15.92 -36.86
CA LEU C 117 32.00 17.26 -36.33
C LEU C 117 33.16 18.00 -36.99
N LEU C 118 32.98 19.31 -37.20
CA LEU C 118 34.03 20.17 -37.72
C LEU C 118 33.90 21.53 -37.06
N ILE C 119 35.02 22.06 -36.56
CA ILE C 119 35.05 23.39 -35.95
C ILE C 119 36.31 24.10 -36.42
N VAL C 120 36.13 25.16 -37.20
CA VAL C 120 37.24 25.92 -37.77
C VAL C 120 36.95 27.41 -37.59
N ASN C 121 38.01 28.20 -37.42
CA ASN C 121 37.92 29.66 -37.37
C ASN C 121 39.07 30.23 -38.21
N ASN C 122 38.73 30.85 -39.34
CA ASN C 122 39.76 31.42 -40.20
C ASN C 122 40.13 32.83 -39.76
N ALA C 123 40.40 32.99 -38.47
CA ALA C 123 40.93 34.21 -37.88
C ALA C 123 39.96 35.38 -37.95
N THR C 124 38.81 35.18 -38.60
CA THR C 124 37.79 36.22 -38.72
C THR C 124 36.37 35.72 -38.52
N ASN C 125 36.09 34.45 -38.75
CA ASN C 125 34.73 33.92 -38.62
C ASN C 125 34.81 32.45 -38.26
N VAL C 126 34.05 32.03 -37.26
CA VAL C 126 34.10 30.67 -36.77
C VAL C 126 33.03 29.85 -37.46
N VAL C 127 33.42 28.72 -38.05
CA VAL C 127 32.50 27.78 -38.67
C VAL C 127 32.44 26.52 -37.83
N ILE C 128 31.26 26.23 -37.27
CA ILE C 128 31.05 25.09 -36.40
C ILE C 128 29.82 24.34 -36.88
N LYS C 129 29.98 23.05 -37.14
CA LYS C 129 28.87 22.20 -37.58
C LYS C 129 29.32 20.76 -37.60
N VAL C 130 28.34 19.85 -37.62
CA VAL C 130 28.56 18.46 -37.99
C VAL C 130 28.28 18.25 -39.47
N CYS C 131 28.35 19.33 -40.26
CA CYS C 131 28.04 19.38 -41.67
C CYS C 131 28.74 18.24 -42.43
N GLU C 132 27.98 17.60 -43.32
CA GLU C 132 28.50 16.52 -44.16
C GLU C 132 29.26 17.13 -45.33
N PHE C 133 30.36 17.80 -44.99
CA PHE C 133 31.16 18.52 -45.97
C PHE C 133 32.00 17.55 -46.80
N GLN C 134 32.42 18.00 -47.97
CA GLN C 134 33.24 17.20 -48.88
C GLN C 134 34.64 17.14 -48.31
N PHE C 135 34.83 16.31 -47.28
CA PHE C 135 36.12 16.15 -46.62
C PHE C 135 37.10 15.46 -47.56
N CYS C 136 38.37 15.81 -47.44
CA CYS C 136 39.44 15.15 -48.18
C CYS C 136 39.70 13.78 -47.55
N ASN C 137 40.72 13.08 -48.06
CA ASN C 137 41.13 11.83 -47.44
C ASN C 137 41.52 12.03 -45.98
N ASP C 138 42.35 13.04 -45.72
CA ASP C 138 42.61 13.52 -44.37
C ASP C 138 41.95 14.89 -44.27
N PRO C 139 40.76 14.96 -43.69
CA PRO C 139 39.97 16.21 -43.73
C PRO C 139 40.73 17.40 -43.17
N PHE C 140 40.72 18.49 -43.93
CA PHE C 140 41.36 19.74 -43.57
C PHE C 140 40.79 20.83 -44.47
N LEU C 141 41.32 22.04 -44.36
CA LEU C 141 40.89 23.14 -45.20
C LEU C 141 42.12 23.83 -45.78
N GLY C 142 41.93 24.47 -46.94
CA GLY C 142 43.02 25.17 -47.59
C GLY C 142 43.50 26.36 -46.78
N VAL C 143 44.83 26.44 -46.66
CA VAL C 143 45.45 27.52 -45.90
C VAL C 143 45.91 28.62 -46.85
N ASN C 165 22.82 17.88 -46.66
CA ASN C 165 23.04 17.06 -45.49
C ASN C 165 23.76 17.83 -44.40
N CYS C 166 23.58 19.15 -44.40
CA CYS C 166 24.29 20.04 -43.48
C CYS C 166 23.32 20.40 -42.36
N THR C 167 23.24 19.55 -41.33
CA THR C 167 22.18 19.61 -40.34
C THR C 167 22.26 20.81 -39.40
N PHE C 168 23.44 21.22 -38.99
CA PHE C 168 23.56 22.31 -38.02
C PHE C 168 24.14 23.54 -38.70
N GLU C 169 23.33 24.58 -38.80
CA GLU C 169 23.73 25.84 -39.43
C GLU C 169 24.26 26.79 -38.36
N TYR C 170 25.54 26.64 -38.01
CA TYR C 170 26.20 27.54 -37.07
C TYR C 170 27.45 28.08 -37.75
N VAL C 171 27.31 28.50 -39.01
CA VAL C 171 28.41 29.04 -39.80
C VAL C 171 28.52 30.53 -39.50
N SER C 172 29.16 30.85 -38.39
CA SER C 172 29.34 32.24 -37.99
C SER C 172 30.51 32.88 -38.73
N PHE C 186 54.04 26.87 -20.39
CA PHE C 186 53.27 27.63 -21.37
C PHE C 186 52.80 28.96 -20.79
N LYS C 187 51.86 29.60 -21.48
CA LYS C 187 51.30 30.88 -21.05
C LYS C 187 49.86 30.78 -20.60
N ASN C 188 49.04 29.98 -21.28
CA ASN C 188 47.65 29.80 -20.92
C ASN C 188 47.26 28.36 -21.14
N LEU C 189 46.45 27.83 -20.21
CA LEU C 189 45.96 26.47 -20.28
C LEU C 189 44.53 26.47 -20.78
N ARG C 190 44.30 25.81 -21.91
CA ARG C 190 42.99 25.74 -22.53
C ARG C 190 42.43 24.33 -22.35
N GLU C 191 41.46 24.18 -21.44
CA GLU C 191 40.80 22.91 -21.20
C GLU C 191 39.50 22.86 -21.98
N PHE C 192 39.13 21.66 -22.42
CA PHE C 192 37.93 21.49 -23.22
C PHE C 192 37.28 20.14 -22.90
N VAL C 193 35.96 20.11 -22.95
CA VAL C 193 35.19 18.88 -22.83
C VAL C 193 34.16 18.87 -23.94
N PHE C 194 34.34 17.99 -24.92
CA PHE C 194 33.47 17.90 -26.09
C PHE C 194 32.60 16.67 -25.97
N LYS C 195 31.34 16.87 -25.61
CA LYS C 195 30.42 15.76 -25.41
C LYS C 195 29.04 16.12 -25.97
N ASN C 196 28.29 15.09 -26.33
CA ASN C 196 26.94 15.23 -26.86
C ASN C 196 26.03 14.26 -26.12
N ILE C 197 24.95 14.77 -25.56
CA ILE C 197 23.99 13.98 -24.81
C ILE C 197 22.58 14.40 -25.22
N ASP C 198 21.73 13.41 -25.53
CA ASP C 198 20.34 13.65 -25.90
C ASP C 198 20.23 14.61 -27.09
N GLY C 199 21.18 14.51 -28.01
CA GLY C 199 21.18 15.32 -29.21
C GLY C 199 21.74 16.72 -29.05
N TYR C 200 21.98 17.18 -27.83
CA TYR C 200 22.49 18.52 -27.59
C TYR C 200 23.96 18.46 -27.25
N PHE C 201 24.79 19.03 -28.11
CA PHE C 201 26.24 19.07 -27.91
C PHE C 201 26.55 20.08 -26.81
N LYS C 202 27.28 19.64 -25.80
CA LYS C 202 27.67 20.49 -24.68
C LYS C 202 29.17 20.73 -24.73
N ILE C 203 29.56 21.95 -25.05
CA ILE C 203 30.96 22.34 -25.15
C ILE C 203 31.35 23.05 -23.86
N TYR C 204 32.46 22.63 -23.26
CA TYR C 204 32.97 23.22 -22.03
C TYR C 204 34.38 23.72 -22.30
N SER C 205 34.73 24.86 -21.72
CA SER C 205 36.03 25.47 -21.96
C SER C 205 36.45 26.28 -20.74
N LYS C 206 37.75 26.53 -20.66
CA LYS C 206 38.32 27.35 -19.60
C LYS C 206 39.74 27.80 -19.98
N HIS C 207 39.98 29.10 -19.97
CA HIS C 207 41.28 29.67 -20.30
C HIS C 207 41.89 30.29 -19.05
N THR C 208 42.99 29.74 -18.58
CA THR C 208 43.64 30.21 -17.37
C THR C 208 45.14 30.29 -17.59
N PRO C 209 45.82 31.29 -17.05
CA PRO C 209 47.28 31.36 -17.21
C PRO C 209 47.99 30.45 -16.22
N ILE C 210 49.24 30.15 -16.55
CA ILE C 210 50.09 29.31 -15.71
C ILE C 210 51.53 29.50 -16.14
N ASN C 211 52.45 29.38 -15.19
CA ASN C 211 53.88 29.44 -15.45
C ASN C 211 54.47 28.09 -15.04
N LEU C 212 54.38 27.12 -15.95
CA LEU C 212 54.87 25.77 -15.72
C LEU C 212 54.80 25.01 -17.04
N VAL C 213 55.79 24.16 -17.27
CA VAL C 213 55.84 23.35 -18.49
C VAL C 213 55.96 21.85 -18.21
N ARG C 214 55.98 21.44 -16.94
CA ARG C 214 56.18 20.03 -16.62
C ARG C 214 54.89 19.23 -16.81
N ASP C 215 53.86 19.55 -16.04
CA ASP C 215 52.60 18.81 -16.07
C ASP C 215 51.48 19.73 -15.60
N LEU C 216 50.32 19.14 -15.32
CA LEU C 216 49.18 19.92 -14.88
C LEU C 216 49.44 20.50 -13.49
N PRO C 217 49.15 21.78 -13.28
CA PRO C 217 49.50 22.43 -12.02
C PRO C 217 48.44 22.22 -10.95
N GLN C 218 48.78 22.64 -9.73
CA GLN C 218 47.85 22.61 -8.61
C GLN C 218 46.73 23.62 -8.80
N GLY C 219 45.51 23.22 -8.48
CA GLY C 219 44.38 24.11 -8.56
C GLY C 219 43.13 23.37 -8.99
N PHE C 220 42.02 24.08 -8.91
CA PHE C 220 40.72 23.55 -9.32
C PHE C 220 40.10 24.47 -10.36
N SER C 221 39.40 23.89 -11.32
CA SER C 221 38.70 24.67 -12.33
C SER C 221 37.52 23.85 -12.85
N ALA C 222 36.36 24.50 -12.90
CA ALA C 222 35.14 23.89 -13.41
C ALA C 222 34.85 24.42 -14.80
N LEU C 223 34.87 23.52 -15.77
CA LEU C 223 34.68 23.86 -17.17
C LEU C 223 33.21 24.24 -17.39
N GLU C 224 32.99 25.44 -17.91
CA GLU C 224 31.67 26.04 -18.02
C GLU C 224 31.07 25.76 -19.40
N PRO C 225 29.86 25.23 -19.49
CA PRO C 225 29.22 25.07 -20.79
C PRO C 225 28.74 26.41 -21.34
N LEU C 226 29.45 26.92 -22.34
CA LEU C 226 29.17 28.22 -22.92
C LEU C 226 27.94 28.23 -23.81
N VAL C 227 27.78 27.23 -24.68
CA VAL C 227 26.65 27.19 -25.61
C VAL C 227 26.28 25.73 -25.85
N ASP C 228 24.97 25.50 -26.03
CA ASP C 228 24.44 24.18 -26.31
C ASP C 228 24.16 24.08 -27.80
N LEU C 229 24.54 22.96 -28.40
CA LEU C 229 24.45 22.79 -29.85
C LEU C 229 23.62 21.55 -30.19
N PRO C 230 22.48 21.70 -30.85
CA PRO C 230 21.61 20.56 -31.20
C PRO C 230 22.08 19.84 -32.46
N ILE C 231 23.00 18.91 -32.30
CA ILE C 231 23.53 18.17 -33.45
C ILE C 231 23.01 16.74 -33.49
N GLY C 232 23.06 16.02 -32.36
CA GLY C 232 22.57 14.65 -32.32
C GLY C 232 23.37 13.66 -33.13
N ILE C 233 24.63 13.44 -32.75
CA ILE C 233 25.55 12.57 -33.48
C ILE C 233 26.19 11.61 -32.50
N ASN C 234 26.45 10.39 -32.96
CA ASN C 234 27.21 9.44 -32.15
C ASN C 234 28.68 9.81 -32.15
N ILE C 235 29.37 9.52 -31.06
CA ILE C 235 30.80 9.78 -30.93
C ILE C 235 31.44 8.59 -30.24
N THR C 236 32.33 7.89 -30.95
CA THR C 236 33.17 6.86 -30.34
C THR C 236 34.64 6.99 -30.73
N ARG C 237 34.97 7.82 -31.72
CA ARG C 237 36.34 8.05 -32.13
C ARG C 237 36.55 9.54 -32.39
N PHE C 238 37.79 9.99 -32.22
CA PHE C 238 38.14 11.38 -32.46
C PHE C 238 39.64 11.51 -32.61
N GLN C 239 40.06 12.60 -33.25
CA GLN C 239 41.47 12.90 -33.43
C GLN C 239 41.67 14.40 -33.39
N THR C 240 42.92 14.82 -33.20
CA THR C 240 43.27 16.23 -33.07
C THR C 240 43.86 16.73 -34.38
N LEU C 241 43.38 17.88 -34.83
CA LEU C 241 43.85 18.51 -36.06
C LEU C 241 44.81 19.64 -35.72
N LEU C 242 46.10 19.41 -35.99
CA LEU C 242 47.11 20.42 -35.70
C LEU C 242 47.82 20.86 -36.99
N ALA C 264 51.58 19.07 -28.17
CA ALA C 264 51.47 18.85 -26.73
C ALA C 264 50.02 19.04 -26.27
N TYR C 265 49.36 17.93 -25.95
CA TYR C 265 47.98 17.97 -25.48
C TYR C 265 47.73 16.75 -24.61
N TYR C 266 46.69 16.86 -23.78
CA TYR C 266 46.33 15.82 -22.83
C TYR C 266 44.92 15.32 -23.14
N VAL C 267 44.73 14.01 -23.00
CA VAL C 267 43.44 13.37 -23.22
C VAL C 267 43.19 12.36 -22.10
N GLY C 268 41.98 12.37 -21.56
CA GLY C 268 41.61 11.42 -20.54
C GLY C 268 40.42 10.56 -20.92
N TYR C 269 39.65 10.12 -19.93
CA TYR C 269 38.47 9.31 -20.17
C TYR C 269 37.46 9.53 -19.06
N LEU C 270 36.20 9.75 -19.44
CA LEU C 270 35.12 9.92 -18.48
C LEU C 270 34.50 8.57 -18.14
N GLN C 271 34.09 8.43 -16.89
CA GLN C 271 33.49 7.20 -16.39
C GLN C 271 32.31 7.54 -15.49
N PRO C 272 31.26 6.73 -15.51
CA PRO C 272 30.05 7.03 -14.71
C PRO C 272 30.22 6.73 -13.23
N ARG C 273 30.92 7.64 -12.54
CA ARG C 273 31.19 7.51 -11.13
C ARG C 273 30.40 8.55 -10.34
N THR C 274 30.40 8.39 -9.02
CA THR C 274 29.74 9.32 -8.13
C THR C 274 30.71 10.42 -7.71
N PHE C 275 30.25 11.66 -7.83
CA PHE C 275 31.06 12.83 -7.51
C PHE C 275 30.32 13.71 -6.51
N LEU C 276 31.08 14.38 -5.65
CA LEU C 276 30.54 15.32 -4.69
C LEU C 276 31.10 16.70 -5.01
N LEU C 277 30.20 17.65 -5.28
CA LEU C 277 30.57 19.01 -5.64
C LEU C 277 30.29 19.94 -4.48
N LYS C 278 31.15 20.95 -4.33
CA LYS C 278 31.03 21.95 -3.29
C LYS C 278 30.85 23.32 -3.93
N TYR C 279 29.80 24.03 -3.53
CA TYR C 279 29.52 25.37 -4.02
C TYR C 279 29.82 26.39 -2.94
N ASN C 280 30.40 27.52 -3.33
CA ASN C 280 30.79 28.55 -2.38
C ASN C 280 29.65 29.54 -2.20
N GLU C 281 29.92 30.66 -1.52
CA GLU C 281 28.90 31.67 -1.31
C GLU C 281 28.55 32.40 -2.60
N ASN C 282 29.52 32.58 -3.48
CA ASN C 282 29.28 33.29 -4.73
C ASN C 282 28.61 32.43 -5.79
N GLY C 283 28.53 31.12 -5.58
CA GLY C 283 27.88 30.24 -6.53
C GLY C 283 28.81 29.48 -7.45
N THR C 284 30.11 29.47 -7.19
CA THR C 284 31.07 28.74 -8.01
C THR C 284 31.53 27.48 -7.28
N ILE C 285 32.13 26.57 -8.03
CA ILE C 285 32.65 25.32 -7.49
C ILE C 285 34.12 25.51 -7.15
N THR C 286 34.49 25.18 -5.92
CA THR C 286 35.85 25.38 -5.45
C THR C 286 36.66 24.10 -5.35
N ASP C 287 36.03 22.97 -5.05
CA ASP C 287 36.73 21.70 -4.90
C ASP C 287 35.72 20.58 -4.96
N ALA C 288 36.21 19.37 -5.27
CA ALA C 288 35.35 18.21 -5.40
C ALA C 288 36.06 17.00 -4.79
N VAL C 289 35.27 15.95 -4.55
CA VAL C 289 35.78 14.70 -3.99
C VAL C 289 35.17 13.54 -4.75
N ASP C 290 36.03 12.69 -5.30
CA ASP C 290 35.60 11.50 -6.03
C ASP C 290 35.59 10.32 -5.06
N CYS C 291 34.39 9.85 -4.71
CA CYS C 291 34.26 8.75 -3.76
C CYS C 291 34.46 7.38 -4.40
N ALA C 292 35.11 7.31 -5.54
CA ALA C 292 35.53 6.04 -6.12
C ALA C 292 37.04 5.83 -6.04
N LEU C 293 37.76 6.76 -5.43
CA LEU C 293 39.22 6.68 -5.39
C LEU C 293 39.70 5.79 -4.24
N ASP C 294 39.40 6.18 -3.02
CA ASP C 294 39.92 5.48 -1.84
C ASP C 294 38.87 5.54 -0.74
N PRO C 295 38.98 4.65 0.26
CA PRO C 295 37.98 4.65 1.35
C PRO C 295 37.82 5.97 2.07
N LEU C 296 38.86 6.79 2.14
CA LEU C 296 38.72 8.12 2.74
C LEU C 296 37.71 8.96 1.95
N SER C 297 37.87 8.98 0.63
CA SER C 297 36.92 9.71 -0.21
C SER C 297 35.53 9.05 -0.19
N GLU C 298 35.48 7.73 -0.05
CA GLU C 298 34.19 7.07 0.09
C GLU C 298 33.47 7.52 1.36
N THR C 299 34.22 7.65 2.45
CA THR C 299 33.64 8.14 3.70
C THR C 299 33.19 9.59 3.57
N LYS C 300 34.01 10.42 2.94
CA LYS C 300 33.62 11.80 2.68
C LYS C 300 32.33 11.85 1.86
N CYS C 301 32.22 10.96 0.89
CA CYS C 301 31.06 10.95 -0.01
C CYS C 301 29.79 10.53 0.74
N THR C 302 29.89 9.46 1.53
CA THR C 302 28.71 8.99 2.26
C THR C 302 28.34 9.90 3.43
N LEU C 303 29.27 10.74 3.90
CA LEU C 303 28.94 11.72 4.93
C LEU C 303 28.54 13.07 4.34
N LYS C 304 28.78 13.30 3.05
CA LYS C 304 28.43 14.54 2.38
C LYS C 304 29.08 15.74 3.06
N SER C 305 30.40 15.65 3.24
CA SER C 305 31.17 16.71 3.85
C SER C 305 32.64 16.52 3.51
N PHE C 306 33.32 17.63 3.19
CA PHE C 306 34.74 17.55 2.89
C PHE C 306 35.58 17.19 4.11
N THR C 307 35.12 17.54 5.29
CA THR C 307 35.80 17.19 6.54
C THR C 307 34.90 16.26 7.33
N VAL C 308 35.33 15.01 7.48
CA VAL C 308 34.55 14.00 8.19
C VAL C 308 35.14 13.82 9.58
N GLU C 309 34.27 13.55 10.54
CA GLU C 309 34.68 13.36 11.92
C GLU C 309 35.31 11.98 12.11
N LYS C 310 36.12 11.87 13.15
CA LYS C 310 36.77 10.60 13.46
C LYS C 310 35.74 9.56 13.88
N GLY C 311 35.87 8.36 13.33
CA GLY C 311 34.97 7.29 13.67
C GLY C 311 34.94 6.24 12.56
N ILE C 312 33.98 5.33 12.69
CA ILE C 312 33.77 4.24 11.75
C ILE C 312 32.43 4.44 11.07
N TYR C 313 32.40 4.20 9.76
CA TYR C 313 31.20 4.44 8.96
C TYR C 313 31.08 3.39 7.87
N GLN C 314 29.86 2.90 7.67
CA GLN C 314 29.60 1.94 6.59
C GLN C 314 29.38 2.70 5.29
N THR C 315 30.14 2.34 4.26
CA THR C 315 30.07 3.01 2.97
C THR C 315 29.45 2.17 1.87
N SER C 316 29.81 0.89 1.78
CA SER C 316 29.30 0.03 0.73
C SER C 316 29.39 -1.42 1.20
N ASN C 317 29.10 -2.35 0.29
CA ASN C 317 29.08 -3.77 0.60
C ASN C 317 30.15 -4.48 -0.22
N PHE C 318 31.02 -5.22 0.47
CA PHE C 318 32.08 -5.96 -0.21
C PHE C 318 31.52 -7.24 -0.80
N ARG C 319 31.49 -7.32 -2.14
CA ARG C 319 30.95 -8.48 -2.84
C ARG C 319 32.04 -9.11 -3.69
N VAL C 320 32.19 -10.42 -3.57
CA VAL C 320 33.14 -11.16 -4.38
C VAL C 320 32.54 -11.36 -5.77
N GLN C 321 33.16 -10.74 -6.77
CA GLN C 321 32.65 -10.83 -8.13
C GLN C 321 32.90 -12.21 -8.71
N PRO C 322 31.99 -12.69 -9.57
CA PRO C 322 32.19 -14.01 -10.19
C PRO C 322 33.39 -13.98 -11.13
N THR C 323 34.33 -14.89 -10.90
CA THR C 323 35.55 -14.97 -11.70
C THR C 323 35.35 -15.68 -13.03
N GLU C 324 34.39 -16.60 -13.12
CA GLU C 324 34.12 -17.32 -14.36
C GLU C 324 32.61 -17.48 -14.49
N SER C 325 32.20 -18.33 -15.42
CA SER C 325 30.78 -18.61 -15.66
C SER C 325 30.62 -20.09 -15.95
N ILE C 326 29.85 -20.78 -15.11
CA ILE C 326 29.62 -22.21 -15.23
C ILE C 326 28.23 -22.44 -15.81
N VAL C 327 28.15 -23.32 -16.80
CA VAL C 327 26.88 -23.72 -17.41
C VAL C 327 26.74 -25.23 -17.24
N ARG C 328 25.68 -25.64 -16.54
CA ARG C 328 25.46 -27.05 -16.24
C ARG C 328 24.08 -27.47 -16.74
N PHE C 329 24.08 -28.39 -17.70
CA PHE C 329 22.84 -28.89 -18.28
C PHE C 329 23.04 -30.37 -18.61
N PRO C 330 21.97 -31.16 -18.64
CA PRO C 330 22.13 -32.59 -18.86
C PRO C 330 22.42 -32.92 -20.32
N ASN C 331 22.94 -34.13 -20.54
CA ASN C 331 23.20 -34.63 -21.89
C ASN C 331 21.89 -35.08 -22.50
N ILE C 332 21.11 -34.11 -22.99
CA ILE C 332 19.80 -34.36 -23.57
C ILE C 332 19.79 -33.87 -25.01
N THR C 333 20.92 -33.99 -25.69
CA THR C 333 21.17 -33.38 -26.99
C THR C 333 20.14 -33.75 -28.06
N ASN C 334 19.24 -34.68 -27.75
CA ASN C 334 18.17 -35.04 -28.67
C ASN C 334 17.36 -33.79 -29.01
N LEU C 335 17.38 -33.40 -30.28
CA LEU C 335 16.66 -32.21 -30.73
C LEU C 335 15.16 -32.45 -30.68
N CYS C 336 14.41 -31.39 -30.37
CA CYS C 336 12.99 -31.67 -30.27
C CYS C 336 12.28 -31.34 -31.58
N PRO C 337 11.37 -32.21 -32.02
CA PRO C 337 10.62 -31.95 -33.27
C PRO C 337 9.56 -30.88 -33.10
N PHE C 338 10.01 -29.64 -32.93
CA PHE C 338 9.08 -28.52 -32.93
C PHE C 338 8.49 -28.27 -34.31
N GLY C 339 9.13 -28.80 -35.35
CA GLY C 339 8.51 -28.77 -36.67
C GLY C 339 7.22 -29.58 -36.72
N GLU C 340 7.13 -30.62 -35.90
CA GLU C 340 5.93 -31.45 -35.88
C GLU C 340 4.71 -30.71 -35.32
N VAL C 341 4.90 -29.47 -34.86
CA VAL C 341 3.79 -28.65 -34.39
C VAL C 341 3.77 -27.29 -35.07
N PHE C 342 4.90 -26.86 -35.64
CA PHE C 342 4.92 -25.57 -36.33
C PHE C 342 4.85 -25.76 -37.84
N ASN C 343 5.74 -26.59 -38.40
CA ASN C 343 5.64 -27.01 -39.79
C ASN C 343 4.63 -28.13 -39.98
N ALA C 344 3.80 -28.39 -38.98
CA ALA C 344 2.82 -29.47 -39.06
C ALA C 344 1.77 -29.18 -40.12
N THR C 345 1.43 -30.21 -40.89
CA THR C 345 0.40 -30.06 -41.93
C THR C 345 -0.98 -30.34 -41.38
N ARG C 346 -1.07 -30.99 -40.23
CA ARG C 346 -2.34 -31.39 -39.64
C ARG C 346 -2.54 -30.70 -38.30
N PHE C 347 -3.77 -30.25 -38.06
CA PHE C 347 -4.16 -29.66 -36.78
C PHE C 347 -5.59 -30.06 -36.47
N ALA C 348 -5.87 -30.21 -35.17
CA ALA C 348 -7.20 -30.60 -34.73
C ALA C 348 -8.03 -29.37 -34.35
N SER C 349 -9.33 -29.59 -34.20
CA SER C 349 -10.24 -28.51 -33.84
C SER C 349 -10.16 -28.24 -32.33
N VAL C 350 -10.95 -27.24 -31.90
CA VAL C 350 -10.89 -26.83 -30.50
C VAL C 350 -11.71 -27.77 -29.62
N TYR C 351 -12.76 -28.36 -30.17
CA TYR C 351 -13.60 -29.27 -29.39
C TYR C 351 -12.89 -30.56 -29.03
N ALA C 352 -11.86 -30.96 -29.79
CA ALA C 352 -11.07 -32.16 -29.52
C ALA C 352 -9.59 -31.83 -29.63
N TRP C 353 -9.17 -30.77 -28.96
CA TRP C 353 -7.79 -30.32 -29.02
C TRP C 353 -6.84 -31.39 -28.49
N ASN C 354 -5.90 -31.80 -29.34
CA ASN C 354 -4.91 -32.80 -28.97
C ASN C 354 -3.79 -32.18 -28.15
N ARG C 355 -3.26 -32.98 -27.23
CA ARG C 355 -2.14 -32.56 -26.40
C ARG C 355 -1.03 -33.59 -26.50
N LYS C 356 0.22 -33.12 -26.56
CA LYS C 356 1.39 -33.97 -26.69
C LYS C 356 2.40 -33.59 -25.61
N ARG C 357 2.67 -34.51 -24.70
CA ARG C 357 3.69 -34.28 -23.68
C ARG C 357 5.06 -34.26 -24.32
N ILE C 358 5.87 -33.28 -23.93
CA ILE C 358 7.19 -33.05 -24.52
C ILE C 358 8.24 -33.40 -23.46
N SER C 359 9.12 -34.34 -23.80
CA SER C 359 10.18 -34.77 -22.89
C SER C 359 11.37 -35.25 -23.70
N ASN C 360 12.55 -35.18 -23.10
CA ASN C 360 13.81 -35.56 -23.74
C ASN C 360 14.00 -34.80 -25.05
N CYS C 361 14.09 -33.47 -24.92
CA CYS C 361 14.07 -32.58 -26.07
C CYS C 361 15.14 -31.50 -25.91
N VAL C 362 15.40 -30.81 -27.02
CA VAL C 362 16.23 -29.61 -27.03
C VAL C 362 15.37 -28.50 -27.64
N ALA C 363 15.06 -27.48 -26.85
CA ALA C 363 14.15 -26.41 -27.27
C ALA C 363 14.98 -25.27 -27.85
N ASP C 364 15.09 -25.24 -29.18
CA ASP C 364 15.79 -24.17 -29.88
C ASP C 364 14.75 -23.19 -30.40
N TYR C 365 14.46 -22.16 -29.61
CA TYR C 365 13.46 -21.18 -29.98
C TYR C 365 14.00 -20.07 -30.85
N SER C 366 15.26 -20.16 -31.29
CA SER C 366 15.87 -19.07 -32.04
C SER C 366 15.16 -18.84 -33.37
N VAL C 367 15.09 -19.88 -34.21
CA VAL C 367 14.49 -19.73 -35.53
C VAL C 367 12.99 -19.50 -35.41
N LEU C 368 12.36 -20.11 -34.41
CA LEU C 368 10.92 -19.92 -34.22
C LEU C 368 10.60 -18.48 -33.85
N TYR C 369 11.41 -17.88 -32.99
CA TYR C 369 11.18 -16.49 -32.59
C TYR C 369 11.53 -15.54 -33.73
N ASN C 370 12.63 -15.82 -34.44
CA ASN C 370 13.06 -14.93 -35.52
C ASN C 370 12.16 -15.03 -36.75
N SER C 371 11.42 -16.12 -36.89
CA SER C 371 10.53 -16.27 -38.05
C SER C 371 9.36 -15.31 -37.95
N ALA C 372 9.02 -14.67 -39.07
CA ALA C 372 7.91 -13.74 -39.13
C ALA C 372 6.56 -14.44 -39.25
N SER C 373 6.53 -15.78 -39.19
CA SER C 373 5.27 -16.50 -39.27
C SER C 373 4.37 -16.22 -38.08
N PHE C 374 4.93 -15.77 -36.96
CA PHE C 374 4.14 -15.47 -35.78
C PHE C 374 3.58 -14.06 -35.87
N SER C 375 2.28 -13.96 -36.16
CA SER C 375 1.64 -12.65 -36.20
C SER C 375 1.63 -11.99 -34.84
N THR C 376 1.26 -12.75 -33.80
CA THR C 376 1.29 -12.27 -32.44
C THR C 376 1.98 -13.32 -31.57
N PHE C 377 2.89 -12.84 -30.72
CA PHE C 377 3.66 -13.70 -29.83
C PHE C 377 3.59 -13.07 -28.43
N LYS C 378 2.54 -13.41 -27.69
CA LYS C 378 2.26 -12.79 -26.40
C LYS C 378 2.60 -13.78 -25.29
N CYS C 379 3.80 -13.64 -24.74
CA CYS C 379 4.28 -14.49 -23.66
C CYS C 379 4.06 -13.78 -22.34
N TYR C 380 3.49 -14.52 -21.37
CA TYR C 380 3.13 -13.95 -20.08
C TYR C 380 4.01 -14.47 -18.94
N GLY C 381 4.13 -15.78 -18.79
CA GLY C 381 5.01 -16.34 -17.79
C GLY C 381 6.48 -16.32 -18.14
N VAL C 382 6.79 -16.16 -19.43
CA VAL C 382 8.15 -16.13 -19.93
C VAL C 382 8.28 -14.95 -20.89
N SER C 383 9.46 -14.81 -21.49
CA SER C 383 9.72 -13.72 -22.41
C SER C 383 9.90 -14.24 -23.83
N PRO C 384 9.43 -13.50 -24.83
CA PRO C 384 9.64 -13.94 -26.23
C PRO C 384 11.10 -13.98 -26.64
N THR C 385 11.95 -13.15 -26.04
CA THR C 385 13.36 -13.12 -26.41
C THR C 385 14.23 -13.95 -25.48
N LYS C 386 13.76 -14.23 -24.27
CA LYS C 386 14.50 -15.02 -23.30
C LYS C 386 14.09 -16.49 -23.31
N LEU C 387 13.70 -17.03 -24.47
CA LEU C 387 13.28 -18.43 -24.53
C LEU C 387 14.46 -19.37 -24.74
N ASN C 388 15.50 -18.91 -25.44
CA ASN C 388 16.59 -19.80 -25.84
C ASN C 388 17.45 -20.27 -24.67
N ASP C 389 17.39 -19.60 -23.52
CA ASP C 389 18.25 -19.95 -22.40
C ASP C 389 17.53 -20.69 -21.28
N LEU C 390 16.20 -20.64 -21.24
CA LEU C 390 15.47 -21.38 -20.22
C LEU C 390 15.44 -22.86 -20.53
N CYS C 391 15.22 -23.66 -19.48
CA CYS C 391 15.10 -25.11 -19.61
C CYS C 391 13.96 -25.57 -18.71
N PHE C 392 12.96 -26.22 -19.29
CA PHE C 392 11.84 -26.76 -18.54
C PHE C 392 12.07 -28.22 -18.19
N THR C 393 11.32 -28.69 -17.20
CA THR C 393 11.36 -30.09 -16.80
C THR C 393 10.38 -30.93 -17.60
N ASN C 394 9.20 -30.39 -17.87
CA ASN C 394 8.20 -31.06 -18.70
C ASN C 394 7.18 -30.02 -19.12
N VAL C 395 6.76 -30.07 -20.39
CA VAL C 395 5.82 -29.12 -20.95
C VAL C 395 4.82 -29.87 -21.81
N TYR C 396 3.67 -29.24 -22.04
CA TYR C 396 2.61 -29.79 -22.88
C TYR C 396 2.38 -28.87 -24.07
N ALA C 397 2.09 -29.47 -25.23
CA ALA C 397 1.83 -28.74 -26.46
C ALA C 397 0.39 -29.00 -26.88
N ASP C 398 -0.40 -27.94 -26.99
CA ASP C 398 -1.79 -28.03 -27.39
C ASP C 398 -1.99 -27.34 -28.73
N SER C 399 -2.75 -27.98 -29.62
CA SER C 399 -3.03 -27.46 -30.95
C SER C 399 -4.53 -27.44 -31.17
N PHE C 400 -5.06 -26.29 -31.59
CA PHE C 400 -6.49 -26.15 -31.86
C PHE C 400 -6.69 -24.89 -32.69
N VAL C 401 -7.91 -24.74 -33.21
CA VAL C 401 -8.25 -23.67 -34.13
C VAL C 401 -9.29 -22.77 -33.48
N ILE C 402 -9.16 -21.46 -33.71
CA ILE C 402 -10.06 -20.46 -33.13
C ILE C 402 -10.38 -19.44 -34.21
N ARG C 403 -11.44 -18.67 -34.00
CA ARG C 403 -11.82 -17.63 -34.92
C ARG C 403 -10.91 -16.41 -34.74
N GLY C 404 -11.25 -15.32 -35.43
CA GLY C 404 -10.43 -14.12 -35.41
C GLY C 404 -10.67 -13.22 -34.21
N ASP C 405 -11.94 -12.92 -33.94
CA ASP C 405 -12.27 -11.99 -32.86
C ASP C 405 -12.00 -12.59 -31.49
N GLU C 406 -11.79 -13.89 -31.38
CA GLU C 406 -11.59 -14.55 -30.10
C GLU C 406 -10.12 -14.74 -29.75
N VAL C 407 -9.20 -14.09 -30.47
CA VAL C 407 -7.77 -14.24 -30.16
C VAL C 407 -7.49 -13.77 -28.75
N ARG C 408 -8.13 -12.67 -28.32
CA ARG C 408 -7.95 -12.17 -26.96
C ARG C 408 -8.44 -13.17 -25.91
N GLN C 409 -9.31 -14.10 -26.30
CA GLN C 409 -9.84 -15.07 -25.34
C GLN C 409 -8.81 -16.11 -24.94
N ILE C 410 -7.77 -16.31 -25.74
CA ILE C 410 -6.70 -17.26 -25.39
C ILE C 410 -5.71 -16.49 -24.53
N ALA C 411 -6.03 -16.40 -23.24
CA ALA C 411 -5.21 -15.69 -22.26
C ALA C 411 -5.67 -16.04 -20.86
N PRO C 412 -4.80 -15.94 -19.86
CA PRO C 412 -5.24 -16.21 -18.47
C PRO C 412 -6.25 -15.18 -18.00
N GLY C 413 -7.37 -15.67 -17.50
CA GLY C 413 -8.43 -14.79 -17.03
C GLY C 413 -9.26 -14.19 -18.15
N GLN C 414 -9.86 -15.02 -18.99
CA GLN C 414 -10.69 -14.56 -20.10
C GLN C 414 -11.96 -15.40 -20.17
N THR C 415 -12.96 -14.85 -20.87
CA THR C 415 -14.25 -15.50 -21.04
C THR C 415 -14.61 -15.53 -22.52
N GLY C 416 -15.82 -16.02 -22.79
CA GLY C 416 -16.30 -16.14 -24.15
C GLY C 416 -16.94 -17.49 -24.41
N LYS C 417 -17.37 -17.73 -25.66
CA LYS C 417 -18.00 -18.99 -25.99
C LYS C 417 -17.06 -20.17 -25.74
N ILE C 418 -15.85 -20.11 -26.30
CA ILE C 418 -14.88 -21.19 -26.12
C ILE C 418 -14.37 -21.24 -24.69
N ALA C 419 -13.91 -20.11 -24.16
CA ALA C 419 -13.40 -20.06 -22.79
C ALA C 419 -14.47 -20.42 -21.76
N ASP C 420 -15.73 -20.52 -22.18
CA ASP C 420 -16.82 -20.89 -21.28
C ASP C 420 -17.23 -22.35 -21.43
N TYR C 421 -17.47 -22.82 -22.65
CA TYR C 421 -18.05 -24.13 -22.86
C TYR C 421 -17.20 -25.10 -23.66
N ASN C 422 -16.09 -24.64 -24.25
CA ASN C 422 -15.28 -25.52 -25.10
C ASN C 422 -13.88 -25.73 -24.57
N TYR C 423 -13.17 -24.65 -24.22
CA TYR C 423 -11.79 -24.76 -23.75
C TYR C 423 -11.35 -23.49 -23.05
N LYS C 424 -10.89 -23.62 -21.80
CA LYS C 424 -10.48 -22.46 -21.01
C LYS C 424 -9.04 -22.66 -20.53
N LEU C 425 -8.32 -21.54 -20.37
CA LEU C 425 -6.94 -21.51 -19.91
C LEU C 425 -6.88 -21.22 -18.41
N PRO C 426 -5.78 -21.60 -17.76
CA PRO C 426 -5.63 -21.29 -16.33
C PRO C 426 -5.54 -19.79 -16.09
N ASP C 427 -6.14 -19.33 -15.00
CA ASP C 427 -6.06 -17.92 -14.64
C ASP C 427 -4.63 -17.49 -14.35
N ASP C 428 -3.77 -18.44 -13.96
CA ASP C 428 -2.36 -18.19 -13.71
C ASP C 428 -1.48 -18.97 -14.68
N PHE C 429 -1.91 -19.08 -15.93
CA PHE C 429 -1.16 -19.84 -16.93
C PHE C 429 0.19 -19.18 -17.22
N THR C 430 1.24 -19.99 -17.23
CA THR C 430 2.59 -19.53 -17.54
C THR C 430 3.01 -20.11 -18.88
N GLY C 431 3.43 -19.25 -19.79
CA GLY C 431 3.83 -19.67 -21.12
C GLY C 431 3.56 -18.57 -22.12
N CYS C 432 3.46 -18.99 -23.38
CA CYS C 432 3.26 -18.07 -24.50
C CYS C 432 2.19 -18.61 -25.43
N VAL C 433 1.51 -17.70 -26.12
CA VAL C 433 0.47 -18.03 -27.07
C VAL C 433 0.97 -17.71 -28.47
N ILE C 434 0.88 -18.69 -29.37
CA ILE C 434 1.33 -18.55 -30.75
C ILE C 434 0.11 -18.55 -31.65
N ALA C 435 -0.12 -17.44 -32.35
CA ALA C 435 -1.21 -17.32 -33.29
C ALA C 435 -0.69 -16.73 -34.59
N TRP C 436 -0.97 -17.40 -35.69
CA TRP C 436 -0.47 -17.00 -36.99
C TRP C 436 -1.54 -16.20 -37.72
N ASN C 437 -1.11 -15.48 -38.74
CA ASN C 437 -2.02 -14.92 -39.74
C ASN C 437 -2.39 -16.01 -40.73
N SER C 438 -3.06 -17.05 -40.22
CA SER C 438 -3.33 -18.27 -40.97
C SER C 438 -4.41 -18.10 -42.02
N ASN C 439 -4.79 -16.85 -42.34
CA ASN C 439 -5.75 -16.60 -43.40
C ASN C 439 -5.33 -17.30 -44.69
N ASN C 440 -4.02 -17.30 -44.98
CA ASN C 440 -3.53 -18.01 -46.15
C ASN C 440 -3.51 -19.52 -45.90
N LEU C 441 -3.08 -19.93 -44.71
CA LEU C 441 -3.00 -21.36 -44.42
C LEU C 441 -4.36 -21.95 -44.14
N ASP C 442 -5.03 -21.50 -43.08
CA ASP C 442 -6.33 -22.04 -42.69
C ASP C 442 -7.36 -20.92 -42.56
N ASN C 448 -14.42 -26.20 -46.55
CA ASN C 448 -13.82 -26.14 -45.22
C ASN C 448 -14.90 -25.97 -44.15
N TYR C 449 -15.70 -27.03 -43.97
CA TYR C 449 -16.78 -27.04 -42.99
C TYR C 449 -16.50 -27.94 -41.81
N ASN C 450 -15.22 -28.14 -41.47
CA ASN C 450 -14.83 -29.14 -40.47
C ASN C 450 -14.10 -28.54 -39.28
N TYR C 451 -14.60 -27.43 -38.73
CA TYR C 451 -14.07 -26.85 -37.51
C TYR C 451 -15.24 -26.53 -36.58
N LEU C 452 -15.21 -27.13 -35.39
CA LEU C 452 -16.39 -27.25 -34.55
C LEU C 452 -16.23 -26.42 -33.29
N TYR C 453 -17.37 -26.05 -32.67
CA TYR C 453 -17.39 -25.33 -31.41
C TYR C 453 -18.68 -25.67 -30.67
N ARG C 454 -18.63 -25.57 -29.35
CA ARG C 454 -19.79 -25.88 -28.52
C ARG C 454 -20.60 -24.61 -28.25
N LEU C 455 -21.91 -24.78 -28.07
CA LEU C 455 -22.82 -23.67 -27.81
C LEU C 455 -23.45 -23.70 -26.44
N PHE C 456 -23.93 -24.85 -25.98
CA PHE C 456 -24.61 -24.97 -24.70
C PHE C 456 -23.95 -26.05 -23.86
N ARG C 457 -23.86 -25.81 -22.56
CA ARG C 457 -23.21 -26.73 -21.64
C ARG C 457 -23.64 -26.36 -20.21
N LYS C 458 -23.38 -27.27 -19.28
CA LYS C 458 -23.81 -27.06 -17.90
C LYS C 458 -23.10 -25.87 -17.28
N SER C 459 -21.77 -25.87 -17.27
CA SER C 459 -21.00 -24.79 -16.67
C SER C 459 -19.62 -24.77 -17.31
N ASN C 460 -18.75 -23.93 -16.76
CA ASN C 460 -17.40 -23.81 -17.27
C ASN C 460 -16.60 -25.07 -16.95
N LEU C 461 -15.63 -25.37 -17.82
CA LEU C 461 -14.76 -26.53 -17.65
C LEU C 461 -13.40 -26.08 -17.10
N LYS C 462 -12.79 -26.96 -16.31
CA LYS C 462 -11.51 -26.65 -15.71
C LYS C 462 -10.44 -26.42 -16.77
N PRO C 463 -9.42 -25.64 -16.47
CA PRO C 463 -8.35 -25.40 -17.45
C PRO C 463 -7.67 -26.70 -17.87
N PHE C 464 -7.33 -26.78 -19.15
CA PHE C 464 -6.66 -27.92 -19.78
C PHE C 464 -7.49 -29.20 -19.72
N GLU C 465 -8.79 -29.10 -19.44
CA GLU C 465 -9.64 -30.28 -19.38
C GLU C 465 -10.22 -30.57 -20.76
N ARG C 466 -10.47 -31.84 -21.04
CA ARG C 466 -10.99 -32.29 -22.33
C ARG C 466 -12.39 -32.87 -22.10
N ASP C 467 -13.40 -32.19 -22.65
CA ASP C 467 -14.77 -32.67 -22.58
C ASP C 467 -15.29 -32.89 -24.00
N ILE C 468 -15.72 -34.11 -24.29
CA ILE C 468 -16.18 -34.51 -25.61
C ILE C 468 -17.57 -35.09 -25.46
N SER C 469 -18.56 -34.42 -26.05
CA SER C 469 -19.94 -34.89 -26.04
C SER C 469 -20.63 -34.37 -27.29
N THR C 470 -21.43 -35.22 -27.94
CA THR C 470 -22.08 -34.89 -29.19
C THR C 470 -23.59 -34.95 -29.09
N GLU C 471 -24.15 -34.84 -27.88
CA GLU C 471 -25.60 -34.89 -27.68
C GLU C 471 -25.96 -34.13 -26.42
N ILE C 472 -27.21 -34.34 -25.97
CA ILE C 472 -27.73 -33.77 -24.73
C ILE C 472 -27.66 -32.24 -24.76
N TYR C 473 -28.45 -31.67 -25.67
CA TYR C 473 -28.59 -30.22 -25.78
C TYR C 473 -29.20 -29.65 -24.51
N GLN C 474 -29.11 -28.33 -24.34
CA GLN C 474 -29.56 -27.69 -23.11
C GLN C 474 -31.06 -27.85 -22.88
N ALA C 475 -31.87 -27.26 -23.74
CA ALA C 475 -33.32 -27.35 -23.58
C ALA C 475 -34.00 -27.77 -24.87
N GLY C 476 -33.51 -27.28 -26.01
CA GLY C 476 -34.13 -27.55 -27.29
C GLY C 476 -33.15 -27.32 -28.43
N GLU C 484 -34.50 -37.91 -26.59
CA GLU C 484 -33.21 -37.37 -27.02
C GLU C 484 -33.29 -36.84 -28.46
N GLY C 485 -34.16 -37.47 -29.26
CA GLY C 485 -34.33 -37.02 -30.65
C GLY C 485 -35.31 -35.85 -30.76
N PHE C 486 -35.61 -35.19 -29.65
CA PHE C 486 -36.55 -34.08 -29.65
C PHE C 486 -35.85 -32.82 -30.18
N ASN C 487 -36.48 -31.66 -29.95
CA ASN C 487 -35.89 -30.37 -30.31
C ASN C 487 -34.44 -30.26 -29.82
N CYS C 488 -34.17 -30.78 -28.62
CA CYS C 488 -32.81 -30.93 -28.16
C CYS C 488 -32.07 -31.91 -29.05
N TYR C 489 -31.00 -31.45 -29.68
CA TYR C 489 -30.31 -32.21 -30.71
C TYR C 489 -28.82 -31.90 -30.64
N PHE C 490 -28.10 -32.21 -31.72
CA PHE C 490 -26.66 -32.01 -31.85
C PHE C 490 -26.26 -30.63 -31.36
N PRO C 491 -25.58 -30.52 -30.23
CA PRO C 491 -25.22 -29.21 -29.67
C PRO C 491 -23.93 -28.61 -30.20
N LEU C 492 -23.40 -29.10 -31.32
CA LEU C 492 -22.14 -28.65 -31.87
C LEU C 492 -22.33 -28.20 -33.31
N GLN C 493 -21.83 -27.00 -33.62
CA GLN C 493 -21.96 -26.42 -34.94
C GLN C 493 -20.58 -26.10 -35.51
N SER C 494 -20.49 -26.12 -36.84
CA SER C 494 -19.21 -25.91 -37.50
C SER C 494 -18.99 -24.42 -37.78
N TYR C 495 -17.72 -24.06 -37.96
CA TYR C 495 -17.35 -22.71 -38.32
C TYR C 495 -17.79 -22.41 -39.74
N GLY C 496 -17.95 -21.11 -40.04
CA GLY C 496 -18.36 -20.70 -41.36
C GLY C 496 -17.21 -20.39 -42.30
N PHE C 497 -16.27 -21.32 -42.42
CA PHE C 497 -15.11 -21.16 -43.28
C PHE C 497 -15.33 -21.88 -44.61
N GLN C 498 -14.49 -21.55 -45.59
CA GLN C 498 -14.56 -22.11 -46.93
C GLN C 498 -13.32 -21.69 -47.70
N PRO C 499 -12.76 -22.56 -48.54
CA PRO C 499 -11.64 -22.12 -49.39
C PRO C 499 -11.97 -20.92 -50.26
N THR C 500 -13.26 -20.69 -50.56
CA THR C 500 -13.67 -19.51 -51.30
C THR C 500 -13.83 -18.28 -50.40
N ASN C 501 -13.94 -18.47 -49.09
CA ASN C 501 -14.09 -17.36 -48.16
C ASN C 501 -12.73 -16.81 -47.75
N VAL C 503 -11.30 -10.02 -43.13
CA VAL C 503 -10.13 -10.15 -42.28
C VAL C 503 -10.51 -10.77 -40.94
N GLY C 504 -11.43 -10.12 -40.23
CA GLY C 504 -11.88 -10.63 -38.95
C GLY C 504 -12.68 -11.91 -39.03
N TYR C 505 -13.35 -12.15 -40.16
CA TYR C 505 -14.12 -13.37 -40.36
C TYR C 505 -13.28 -14.52 -40.91
N GLN C 506 -12.00 -14.28 -41.19
CA GLN C 506 -11.07 -15.27 -41.72
C GLN C 506 -10.40 -16.03 -40.57
N PRO C 507 -10.03 -17.29 -40.78
CA PRO C 507 -9.54 -18.10 -39.65
C PRO C 507 -8.13 -17.72 -39.24
N TYR C 508 -7.87 -17.79 -37.94
CA TYR C 508 -6.54 -17.60 -37.38
C TYR C 508 -6.23 -18.78 -36.46
N ARG C 509 -5.22 -19.57 -36.83
CA ARG C 509 -4.85 -20.75 -36.08
C ARG C 509 -4.00 -20.34 -34.88
N VAL C 510 -4.16 -21.06 -33.77
CA VAL C 510 -3.49 -20.74 -32.51
C VAL C 510 -2.79 -21.98 -31.97
N VAL C 511 -1.58 -21.79 -31.46
CA VAL C 511 -0.85 -22.84 -30.75
C VAL C 511 -0.39 -22.26 -29.41
N VAL C 512 -0.55 -23.04 -28.35
CA VAL C 512 -0.16 -22.60 -27.01
C VAL C 512 0.92 -23.53 -26.48
N LEU C 513 2.01 -22.94 -26.00
CA LEU C 513 3.12 -23.67 -25.41
C LEU C 513 2.97 -23.56 -23.89
N SER C 514 2.18 -24.47 -23.31
CA SER C 514 1.93 -24.47 -21.89
C SER C 514 3.21 -24.90 -21.16
N PHE C 515 3.95 -23.92 -20.65
CA PHE C 515 5.24 -24.16 -20.01
C PHE C 515 5.02 -24.49 -18.54
N GLU C 516 5.10 -25.78 -18.22
CA GLU C 516 4.94 -26.25 -16.84
C GLU C 516 6.30 -26.18 -16.15
N LEU C 517 6.44 -25.23 -15.22
CA LEU C 517 7.69 -25.03 -14.49
C LEU C 517 7.77 -25.84 -13.21
N LEU C 518 7.06 -26.96 -13.14
CA LEU C 518 7.08 -27.79 -11.94
C LEU C 518 8.45 -28.43 -11.75
N HIS C 519 8.85 -28.58 -10.48
CA HIS C 519 10.14 -29.17 -10.15
C HIS C 519 10.13 -30.65 -10.52
N ALA C 520 11.04 -31.04 -11.41
CA ALA C 520 11.14 -32.41 -11.91
C ALA C 520 12.47 -32.60 -12.62
N PRO C 521 12.87 -33.82 -12.93
CA PRO C 521 14.08 -34.02 -13.76
C PRO C 521 13.93 -33.30 -15.11
N ALA C 522 14.89 -32.43 -15.41
CA ALA C 522 14.82 -31.63 -16.62
C ALA C 522 14.88 -32.52 -17.86
N THR C 523 14.01 -32.23 -18.82
CA THR C 523 13.93 -32.98 -20.07
C THR C 523 14.11 -32.12 -21.30
N VAL C 524 13.64 -30.87 -21.27
CA VAL C 524 13.69 -29.98 -22.42
C VAL C 524 14.47 -28.73 -22.02
N CYS C 525 15.67 -28.59 -22.56
CA CYS C 525 16.50 -27.42 -22.29
C CYS C 525 16.80 -26.71 -23.60
N GLY C 526 17.24 -25.45 -23.48
CA GLY C 526 17.60 -24.68 -24.63
C GLY C 526 18.96 -25.07 -25.19
N PRO C 527 19.32 -24.49 -26.33
CA PRO C 527 20.60 -24.81 -26.98
C PRO C 527 21.80 -24.11 -26.31
N LYS C 528 22.14 -24.58 -25.12
CA LYS C 528 23.25 -24.05 -24.35
C LYS C 528 24.37 -25.09 -24.31
N LYS C 529 25.58 -24.61 -24.08
CA LYS C 529 26.76 -25.46 -24.03
C LYS C 529 27.29 -25.53 -22.60
N SER C 530 27.54 -26.73 -22.12
CA SER C 530 28.03 -26.92 -20.76
C SER C 530 29.52 -26.63 -20.69
N THR C 531 29.95 -26.19 -19.51
CA THR C 531 31.35 -25.85 -19.25
C THR C 531 31.88 -26.76 -18.15
N ASN C 532 33.19 -26.72 -17.95
CA ASN C 532 33.81 -27.50 -16.89
C ASN C 532 33.39 -26.98 -15.52
N LEU C 533 33.33 -27.89 -14.56
CA LEU C 533 32.88 -27.56 -13.22
C LEU C 533 34.08 -27.25 -12.33
N VAL C 534 34.09 -26.04 -11.78
CA VAL C 534 35.10 -25.62 -10.81
C VAL C 534 34.46 -25.61 -9.43
N LYS C 535 35.31 -25.70 -8.41
CA LYS C 535 34.88 -25.79 -7.03
C LYS C 535 35.56 -24.70 -6.21
N ASN C 536 34.88 -24.29 -5.14
CA ASN C 536 35.38 -23.27 -4.21
C ASN C 536 35.68 -21.95 -4.92
N LYS C 537 34.90 -21.62 -5.95
CA LYS C 537 35.07 -20.38 -6.69
C LYS C 537 33.69 -19.82 -7.02
N CYS C 538 33.35 -18.68 -6.43
CA CYS C 538 32.11 -18.00 -6.76
C CYS C 538 32.11 -17.59 -8.22
N VAL C 539 31.23 -18.20 -9.01
CA VAL C 539 31.10 -17.93 -10.43
C VAL C 539 29.61 -17.81 -10.74
N ASN C 540 29.31 -17.39 -11.96
CA ASN C 540 27.93 -17.28 -12.44
C ASN C 540 27.51 -18.65 -12.96
N PHE C 541 27.03 -19.49 -12.05
CA PHE C 541 26.62 -20.86 -12.40
C PHE C 541 25.19 -20.87 -12.92
N ASN C 542 24.88 -21.93 -13.65
CA ASN C 542 23.53 -22.11 -14.21
C ASN C 542 23.22 -23.59 -14.20
N PHE C 543 22.45 -24.02 -13.21
CA PHE C 543 22.07 -25.43 -13.04
C PHE C 543 20.61 -25.58 -13.44
N ASN C 544 20.38 -25.91 -14.71
CA ASN C 544 19.04 -26.15 -15.23
C ASN C 544 18.13 -24.93 -15.04
N GLY C 545 18.65 -23.75 -15.40
CA GLY C 545 17.92 -22.51 -15.23
C GLY C 545 18.15 -21.80 -13.92
N LEU C 546 18.65 -22.50 -12.90
CA LEU C 546 18.94 -21.89 -11.61
C LEU C 546 20.28 -21.17 -11.70
N THR C 547 20.25 -19.85 -11.54
CA THR C 547 21.45 -19.02 -11.60
C THR C 547 21.78 -18.46 -10.22
N GLY C 548 22.98 -17.91 -10.10
CA GLY C 548 23.39 -17.31 -8.84
C GLY C 548 24.90 -17.31 -8.73
N THR C 549 25.36 -16.85 -7.57
CA THR C 549 26.78 -16.81 -7.23
C THR C 549 27.01 -17.63 -5.98
N GLY C 550 28.03 -18.48 -6.02
CA GLY C 550 28.34 -19.32 -4.88
C GLY C 550 29.39 -20.35 -5.25
N VAL C 551 29.69 -21.20 -4.26
CA VAL C 551 30.70 -22.24 -4.42
C VAL C 551 30.01 -23.58 -4.60
N LEU C 552 30.65 -24.46 -5.35
CA LEU C 552 30.14 -25.80 -5.62
C LEU C 552 31.07 -26.82 -4.95
N THR C 553 30.67 -27.29 -3.77
CA THR C 553 31.47 -28.21 -2.99
C THR C 553 30.81 -29.57 -2.95
N GLU C 554 31.62 -30.62 -2.85
CA GLU C 554 31.11 -31.97 -2.73
C GLU C 554 30.40 -32.15 -1.40
N SER C 555 29.08 -32.27 -1.45
CA SER C 555 28.25 -32.41 -0.27
C SER C 555 28.12 -33.88 0.13
N ASN C 556 27.90 -34.10 1.43
CA ASN C 556 27.71 -35.43 1.97
C ASN C 556 26.24 -35.78 2.15
N LYS C 557 25.33 -35.00 1.57
CA LYS C 557 23.91 -35.26 1.68
C LYS C 557 23.54 -36.50 0.87
N LYS C 558 22.62 -37.28 1.42
CA LYS C 558 22.15 -38.52 0.80
C LYS C 558 20.79 -38.24 0.17
N PHE C 559 20.82 -37.79 -1.08
CA PHE C 559 19.58 -37.55 -1.82
C PHE C 559 18.91 -38.86 -2.19
N LEU C 560 17.61 -38.86 -2.14
CA LEU C 560 16.85 -40.04 -2.53
C LEU C 560 16.70 -40.08 -4.06
N PRO C 561 16.54 -41.27 -4.62
CA PRO C 561 16.50 -41.39 -6.10
C PRO C 561 15.44 -40.51 -6.76
N PHE C 562 14.37 -40.17 -6.07
CA PHE C 562 13.34 -39.30 -6.64
C PHE C 562 13.56 -37.84 -6.32
N GLN C 563 14.12 -37.53 -5.15
CA GLN C 563 14.37 -36.13 -4.79
C GLN C 563 15.49 -35.56 -5.65
N GLN C 564 15.19 -34.48 -6.36
CA GLN C 564 16.13 -33.85 -7.27
C GLN C 564 17.05 -32.85 -6.59
N PHE C 565 16.49 -31.86 -5.90
CA PHE C 565 17.29 -30.82 -5.27
C PHE C 565 16.72 -30.53 -3.88
N GLY C 566 17.54 -29.86 -3.07
CA GLY C 566 17.17 -29.48 -1.73
C GLY C 566 16.93 -27.98 -1.59
N ARG C 567 16.33 -27.63 -0.46
CA ARG C 567 16.03 -26.23 -0.15
C ARG C 567 16.27 -25.98 1.33
N ASP C 568 16.47 -24.70 1.65
CA ASP C 568 16.61 -24.25 3.03
C ASP C 568 15.30 -23.59 3.48
N ILE C 569 15.34 -22.97 4.66
CA ILE C 569 14.17 -22.26 5.16
C ILE C 569 13.84 -21.07 4.27
N ALA C 570 14.84 -20.47 3.64
CA ALA C 570 14.66 -19.31 2.79
C ALA C 570 14.08 -19.64 1.43
N ASP C 571 13.61 -20.88 1.23
CA ASP C 571 12.99 -21.31 -0.03
C ASP C 571 14.01 -21.22 -1.17
N THR C 572 15.28 -21.04 -0.83
CA THR C 572 16.33 -21.03 -1.84
C THR C 572 16.94 -22.42 -1.96
N THR C 573 17.40 -22.73 -3.17
CA THR C 573 17.96 -24.05 -3.44
C THR C 573 19.29 -24.20 -2.73
N ASP C 574 19.35 -25.14 -1.78
CA ASP C 574 20.56 -25.38 -1.00
C ASP C 574 21.52 -26.34 -1.71
N ALA C 575 21.00 -27.37 -2.35
CA ALA C 575 21.85 -28.33 -3.05
C ALA C 575 21.22 -28.64 -4.40
N VAL C 576 22.06 -28.98 -5.37
CA VAL C 576 21.63 -29.28 -6.72
C VAL C 576 22.33 -30.54 -7.19
N ARG C 577 21.54 -31.52 -7.64
CA ARG C 577 22.08 -32.72 -8.26
C ARG C 577 22.55 -32.40 -9.67
N ASP C 578 23.85 -32.55 -9.90
CA ASP C 578 24.41 -32.28 -11.22
C ASP C 578 23.78 -33.22 -12.25
N PRO C 579 23.15 -32.68 -13.29
CA PRO C 579 22.41 -33.56 -14.22
C PRO C 579 23.31 -34.42 -15.10
N GLN C 580 24.54 -33.99 -15.35
CA GLN C 580 25.44 -34.79 -16.17
C GLN C 580 26.07 -35.92 -15.37
N THR C 581 26.68 -35.60 -14.23
CA THR C 581 27.23 -36.59 -13.32
C THR C 581 26.42 -36.54 -12.03
N LEU C 582 25.83 -37.69 -11.67
CA LEU C 582 24.87 -37.73 -10.56
C LEU C 582 25.63 -37.58 -9.24
N GLU C 583 25.84 -36.32 -8.86
CA GLU C 583 26.47 -35.99 -7.59
C GLU C 583 25.72 -34.82 -6.98
N ILE C 584 25.87 -34.67 -5.67
CA ILE C 584 25.16 -33.65 -4.89
C ILE C 584 26.17 -32.57 -4.49
N LEU C 585 25.87 -31.32 -4.85
CA LEU C 585 26.74 -30.20 -4.55
C LEU C 585 25.95 -29.12 -3.83
N ASP C 586 26.54 -28.57 -2.78
CA ASP C 586 25.91 -27.51 -2.00
C ASP C 586 26.15 -26.16 -2.66
N ILE C 587 25.15 -25.29 -2.56
CA ILE C 587 25.25 -23.92 -3.08
C ILE C 587 25.31 -22.98 -1.89
N THR C 588 26.42 -22.26 -1.77
CA THR C 588 26.63 -21.32 -0.66
C THR C 588 27.37 -20.10 -1.18
N PRO C 589 26.74 -18.92 -1.22
CA PRO C 589 27.46 -17.73 -1.66
C PRO C 589 28.60 -17.40 -0.72
N CYS C 590 29.75 -17.05 -1.30
CA CYS C 590 30.94 -16.72 -0.53
C CYS C 590 30.85 -15.30 0.01
N SER C 591 31.95 -14.83 0.59
CA SER C 591 31.91 -13.74 1.58
C SER C 591 31.23 -12.50 1.02
N PHE C 592 30.55 -11.79 1.92
CA PHE C 592 29.87 -10.54 1.61
C PHE C 592 29.59 -9.82 2.92
N GLY C 593 29.52 -8.51 2.84
CA GLY C 593 29.27 -7.70 4.02
C GLY C 593 29.61 -6.25 3.78
N GLY C 594 29.12 -5.41 4.70
CA GLY C 594 29.34 -3.98 4.58
C GLY C 594 30.80 -3.61 4.79
N VAL C 595 31.22 -2.58 4.06
CA VAL C 595 32.59 -2.07 4.13
C VAL C 595 32.60 -0.91 5.10
N SER C 596 33.38 -1.04 6.17
CA SER C 596 33.52 -0.01 7.20
C SER C 596 34.91 0.59 7.13
N VAL C 597 34.98 1.91 7.16
CA VAL C 597 36.24 2.65 7.06
C VAL C 597 36.57 3.26 8.41
N ILE C 598 37.84 3.22 8.78
CA ILE C 598 38.33 3.78 10.04
C ILE C 598 39.17 5.00 9.70
N THR C 599 38.67 6.18 10.04
CA THR C 599 39.36 7.43 9.75
C THR C 599 39.69 8.15 11.05
N PRO C 600 40.95 8.47 11.32
CA PRO C 600 41.29 9.21 12.55
C PRO C 600 40.86 10.66 12.52
N GLY C 601 40.37 11.17 11.39
CA GLY C 601 39.97 12.55 11.30
C GLY C 601 40.77 13.33 10.27
N THR C 602 40.07 13.93 9.30
CA THR C 602 40.76 14.69 8.25
C THR C 602 41.48 15.91 8.83
N ASN C 603 41.06 16.37 10.01
CA ASN C 603 41.73 17.49 10.65
C ASN C 603 43.14 17.14 11.10
N THR C 604 43.45 15.85 11.23
CA THR C 604 44.76 15.40 11.69
C THR C 604 45.56 14.71 10.60
N SER C 605 44.98 13.70 9.96
CA SER C 605 45.69 12.95 8.92
C SER C 605 44.69 12.44 7.90
N ASN C 606 45.22 11.86 6.82
CA ASN C 606 44.41 11.29 5.75
C ASN C 606 44.67 9.81 5.56
N GLU C 607 45.46 9.19 6.44
CA GLU C 607 45.73 7.76 6.39
C GLU C 607 44.60 7.02 7.08
N VAL C 608 43.97 6.10 6.37
CA VAL C 608 42.79 5.40 6.85
C VAL C 608 43.05 3.90 6.84
N ALA C 609 42.14 3.16 7.47
CA ALA C 609 42.17 1.71 7.50
C ALA C 609 40.80 1.16 7.14
N VAL C 610 40.79 -0.03 6.56
CA VAL C 610 39.56 -0.67 6.07
C VAL C 610 39.31 -1.92 6.91
N LEU C 611 38.04 -2.12 7.28
CA LEU C 611 37.63 -3.27 8.07
C LEU C 611 36.61 -4.09 7.28
N TYR C 612 36.93 -5.34 7.01
CA TYR C 612 36.02 -6.26 6.33
C TYR C 612 35.33 -7.12 7.38
N GLN C 613 34.00 -7.06 7.41
CA GLN C 613 33.23 -7.69 8.47
C GLN C 613 33.05 -9.18 8.19
N ASP C 614 33.56 -10.01 9.10
CA ASP C 614 33.35 -11.47 9.05
C ASP C 614 33.83 -12.07 7.74
N VAL C 615 35.00 -11.65 7.29
CA VAL C 615 35.61 -12.17 6.06
C VAL C 615 37.05 -12.54 6.35
N ASN C 616 37.45 -13.73 5.94
CA ASN C 616 38.82 -14.17 6.08
C ASN C 616 39.70 -13.45 5.06
N CYS C 617 40.97 -13.23 5.45
CA CYS C 617 41.89 -12.50 4.59
C CYS C 617 42.28 -13.27 3.34
N THR C 618 41.88 -14.54 3.21
CA THR C 618 42.22 -15.32 2.03
C THR C 618 41.37 -14.94 0.82
N GLU C 619 40.31 -14.17 1.02
CA GLU C 619 39.41 -13.80 -0.08
C GLU C 619 39.68 -12.41 -0.63
N VAL C 620 40.02 -11.45 0.23
CA VAL C 620 40.30 -10.09 -0.23
C VAL C 620 41.77 -9.93 -0.58
N ASN C 641 50.92 -5.09 4.69
CA ASN C 641 50.31 -4.97 6.02
C ASN C 641 48.84 -5.39 5.98
N VAL C 642 48.59 -6.65 6.34
CA VAL C 642 47.24 -7.19 6.41
C VAL C 642 47.10 -7.97 7.71
N PHE C 643 46.02 -7.73 8.44
CA PHE C 643 45.77 -8.36 9.72
C PHE C 643 44.39 -9.00 9.72
N GLN C 644 44.30 -10.20 10.31
CA GLN C 644 43.04 -10.93 10.43
C GLN C 644 42.63 -11.00 11.89
N THR C 645 41.39 -10.64 12.17
CA THR C 645 40.86 -10.62 13.53
C THR C 645 39.55 -11.38 13.58
N ARG C 646 38.92 -11.37 14.76
CA ARG C 646 37.64 -12.05 14.94
C ARG C 646 36.54 -11.37 14.13
N ALA C 647 36.61 -10.05 13.97
CA ALA C 647 35.61 -9.34 13.18
C ALA C 647 35.80 -9.54 11.69
N GLY C 648 36.96 -10.04 11.26
CA GLY C 648 37.21 -10.27 9.86
C GLY C 648 38.62 -9.91 9.45
N CYS C 649 38.79 -9.45 8.21
CA CYS C 649 40.08 -9.04 7.69
C CYS C 649 40.24 -7.53 7.86
N LEU C 650 41.36 -7.13 8.45
CA LEU C 650 41.65 -5.72 8.69
C LEU C 650 42.82 -5.30 7.81
N ILE C 651 42.56 -4.35 6.91
CA ILE C 651 43.55 -3.86 5.96
C ILE C 651 43.77 -2.38 6.21
N GLY C 652 45.04 -1.97 6.25
CA GLY C 652 45.39 -0.58 6.47
C GLY C 652 45.83 -0.26 7.87
N ALA C 653 45.69 -1.18 8.81
CA ALA C 653 46.11 -0.98 10.19
C ALA C 653 47.09 -2.07 10.59
N GLU C 654 48.20 -1.67 11.20
CA GLU C 654 49.19 -2.60 11.70
C GLU C 654 48.73 -3.12 13.05
N HIS C 655 48.71 -4.45 13.19
CA HIS C 655 48.28 -5.07 14.43
C HIS C 655 49.27 -4.76 15.56
N VAL C 656 48.73 -4.39 16.71
CA VAL C 656 49.52 -4.08 17.89
C VAL C 656 49.06 -4.96 19.04
N ASN C 657 50.01 -5.60 19.72
CA ASN C 657 49.67 -6.47 20.84
C ASN C 657 49.40 -5.68 22.11
N ASN C 658 49.74 -4.40 22.13
CA ASN C 658 49.49 -3.58 23.30
C ASN C 658 47.99 -3.31 23.48
N SER C 659 47.66 -2.63 24.57
CA SER C 659 46.28 -2.31 24.89
C SER C 659 46.14 -0.83 25.22
N TYR C 660 45.08 -0.21 24.71
CA TYR C 660 44.80 1.19 24.98
C TYR C 660 43.29 1.38 25.08
N GLU C 661 42.89 2.45 25.78
CA GLU C 661 41.48 2.84 25.84
C GLU C 661 41.10 3.45 24.50
N CYS C 662 40.32 2.71 23.72
CA CYS C 662 40.09 3.09 22.34
C CYS C 662 38.94 4.08 22.22
N ASP C 663 38.77 4.60 21.00
CA ASP C 663 37.71 5.53 20.66
C ASP C 663 36.83 5.03 19.52
N ILE C 664 37.44 4.42 18.49
CA ILE C 664 36.71 3.89 17.35
C ILE C 664 36.50 2.39 17.61
N PRO C 665 35.27 1.92 17.83
CA PRO C 665 35.05 0.49 18.00
C PRO C 665 35.10 -0.24 16.67
N ILE C 666 35.80 -1.37 16.67
CA ILE C 666 35.95 -2.20 15.48
C ILE C 666 35.05 -3.43 15.56
N GLY C 667 35.09 -4.14 16.67
CA GLY C 667 34.29 -5.33 16.87
C GLY C 667 35.09 -6.36 17.65
N ALA C 668 34.40 -7.04 18.56
CA ALA C 668 35.00 -8.10 19.40
C ALA C 668 36.17 -7.57 20.22
N GLY C 669 36.07 -6.33 20.70
CA GLY C 669 37.10 -5.75 21.53
C GLY C 669 38.28 -5.17 20.78
N ILE C 670 38.33 -5.32 19.47
CA ILE C 670 39.39 -4.75 18.64
C ILE C 670 39.11 -3.27 18.48
N CYS C 671 40.16 -2.47 18.47
CA CYS C 671 40.04 -1.02 18.40
C CYS C 671 41.18 -0.43 17.58
N ALA C 672 40.95 0.77 17.09
CA ALA C 672 41.91 1.50 16.27
C ALA C 672 42.17 2.88 16.84
N SER C 673 43.38 3.38 16.61
CA SER C 673 43.77 4.70 17.09
C SER C 673 44.94 5.20 16.25
N TYR C 674 45.16 6.51 16.30
CA TYR C 674 46.24 7.16 15.58
C TYR C 674 47.26 7.64 16.59
N GLN C 675 48.42 6.98 16.63
CA GLN C 675 49.48 7.32 17.57
C GLN C 675 50.82 7.25 16.86
N THR C 676 51.84 7.76 17.54
CA THR C 676 53.19 7.80 16.98
C THR C 676 53.81 6.40 16.92
N GLN C 690 53.81 9.00 12.92
CA GLN C 690 52.51 8.57 13.42
C GLN C 690 51.82 7.67 12.40
N SER C 691 51.03 6.72 12.90
CA SER C 691 50.31 5.79 12.04
C SER C 691 49.08 5.29 12.77
N ILE C 692 48.35 4.39 12.13
CA ILE C 692 47.15 3.79 12.72
C ILE C 692 47.55 2.50 13.42
N ILE C 693 47.16 2.39 14.70
CA ILE C 693 47.44 1.19 15.49
C ILE C 693 46.14 0.44 15.68
N ALA C 694 46.22 -0.89 15.56
CA ALA C 694 45.08 -1.77 15.80
C ALA C 694 45.40 -2.67 16.98
N TYR C 695 44.50 -2.68 17.98
CA TYR C 695 44.80 -3.36 19.23
C TYR C 695 43.49 -3.81 19.87
N THR C 696 43.63 -4.70 20.85
CA THR C 696 42.50 -5.07 21.68
C THR C 696 42.28 -3.99 22.74
N MET C 697 41.02 -3.73 23.05
CA MET C 697 40.70 -2.62 23.94
C MET C 697 41.13 -2.92 25.37
N SER C 698 41.52 -1.87 26.09
CA SER C 698 41.75 -1.98 27.52
C SER C 698 40.42 -1.86 28.25
N LEU C 699 40.04 -2.91 28.98
CA LEU C 699 38.76 -2.90 29.67
C LEU C 699 38.68 -1.83 30.75
N GLY C 700 39.75 -1.08 30.97
CA GLY C 700 39.80 -0.07 32.01
C GLY C 700 41.16 -0.05 32.67
N ALA C 701 41.41 0.96 33.49
CA ALA C 701 42.65 1.03 34.26
C ALA C 701 42.65 -0.07 35.30
N GLU C 702 43.43 -1.13 35.05
CA GLU C 702 43.44 -2.30 35.93
C GLU C 702 43.94 -1.92 37.32
N ASN C 703 43.05 -1.95 38.30
CA ASN C 703 43.36 -1.56 39.68
C ASN C 703 42.92 -2.70 40.59
N SER C 704 43.82 -3.64 40.84
CA SER C 704 43.52 -4.72 41.78
C SER C 704 43.39 -4.16 43.18
N VAL C 705 42.18 -4.25 43.74
CA VAL C 705 41.90 -3.66 45.03
C VAL C 705 42.64 -4.42 46.13
N ALA C 706 42.96 -3.70 47.21
CA ALA C 706 43.61 -4.31 48.37
C ALA C 706 42.59 -4.78 49.39
N TYR C 707 41.65 -5.60 48.94
CA TYR C 707 40.62 -6.12 49.83
C TYR C 707 41.22 -7.13 50.81
N SER C 708 40.80 -7.03 52.07
CA SER C 708 41.30 -7.92 53.10
C SER C 708 40.29 -7.99 54.22
N ASN C 709 40.73 -8.56 55.35
CA ASN C 709 39.87 -8.74 56.52
C ASN C 709 39.92 -7.57 57.49
N ASN C 710 41.03 -6.82 57.55
CA ASN C 710 41.16 -5.76 58.54
C ASN C 710 41.80 -4.51 57.96
N SER C 711 41.56 -4.23 56.68
CA SER C 711 42.09 -3.02 56.04
C SER C 711 40.94 -2.19 55.50
N ILE C 712 41.12 -0.88 55.51
CA ILE C 712 40.06 0.05 55.09
C ILE C 712 40.71 1.40 54.79
N ALA C 713 40.09 2.14 53.87
CA ALA C 713 40.49 3.49 53.53
C ALA C 713 39.31 4.42 53.70
N ILE C 714 39.58 5.64 54.16
CA ILE C 714 38.55 6.62 54.47
C ILE C 714 38.94 7.94 53.80
N PRO C 715 38.03 8.59 53.09
CA PRO C 715 38.38 9.85 52.40
C PRO C 715 38.67 10.96 53.40
N THR C 716 39.74 11.71 53.15
CA THR C 716 40.10 12.87 53.95
C THR C 716 39.91 14.18 53.20
N ASN C 717 39.96 14.15 51.87
CA ASN C 717 39.75 15.33 51.05
C ASN C 717 38.71 15.00 49.99
N PHE C 718 38.06 16.04 49.46
CA PHE C 718 37.02 15.84 48.48
C PHE C 718 37.05 16.98 47.47
N THR C 719 36.49 16.72 46.29
CA THR C 719 36.35 17.73 45.25
C THR C 719 34.90 17.79 44.83
N ILE C 720 34.35 19.01 44.81
CA ILE C 720 32.97 19.23 44.38
C ILE C 720 33.00 19.37 42.86
N SER C 721 32.83 18.25 42.16
CA SER C 721 32.85 18.22 40.71
C SER C 721 31.44 18.03 40.19
N VAL C 722 31.05 18.86 39.22
CA VAL C 722 29.71 18.84 38.65
C VAL C 722 29.80 18.40 37.21
N THR C 723 28.77 17.68 36.75
CA THR C 723 28.73 17.14 35.40
C THR C 723 27.54 17.75 34.66
N THR C 724 27.81 18.25 33.45
CA THR C 724 26.78 18.82 32.61
C THR C 724 25.97 17.69 31.97
N GLU C 725 24.91 17.27 32.63
CA GLU C 725 24.00 16.26 32.11
C GLU C 725 22.93 16.94 31.27
N ILE C 726 23.03 16.81 29.95
CA ILE C 726 22.08 17.39 29.02
C ILE C 726 21.14 16.31 28.55
N LEU C 727 19.84 16.51 28.76
CA LEU C 727 18.82 15.56 28.34
C LEU C 727 17.78 16.28 27.49
N PRO C 728 17.59 15.88 26.24
CA PRO C 728 16.57 16.54 25.41
C PRO C 728 15.17 16.21 25.92
N VAL C 729 14.32 17.23 25.95
CA VAL C 729 12.99 17.12 26.51
C VAL C 729 11.90 17.30 25.46
N SER C 730 12.08 18.23 24.53
CA SER C 730 11.05 18.54 23.57
C SER C 730 11.61 18.48 22.15
N MET C 731 10.71 18.49 21.18
CA MET C 731 11.06 18.51 19.77
C MET C 731 10.35 19.69 19.10
N THR C 732 10.73 19.94 17.85
CA THR C 732 10.09 20.98 17.07
C THR C 732 8.67 20.57 16.72
N LYS C 733 7.70 21.39 17.11
CA LYS C 733 6.28 21.08 16.93
C LYS C 733 5.93 21.27 15.45
N THR C 734 6.11 20.19 14.68
CA THR C 734 5.84 20.22 13.26
C THR C 734 4.42 19.74 12.97
N SER C 735 3.78 20.36 11.99
CA SER C 735 2.47 19.96 11.51
C SER C 735 2.52 19.84 9.99
N VAL C 736 1.78 18.87 9.46
CA VAL C 736 1.84 18.54 8.04
C VAL C 736 0.43 18.29 7.53
N ASP C 737 0.08 18.95 6.42
CA ASP C 737 -1.22 18.74 5.79
C ASP C 737 -1.06 17.79 4.61
N CYS C 738 -2.04 16.89 4.43
CA CYS C 738 -1.99 15.94 3.33
C CYS C 738 -1.80 16.64 1.99
N THR C 739 -2.75 17.50 1.61
CA THR C 739 -2.69 18.13 0.30
C THR C 739 -1.42 18.93 0.14
N MET C 740 -1.17 19.87 1.07
CA MET C 740 -0.02 20.75 0.95
C MET C 740 1.28 19.99 0.83
N TYR C 741 1.47 18.96 1.67
CA TYR C 741 2.70 18.18 1.60
C TYR C 741 2.78 17.40 0.30
N ILE C 742 1.74 16.61 -0.01
CA ILE C 742 1.81 15.66 -1.11
C ILE C 742 1.79 16.40 -2.44
N CYS C 743 0.67 17.05 -2.76
CA CYS C 743 0.51 17.74 -4.03
C CYS C 743 -0.33 19.01 -3.86
N GLY C 744 0.04 19.85 -2.89
CA GLY C 744 -0.68 21.07 -2.57
C GLY C 744 -1.30 21.84 -3.71
N ASP C 745 -2.54 22.29 -3.50
CA ASP C 745 -3.33 23.01 -4.51
C ASP C 745 -3.55 22.14 -5.75
N SER C 746 -4.21 21.00 -5.55
CA SER C 746 -4.51 20.09 -6.66
C SER C 746 -5.87 19.45 -6.39
N THR C 747 -6.87 19.90 -7.15
CA THR C 747 -8.22 19.39 -6.98
C THR C 747 -8.31 17.91 -7.33
N GLU C 748 -7.60 17.49 -8.39
CA GLU C 748 -7.55 16.08 -8.74
C GLU C 748 -6.95 15.26 -7.61
N CYS C 749 -5.88 15.78 -7.00
CA CYS C 749 -5.29 15.13 -5.83
C CYS C 749 -6.31 14.98 -4.71
N SER C 750 -7.04 16.06 -4.42
CA SER C 750 -8.02 15.99 -3.33
C SER C 750 -9.09 14.96 -3.64
N ASN C 751 -9.57 14.93 -4.88
CA ASN C 751 -10.63 14.00 -5.25
C ASN C 751 -10.15 12.55 -5.17
N LEU C 752 -8.92 12.30 -5.61
CA LEU C 752 -8.40 10.93 -5.55
C LEU C 752 -8.10 10.52 -4.11
N LEU C 753 -7.67 11.47 -3.28
CA LEU C 753 -7.31 11.15 -1.91
C LEU C 753 -8.54 10.96 -1.04
N LEU C 754 -9.66 11.59 -1.41
CA LEU C 754 -10.91 11.36 -0.68
C LEU C 754 -11.32 9.90 -0.72
N GLN C 755 -10.89 9.15 -1.73
CA GLN C 755 -11.17 7.72 -1.78
C GLN C 755 -10.30 6.92 -0.81
N TYR C 756 -9.25 7.52 -0.26
CA TYR C 756 -8.37 6.84 0.67
C TYR C 756 -8.87 6.92 2.12
N GLY C 757 -10.10 7.35 2.32
CA GLY C 757 -10.70 7.24 3.64
C GLY C 757 -10.17 8.27 4.62
N SER C 758 -10.08 7.86 5.88
CA SER C 758 -9.76 8.77 6.99
C SER C 758 -8.27 8.78 7.30
N PHE C 759 -7.42 8.37 6.35
CA PHE C 759 -5.99 8.45 6.55
C PHE C 759 -5.55 9.85 6.94
N CYS C 760 -6.14 10.86 6.29
CA CYS C 760 -5.68 12.23 6.50
C CYS C 760 -6.05 12.74 7.89
N THR C 761 -7.30 12.55 8.30
CA THR C 761 -7.68 12.97 9.64
C THR C 761 -6.90 12.20 10.69
N GLN C 762 -6.63 10.91 10.43
CA GLN C 762 -5.84 10.13 11.38
C GLN C 762 -4.42 10.69 11.51
N LEU C 763 -3.78 10.99 10.38
CA LEU C 763 -2.41 11.50 10.42
C LEU C 763 -2.36 12.87 11.07
N ASN C 764 -3.31 13.74 10.74
CA ASN C 764 -3.34 15.07 11.33
C ASN C 764 -3.60 15.00 12.83
N ARG C 765 -4.46 14.07 13.25
CA ARG C 765 -4.71 13.88 14.66
C ARG C 765 -3.47 13.38 15.37
N ALA C 766 -2.74 12.47 14.73
CA ALA C 766 -1.51 11.95 15.33
C ALA C 766 -0.47 13.07 15.47
N LEU C 767 -0.35 13.91 14.45
CA LEU C 767 0.65 14.98 14.50
C LEU C 767 0.27 16.06 15.51
N THR C 768 -1.01 16.39 15.60
CA THR C 768 -1.46 17.36 16.61
C THR C 768 -1.31 16.78 18.00
N GLY C 769 -1.50 15.47 18.14
CA GLY C 769 -1.24 14.82 19.41
C GLY C 769 0.23 14.86 19.78
N ILE C 770 1.11 14.69 18.79
CA ILE C 770 2.55 14.80 19.04
C ILE C 770 2.90 16.21 19.48
N ALA C 771 2.29 17.21 18.83
CA ALA C 771 2.56 18.59 19.20
C ALA C 771 2.08 18.91 20.62
N VAL C 772 0.85 18.51 20.94
CA VAL C 772 0.31 18.79 22.27
C VAL C 772 1.05 17.96 23.32
N GLU C 773 1.61 16.81 22.91
CA GLU C 773 2.42 16.03 23.84
C GLU C 773 3.76 16.69 24.09
N GLN C 774 4.33 17.33 23.07
CA GLN C 774 5.53 18.14 23.27
C GLN C 774 5.23 19.29 24.24
N ASP C 775 4.09 19.96 24.06
CA ASP C 775 3.71 21.03 24.97
C ASP C 775 3.49 20.50 26.37
N LYS C 776 2.88 19.33 26.50
CA LYS C 776 2.63 18.74 27.81
C LYS C 776 3.93 18.32 28.48
N ASN C 777 4.89 17.83 27.71
CA ASN C 777 6.20 17.52 28.25
C ASN C 777 6.89 18.78 28.75
N THR C 778 6.84 19.85 27.95
CA THR C 778 7.38 21.14 28.38
C THR C 778 6.75 21.58 29.69
N GLN C 779 5.43 21.46 29.79
CA GLN C 779 4.74 21.84 31.02
C GLN C 779 5.17 20.97 32.20
N GLU C 780 5.24 19.65 31.99
CA GLU C 780 5.59 18.74 33.08
C GLU C 780 7.04 18.89 33.51
N VAL C 781 7.90 19.42 32.64
CA VAL C 781 9.32 19.53 32.98
C VAL C 781 9.70 20.92 33.50
N PHE C 782 8.99 21.97 33.07
CA PHE C 782 9.25 23.31 33.59
C PHE C 782 8.17 23.81 34.53
N ALA C 783 6.91 23.81 34.10
CA ALA C 783 5.82 24.41 34.86
C ALA C 783 5.40 23.50 36.01
N GLN C 784 6.35 23.25 36.91
CA GLN C 784 6.10 22.45 38.10
C GLN C 784 5.91 23.31 39.34
N VAL C 785 6.18 24.62 39.25
CA VAL C 785 5.98 25.54 40.36
C VAL C 785 4.92 26.56 39.94
N LYS C 786 3.92 26.76 40.79
CA LYS C 786 2.82 27.65 40.45
C LYS C 786 3.26 29.11 40.44
N GLN C 787 3.95 29.54 41.49
CA GLN C 787 4.35 30.93 41.64
C GLN C 787 5.72 31.18 41.04
N ILE C 788 5.90 32.38 40.49
CA ILE C 788 7.16 32.81 39.89
C ILE C 788 7.90 33.64 40.93
N TYR C 789 9.00 33.11 41.43
CA TYR C 789 9.80 33.80 42.43
C TYR C 789 10.90 34.61 41.77
N LYS C 790 11.37 35.64 42.47
CA LYS C 790 12.41 36.52 42.00
C LYS C 790 13.50 36.66 43.05
N THR C 791 14.71 36.96 42.58
CA THR C 791 15.83 37.10 43.49
C THR C 791 15.83 38.49 44.14
N PRO C 792 16.32 38.60 45.37
CA PRO C 792 16.40 39.90 46.02
C PRO C 792 17.44 40.78 45.35
N PRO C 793 17.40 42.10 45.59
CA PRO C 793 18.41 42.98 44.98
C PRO C 793 19.82 42.68 45.44
N ILE C 794 20.00 42.13 46.63
CA ILE C 794 21.32 41.73 47.10
C ILE C 794 21.67 40.36 46.55
N LYS C 795 22.97 40.09 46.40
CA LYS C 795 23.44 38.83 45.85
C LYS C 795 24.43 38.15 46.78
N ASP C 796 24.25 38.31 48.10
CA ASP C 796 25.14 37.69 49.08
C ASP C 796 24.76 36.22 49.25
N PHE C 797 25.14 35.43 48.24
CA PHE C 797 24.85 34.00 48.23
C PHE C 797 25.91 33.19 48.95
N GLY C 798 26.22 33.58 50.19
CA GLY C 798 27.19 32.86 51.00
C GLY C 798 28.55 32.75 50.38
N GLY C 799 28.92 33.68 49.50
CA GLY C 799 30.21 33.64 48.83
C GLY C 799 30.23 32.87 47.53
N PHE C 800 29.12 32.22 47.16
CA PHE C 800 29.05 31.46 45.92
C PHE C 800 28.74 32.39 44.75
N ASN C 801 29.59 32.36 43.73
CA ASN C 801 29.42 33.20 42.56
C ASN C 801 28.37 32.59 41.64
N PHE C 802 27.19 33.19 41.61
CA PHE C 802 26.08 32.71 40.79
C PHE C 802 25.85 33.57 39.57
N SER C 803 26.71 34.55 39.30
CA SER C 803 26.52 35.43 38.15
C SER C 803 26.50 34.64 36.84
N GLN C 804 27.20 33.51 36.79
CA GLN C 804 27.17 32.69 35.59
C GLN C 804 25.88 31.90 35.47
N ILE C 805 25.17 31.71 36.60
CA ILE C 805 23.89 31.00 36.58
C ILE C 805 22.70 31.92 36.84
N LEU C 806 22.94 33.15 37.29
CA LEU C 806 21.85 34.08 37.51
C LEU C 806 21.48 34.76 36.19
N PRO C 807 20.18 35.01 35.95
CA PRO C 807 19.77 35.61 34.68
C PRO C 807 20.34 37.02 34.51
N ASP C 808 20.59 37.38 33.26
CA ASP C 808 21.10 38.71 32.93
C ASP C 808 20.04 39.46 32.13
N PRO C 809 19.43 40.52 32.67
CA PRO C 809 18.39 41.23 31.93
C PRO C 809 18.92 42.17 30.86
N SER C 810 20.21 42.08 30.51
CA SER C 810 20.79 42.97 29.51
C SER C 810 20.18 42.78 28.12
N LYS C 811 19.96 41.54 27.70
CA LYS C 811 19.39 41.28 26.38
C LYS C 811 17.95 41.77 26.30
N SER C 813 16.23 38.82 26.62
CA SER C 813 16.20 37.48 27.20
C SER C 813 16.92 37.46 28.55
N LYS C 814 16.13 37.32 29.62
CA LYS C 814 16.68 37.26 30.98
C LYS C 814 17.27 35.87 31.23
N ARG C 815 18.40 35.62 30.60
CA ARG C 815 19.12 34.36 30.71
C ARG C 815 20.45 34.57 31.40
N SER C 816 20.99 33.49 31.94
CA SER C 816 22.29 33.53 32.59
C SER C 816 23.40 33.61 31.55
N PHE C 817 24.64 33.72 32.02
CA PHE C 817 25.79 33.70 31.13
C PHE C 817 25.94 32.34 30.48
N ILE C 818 25.83 31.27 31.28
CA ILE C 818 25.91 29.91 30.73
C ILE C 818 24.77 29.66 29.77
N GLU C 819 23.58 30.17 30.08
CA GLU C 819 22.42 29.98 29.20
C GLU C 819 22.60 30.75 27.89
N ASP C 820 23.16 31.97 27.97
CA ASP C 820 23.45 32.72 26.76
C ASP C 820 24.45 31.98 25.89
N LEU C 821 25.49 31.41 26.50
CA LEU C 821 26.46 30.64 25.73
C LEU C 821 25.82 29.41 25.10
N LEU C 822 24.98 28.70 25.86
CA LEU C 822 24.26 27.56 25.32
C LEU C 822 23.43 27.96 24.11
N PHE C 823 22.74 29.10 24.20
CA PHE C 823 22.01 29.61 23.05
C PHE C 823 22.95 29.99 21.92
N ASN C 824 24.20 30.31 22.24
CA ASN C 824 25.19 30.66 21.23
C ASN C 824 25.99 29.46 20.74
N LYS C 825 26.12 28.41 21.54
CA LYS C 825 26.84 27.21 21.13
C LYS C 825 25.93 26.17 20.51
N VAL C 826 24.62 26.32 20.65
CA VAL C 826 23.64 25.43 20.03
C VAL C 826 22.88 26.21 18.97
N THR C 827 23.13 25.88 17.70
CA THR C 827 22.51 26.58 16.60
C THR C 827 22.49 25.71 15.34
N ASN C 856 5.44 24.26 1.35
CA ASN C 856 6.05 23.04 1.87
C ASN C 856 5.04 22.20 2.65
N GLY C 857 4.04 22.88 3.22
CA GLY C 857 3.03 22.20 4.01
C GLY C 857 3.44 21.99 5.45
N LEU C 858 4.74 22.09 5.73
CA LEU C 858 5.24 21.92 7.08
C LEU C 858 5.34 23.29 7.76
N THR C 859 4.85 23.36 9.00
CA THR C 859 4.90 24.59 9.76
C THR C 859 5.46 24.30 11.15
N VAL C 860 6.42 25.13 11.56
CA VAL C 860 7.01 25.03 12.89
C VAL C 860 6.09 25.77 13.84
N LEU C 861 5.15 25.04 14.44
CA LEU C 861 4.22 25.64 15.38
C LEU C 861 4.99 26.20 16.57
N PRO C 862 4.80 27.48 16.90
CA PRO C 862 5.52 28.03 18.04
C PRO C 862 5.10 27.33 19.33
N PRO C 863 6.07 27.00 20.18
CA PRO C 863 5.73 26.34 21.45
C PRO C 863 4.86 27.24 22.31
N LEU C 864 4.05 26.60 23.17
CA LEU C 864 3.21 27.36 24.09
C LEU C 864 4.07 28.29 24.95
N LEU C 865 5.30 27.91 25.22
CA LEU C 865 6.29 28.75 25.88
C LEU C 865 7.42 28.98 24.90
N THR C 866 7.44 30.17 24.28
CA THR C 866 8.48 30.48 23.31
C THR C 866 9.80 30.75 24.03
N ASP C 867 10.79 31.23 23.29
CA ASP C 867 12.12 31.45 23.86
C ASP C 867 12.06 32.36 25.07
N GLU C 868 11.35 33.49 24.97
CA GLU C 868 11.34 34.46 26.05
C GLU C 868 10.63 33.90 27.29
N MET C 869 9.44 33.32 27.10
CA MET C 869 8.69 32.80 28.24
C MET C 869 9.42 31.62 28.88
N ILE C 870 10.06 30.78 28.08
CA ILE C 870 10.74 29.61 28.63
C ILE C 870 12.00 30.04 29.38
N ALA C 871 12.67 31.08 28.88
CA ALA C 871 13.79 31.64 29.62
C ALA C 871 13.33 32.23 30.94
N GLN C 872 12.20 32.95 30.92
CA GLN C 872 11.65 33.49 32.15
C GLN C 872 11.33 32.39 33.15
N TYR C 873 10.75 31.27 32.68
CA TYR C 873 10.33 30.23 33.60
C TYR C 873 11.52 29.44 34.14
N THR C 874 12.52 29.21 33.30
CA THR C 874 13.74 28.57 33.78
C THR C 874 14.46 29.46 34.79
N SER C 875 14.47 30.77 34.53
CA SER C 875 15.00 31.72 35.50
C SER C 875 14.25 31.60 36.82
N ALA C 876 12.93 31.60 36.78
CA ALA C 876 12.14 31.44 38.00
C ALA C 876 12.49 30.15 38.73
N LEU C 877 12.57 29.04 38.00
CA LEU C 877 12.91 27.77 38.60
C LEU C 877 14.25 27.83 39.33
N LEU C 878 15.32 28.19 38.60
CA LEU C 878 16.64 28.17 39.20
C LEU C 878 16.78 29.20 40.31
N ALA C 879 16.07 30.32 40.20
CA ALA C 879 16.15 31.36 41.22
C ALA C 879 15.47 30.91 42.51
N GLY C 880 14.25 30.40 42.39
CA GLY C 880 13.59 29.84 43.55
C GLY C 880 14.41 28.74 44.19
N THR C 881 15.06 27.92 43.37
CA THR C 881 15.95 26.89 43.90
C THR C 881 17.07 27.51 44.73
N ILE C 882 17.90 28.34 44.10
CA ILE C 882 19.07 28.87 44.79
C ILE C 882 18.71 29.76 45.95
N THR C 883 17.46 30.24 46.02
CA THR C 883 17.05 31.14 47.09
C THR C 883 16.32 30.45 48.22
N SER C 884 15.71 29.28 47.98
CA SER C 884 14.91 28.67 49.04
C SER C 884 15.10 27.15 49.15
N GLY C 885 16.16 26.60 48.57
CA GLY C 885 16.40 25.17 48.72
C GLY C 885 15.33 24.33 48.05
N TRP C 886 14.55 23.61 48.86
CA TRP C 886 13.48 22.76 48.36
C TRP C 886 12.11 23.07 48.93
N THR C 887 12.01 24.05 49.84
CA THR C 887 10.71 24.38 50.41
C THR C 887 9.78 25.00 49.38
N PHE C 888 10.34 25.66 48.35
CA PHE C 888 9.49 26.25 47.32
C PHE C 888 8.77 25.18 46.51
N GLY C 889 9.36 23.99 46.42
CA GLY C 889 8.69 22.88 45.77
C GLY C 889 7.86 22.08 46.74
N ALA C 890 8.28 22.05 48.00
CA ALA C 890 7.53 21.31 49.02
C ALA C 890 6.19 21.98 49.33
N GLY C 891 6.15 23.31 49.23
CA GLY C 891 4.96 24.06 49.57
C GLY C 891 5.20 25.56 49.47
N ALA C 892 4.80 26.31 50.49
CA ALA C 892 5.12 27.72 50.55
C ALA C 892 6.63 27.91 50.60
N ALA C 893 7.14 28.80 49.75
CA ALA C 893 8.58 29.00 49.62
C ALA C 893 9.13 29.62 50.91
N LEU C 894 9.83 28.81 51.69
CA LEU C 894 10.48 29.27 52.92
C LEU C 894 11.94 29.56 52.62
N GLN C 895 12.31 30.84 52.66
CA GLN C 895 13.70 31.22 52.41
C GLN C 895 14.61 30.61 53.47
N ILE C 896 15.81 30.23 53.03
CA ILE C 896 16.80 29.62 53.92
C ILE C 896 18.19 30.12 53.53
N PRO C 897 19.07 30.37 54.49
CA PRO C 897 20.45 30.74 54.13
C PRO C 897 21.14 29.63 53.37
N PHE C 898 21.96 30.01 52.40
CA PHE C 898 22.59 29.02 51.52
C PHE C 898 23.57 28.15 52.29
N ALA C 899 24.16 28.70 53.36
CA ALA C 899 25.04 27.89 54.20
C ALA C 899 24.25 26.77 54.89
N MET C 900 23.08 27.10 55.44
CA MET C 900 22.26 26.06 56.06
C MET C 900 21.72 25.08 55.01
N GLN C 901 21.45 25.58 53.80
CA GLN C 901 21.06 24.68 52.73
C GLN C 901 22.15 23.67 52.42
N MET C 902 23.39 24.15 52.26
CA MET C 902 24.52 23.25 52.06
C MET C 902 24.68 22.29 53.22
N ALA C 903 24.45 22.76 54.45
CA ALA C 903 24.51 21.89 55.62
C ALA C 903 23.49 20.76 55.52
N TYR C 904 22.27 21.06 55.08
CA TYR C 904 21.26 20.03 54.95
C TYR C 904 21.58 19.07 53.81
N ARG C 905 22.10 19.59 52.70
CA ARG C 905 22.52 18.72 51.60
C ARG C 905 23.62 17.78 52.06
N PHE C 906 24.52 18.27 52.92
CA PHE C 906 25.56 17.40 53.48
C PHE C 906 24.96 16.36 54.42
N ASN C 907 24.03 16.77 55.28
CA ASN C 907 23.34 15.82 56.15
C ASN C 907 22.51 14.82 55.37
N GLY C 908 22.24 15.09 54.09
CA GLY C 908 21.52 14.17 53.25
C GLY C 908 22.34 13.07 52.63
N ILE C 909 23.67 13.13 52.74
CA ILE C 909 24.55 12.10 52.20
C ILE C 909 25.37 11.43 53.29
N GLY C 910 25.25 11.89 54.54
CA GLY C 910 25.90 11.24 55.65
C GLY C 910 27.11 11.95 56.23
N VAL C 911 27.24 13.25 56.02
CA VAL C 911 28.32 14.04 56.61
C VAL C 911 27.71 15.21 57.36
N THR C 912 28.33 15.55 58.50
CA THR C 912 27.76 16.54 59.40
C THR C 912 28.09 17.96 58.91
N GLN C 913 27.38 18.94 59.49
CA GLN C 913 27.54 20.34 59.09
C GLN C 913 28.75 21.01 59.74
N ASN C 914 29.34 20.41 60.77
CA ASN C 914 30.49 21.02 61.42
C ASN C 914 31.68 21.06 60.48
N VAL C 915 31.93 19.94 59.78
CA VAL C 915 33.02 19.92 58.80
C VAL C 915 32.75 20.92 57.69
N LEU C 916 31.49 21.13 57.34
CA LEU C 916 31.17 22.18 56.38
C LEU C 916 31.59 23.55 56.92
N TYR C 917 30.95 24.00 57.99
CA TYR C 917 31.21 25.34 58.48
C TYR C 917 32.67 25.54 58.89
N GLU C 918 33.44 24.45 58.96
CA GLU C 918 34.89 24.59 59.04
C GLU C 918 35.51 24.77 57.66
N ASN C 919 35.03 24.06 56.65
CA ASN C 919 35.59 24.03 55.30
C ASN C 919 34.86 24.98 54.36
N GLN C 920 34.13 25.94 54.93
CA GLN C 920 33.18 26.74 54.16
C GLN C 920 33.87 27.61 53.11
N LYS C 921 34.90 28.34 53.50
CA LYS C 921 35.55 29.25 52.55
C LYS C 921 36.22 28.47 51.43
N LEU C 922 36.86 27.36 51.77
CA LEU C 922 37.53 26.55 50.75
C LEU C 922 36.53 25.89 49.81
N ILE C 923 35.38 25.45 50.33
CA ILE C 923 34.39 24.83 49.45
C ILE C 923 33.68 25.87 48.61
N ALA C 924 33.57 27.10 49.11
CA ALA C 924 33.04 28.18 48.29
C ALA C 924 33.98 28.49 47.14
N ASN C 925 35.28 28.60 47.44
CA ASN C 925 36.26 28.80 46.38
C ASN C 925 36.27 27.62 45.41
N GLN C 926 36.06 26.41 45.92
CA GLN C 926 36.03 25.23 45.06
C GLN C 926 34.83 25.26 44.14
N PHE C 927 33.66 25.64 44.65
CA PHE C 927 32.48 25.74 43.82
C PHE C 927 32.64 26.84 42.77
N ASN C 928 33.29 27.95 43.15
CA ASN C 928 33.55 29.02 42.19
C ASN C 928 34.46 28.53 41.07
N SER C 929 35.56 27.87 41.43
CA SER C 929 36.47 27.36 40.41
C SER C 929 35.82 26.27 39.58
N ALA C 930 34.89 25.52 40.17
CA ALA C 930 34.17 24.50 39.41
C ALA C 930 33.23 25.14 38.40
N ILE C 931 32.52 26.19 38.81
CA ILE C 931 31.67 26.93 37.86
C ILE C 931 32.53 27.52 36.76
N GLY C 932 33.73 27.97 37.09
CA GLY C 932 34.63 28.50 36.06
C GLY C 932 35.09 27.42 35.09
N LYS C 933 35.43 26.24 35.61
CA LYS C 933 35.83 25.14 34.74
C LYS C 933 34.67 24.68 33.86
N ILE C 934 33.44 24.74 34.39
CA ILE C 934 32.27 24.37 33.59
C ILE C 934 32.02 25.42 32.51
N GLN C 935 32.25 26.69 32.85
CA GLN C 935 32.25 27.75 31.84
C GLN C 935 33.22 27.41 30.71
N ASP C 936 34.47 27.14 31.09
CA ASP C 936 35.49 26.82 30.09
C ASP C 936 35.11 25.63 29.23
N SER C 937 34.57 24.58 29.86
CA SER C 937 34.21 23.39 29.10
C SER C 937 33.04 23.65 28.15
N LEU C 938 31.95 24.21 28.68
CA LEU C 938 30.80 24.49 27.83
C LEU C 938 31.13 25.48 26.73
N SER C 939 32.19 26.27 26.90
CA SER C 939 32.59 27.19 25.83
C SER C 939 33.48 26.50 24.81
N SER C 940 34.37 25.61 25.26
CA SER C 940 35.35 25.02 24.35
C SER C 940 34.81 23.74 23.69
N THR C 941 34.48 22.74 24.50
CA THR C 941 34.06 21.44 23.99
C THR C 941 32.54 21.39 23.90
N ALA C 942 32.03 21.25 22.67
CA ALA C 942 30.60 21.16 22.42
C ALA C 942 30.08 19.73 22.42
N SER C 943 30.80 18.79 23.04
CA SER C 943 30.34 17.41 23.10
C SER C 943 29.27 17.19 24.15
N ALA C 944 29.19 18.09 25.15
CA ALA C 944 28.16 17.95 26.18
C ALA C 944 26.77 18.14 25.59
N LEU C 945 26.62 19.10 24.68
CA LEU C 945 25.37 19.34 23.98
C LEU C 945 25.19 18.40 22.80
N GLY C 946 25.95 17.30 22.76
CA GLY C 946 25.86 16.37 21.65
C GLY C 946 24.49 15.73 21.50
N LYS C 947 23.82 15.45 22.62
CA LYS C 947 22.49 14.84 22.56
C LYS C 947 21.48 15.80 21.94
N LEU C 948 21.50 17.06 22.38
CA LEU C 948 20.61 18.06 21.79
C LEU C 948 20.93 18.28 20.31
N GLN C 949 22.22 18.32 19.96
CA GLN C 949 22.60 18.49 18.57
C GLN C 949 22.11 17.30 17.74
N ASP C 950 22.19 16.09 18.30
CA ASP C 950 21.73 14.92 17.60
C ASP C 950 20.21 14.94 17.41
N VAL C 951 19.48 15.38 18.43
CA VAL C 951 18.02 15.46 18.31
C VAL C 951 17.64 16.48 17.25
N VAL C 952 18.28 17.64 17.27
CA VAL C 952 17.97 18.69 16.29
C VAL C 952 18.34 18.22 14.88
N ASN C 953 19.47 17.54 14.75
CA ASN C 953 19.89 17.05 13.45
C ASN C 953 18.97 15.94 12.95
N GLN C 954 18.47 15.12 13.87
CA GLN C 954 17.53 14.07 13.48
C GLN C 954 16.22 14.67 12.99
N ASN C 955 15.72 15.69 13.70
CA ASN C 955 14.51 16.35 13.26
C ASN C 955 14.69 17.02 11.91
N ALA C 956 15.80 17.75 11.75
CA ALA C 956 16.06 18.44 10.49
C ALA C 956 16.28 17.44 9.36
N GLN C 957 16.87 16.29 9.66
CA GLN C 957 17.13 15.28 8.64
C GLN C 957 15.84 14.59 8.23
N ALA C 958 14.95 14.34 9.20
CA ALA C 958 13.64 13.78 8.87
C ALA C 958 12.84 14.76 8.02
N LEU C 959 12.93 16.06 8.34
CA LEU C 959 12.24 17.05 7.53
C LEU C 959 12.82 17.12 6.13
N ASN C 960 14.15 17.15 6.02
CA ASN C 960 14.79 17.19 4.71
C ASN C 960 14.51 15.93 3.92
N THR C 961 14.35 14.79 4.59
CA THR C 961 14.01 13.55 3.90
C THR C 961 12.57 13.61 3.40
N LEU C 962 11.67 14.13 4.24
CA LEU C 962 10.27 14.28 3.82
C LEU C 962 10.15 15.24 2.64
N VAL C 963 11.04 16.23 2.57
CA VAL C 963 11.00 17.18 1.47
C VAL C 963 11.63 16.58 0.21
N LYS C 964 12.74 15.86 0.37
CA LYS C 964 13.42 15.28 -0.78
C LYS C 964 12.63 14.10 -1.35
N GLN C 965 11.77 13.49 -0.55
CA GLN C 965 10.84 12.52 -1.10
C GLN C 965 9.92 13.15 -2.12
N LEU C 966 9.50 14.39 -1.87
CA LEU C 966 8.71 15.14 -2.85
C LEU C 966 9.47 15.30 -4.15
N SER C 967 10.81 15.29 -4.10
CA SER C 967 11.60 15.35 -5.32
C SER C 967 11.92 13.98 -5.90
N SER C 968 11.58 12.90 -5.20
CA SER C 968 11.80 11.57 -5.75
C SER C 968 10.57 11.11 -6.53
N ASN C 969 10.78 10.12 -7.39
CA ASN C 969 9.75 9.67 -8.31
C ASN C 969 8.81 8.62 -7.74
N PHE C 970 9.25 7.85 -6.74
CA PHE C 970 8.45 6.76 -6.17
C PHE C 970 8.04 5.76 -7.24
N GLY C 971 8.88 5.62 -8.26
CA GLY C 971 8.57 4.76 -9.39
C GLY C 971 7.70 5.41 -10.44
N ALA C 972 7.29 6.66 -10.27
CA ALA C 972 6.48 7.34 -11.25
C ALA C 972 7.35 7.91 -12.38
N ILE C 973 6.69 8.53 -13.36
CA ILE C 973 7.41 9.08 -14.50
C ILE C 973 8.27 10.27 -14.07
N SER C 974 7.79 11.07 -13.12
CA SER C 974 8.54 12.20 -12.60
C SER C 974 8.01 12.54 -11.23
N SER C 975 8.62 13.54 -10.61
CA SER C 975 8.27 13.93 -9.25
C SER C 975 7.52 15.25 -9.16
N VAL C 976 7.38 15.97 -10.27
CA VAL C 976 6.69 17.26 -10.28
C VAL C 976 5.25 17.00 -10.69
N LEU C 977 4.34 17.12 -9.73
CA LEU C 977 2.93 16.87 -10.04
C LEU C 977 2.40 17.85 -11.08
N ASN C 978 2.88 19.10 -11.04
CA ASN C 978 2.45 20.07 -12.05
C ASN C 978 2.82 19.59 -13.45
N ASP C 979 4.07 19.18 -13.65
CA ASP C 979 4.48 18.64 -14.94
C ASP C 979 3.65 17.43 -15.30
N ILE C 980 3.39 16.55 -14.33
CA ILE C 980 2.66 15.32 -14.61
C ILE C 980 1.24 15.64 -15.08
N LEU C 981 0.56 16.55 -14.38
CA LEU C 981 -0.83 16.85 -14.72
C LEU C 981 -0.91 17.65 -16.01
N SER C 982 0.12 18.44 -16.32
CA SER C 982 0.14 19.20 -17.57
C SER C 982 0.58 18.35 -18.76
N ARG C 983 1.20 17.20 -18.51
CA ARG C 983 1.71 16.35 -19.58
C ARG C 983 0.83 15.15 -19.88
N LEU C 984 0.34 14.46 -18.85
CA LEU C 984 -0.37 13.19 -19.02
C LEU C 984 -1.87 13.42 -19.17
N ASP C 985 -2.51 12.55 -19.95
CA ASP C 985 -3.95 12.56 -20.06
C ASP C 985 -4.58 12.16 -18.73
N PRO C 986 -5.85 12.49 -18.51
CA PRO C 986 -6.52 12.12 -17.25
C PRO C 986 -6.45 10.63 -16.94
N PRO C 987 -6.70 9.74 -17.91
CA PRO C 987 -6.69 8.30 -17.56
C PRO C 987 -5.37 7.81 -16.97
N GLU C 988 -4.28 7.96 -17.69
CA GLU C 988 -2.98 7.53 -17.18
C GLU C 988 -2.54 8.38 -16.00
N ALA C 989 -2.94 9.66 -15.97
CA ALA C 989 -2.61 10.52 -14.84
C ALA C 989 -3.25 10.01 -13.57
N GLU C 990 -4.42 9.36 -13.68
CA GLU C 990 -5.04 8.77 -12.50
C GLU C 990 -4.13 7.73 -11.85
N VAL C 991 -3.62 6.78 -12.62
CA VAL C 991 -2.80 5.72 -12.05
C VAL C 991 -1.44 6.27 -11.64
N GLN C 992 -0.94 7.27 -12.37
CA GLN C 992 0.35 7.86 -12.01
C GLN C 992 0.25 8.62 -10.69
N ILE C 993 -0.81 9.40 -10.51
CA ILE C 993 -1.02 10.11 -9.26
C ILE C 993 -1.37 9.12 -8.15
N ASP C 994 -1.95 7.98 -8.49
CA ASP C 994 -2.17 6.94 -7.50
C ASP C 994 -0.85 6.37 -7.00
N ARG C 995 0.09 6.11 -7.91
CA ARG C 995 1.43 5.68 -7.52
C ARG C 995 2.11 6.75 -6.68
N LEU C 996 1.96 8.01 -7.08
CA LEU C 996 2.54 9.12 -6.33
C LEU C 996 1.96 9.19 -4.92
N ILE C 997 0.64 9.03 -4.80
CA ILE C 997 -0.01 9.06 -3.50
C ILE C 997 0.46 7.89 -2.65
N THR C 998 0.57 6.71 -3.25
CA THR C 998 1.09 5.55 -2.52
C THR C 998 2.48 5.84 -1.96
N GLY C 999 3.39 6.32 -2.82
CA GLY C 999 4.75 6.57 -2.37
C GLY C 999 4.83 7.67 -1.34
N ARG C 1000 4.13 8.78 -1.56
CA ARG C 1000 4.23 9.92 -0.66
C ARG C 1000 3.53 9.63 0.66
N LEU C 1001 2.41 8.89 0.63
CA LEU C 1001 1.74 8.51 1.86
C LEU C 1001 2.55 7.47 2.62
N GLN C 1002 3.27 6.61 1.92
CA GLN C 1002 4.15 5.67 2.60
C GLN C 1002 5.30 6.40 3.26
N SER C 1003 5.88 7.39 2.56
CA SER C 1003 6.96 8.17 3.16
C SER C 1003 6.46 8.96 4.35
N LEU C 1004 5.27 9.56 4.23
CA LEU C 1004 4.71 10.32 5.33
C LEU C 1004 4.34 9.42 6.51
N GLN C 1005 3.92 8.19 6.22
CA GLN C 1005 3.60 7.25 7.29
C GLN C 1005 4.86 6.80 8.01
N THR C 1006 5.92 6.51 7.26
CA THR C 1006 7.20 6.21 7.87
C THR C 1006 7.67 7.39 8.71
N TYR C 1007 7.49 8.61 8.20
CA TYR C 1007 7.93 9.79 8.92
C TYR C 1007 7.13 9.98 10.20
N VAL C 1008 5.82 9.78 10.15
CA VAL C 1008 5.00 10.01 11.33
C VAL C 1008 5.19 8.90 12.34
N THR C 1009 5.45 7.68 11.87
CA THR C 1009 5.74 6.59 12.80
C THR C 1009 7.08 6.81 13.49
N GLN C 1010 8.09 7.25 12.73
CA GLN C 1010 9.37 7.59 13.34
C GLN C 1010 9.23 8.80 14.27
N GLN C 1011 8.29 9.68 13.95
CA GLN C 1011 8.05 10.85 14.80
C GLN C 1011 7.39 10.43 16.11
N LEU C 1012 6.43 9.51 16.04
CA LEU C 1012 5.83 8.98 17.26
C LEU C 1012 6.84 8.17 18.06
N ILE C 1013 7.77 7.49 17.38
CA ILE C 1013 8.80 6.75 18.08
C ILE C 1013 9.75 7.69 18.81
N ARG C 1014 10.21 8.72 18.10
CA ARG C 1014 11.06 9.72 18.72
C ARG C 1014 10.31 10.48 19.80
N ALA C 1015 9.00 10.64 19.66
CA ALA C 1015 8.21 11.27 20.70
C ALA C 1015 8.08 10.38 21.92
N ALA C 1016 8.00 9.07 21.71
CA ALA C 1016 7.96 8.14 22.82
C ALA C 1016 9.29 8.12 23.56
N GLU C 1017 10.40 8.09 22.82
CA GLU C 1017 11.70 8.09 23.48
C GLU C 1017 11.97 9.44 24.15
N ILE C 1018 11.53 10.53 23.53
CA ILE C 1018 11.76 11.85 24.10
C ILE C 1018 10.83 12.06 25.29
N ARG C 1019 9.67 11.39 25.29
CA ARG C 1019 8.78 11.48 26.44
C ARG C 1019 9.27 10.62 27.58
N ALA C 1020 9.92 9.49 27.27
CA ALA C 1020 10.59 8.73 28.31
C ALA C 1020 11.71 9.54 28.94
N SER C 1021 12.57 10.14 28.10
CA SER C 1021 13.64 10.97 28.63
C SER C 1021 13.09 12.23 29.30
N ALA C 1022 11.91 12.68 28.89
CA ALA C 1022 11.32 13.88 29.48
C ALA C 1022 10.71 13.57 30.84
N ASN C 1023 10.06 12.41 30.98
CA ASN C 1023 9.62 11.96 32.28
C ASN C 1023 10.81 11.73 33.20
N LEU C 1024 11.89 11.17 32.65
CA LEU C 1024 13.12 11.00 33.43
C LEU C 1024 13.65 12.36 33.89
N ALA C 1025 13.65 13.35 33.00
CA ALA C 1025 14.17 14.67 33.33
C ALA C 1025 13.28 15.38 34.33
N ALA C 1026 11.96 15.22 34.18
CA ALA C 1026 11.03 15.83 35.13
C ALA C 1026 11.18 15.23 36.51
N THR C 1027 11.20 13.89 36.60
CA THR C 1027 11.47 13.22 37.87
C THR C 1027 12.79 13.68 38.46
N LYS C 1028 13.83 13.74 37.63
CA LYS C 1028 15.15 14.18 38.10
C LYS C 1028 15.07 15.59 38.66
N MET C 1029 14.41 16.49 37.94
CA MET C 1029 14.34 17.88 38.38
C MET C 1029 13.38 18.06 39.54
N SER C 1030 12.25 17.35 39.52
CA SER C 1030 11.27 17.49 40.61
C SER C 1030 11.75 16.83 41.89
N GLU C 1031 12.72 15.93 41.80
CA GLU C 1031 13.25 15.23 42.97
C GLU C 1031 14.69 15.60 43.29
N CYS C 1032 15.30 16.47 42.48
CA CYS C 1032 16.70 16.85 42.63
C CYS C 1032 16.91 18.35 42.68
N VAL C 1033 16.10 19.16 42.01
CA VAL C 1033 16.14 20.62 42.07
C VAL C 1033 15.06 21.07 43.03
N LEU C 1034 13.81 20.65 42.78
CA LEU C 1034 12.73 20.88 43.73
C LEU C 1034 12.98 20.20 45.06
N GLY C 1035 13.91 19.24 45.10
CA GLY C 1035 14.26 18.55 46.33
C GLY C 1035 15.71 18.17 46.32
N GLN C 1036 16.02 16.95 46.73
CA GLN C 1036 17.39 16.44 46.72
C GLN C 1036 17.34 14.94 46.52
N SER C 1037 17.83 14.47 45.38
CA SER C 1037 17.82 13.05 45.09
C SER C 1037 18.73 12.29 46.04
N LYS C 1038 18.27 11.11 46.47
CA LYS C 1038 19.09 10.23 47.29
C LYS C 1038 19.50 8.97 46.54
N ARG C 1039 19.05 8.80 45.31
CA ARG C 1039 19.40 7.64 44.51
C ARG C 1039 20.85 7.75 44.05
N VAL C 1040 21.56 6.62 44.09
CA VAL C 1040 22.97 6.60 43.70
C VAL C 1040 23.07 6.71 42.18
N ASP C 1041 23.90 7.64 41.72
CA ASP C 1041 24.16 7.88 40.30
C ASP C 1041 22.90 8.25 39.53
N PHE C 1042 21.97 8.93 40.19
CA PHE C 1042 20.80 9.46 39.49
C PHE C 1042 20.94 10.93 39.15
N CYS C 1043 21.66 11.68 39.98
CA CYS C 1043 21.95 13.08 39.71
C CYS C 1043 23.46 13.29 39.62
N GLY C 1044 24.14 12.42 38.88
CA GLY C 1044 25.57 12.52 38.72
C GLY C 1044 26.32 11.49 39.55
N LYS C 1045 27.57 11.25 39.16
CA LYS C 1045 28.39 10.26 39.85
C LYS C 1045 28.72 10.74 41.26
N GLY C 1046 28.60 9.83 42.22
CA GLY C 1046 28.89 10.14 43.61
C GLY C 1046 27.66 10.57 44.38
N TYR C 1047 27.86 10.79 45.68
CA TYR C 1047 26.81 11.26 46.56
C TYR C 1047 26.33 12.63 46.07
N HIS C 1048 25.05 12.72 45.73
CA HIS C 1048 24.51 13.92 45.12
C HIS C 1048 24.19 14.98 46.18
N LEU C 1049 24.45 16.24 45.84
CA LEU C 1049 24.12 17.36 46.71
C LEU C 1049 22.93 18.16 46.21
N MET C 1050 23.01 18.71 45.00
CA MET C 1050 21.96 19.59 44.48
C MET C 1050 22.13 19.81 42.98
N SER C 1051 21.06 20.22 42.31
CA SER C 1051 21.07 20.43 40.87
C SER C 1051 20.54 21.81 40.53
N PHE C 1052 21.19 22.46 39.56
CA PHE C 1052 20.78 23.77 39.07
C PHE C 1052 20.40 23.65 37.60
N PRO C 1053 19.18 24.00 37.22
CA PRO C 1053 18.77 23.86 35.82
C PRO C 1053 19.16 25.08 35.00
N GLN C 1054 19.28 24.86 33.70
CA GLN C 1054 19.57 25.93 32.75
C GLN C 1054 18.75 25.71 31.50
N SER C 1055 18.28 26.80 30.90
CA SER C 1055 17.46 26.72 29.70
C SER C 1055 18.30 26.24 28.52
N ALA C 1056 17.68 25.45 27.65
CA ALA C 1056 18.33 24.91 26.47
C ALA C 1056 17.32 24.76 25.36
N PRO C 1057 17.73 24.98 24.11
CA PRO C 1057 16.79 24.82 22.99
C PRO C 1057 16.33 23.38 22.86
N HIS C 1058 15.03 23.17 23.07
CA HIS C 1058 14.40 21.85 23.03
C HIS C 1058 15.03 20.88 24.03
N GLY C 1059 15.58 21.39 25.12
CA GLY C 1059 16.23 20.52 26.09
C GLY C 1059 16.41 21.24 27.40
N VAL C 1060 17.19 20.62 28.28
CA VAL C 1060 17.46 21.14 29.60
C VAL C 1060 18.86 20.73 30.03
N VAL C 1061 19.56 21.65 30.69
CA VAL C 1061 20.92 21.43 31.18
C VAL C 1061 20.88 21.41 32.70
N PHE C 1062 21.56 20.44 33.29
CA PHE C 1062 21.61 20.29 34.74
C PHE C 1062 23.02 20.55 35.26
N LEU C 1063 23.10 21.09 36.46
CA LEU C 1063 24.37 21.32 37.15
C LEU C 1063 24.37 20.46 38.40
N HIS C 1064 24.83 19.22 38.24
CA HIS C 1064 24.73 18.20 39.29
C HIS C 1064 25.88 18.40 40.28
N VAL C 1065 25.60 19.06 41.39
CA VAL C 1065 26.60 19.23 42.44
C VAL C 1065 26.70 17.89 43.19
N THR C 1066 27.87 17.27 43.12
CA THR C 1066 28.09 15.96 43.71
C THR C 1066 29.29 15.99 44.65
N TYR C 1067 29.35 14.99 45.53
CA TYR C 1067 30.45 14.84 46.47
C TYR C 1067 31.34 13.69 46.02
N VAL C 1068 32.61 13.98 45.76
CA VAL C 1068 33.55 12.97 45.28
C VAL C 1068 34.79 12.95 46.16
N PRO C 1069 35.17 11.80 46.72
CA PRO C 1069 36.37 11.75 47.56
C PRO C 1069 37.64 11.93 46.75
N ALA C 1070 38.65 12.53 47.39
CA ALA C 1070 39.93 12.80 46.72
C ALA C 1070 41.10 12.10 47.40
N GLN C 1071 41.29 12.28 48.69
CA GLN C 1071 42.45 11.76 49.39
C GLN C 1071 42.01 10.73 50.44
N GLU C 1072 42.74 9.62 50.51
CA GLU C 1072 42.43 8.53 51.42
C GLU C 1072 43.68 8.11 52.18
N LYS C 1073 43.48 7.33 53.23
CA LYS C 1073 44.58 6.80 54.03
C LYS C 1073 44.24 5.39 54.50
N ASN C 1074 45.28 4.54 54.56
CA ASN C 1074 45.11 3.19 55.06
C ASN C 1074 44.98 3.21 56.58
N PHE C 1075 43.94 2.52 57.07
CA PHE C 1075 43.67 2.50 58.50
C PHE C 1075 43.32 1.09 58.94
N THR C 1076 43.66 0.77 60.19
CA THR C 1076 43.33 -0.51 60.79
C THR C 1076 41.94 -0.44 61.41
N THR C 1077 41.11 -1.43 61.12
CA THR C 1077 39.72 -1.42 61.52
C THR C 1077 39.37 -2.72 62.23
N ALA C 1078 38.12 -2.79 62.69
CA ALA C 1078 37.56 -3.96 63.35
C ALA C 1078 36.05 -3.84 63.31
N PRO C 1079 35.33 -4.97 63.16
CA PRO C 1079 33.86 -4.89 63.08
C PRO C 1079 33.21 -4.36 64.35
N ALA C 1080 33.87 -4.45 65.50
CA ALA C 1080 33.33 -3.94 66.75
C ALA C 1080 34.48 -3.78 67.73
N ILE C 1081 34.16 -3.23 68.90
CA ILE C 1081 35.12 -3.05 69.97
C ILE C 1081 34.50 -3.51 71.29
N CYS C 1082 35.33 -4.05 72.17
CA CYS C 1082 34.91 -4.55 73.47
C CYS C 1082 35.68 -3.81 74.56
N HIS C 1083 34.96 -3.27 75.54
CA HIS C 1083 35.57 -2.51 76.62
C HIS C 1083 35.59 -3.26 77.94
N ASP C 1084 34.43 -3.72 78.41
CA ASP C 1084 34.30 -4.44 79.68
C ASP C 1084 33.45 -5.68 79.50
N GLY C 1085 33.74 -6.47 78.46
CA GLY C 1085 32.96 -7.64 78.14
C GLY C 1085 31.72 -7.37 77.32
N LYS C 1086 31.45 -6.11 76.99
CA LYS C 1086 30.28 -5.73 76.21
C LYS C 1086 30.71 -5.20 74.85
N ALA C 1087 29.97 -5.59 73.81
CA ALA C 1087 30.28 -5.17 72.45
C ALA C 1087 29.76 -3.75 72.22
N HIS C 1088 30.59 -2.91 71.60
CA HIS C 1088 30.24 -1.54 71.31
C HIS C 1088 30.03 -1.37 69.81
N PHE C 1089 29.11 -0.49 69.44
CA PHE C 1089 28.81 -0.26 68.04
C PHE C 1089 28.54 1.22 67.79
N PRO C 1090 28.97 1.76 66.66
CA PRO C 1090 28.80 3.20 66.42
C PRO C 1090 27.38 3.54 66.03
N ARG C 1091 26.95 4.75 66.42
CA ARG C 1091 25.64 5.23 66.01
C ARG C 1091 25.60 5.47 64.51
N GLU C 1092 26.55 6.27 64.00
CA GLU C 1092 26.66 6.50 62.56
C GLU C 1092 28.13 6.82 62.28
N GLY C 1093 28.86 5.82 61.80
CA GLY C 1093 30.28 6.02 61.50
C GLY C 1093 30.96 4.70 61.21
N VAL C 1094 32.28 4.72 61.30
CA VAL C 1094 33.12 3.54 61.04
C VAL C 1094 34.16 3.45 62.15
N PHE C 1095 34.44 2.22 62.58
CA PHE C 1095 35.48 1.98 63.58
C PHE C 1095 36.81 1.77 62.87
N VAL C 1096 37.79 2.63 63.17
CA VAL C 1096 39.08 2.62 62.50
C VAL C 1096 40.18 2.95 63.50
N SER C 1097 41.43 2.86 63.04
CA SER C 1097 42.58 3.19 63.85
C SER C 1097 43.78 3.46 62.94
N ASN C 1098 44.73 4.22 63.48
CA ASN C 1098 45.92 4.61 62.72
C ASN C 1098 47.16 3.85 63.17
N GLY C 1099 47.01 2.77 63.93
CA GLY C 1099 48.14 1.93 64.27
C GLY C 1099 48.35 1.75 65.76
N THR C 1100 48.18 2.82 66.53
CA THR C 1100 48.40 2.77 67.98
C THR C 1100 47.25 3.34 68.81
N HIS C 1101 46.41 4.20 68.23
CA HIS C 1101 45.25 4.75 68.92
C HIS C 1101 44.02 4.53 68.06
N TRP C 1102 42.92 4.16 68.70
CA TRP C 1102 41.69 3.85 67.98
C TRP C 1102 40.81 5.10 67.88
N PHE C 1103 40.06 5.18 66.78
CA PHE C 1103 39.20 6.33 66.51
C PHE C 1103 37.90 5.86 65.90
N VAL C 1104 36.98 6.81 65.72
CA VAL C 1104 35.72 6.59 65.04
C VAL C 1104 35.43 7.79 64.15
N THR C 1105 35.05 7.53 62.91
CA THR C 1105 34.85 8.60 61.95
C THR C 1105 33.67 8.28 61.05
N GLN C 1106 33.23 9.28 60.29
CA GLN C 1106 32.10 9.14 59.40
C GLN C 1106 32.43 8.16 58.26
N ARG C 1107 31.40 7.85 57.47
CA ARG C 1107 31.56 6.86 56.42
C ARG C 1107 32.15 7.47 55.16
N ASN C 1108 31.87 8.74 54.89
CA ASN C 1108 32.31 9.40 53.68
C ASN C 1108 33.26 10.56 53.92
N PHE C 1109 33.81 10.68 55.13
CA PHE C 1109 34.79 11.71 55.43
C PHE C 1109 35.55 11.31 56.68
N TYR C 1110 36.85 11.59 56.70
CA TYR C 1110 37.70 11.23 57.83
C TYR C 1110 37.60 12.33 58.88
N GLU C 1111 36.71 12.12 59.86
CA GLU C 1111 36.58 13.00 61.02
C GLU C 1111 36.84 12.16 62.26
N PRO C 1112 38.10 11.87 62.57
CA PRO C 1112 38.41 11.02 63.72
C PRO C 1112 38.06 11.70 65.02
N GLN C 1113 37.30 11.01 65.86
CA GLN C 1113 36.93 11.50 67.17
C GLN C 1113 37.12 10.39 68.19
N ILE C 1114 37.27 10.78 69.45
CA ILE C 1114 37.33 9.79 70.52
C ILE C 1114 36.00 9.06 70.60
N ILE C 1115 36.05 7.79 70.96
CA ILE C 1115 34.85 6.95 70.88
C ILE C 1115 33.99 7.21 72.11
N THR C 1116 33.02 8.11 71.97
CA THR C 1116 32.13 8.50 73.05
C THR C 1116 30.84 7.70 73.01
N THR C 1117 30.23 7.52 74.18
CA THR C 1117 28.94 6.85 74.26
C THR C 1117 27.84 7.71 73.66
N ASP C 1118 28.11 8.98 73.36
CA ASP C 1118 27.20 9.76 72.53
C ASP C 1118 27.30 9.38 71.06
N ASN C 1119 28.27 8.52 70.72
CA ASN C 1119 28.41 7.98 69.37
C ASN C 1119 28.33 6.46 69.31
N THR C 1120 28.54 5.77 70.44
CA THR C 1120 28.41 4.33 70.51
C THR C 1120 27.49 3.97 71.66
N PHE C 1121 27.43 2.68 71.96
CA PHE C 1121 26.64 2.17 73.07
C PHE C 1121 27.14 0.79 73.46
N VAL C 1122 26.78 0.38 74.67
CA VAL C 1122 27.13 -0.95 75.17
C VAL C 1122 25.97 -1.90 74.88
N SER C 1123 26.30 -3.11 74.44
CA SER C 1123 25.27 -4.08 74.09
C SER C 1123 25.90 -5.47 74.01
N GLY C 1124 25.25 -6.45 74.63
CA GLY C 1124 25.65 -7.84 74.45
C GLY C 1124 26.99 -8.18 75.06
N ASN C 1125 27.61 -9.22 74.51
CA ASN C 1125 28.86 -9.78 74.99
C ASN C 1125 29.88 -9.77 73.85
N CYS C 1126 31.05 -10.36 74.12
CA CYS C 1126 32.13 -10.30 73.15
C CYS C 1126 32.70 -11.67 72.76
N ASP C 1127 32.21 -12.77 73.35
CA ASP C 1127 32.75 -14.07 72.98
C ASP C 1127 31.92 -14.79 71.92
N VAL C 1128 30.97 -14.12 71.28
CA VAL C 1128 30.17 -14.70 70.21
C VAL C 1128 30.44 -14.00 68.88
N VAL C 1129 30.80 -12.72 68.92
CA VAL C 1129 31.08 -11.99 67.69
C VAL C 1129 32.52 -12.25 67.25
N ILE C 1130 32.72 -12.37 65.95
CA ILE C 1130 34.04 -12.62 65.37
C ILE C 1130 34.62 -11.29 64.91
N GLY C 1131 35.95 -11.17 64.99
CA GLY C 1131 36.64 -9.98 64.56
C GLY C 1131 36.68 -8.85 65.58
N ILE C 1132 35.98 -8.99 66.71
CA ILE C 1132 35.97 -7.92 67.70
C ILE C 1132 37.34 -7.82 68.36
N VAL C 1133 37.70 -6.59 68.74
CA VAL C 1133 38.98 -6.31 69.38
C VAL C 1133 38.74 -5.54 70.65
N ASN C 1134 39.72 -5.58 71.55
CA ASN C 1134 39.62 -4.85 72.80
C ASN C 1134 39.87 -3.36 72.57
N ASN C 1135 39.30 -2.53 73.44
CA ASN C 1135 39.43 -1.09 73.33
C ASN C 1135 38.95 -0.45 74.62
N THR C 1136 39.15 0.86 74.72
CA THR C 1136 38.67 1.66 75.85
C THR C 1136 37.72 2.72 75.30
N VAL C 1137 36.54 2.82 75.90
CA VAL C 1137 35.48 3.67 75.37
C VAL C 1137 35.38 4.94 76.20
N TYR C 1138 35.16 6.06 75.52
CA TYR C 1138 34.87 7.32 76.17
C TYR C 1138 33.37 7.44 76.42
N ASP C 1139 33.00 8.18 77.45
CA ASP C 1139 31.61 8.35 77.85
C ASP C 1139 31.41 9.78 78.34
N PRO C 1140 30.80 10.66 77.55
CA PRO C 1140 30.77 12.09 77.92
C PRO C 1140 30.21 12.38 79.31
N LEU C 1141 29.60 11.38 79.97
CA LEU C 1141 29.15 11.59 81.34
C LEU C 1141 30.14 11.04 82.36
N GLN C 1142 31.07 10.17 81.93
CA GLN C 1142 31.99 9.57 82.88
C GLN C 1142 33.08 10.54 83.34
N PRO C 1143 33.72 11.33 82.46
CA PRO C 1143 34.50 12.46 82.96
C PRO C 1143 33.72 13.39 83.88
N GLU C 1144 32.47 13.71 83.53
CA GLU C 1144 31.67 14.58 84.38
C GLU C 1144 31.49 13.99 85.78
N LEU C 1145 31.29 12.68 85.86
CA LEU C 1145 31.09 12.05 87.17
C LEU C 1145 32.41 11.97 87.93
N ASP C 1146 33.47 11.46 87.30
CA ASP C 1146 34.71 11.22 88.04
C ASP C 1146 35.53 12.49 88.20
N SER C 1147 35.96 13.09 87.10
CA SER C 1147 36.77 14.29 87.14
C SER C 1147 35.90 15.55 87.09
N GLN D 1 -36.45 29.47 -54.12
CA GLN D 1 -37.29 28.42 -54.67
C GLN D 1 -36.44 27.29 -55.25
N VAL D 2 -36.35 26.18 -54.51
CA VAL D 2 -35.58 25.04 -54.97
C VAL D 2 -36.25 24.44 -56.21
N GLN D 3 -35.57 24.55 -57.35
CA GLN D 3 -36.15 24.10 -58.60
C GLN D 3 -35.07 23.47 -59.47
N LEU D 4 -35.51 22.52 -60.29
CA LEU D 4 -34.66 21.79 -61.22
C LEU D 4 -35.31 21.88 -62.59
N GLN D 5 -34.79 22.78 -63.42
CA GLN D 5 -35.35 23.09 -64.74
C GLN D 5 -34.97 21.99 -65.72
N GLN D 6 -35.95 21.19 -66.13
CA GLN D 6 -35.77 20.17 -67.15
C GLN D 6 -36.11 20.73 -68.53
N SER D 7 -35.51 20.14 -69.55
CA SER D 7 -35.78 20.58 -70.91
C SER D 7 -37.07 19.95 -71.43
N GLY D 8 -37.34 20.17 -72.71
CA GLY D 8 -38.60 19.77 -73.30
C GLY D 8 -38.55 18.44 -74.03
N ALA D 9 -39.61 18.16 -74.77
CA ALA D 9 -39.72 16.90 -75.48
C ALA D 9 -38.98 16.95 -76.81
N GLU D 10 -38.63 15.77 -77.33
CA GLU D 10 -37.83 15.65 -78.53
C GLU D 10 -38.17 14.36 -79.25
N VAL D 11 -38.05 14.38 -80.58
CA VAL D 11 -38.21 13.19 -81.42
C VAL D 11 -37.03 13.15 -82.39
N LYS D 12 -36.22 12.10 -82.28
CA LYS D 12 -34.99 11.99 -83.06
C LYS D 12 -34.89 10.60 -83.67
N LYS D 13 -33.82 10.39 -84.44
CA LYS D 13 -33.49 9.11 -85.04
C LYS D 13 -32.25 8.51 -84.38
N PRO D 14 -32.11 7.20 -84.40
CA PRO D 14 -30.96 6.58 -83.72
C PRO D 14 -29.63 6.95 -84.39
N GLY D 15 -28.57 7.00 -83.58
CA GLY D 15 -27.25 7.26 -84.06
C GLY D 15 -26.74 8.68 -83.83
N GLU D 16 -27.64 9.64 -83.58
CA GLU D 16 -27.23 11.02 -83.42
C GLU D 16 -26.65 11.27 -82.03
N SER D 17 -26.01 12.42 -81.87
CA SER D 17 -25.51 12.87 -80.57
C SER D 17 -26.50 13.84 -79.95
N LEU D 18 -26.63 13.77 -78.63
CA LEU D 18 -27.67 14.54 -77.94
C LEU D 18 -27.14 15.10 -76.63
N LYS D 19 -27.67 16.26 -76.24
CA LYS D 19 -27.40 16.86 -74.94
C LYS D 19 -28.68 17.47 -74.40
N ILE D 20 -29.11 17.02 -73.23
CA ILE D 20 -30.34 17.51 -72.61
C ILE D 20 -29.96 18.42 -71.45
N SER D 21 -30.98 19.06 -70.88
CA SER D 21 -30.77 20.08 -69.86
C SER D 21 -31.50 19.73 -68.57
N CYS D 22 -30.78 19.87 -67.46
CA CYS D 22 -31.35 19.78 -66.11
C CYS D 22 -30.72 20.90 -65.29
N LYS D 23 -31.38 22.06 -65.28
CA LYS D 23 -30.85 23.25 -64.63
C LYS D 23 -31.39 23.35 -63.21
N GLY D 24 -30.50 23.17 -62.23
CA GLY D 24 -30.87 23.36 -60.83
C GLY D 24 -30.70 24.82 -60.43
N SER D 25 -31.72 25.35 -59.77
CA SER D 25 -31.73 26.75 -59.35
C SER D 25 -32.50 26.89 -58.04
N GLY D 26 -32.07 27.84 -57.23
CA GLY D 26 -32.76 28.12 -55.97
C GLY D 26 -32.33 27.27 -54.80
N TYR D 27 -31.12 26.75 -54.81
CA TYR D 27 -30.60 25.89 -53.74
C TYR D 27 -29.08 25.81 -53.89
N SER D 28 -28.47 24.95 -53.08
CA SER D 28 -27.03 24.71 -53.15
C SER D 28 -26.80 23.41 -53.91
N PHE D 29 -26.27 23.52 -55.13
CA PHE D 29 -26.08 22.34 -55.97
C PHE D 29 -24.89 21.52 -55.52
N THR D 30 -23.81 22.16 -55.06
CA THR D 30 -22.60 21.43 -54.70
C THR D 30 -22.78 20.69 -53.38
N SER D 31 -23.86 20.98 -52.65
CA SER D 31 -24.04 20.37 -51.33
C SER D 31 -25.02 19.20 -51.40
N TYR D 32 -25.78 19.11 -52.48
CA TYR D 32 -26.79 18.06 -52.60
C TYR D 32 -26.28 16.88 -53.40
N TRP D 33 -26.73 15.68 -53.02
CA TRP D 33 -26.52 14.50 -53.83
C TRP D 33 -27.42 14.55 -55.05
N ILE D 34 -27.01 13.85 -56.11
CA ILE D 34 -27.77 13.79 -57.36
C ILE D 34 -28.04 12.33 -57.66
N GLY D 35 -29.29 11.90 -57.44
CA GLY D 35 -29.72 10.56 -57.80
C GLY D 35 -30.39 10.54 -59.15
N TRP D 36 -30.38 9.37 -59.77
CA TRP D 36 -30.88 9.21 -61.13
C TRP D 36 -31.79 7.99 -61.23
N VAL D 37 -32.99 8.20 -61.78
CA VAL D 37 -33.94 7.14 -62.06
C VAL D 37 -34.67 7.48 -63.36
N ARG D 38 -34.74 6.51 -64.26
CA ARG D 38 -35.38 6.69 -65.57
C ARG D 38 -36.70 5.95 -65.57
N GLN D 39 -37.71 6.52 -66.23
CA GLN D 39 -39.04 5.92 -66.29
C GLN D 39 -39.42 5.68 -67.74
N MET D 40 -39.54 4.41 -68.12
CA MET D 40 -40.07 4.07 -69.42
C MET D 40 -41.55 4.47 -69.50
N PRO D 41 -42.03 4.82 -70.69
CA PRO D 41 -43.40 5.34 -70.78
C PRO D 41 -44.44 4.23 -70.69
N GLY D 42 -45.29 4.34 -69.67
CA GLY D 42 -46.37 3.37 -69.47
C GLY D 42 -45.98 2.10 -68.77
N LYS D 43 -44.72 1.93 -68.39
CA LYS D 43 -44.28 0.71 -67.74
C LYS D 43 -43.28 0.99 -66.62
N GLY D 44 -42.56 -0.04 -66.18
CA GLY D 44 -41.68 0.07 -65.03
C GLY D 44 -40.53 1.03 -65.25
N LEU D 45 -39.71 1.16 -64.21
CA LEU D 45 -38.59 2.09 -64.17
C LEU D 45 -37.28 1.33 -63.99
N GLU D 46 -36.22 1.88 -64.56
CA GLU D 46 -34.89 1.28 -64.48
C GLU D 46 -33.84 2.37 -64.25
N TRP D 47 -32.91 2.10 -63.34
CA TRP D 47 -31.80 3.01 -63.11
C TRP D 47 -30.89 3.05 -64.32
N MET D 48 -30.86 4.20 -64.99
CA MET D 48 -30.09 4.37 -66.23
C MET D 48 -28.61 4.63 -65.98
N GLY D 49 -28.26 5.16 -64.81
CA GLY D 49 -26.88 5.46 -64.52
C GLY D 49 -26.78 6.75 -63.73
N ILE D 50 -25.84 6.76 -62.79
CA ILE D 50 -25.67 7.88 -61.87
C ILE D 50 -24.26 8.43 -61.99
N ILE D 51 -24.13 9.75 -61.79
CA ILE D 51 -22.84 10.41 -61.73
C ILE D 51 -22.83 11.29 -60.48
N TYR D 52 -21.63 11.58 -59.98
CA TYR D 52 -21.43 12.54 -58.90
C TYR D 52 -21.00 13.87 -59.52
N PRO D 53 -21.93 14.82 -59.71
CA PRO D 53 -21.57 16.06 -60.40
C PRO D 53 -20.64 16.96 -59.59
N GLY D 54 -20.37 16.58 -58.34
CA GLY D 54 -19.41 17.33 -57.55
C GLY D 54 -18.03 17.30 -58.15
N ASP D 55 -17.61 16.13 -58.67
CA ASP D 55 -16.34 16.04 -59.38
C ASP D 55 -16.45 15.15 -60.62
N SER D 56 -17.64 15.01 -61.21
CA SER D 56 -17.86 14.22 -62.41
C SER D 56 -17.47 12.75 -62.21
N ASP D 57 -17.68 12.24 -60.99
CA ASP D 57 -17.36 10.85 -60.71
C ASP D 57 -18.42 9.94 -61.32
N THR D 58 -18.03 9.19 -62.34
CA THR D 58 -18.94 8.35 -63.11
C THR D 58 -19.03 6.97 -62.47
N ARG D 59 -20.26 6.56 -62.17
CA ARG D 59 -20.53 5.24 -61.62
C ARG D 59 -21.83 4.72 -62.20
N TYR D 60 -21.75 3.99 -63.30
CA TYR D 60 -22.91 3.48 -64.01
C TYR D 60 -23.16 2.02 -63.63
N SER D 61 -24.42 1.60 -63.74
CA SER D 61 -24.75 0.20 -63.51
C SER D 61 -24.05 -0.68 -64.53
N PRO D 62 -23.74 -1.93 -64.19
CA PRO D 62 -23.09 -2.83 -65.17
C PRO D 62 -23.88 -2.99 -66.46
N SER D 63 -25.21 -2.96 -66.38
CA SER D 63 -26.03 -3.09 -67.57
C SER D 63 -26.13 -1.78 -68.35
N PHE D 64 -25.62 -0.68 -67.81
CA PHE D 64 -25.64 0.61 -68.47
C PHE D 64 -24.25 1.22 -68.64
N GLN D 65 -23.22 0.41 -68.80
CA GLN D 65 -21.87 0.93 -68.97
C GLN D 65 -21.73 1.63 -70.32
N GLY D 66 -21.51 2.94 -70.29
CA GLY D 66 -21.20 3.71 -71.47
C GLY D 66 -22.38 4.13 -72.31
N GLN D 67 -23.58 3.66 -72.00
CA GLN D 67 -24.76 4.01 -72.80
C GLN D 67 -25.20 5.45 -72.61
N VAL D 68 -25.14 5.97 -71.38
CA VAL D 68 -25.44 7.36 -71.09
C VAL D 68 -24.27 7.97 -70.33
N THR D 69 -23.93 9.20 -70.69
CA THR D 69 -22.85 9.95 -70.07
C THR D 69 -23.39 11.30 -69.60
N ILE D 70 -23.55 11.43 -68.28
CA ILE D 70 -24.11 12.63 -67.67
C ILE D 70 -22.99 13.63 -67.42
N SER D 71 -23.30 14.91 -67.57
CA SER D 71 -22.37 15.99 -67.26
C SER D 71 -23.14 17.14 -66.61
N ALA D 72 -22.40 18.04 -65.97
CA ALA D 72 -22.99 19.20 -65.31
C ALA D 72 -21.94 20.29 -65.18
N ASP D 73 -22.16 21.41 -65.86
CA ASP D 73 -21.27 22.57 -65.79
C ASP D 73 -21.78 23.50 -64.69
N LYS D 74 -20.91 23.77 -63.71
CA LYS D 74 -21.32 24.58 -62.56
C LYS D 74 -21.44 26.05 -62.94
N SER D 75 -20.98 26.42 -64.14
CA SER D 75 -21.11 27.81 -64.58
C SER D 75 -22.57 28.23 -64.72
N ILE D 76 -23.31 27.54 -65.59
CA ILE D 76 -24.74 27.77 -65.75
C ILE D 76 -25.55 26.93 -64.77
N SER D 77 -24.90 25.96 -64.10
CA SER D 77 -25.54 25.10 -63.10
C SER D 77 -26.69 24.32 -63.72
N THR D 78 -26.38 23.60 -64.80
CA THR D 78 -27.35 22.72 -65.46
C THR D 78 -26.70 21.38 -65.79
N ALA D 79 -27.44 20.31 -65.55
CA ALA D 79 -26.95 18.95 -65.75
C ALA D 79 -27.32 18.44 -67.14
N TYR D 80 -26.29 18.01 -67.87
CA TYR D 80 -26.46 17.49 -69.23
C TYR D 80 -26.30 15.98 -69.22
N MET D 81 -27.06 15.31 -70.09
CA MET D 81 -26.85 13.90 -70.37
C MET D 81 -26.51 13.76 -71.85
N GLN D 82 -25.38 13.11 -72.14
CA GLN D 82 -24.87 12.96 -73.50
C GLN D 82 -25.24 11.59 -74.05
N TRP D 83 -25.39 11.51 -75.36
CA TRP D 83 -25.53 10.26 -76.08
C TRP D 83 -24.54 10.24 -77.24
N SER D 84 -23.93 9.08 -77.49
CA SER D 84 -23.07 8.92 -78.65
C SER D 84 -23.74 8.15 -79.78
N SER D 85 -24.70 7.29 -79.44
CA SER D 85 -25.48 6.58 -80.45
C SER D 85 -26.86 6.33 -79.85
N LEU D 86 -27.85 7.08 -80.33
CA LEU D 86 -29.21 6.96 -79.81
C LEU D 86 -29.75 5.56 -80.08
N LYS D 87 -30.48 5.02 -79.11
CA LYS D 87 -31.07 3.69 -79.20
C LYS D 87 -32.57 3.76 -79.01
N ALA D 88 -33.28 2.85 -79.69
CA ALA D 88 -34.74 2.84 -79.59
C ALA D 88 -35.20 2.31 -78.24
N SER D 89 -34.33 1.58 -77.53
CA SER D 89 -34.68 1.01 -76.24
C SER D 89 -34.76 2.06 -75.13
N ASP D 90 -34.32 3.29 -75.37
CA ASP D 90 -34.28 4.29 -74.31
C ASP D 90 -35.29 5.41 -74.50
N THR D 91 -36.21 5.27 -75.46
CA THR D 91 -37.28 6.26 -75.60
C THR D 91 -38.20 6.20 -74.38
N ALA D 92 -38.26 7.29 -73.62
CA ALA D 92 -38.93 7.28 -72.33
C ALA D 92 -39.12 8.69 -71.83
N MET D 93 -39.57 8.80 -70.59
CA MET D 93 -39.71 10.06 -69.88
C MET D 93 -38.71 10.09 -68.73
N TYR D 94 -37.64 10.87 -68.91
CA TYR D 94 -36.52 10.89 -67.98
C TYR D 94 -36.79 11.85 -66.85
N TYR D 95 -36.25 11.55 -65.66
CA TYR D 95 -36.36 12.40 -64.50
C TYR D 95 -35.02 12.49 -63.79
N CYS D 96 -34.39 13.65 -63.86
CA CYS D 96 -33.18 13.94 -63.10
C CYS D 96 -33.57 14.49 -61.73
N ALA D 97 -32.85 14.03 -60.70
CA ALA D 97 -33.29 14.23 -59.34
C ALA D 97 -32.18 14.82 -58.49
N ARG D 98 -32.57 15.63 -57.52
CA ARG D 98 -31.70 16.14 -56.47
C ARG D 98 -31.86 15.27 -55.23
N SER D 99 -31.25 15.69 -54.12
CA SER D 99 -31.33 14.95 -52.87
C SER D 99 -32.23 15.67 -51.88
N PHE D 100 -33.05 14.89 -51.17
CA PHE D 100 -33.87 15.42 -50.10
C PHE D 100 -33.17 15.21 -48.76
N ARG D 101 -33.24 16.25 -47.92
CA ARG D 101 -32.54 16.24 -46.63
C ARG D 101 -33.58 16.47 -45.54
N ASP D 102 -33.63 15.54 -44.58
CA ASP D 102 -34.60 15.62 -43.49
C ASP D 102 -33.96 15.68 -42.11
N ASP D 103 -32.73 15.20 -41.94
CA ASP D 103 -32.04 15.24 -40.66
C ASP D 103 -30.83 16.17 -40.80
N PRO D 104 -30.94 17.36 -40.21
CA PRO D 104 -29.90 18.38 -40.30
C PRO D 104 -29.56 18.68 -41.77
N ARG D 105 -30.54 19.27 -42.46
CA ARG D 105 -30.41 19.57 -43.88
C ARG D 105 -29.14 20.37 -44.19
N ILE D 106 -28.71 21.22 -43.25
CA ILE D 106 -27.54 22.05 -43.51
C ILE D 106 -26.25 21.41 -43.06
N ALA D 107 -26.31 20.23 -42.44
CA ALA D 107 -25.10 19.56 -41.97
C ALA D 107 -24.15 19.22 -43.10
N VAL D 108 -24.59 18.31 -43.98
CA VAL D 108 -23.81 17.98 -45.17
C VAL D 108 -24.68 18.02 -46.42
N ALA D 109 -25.92 17.55 -46.29
CA ALA D 109 -26.90 17.55 -47.37
C ALA D 109 -26.49 16.66 -48.53
N GLY D 110 -25.37 15.95 -48.38
CA GLY D 110 -24.87 15.09 -49.44
C GLY D 110 -25.16 13.65 -49.08
N PRO D 111 -25.35 12.83 -50.12
CA PRO D 111 -25.72 11.42 -49.98
C PRO D 111 -26.92 11.23 -49.05
N ALA D 112 -27.97 12.04 -49.24
CA ALA D 112 -29.12 11.97 -48.36
C ALA D 112 -30.30 11.23 -48.98
N ASP D 113 -30.72 11.62 -50.18
CA ASP D 113 -31.85 10.99 -50.85
C ASP D 113 -31.68 11.18 -52.35
N ALA D 114 -32.72 10.83 -53.11
CA ALA D 114 -32.69 10.93 -54.56
C ALA D 114 -34.02 11.44 -55.13
N PHE D 115 -34.77 12.21 -54.36
CA PHE D 115 -36.01 12.83 -54.85
C PHE D 115 -36.31 14.05 -53.98
N ASP D 116 -36.00 15.23 -54.51
CA ASP D 116 -36.26 16.47 -53.79
C ASP D 116 -37.31 17.32 -54.51
N ILE D 117 -37.08 17.70 -55.76
CA ILE D 117 -38.03 18.47 -56.55
C ILE D 117 -37.63 18.37 -58.01
N TRP D 118 -38.62 18.24 -58.89
CA TRP D 118 -38.38 18.10 -60.32
C TRP D 118 -39.17 19.17 -61.08
N GLY D 119 -38.65 19.55 -62.24
CA GLY D 119 -39.33 20.50 -63.08
C GLY D 119 -40.48 19.87 -63.85
N GLN D 120 -40.73 20.41 -65.04
CA GLN D 120 -41.78 19.87 -65.89
C GLN D 120 -41.45 18.50 -66.46
N GLY D 121 -40.20 18.06 -66.38
CA GLY D 121 -39.83 16.74 -66.86
C GLY D 121 -39.44 16.71 -68.32
N THR D 122 -38.26 16.17 -68.62
CA THR D 122 -37.77 16.02 -69.98
C THR D 122 -38.07 14.60 -70.44
N MET D 123 -39.14 14.44 -71.22
CA MET D 123 -39.46 13.14 -71.80
C MET D 123 -38.53 12.88 -72.99
N VAL D 124 -37.42 12.20 -72.73
CA VAL D 124 -36.37 11.98 -73.71
C VAL D 124 -36.70 10.73 -74.52
N THR D 125 -37.19 10.93 -75.74
CA THR D 125 -37.41 9.84 -76.68
C THR D 125 -36.10 9.59 -77.43
N VAL D 126 -35.34 8.60 -76.97
CA VAL D 126 -34.03 8.32 -77.52
C VAL D 126 -34.13 7.46 -78.76
N ILE E 2 -34.15 -7.57 -58.30
CA ILE E 2 -35.14 -7.88 -57.28
C ILE E 2 -36.53 -7.48 -57.76
N GLN E 3 -37.45 -8.44 -57.78
CA GLN E 3 -38.81 -8.20 -58.22
C GLN E 3 -39.67 -7.72 -57.06
N MET E 4 -40.45 -6.67 -57.29
CA MET E 4 -41.36 -6.12 -56.29
C MET E 4 -42.79 -6.41 -56.72
N THR E 5 -43.55 -7.07 -55.86
CA THR E 5 -44.92 -7.46 -56.15
C THR E 5 -45.89 -6.52 -55.43
N GLN E 6 -46.92 -6.10 -56.14
CA GLN E 6 -47.98 -5.27 -55.59
C GLN E 6 -49.32 -5.95 -55.80
N SER E 7 -50.17 -5.92 -54.78
CA SER E 7 -51.46 -6.58 -54.83
C SER E 7 -52.51 -5.70 -54.15
N PRO E 8 -53.69 -5.55 -54.74
CA PRO E 8 -54.05 -6.13 -56.03
C PRO E 8 -53.79 -5.16 -57.19
N SER E 9 -53.90 -5.66 -58.42
CA SER E 9 -53.75 -4.79 -59.59
C SER E 9 -54.87 -3.76 -59.63
N THR E 10 -56.10 -4.18 -59.32
CA THR E 10 -57.23 -3.28 -59.21
C THR E 10 -57.87 -3.45 -57.83
N LEU E 11 -58.06 -2.32 -57.14
CA LEU E 11 -58.57 -2.33 -55.79
C LEU E 11 -59.81 -1.45 -55.72
N SER E 12 -60.99 -2.04 -55.93
CA SER E 12 -62.24 -1.32 -55.90
C SER E 12 -62.62 -1.00 -54.45
N ALA E 13 -62.61 0.29 -54.12
CA ALA E 13 -62.95 0.74 -52.77
C ALA E 13 -63.88 1.93 -52.87
N SER E 14 -64.74 2.07 -51.85
CA SER E 14 -65.66 3.18 -51.75
C SER E 14 -65.13 4.19 -50.74
N VAL E 15 -65.81 5.34 -50.66
CA VAL E 15 -65.38 6.39 -49.75
C VAL E 15 -65.43 5.89 -48.31
N GLY E 16 -64.30 6.00 -47.61
CA GLY E 16 -64.19 5.55 -46.24
C GLY E 16 -63.69 4.14 -46.07
N ASP E 17 -63.49 3.40 -47.16
CA ASP E 17 -63.08 2.01 -47.05
C ASP E 17 -61.60 1.90 -46.70
N ARG E 18 -61.31 1.17 -45.63
CA ARG E 18 -59.94 0.93 -45.20
C ARG E 18 -59.38 -0.23 -46.02
N VAL E 19 -58.47 0.07 -46.95
CA VAL E 19 -57.90 -0.92 -47.84
C VAL E 19 -56.39 -0.93 -47.67
N THR E 20 -55.77 -2.09 -47.88
CA THR E 20 -54.33 -2.24 -47.74
C THR E 20 -53.77 -2.93 -48.98
N ILE E 21 -52.58 -2.52 -49.38
CA ILE E 21 -51.86 -3.16 -50.49
C ILE E 21 -50.55 -3.70 -49.97
N THR E 22 -50.12 -4.83 -50.53
CA THR E 22 -48.94 -5.54 -50.07
C THR E 22 -47.78 -5.28 -51.03
N CYS E 23 -46.64 -4.88 -50.47
CA CYS E 23 -45.42 -4.63 -51.21
C CYS E 23 -44.31 -5.44 -50.57
N ARG E 24 -44.09 -6.66 -51.07
CA ARG E 24 -43.19 -7.62 -50.45
C ARG E 24 -41.84 -7.61 -51.17
N ALA E 25 -40.77 -7.70 -50.38
CA ALA E 25 -39.41 -7.69 -50.90
C ALA E 25 -38.81 -9.09 -50.80
N SER E 26 -37.58 -9.23 -51.33
CA SER E 26 -36.92 -10.53 -51.35
C SER E 26 -35.93 -10.71 -50.20
N GLN E 27 -35.10 -9.71 -49.93
CA GLN E 27 -34.01 -9.86 -48.97
C GLN E 27 -33.98 -8.64 -48.05
N SER E 28 -32.91 -8.52 -47.27
CA SER E 28 -32.86 -7.51 -46.21
C SER E 28 -32.66 -6.12 -46.79
N ILE E 29 -33.71 -5.30 -46.69
CA ILE E 29 -33.66 -3.88 -47.02
C ILE E 29 -34.18 -3.10 -45.83
N SER E 30 -33.99 -3.66 -44.63
CA SER E 30 -34.62 -3.22 -43.39
C SER E 30 -34.63 -1.71 -43.19
N TYR E 31 -33.46 -1.06 -43.22
CA TYR E 31 -33.37 0.33 -42.82
C TYR E 31 -33.97 1.29 -43.83
N TRP E 32 -33.46 1.32 -45.05
CA TRP E 32 -33.83 2.36 -46.01
C TRP E 32 -34.83 1.81 -47.02
N LEU E 33 -36.05 2.36 -47.00
CA LEU E 33 -37.09 2.01 -47.95
C LEU E 33 -37.99 3.22 -48.13
N ALA E 34 -38.34 3.53 -49.37
CA ALA E 34 -39.08 4.74 -49.70
C ALA E 34 -40.41 4.41 -50.36
N TRP E 35 -41.33 5.35 -50.27
CA TRP E 35 -42.67 5.24 -50.87
C TRP E 35 -43.01 6.55 -51.57
N TYR E 36 -43.70 6.44 -52.70
CA TYR E 36 -44.02 7.60 -53.52
C TYR E 36 -45.48 7.56 -53.96
N GLN E 37 -46.04 8.74 -54.20
CA GLN E 37 -47.38 8.90 -54.74
C GLN E 37 -47.30 9.72 -56.01
N GLN E 38 -48.03 9.30 -57.05
CA GLN E 38 -48.03 9.97 -58.33
C GLN E 38 -49.47 10.21 -58.79
N LYS E 39 -49.74 11.42 -59.25
CA LYS E 39 -51.02 11.77 -59.85
C LYS E 39 -50.93 11.68 -61.36
N PRO E 40 -52.06 11.46 -62.06
CA PRO E 40 -52.03 11.35 -63.52
C PRO E 40 -51.35 12.53 -64.20
N GLY E 41 -50.22 12.28 -64.85
CA GLY E 41 -49.48 13.30 -65.54
C GLY E 41 -48.58 14.15 -64.67
N LYS E 42 -48.33 13.74 -63.43
CA LYS E 42 -47.50 14.51 -62.50
C LYS E 42 -46.27 13.70 -62.09
N ALA E 43 -45.36 14.37 -61.41
CA ALA E 43 -44.14 13.71 -60.95
C ALA E 43 -44.39 13.00 -59.62
N PRO E 44 -43.80 11.83 -59.39
CA PRO E 44 -43.96 11.15 -58.11
C PRO E 44 -43.45 11.98 -56.95
N LYS E 45 -44.26 12.06 -55.90
CA LYS E 45 -43.95 12.80 -54.69
C LYS E 45 -43.67 11.83 -53.55
N LEU E 46 -42.68 12.17 -52.72
CA LEU E 46 -42.30 11.29 -51.63
C LEU E 46 -43.43 11.14 -50.62
N LEU E 47 -43.64 9.91 -50.15
CA LEU E 47 -44.64 9.63 -49.13
C LEU E 47 -43.98 9.25 -47.80
N ILE E 48 -43.16 8.21 -47.80
CA ILE E 48 -42.49 7.71 -46.61
C ILE E 48 -41.06 7.35 -46.99
N TYR E 49 -40.10 7.90 -46.27
CA TYR E 49 -38.69 7.58 -46.48
C TYR E 49 -38.19 6.79 -45.29
N GLN E 50 -37.17 5.96 -45.56
CA GLN E 50 -36.62 4.98 -44.60
C GLN E 50 -37.72 4.14 -43.94
N ALA E 51 -38.87 4.03 -44.61
CA ALA E 51 -39.96 3.12 -44.25
C ALA E 51 -40.58 3.44 -42.89
N SER E 52 -40.14 4.50 -42.24
CA SER E 52 -40.64 4.84 -40.91
C SER E 52 -40.82 6.33 -40.67
N SER E 53 -40.64 7.18 -41.67
CA SER E 53 -40.70 8.62 -41.51
C SER E 53 -41.62 9.23 -42.56
N LEU E 54 -42.47 10.15 -42.12
CA LEU E 54 -43.44 10.78 -43.01
C LEU E 54 -42.81 11.97 -43.74
N GLU E 55 -43.11 12.08 -45.02
CA GLU E 55 -42.56 13.16 -45.83
C GLU E 55 -43.53 14.34 -45.86
N SER E 56 -42.97 15.54 -45.93
CA SER E 56 -43.79 16.75 -45.83
C SER E 56 -44.52 17.00 -47.14
N GLY E 57 -45.71 17.61 -47.04
CA GLY E 57 -46.54 17.90 -48.19
C GLY E 57 -47.73 16.99 -48.39
N VAL E 58 -47.70 15.79 -47.80
CA VAL E 58 -48.78 14.82 -47.94
C VAL E 58 -49.63 14.85 -46.67
N PRO E 59 -50.96 14.78 -46.77
CA PRO E 59 -51.79 14.68 -45.57
C PRO E 59 -51.38 13.49 -44.71
N SER E 60 -51.49 13.67 -43.38
CA SER E 60 -51.02 12.66 -42.44
C SER E 60 -51.89 11.41 -42.42
N ARG E 61 -53.01 11.40 -43.15
CA ARG E 61 -53.86 10.22 -43.19
C ARG E 61 -53.18 9.02 -43.84
N PHE E 62 -52.19 9.25 -44.71
CA PHE E 62 -51.47 8.17 -45.37
C PHE E 62 -50.38 7.64 -44.44
N SER E 63 -50.17 6.33 -44.47
CA SER E 63 -49.18 5.71 -43.61
C SER E 63 -48.68 4.42 -44.26
N GLY E 64 -47.39 4.16 -44.09
CA GLY E 64 -46.79 2.93 -44.58
C GLY E 64 -46.27 2.06 -43.45
N SER E 65 -46.42 0.74 -43.60
CA SER E 65 -46.01 -0.19 -42.57
C SER E 65 -44.92 -1.09 -43.12
N GLU E 66 -44.10 -1.62 -42.20
CA GLU E 66 -43.00 -2.51 -42.54
C GLU E 66 -42.98 -3.68 -41.57
N SER E 67 -42.65 -4.86 -42.09
CA SER E 67 -42.53 -6.07 -41.26
C SER E 67 -41.48 -6.96 -41.90
N GLY E 68 -40.24 -6.82 -41.43
CA GLY E 68 -39.14 -7.60 -41.99
C GLY E 68 -38.99 -7.32 -43.47
N THR E 69 -39.05 -8.39 -44.27
CA THR E 69 -39.02 -8.27 -45.72
C THR E 69 -40.37 -7.92 -46.31
N GLU E 70 -41.44 -7.97 -45.52
CA GLU E 70 -42.77 -7.62 -45.98
C GLU E 70 -43.11 -6.19 -45.61
N PHE E 71 -43.80 -5.50 -46.52
CA PHE E 71 -44.20 -4.11 -46.31
C PHE E 71 -45.60 -3.92 -46.85
N THR E 72 -46.41 -3.14 -46.12
CA THR E 72 -47.81 -2.93 -46.47
C THR E 72 -48.14 -1.45 -46.35
N LEU E 73 -48.75 -0.90 -47.39
CA LEU E 73 -49.26 0.46 -47.37
C LEU E 73 -50.71 0.44 -46.91
N THR E 74 -50.98 1.04 -45.76
CA THR E 74 -52.27 0.94 -45.11
C THR E 74 -52.88 2.33 -44.96
N ILE E 75 -54.08 2.51 -45.50
CA ILE E 75 -54.87 3.74 -45.33
C ILE E 75 -56.01 3.42 -44.38
N SER E 76 -55.90 3.94 -43.15
CA SER E 76 -56.88 3.61 -42.12
C SER E 76 -58.20 4.33 -42.36
N SER E 77 -58.15 5.64 -42.61
CA SER E 77 -59.35 6.44 -42.84
C SER E 77 -59.26 6.99 -44.26
N LEU E 78 -59.99 6.36 -45.18
CA LEU E 78 -59.92 6.76 -46.58
C LEU E 78 -60.59 8.10 -46.80
N GLN E 79 -60.06 8.87 -47.76
CA GLN E 79 -60.61 10.15 -48.16
C GLN E 79 -61.17 10.02 -49.57
N PRO E 80 -62.12 10.88 -49.94
CA PRO E 80 -62.67 10.83 -51.31
C PRO E 80 -61.63 11.05 -52.38
N ASP E 81 -60.50 11.66 -52.05
CA ASP E 81 -59.44 11.91 -53.03
C ASP E 81 -58.34 10.86 -53.02
N ASP E 82 -58.48 9.81 -52.21
CA ASP E 82 -57.41 8.83 -52.06
C ASP E 82 -57.33 7.85 -53.23
N PHE E 83 -58.29 7.87 -54.16
CA PHE E 83 -58.26 6.97 -55.30
C PHE E 83 -57.14 7.39 -56.25
N ALA E 84 -56.03 6.69 -56.20
CA ALA E 84 -54.85 7.01 -57.01
C ALA E 84 -53.95 5.78 -57.06
N THR E 85 -52.75 5.97 -57.58
CA THR E 85 -51.77 4.90 -57.73
C THR E 85 -50.54 5.20 -56.88
N TYR E 86 -49.99 4.16 -56.27
CA TYR E 86 -48.82 4.28 -55.40
C TYR E 86 -47.75 3.29 -55.84
N TYR E 87 -46.50 3.57 -55.48
CA TYR E 87 -45.37 2.73 -55.85
C TYR E 87 -44.44 2.56 -54.67
N CYS E 88 -43.48 1.65 -54.80
CA CYS E 88 -42.50 1.37 -53.76
C CYS E 88 -41.10 1.74 -54.27
N GLN E 89 -40.15 1.83 -53.33
CA GLN E 89 -38.74 2.00 -53.66
C GLN E 89 -37.88 1.65 -52.45
N GLN E 90 -36.97 0.71 -52.64
CA GLN E 90 -35.96 0.43 -51.62
C GLN E 90 -34.68 1.19 -51.96
N TYR E 91 -34.07 1.76 -50.93
CA TYR E 91 -32.80 2.47 -51.10
C TYR E 91 -31.80 2.08 -50.03
N ASN E 92 -31.94 0.87 -49.48
CA ASN E 92 -30.93 0.34 -48.57
C ASN E 92 -29.72 -0.16 -49.34
N SER E 93 -29.94 -0.85 -50.46
CA SER E 93 -28.84 -1.40 -51.25
C SER E 93 -29.08 -1.07 -52.72
N TYR E 94 -28.01 -0.65 -53.39
CA TYR E 94 -28.06 -0.37 -54.81
C TYR E 94 -28.09 -1.69 -55.59
N PRO E 95 -28.79 -1.74 -56.75
CA PRO E 95 -29.56 -0.63 -57.34
C PRO E 95 -30.94 -0.48 -56.75
N TYR E 96 -31.61 0.63 -57.06
CA TYR E 96 -32.94 0.89 -56.53
C TYR E 96 -34.00 0.44 -57.53
N THR E 97 -34.98 -0.33 -57.06
CA THR E 97 -36.05 -0.82 -57.89
C THR E 97 -37.39 -0.33 -57.35
N PHE E 98 -38.35 -0.16 -58.27
CA PHE E 98 -39.66 0.34 -57.91
C PHE E 98 -40.69 -0.80 -57.94
N GLY E 99 -41.92 -0.46 -57.59
CA GLY E 99 -43.00 -1.42 -57.61
C GLY E 99 -43.73 -1.46 -58.94
N GLN E 100 -44.89 -2.11 -58.92
CA GLN E 100 -45.68 -2.26 -60.13
C GLN E 100 -46.77 -1.19 -60.27
N GLY E 101 -47.54 -0.93 -59.22
CA GLY E 101 -48.61 0.05 -59.30
C GLY E 101 -49.98 -0.59 -59.42
N THR E 102 -51.02 0.14 -59.03
CA THR E 102 -52.39 -0.35 -59.07
C THR E 102 -53.33 0.76 -59.52
N LYS E 103 -54.27 0.42 -60.38
CA LYS E 103 -55.26 1.37 -60.87
C LYS E 103 -56.57 1.16 -60.11
N LEU E 104 -57.21 2.25 -59.72
CA LEU E 104 -58.45 2.21 -58.96
C LEU E 104 -59.60 2.63 -59.87
N GLU E 105 -60.55 1.73 -60.08
CA GLU E 105 -61.72 2.00 -60.91
C GLU E 105 -62.97 2.10 -60.04
N ILE E 106 -64.07 2.49 -60.66
CA ILE E 106 -65.33 2.65 -59.97
C ILE E 106 -66.11 1.34 -59.96
N GLN F 1 -28.76 -47.08 -46.03
CA GLN F 1 -28.33 -47.30 -47.40
C GLN F 1 -28.34 -45.99 -48.19
N VAL F 2 -27.35 -45.13 -47.92
CA VAL F 2 -27.25 -43.86 -48.61
C VAL F 2 -26.96 -44.11 -50.08
N GLN F 3 -27.85 -43.66 -50.96
CA GLN F 3 -27.71 -43.92 -52.38
C GLN F 3 -28.13 -42.68 -53.17
N LEU F 4 -27.22 -42.19 -54.01
CA LEU F 4 -27.54 -41.17 -55.00
C LEU F 4 -28.17 -41.86 -56.20
N GLN F 5 -29.49 -41.96 -56.20
CA GLN F 5 -30.24 -42.68 -57.23
C GLN F 5 -30.22 -41.84 -58.49
N GLN F 6 -29.09 -41.85 -59.20
CA GLN F 6 -28.90 -41.10 -60.42
C GLN F 6 -29.70 -41.73 -61.56
N SER F 7 -30.15 -40.88 -62.48
CA SER F 7 -31.01 -41.32 -63.56
C SER F 7 -30.27 -42.24 -64.51
N GLY F 8 -31.02 -42.84 -65.43
CA GLY F 8 -30.46 -43.70 -66.44
C GLY F 8 -29.81 -42.93 -67.57
N ALA F 9 -29.40 -43.66 -68.61
CA ALA F 9 -28.78 -43.05 -69.77
C ALA F 9 -29.83 -42.40 -70.67
N GLU F 10 -29.50 -41.23 -71.20
CA GLU F 10 -30.38 -40.51 -72.12
C GLU F 10 -29.69 -40.39 -73.47
N VAL F 11 -30.42 -40.66 -74.54
CA VAL F 11 -29.91 -40.59 -75.90
C VAL F 11 -30.71 -39.53 -76.65
N LYS F 12 -30.08 -38.38 -76.91
CA LYS F 12 -30.72 -37.26 -77.58
C LYS F 12 -29.76 -36.63 -78.57
N LYS F 13 -30.20 -35.53 -79.17
CA LYS F 13 -29.43 -34.75 -80.12
C LYS F 13 -29.21 -33.33 -79.59
N PRO F 14 -28.25 -32.59 -80.13
CA PRO F 14 -28.05 -31.21 -79.69
C PRO F 14 -29.27 -30.33 -79.96
N GLY F 15 -29.50 -29.38 -79.04
CA GLY F 15 -30.51 -28.37 -79.21
C GLY F 15 -31.62 -28.36 -78.18
N GLU F 16 -32.13 -29.51 -77.78
CA GLU F 16 -33.23 -29.55 -76.82
C GLU F 16 -32.70 -29.54 -75.39
N SER F 17 -33.62 -29.64 -74.44
CA SER F 17 -33.29 -29.60 -73.01
C SER F 17 -33.31 -31.00 -72.42
N LEU F 18 -32.72 -31.14 -71.23
CA LEU F 18 -32.66 -32.41 -70.53
C LEU F 18 -32.87 -32.19 -69.04
N LYS F 19 -33.59 -33.11 -68.41
CA LYS F 19 -33.79 -33.12 -66.97
C LYS F 19 -33.26 -34.44 -66.42
N ILE F 20 -32.11 -34.38 -65.75
CA ILE F 20 -31.49 -35.56 -65.18
C ILE F 20 -31.75 -35.58 -63.68
N SER F 21 -31.57 -36.75 -63.08
CA SER F 21 -31.90 -36.97 -61.69
C SER F 21 -30.70 -37.48 -60.90
N CYS F 22 -30.63 -37.07 -59.64
CA CYS F 22 -29.72 -37.65 -58.65
C CYS F 22 -30.51 -37.72 -57.35
N LYS F 23 -31.18 -38.84 -57.12
CA LYS F 23 -32.21 -38.95 -56.09
C LYS F 23 -31.63 -39.54 -54.81
N GLY F 24 -32.08 -39.02 -53.67
CA GLY F 24 -31.68 -39.56 -52.39
C GLY F 24 -32.68 -40.60 -51.90
N SER F 25 -32.14 -41.73 -51.43
CA SER F 25 -32.95 -42.83 -50.94
C SER F 25 -32.32 -43.41 -49.69
N GLY F 26 -33.09 -43.46 -48.60
CA GLY F 26 -32.60 -44.00 -47.35
C GLY F 26 -31.81 -43.04 -46.50
N TYR F 27 -31.90 -41.75 -46.75
CA TYR F 27 -31.14 -40.73 -46.03
C TYR F 27 -31.76 -39.37 -46.36
N SER F 28 -31.12 -38.30 -45.90
CA SER F 28 -31.56 -36.93 -46.18
C SER F 28 -30.72 -36.39 -47.34
N PHE F 29 -31.38 -36.14 -48.47
CA PHE F 29 -30.67 -35.71 -49.67
C PHE F 29 -30.02 -34.35 -49.48
N THR F 30 -30.54 -33.54 -48.57
CA THR F 30 -30.00 -32.19 -48.37
C THR F 30 -28.67 -32.23 -47.62
N SER F 31 -28.38 -33.35 -46.96
CA SER F 31 -27.16 -33.44 -46.14
C SER F 31 -25.91 -33.41 -47.01
N TYR F 32 -25.76 -34.38 -47.90
CA TYR F 32 -24.56 -34.48 -48.70
C TYR F 32 -24.52 -33.41 -49.79
N TRP F 33 -23.37 -32.80 -49.95
CA TRP F 33 -23.17 -31.81 -51.01
C TRP F 33 -23.17 -32.52 -52.37
N ILE F 34 -24.01 -32.02 -53.28
CA ILE F 34 -24.17 -32.61 -54.60
C ILE F 34 -23.24 -31.87 -55.55
N GLY F 35 -22.04 -32.41 -55.76
CA GLY F 35 -21.10 -31.86 -56.69
C GLY F 35 -21.26 -32.45 -58.08
N TRP F 36 -21.18 -31.58 -59.08
CA TRP F 36 -21.31 -32.00 -60.47
C TRP F 36 -19.94 -32.11 -61.12
N VAL F 37 -19.54 -33.34 -61.40
CA VAL F 37 -18.26 -33.64 -62.05
C VAL F 37 -18.55 -34.39 -63.33
N ARG F 38 -17.88 -34.02 -64.41
CA ARG F 38 -18.08 -34.60 -65.73
C ARG F 38 -16.90 -35.46 -66.10
N GLN F 39 -17.16 -36.70 -66.51
CA GLN F 39 -16.11 -37.64 -66.91
C GLN F 39 -16.35 -38.02 -68.36
N MET F 40 -15.54 -37.44 -69.25
CA MET F 40 -15.65 -37.76 -70.66
C MET F 40 -15.18 -39.19 -70.93
N PRO F 41 -15.74 -39.85 -71.95
CA PRO F 41 -15.33 -41.21 -72.25
C PRO F 41 -13.87 -41.28 -72.67
N GLY F 42 -13.16 -42.27 -72.13
CA GLY F 42 -11.75 -42.46 -72.41
C GLY F 42 -10.81 -41.67 -71.55
N LYS F 43 -11.28 -40.68 -70.81
CA LYS F 43 -10.43 -39.88 -69.94
C LYS F 43 -11.00 -39.82 -68.52
N GLY F 44 -10.40 -39.00 -67.66
CA GLY F 44 -10.84 -38.87 -66.29
C GLY F 44 -12.00 -37.92 -66.14
N LEU F 45 -12.28 -37.58 -64.89
CA LEU F 45 -13.38 -36.69 -64.54
C LEU F 45 -12.94 -35.23 -64.63
N GLU F 46 -13.91 -34.33 -64.63
CA GLU F 46 -13.68 -32.89 -64.74
C GLU F 46 -14.81 -32.14 -64.06
N TRP F 47 -14.45 -31.19 -63.19
CA TRP F 47 -15.44 -30.36 -62.53
C TRP F 47 -16.05 -29.37 -63.53
N MET F 48 -17.31 -29.59 -63.88
CA MET F 48 -17.99 -28.79 -64.89
C MET F 48 -18.82 -27.66 -64.30
N GLY F 49 -19.40 -27.87 -63.12
CA GLY F 49 -20.24 -26.85 -62.51
C GLY F 49 -20.65 -27.27 -61.12
N ILE F 50 -21.29 -26.33 -60.42
CA ILE F 50 -21.74 -26.56 -59.06
C ILE F 50 -22.99 -25.74 -58.79
N ILE F 51 -23.90 -26.33 -58.01
CA ILE F 51 -25.07 -25.63 -57.49
C ILE F 51 -25.35 -26.15 -56.09
N TYR F 52 -25.74 -25.24 -55.20
CA TYR F 52 -26.18 -25.58 -53.85
C TYR F 52 -27.68 -25.77 -53.87
N PRO F 53 -28.18 -27.02 -53.87
CA PRO F 53 -29.62 -27.25 -54.05
C PRO F 53 -30.47 -26.78 -52.87
N GLY F 54 -29.82 -26.41 -51.77
CA GLY F 54 -30.57 -25.93 -50.61
C GLY F 54 -31.37 -24.67 -50.90
N ASP F 55 -30.77 -23.74 -51.65
CA ASP F 55 -31.47 -22.51 -52.03
C ASP F 55 -31.22 -22.12 -53.48
N SER F 56 -30.93 -23.08 -54.36
CA SER F 56 -30.68 -22.82 -55.78
C SER F 56 -29.49 -21.88 -55.98
N ASP F 57 -28.52 -21.93 -55.06
CA ASP F 57 -27.30 -21.14 -55.23
C ASP F 57 -26.48 -21.73 -56.37
N THR F 58 -26.51 -21.07 -57.52
CA THR F 58 -25.93 -21.59 -58.75
C THR F 58 -24.69 -20.80 -59.13
N ARG F 59 -23.63 -21.52 -59.50
CA ARG F 59 -22.39 -20.93 -59.97
C ARG F 59 -22.00 -21.59 -61.29
N TYR F 60 -22.27 -20.90 -62.39
CA TYR F 60 -21.97 -21.41 -63.72
C TYR F 60 -20.49 -21.21 -64.03
N SER F 61 -19.84 -22.27 -64.51
CA SER F 61 -18.46 -22.18 -64.90
C SER F 61 -18.31 -21.16 -66.03
N PRO F 62 -17.16 -20.48 -66.12
CA PRO F 62 -16.99 -19.47 -67.19
C PRO F 62 -17.17 -20.04 -68.60
N SER F 63 -16.77 -21.29 -68.83
CA SER F 63 -16.94 -21.88 -70.15
C SER F 63 -18.37 -22.36 -70.38
N PHE F 64 -19.24 -22.25 -69.38
CA PHE F 64 -20.61 -22.73 -69.49
C PHE F 64 -21.64 -21.63 -69.27
N GLN F 65 -21.22 -20.36 -69.21
CA GLN F 65 -22.16 -19.26 -69.03
C GLN F 65 -23.07 -19.15 -70.24
N GLY F 66 -24.39 -19.11 -70.00
CA GLY F 66 -25.36 -18.92 -71.04
C GLY F 66 -25.74 -20.17 -71.84
N GLN F 67 -24.82 -21.11 -72.03
CA GLN F 67 -25.14 -22.33 -72.76
C GLN F 67 -25.68 -23.45 -71.88
N VAL F 68 -25.33 -23.46 -70.59
CA VAL F 68 -25.79 -24.47 -69.65
C VAL F 68 -26.44 -23.78 -68.46
N THR F 69 -27.62 -24.27 -68.09
CA THR F 69 -28.38 -23.74 -66.96
C THR F 69 -28.60 -24.88 -65.97
N ILE F 70 -27.67 -25.02 -65.02
CA ILE F 70 -27.74 -26.07 -64.01
C ILE F 70 -28.70 -25.62 -62.92
N SER F 71 -29.60 -26.51 -62.51
CA SER F 71 -30.57 -26.24 -61.46
C SER F 71 -30.73 -27.48 -60.60
N ALA F 72 -31.79 -27.49 -59.78
CA ALA F 72 -32.06 -28.61 -58.89
C ALA F 72 -33.54 -28.68 -58.59
N ASP F 73 -34.07 -29.91 -58.51
CA ASP F 73 -35.46 -30.15 -58.16
C ASP F 73 -35.47 -31.01 -56.90
N LYS F 74 -36.09 -30.50 -55.84
CA LYS F 74 -36.03 -31.16 -54.54
C LYS F 74 -37.27 -32.01 -54.28
N SER F 75 -38.38 -31.72 -54.97
CA SER F 75 -39.61 -32.45 -54.74
C SER F 75 -39.45 -33.94 -55.04
N ILE F 76 -39.19 -34.27 -56.30
CA ILE F 76 -38.98 -35.65 -56.74
C ILE F 76 -37.50 -36.01 -56.77
N SER F 77 -36.64 -35.13 -56.23
CA SER F 77 -35.22 -35.45 -56.02
C SER F 77 -34.47 -35.69 -57.32
N THR F 78 -34.56 -34.72 -58.23
CA THR F 78 -33.82 -34.75 -59.48
C THR F 78 -32.92 -33.52 -59.57
N ALA F 79 -31.65 -33.68 -59.22
CA ALA F 79 -30.66 -32.63 -59.39
C ALA F 79 -30.38 -32.43 -60.87
N TYR F 80 -30.53 -31.19 -61.31
CA TYR F 80 -30.64 -30.89 -62.73
C TYR F 80 -29.32 -30.40 -63.29
N MET F 81 -29.08 -30.74 -64.56
CA MET F 81 -28.06 -30.13 -65.38
C MET F 81 -28.66 -29.91 -66.77
N GLN F 82 -29.28 -28.76 -66.96
CA GLN F 82 -30.08 -28.49 -68.15
C GLN F 82 -29.23 -27.76 -69.19
N TRP F 83 -28.97 -28.45 -70.30
CA TRP F 83 -28.39 -27.82 -71.48
C TRP F 83 -29.51 -27.26 -72.35
N SER F 84 -29.76 -25.96 -72.20
CA SER F 84 -30.75 -25.29 -73.03
C SER F 84 -30.46 -25.44 -74.52
N SER F 85 -29.18 -25.53 -74.88
CA SER F 85 -28.78 -25.92 -76.23
C SER F 85 -27.76 -27.04 -76.06
N LEU F 86 -28.22 -28.28 -76.20
CA LEU F 86 -27.37 -29.44 -75.94
C LEU F 86 -26.14 -29.40 -76.83
N LYS F 87 -25.02 -29.87 -76.28
CA LYS F 87 -23.73 -29.83 -76.96
C LYS F 87 -23.20 -31.25 -77.18
N ALA F 88 -22.71 -31.49 -78.39
CA ALA F 88 -22.12 -32.78 -78.71
C ALA F 88 -20.85 -33.03 -77.91
N SER F 89 -20.26 -31.98 -77.36
CA SER F 89 -19.07 -32.12 -76.52
C SER F 89 -19.40 -32.65 -75.13
N ASP F 90 -20.67 -32.63 -74.73
CA ASP F 90 -21.03 -33.05 -73.37
C ASP F 90 -21.45 -34.51 -73.30
N THR F 91 -21.23 -35.29 -74.35
CA THR F 91 -21.51 -36.72 -74.29
C THR F 91 -20.53 -37.39 -73.33
N ALA F 92 -21.00 -37.75 -72.14
CA ALA F 92 -20.13 -38.28 -71.11
C ALA F 92 -20.95 -38.97 -70.04
N MET F 93 -20.28 -39.80 -69.25
CA MET F 93 -20.89 -40.47 -68.11
C MET F 93 -20.84 -39.54 -66.91
N TYR F 94 -21.99 -38.97 -66.56
CA TYR F 94 -22.09 -37.96 -65.52
C TYR F 94 -22.34 -38.61 -64.17
N TYR F 95 -21.47 -38.32 -63.21
CA TYR F 95 -21.57 -38.83 -61.86
C TYR F 95 -21.88 -37.69 -60.89
N CYS F 96 -23.10 -37.66 -60.38
CA CYS F 96 -23.45 -36.76 -59.29
C CYS F 96 -22.71 -37.21 -58.03
N ALA F 97 -22.11 -36.25 -57.33
CA ALA F 97 -21.13 -36.56 -56.31
C ALA F 97 -21.70 -36.27 -54.92
N ARG F 98 -21.46 -37.20 -54.00
CA ARG F 98 -21.81 -37.02 -52.61
C ARG F 98 -20.59 -36.48 -51.86
N SER F 99 -20.78 -36.13 -50.58
CA SER F 99 -19.70 -35.65 -49.73
C SER F 99 -19.40 -36.67 -48.65
N PHE F 100 -18.14 -36.67 -48.20
CA PHE F 100 -17.69 -37.60 -47.19
C PHE F 100 -18.24 -37.21 -45.81
N ARG F 101 -18.06 -38.12 -44.85
CA ARG F 101 -18.49 -37.88 -43.47
C ARG F 101 -17.59 -38.70 -42.56
N ASP F 102 -16.60 -38.05 -41.96
CA ASP F 102 -15.65 -38.72 -41.08
C ASP F 102 -15.49 -38.04 -39.73
N ASP F 103 -15.73 -36.74 -39.62
CA ASP F 103 -15.60 -36.01 -38.37
C ASP F 103 -16.78 -35.05 -38.25
N PRO F 104 -17.61 -35.24 -37.22
CA PRO F 104 -18.81 -34.46 -37.01
C PRO F 104 -19.71 -34.47 -38.25
N ARG F 105 -20.17 -35.68 -38.59
CA ARG F 105 -21.01 -35.86 -39.76
C ARG F 105 -22.28 -35.02 -39.70
N ILE F 106 -22.94 -35.01 -38.55
CA ILE F 106 -24.18 -34.26 -38.40
C ILE F 106 -23.95 -32.75 -38.51
N ALA F 107 -22.75 -32.27 -38.19
CA ALA F 107 -22.47 -30.84 -38.25
C ALA F 107 -22.46 -30.32 -39.68
N VAL F 108 -21.56 -30.84 -40.51
CA VAL F 108 -21.43 -30.33 -41.87
C VAL F 108 -22.12 -31.25 -42.89
N ALA F 109 -21.69 -32.51 -42.95
CA ALA F 109 -22.24 -33.51 -43.88
C ALA F 109 -22.06 -33.10 -45.33
N GLY F 110 -21.29 -32.06 -45.60
CA GLY F 110 -21.16 -31.54 -46.95
C GLY F 110 -19.74 -31.02 -47.17
N PRO F 111 -19.34 -31.01 -48.44
CA PRO F 111 -18.07 -30.42 -48.88
C PRO F 111 -16.86 -31.11 -48.26
N ALA F 112 -17.02 -32.34 -47.77
CA ALA F 112 -15.88 -33.07 -47.22
C ALA F 112 -15.06 -33.75 -48.30
N ASP F 113 -15.70 -34.24 -49.35
CA ASP F 113 -15.02 -34.88 -50.47
C ASP F 113 -15.94 -34.82 -51.68
N ALA F 114 -15.56 -35.53 -52.75
CA ALA F 114 -16.34 -35.53 -53.98
C ALA F 114 -16.76 -36.95 -54.40
N PHE F 115 -16.59 -37.94 -53.52
CA PHE F 115 -17.00 -39.30 -53.83
C PHE F 115 -17.25 -40.05 -52.51
N ASP F 116 -18.53 -40.28 -52.21
CA ASP F 116 -18.91 -41.17 -51.13
C ASP F 116 -19.57 -42.42 -51.70
N ILE F 117 -20.61 -42.29 -52.51
CA ILE F 117 -21.23 -43.39 -53.22
C ILE F 117 -21.99 -42.81 -54.40
N TRP F 118 -21.86 -43.45 -55.56
CA TRP F 118 -22.52 -42.99 -56.77
C TRP F 118 -23.43 -44.10 -57.28
N GLY F 119 -24.52 -43.70 -57.94
CA GLY F 119 -25.42 -44.67 -58.53
C GLY F 119 -24.85 -45.33 -59.75
N GLN F 120 -25.75 -45.85 -60.60
CA GLN F 120 -25.33 -46.50 -61.84
C GLN F 120 -24.77 -45.52 -62.86
N GLY F 121 -24.93 -44.21 -62.63
CA GLY F 121 -24.38 -43.23 -63.54
C GLY F 121 -25.34 -42.80 -64.64
N THR F 122 -25.63 -41.51 -64.72
CA THR F 122 -26.47 -40.95 -65.76
C THR F 122 -25.58 -40.72 -66.98
N MET F 123 -25.64 -41.65 -67.94
CA MET F 123 -24.84 -41.52 -69.16
C MET F 123 -25.56 -40.63 -70.15
N VAL F 124 -25.22 -39.34 -70.14
CA VAL F 124 -25.78 -38.36 -71.06
C VAL F 124 -25.05 -38.46 -72.39
N THR F 125 -25.71 -39.04 -73.38
CA THR F 125 -25.19 -39.14 -74.74
C THR F 125 -25.94 -38.17 -75.64
N VAL F 126 -25.27 -37.12 -76.07
CA VAL F 126 -25.90 -36.07 -76.86
C VAL F 126 -25.69 -36.34 -78.35
N ILE G 2 5.49 -25.09 -57.95
CA ILE G 2 4.14 -25.62 -57.84
C ILE G 2 3.54 -25.92 -59.23
N GLN G 3 3.97 -27.04 -59.80
CA GLN G 3 3.44 -27.51 -61.07
C GLN G 3 2.98 -28.96 -60.92
N MET G 4 1.97 -29.33 -61.70
CA MET G 4 1.39 -30.67 -61.66
C MET G 4 2.06 -31.55 -62.70
N THR G 5 2.86 -32.51 -62.23
CA THR G 5 3.47 -33.52 -63.09
C THR G 5 3.27 -34.88 -62.45
N GLN G 6 2.70 -35.81 -63.20
CA GLN G 6 2.43 -37.16 -62.71
C GLN G 6 3.24 -38.17 -63.51
N SER G 7 3.70 -39.21 -62.82
CA SER G 7 4.50 -40.27 -63.43
C SER G 7 3.96 -41.61 -62.92
N PRO G 8 4.13 -42.70 -63.69
CA PRO G 8 4.71 -42.74 -65.03
C PRO G 8 3.65 -42.91 -66.12
N SER G 9 4.09 -43.04 -67.37
CA SER G 9 3.17 -43.37 -68.45
C SER G 9 2.73 -44.83 -68.37
N THR G 10 3.68 -45.73 -68.13
CA THR G 10 3.38 -47.15 -67.94
C THR G 10 4.27 -47.70 -66.84
N LEU G 11 3.78 -48.75 -66.19
CA LEU G 11 4.51 -49.41 -65.10
C LEU G 11 4.45 -50.91 -65.33
N SER G 12 5.61 -51.54 -65.50
CA SER G 12 5.70 -52.98 -65.73
C SER G 12 6.36 -53.64 -64.53
N ALA G 13 5.67 -54.63 -63.95
CA ALA G 13 6.19 -55.36 -62.80
C ALA G 13 5.46 -56.70 -62.70
N SER G 14 5.66 -57.39 -61.59
CA SER G 14 5.05 -58.68 -61.34
C SER G 14 4.41 -58.70 -59.97
N VAL G 15 3.83 -59.85 -59.62
CA VAL G 15 3.18 -60.00 -58.32
C VAL G 15 4.24 -59.90 -57.22
N GLY G 16 3.85 -59.30 -56.09
CA GLY G 16 4.73 -59.14 -54.96
C GLY G 16 5.67 -57.96 -55.04
N ASP G 17 5.62 -57.18 -56.12
CA ASP G 17 6.53 -56.06 -56.28
C ASP G 17 5.99 -54.82 -55.59
N ARG G 18 6.91 -53.97 -55.13
CA ARG G 18 6.55 -52.69 -54.53
C ARG G 18 6.89 -51.58 -55.53
N VAL G 19 5.94 -50.68 -55.76
CA VAL G 19 6.10 -49.61 -56.73
C VAL G 19 5.87 -48.27 -56.03
N THR G 20 6.42 -47.21 -56.61
CA THR G 20 6.31 -45.86 -56.06
C THR G 20 6.21 -44.85 -57.20
N ILE G 21 5.11 -44.12 -57.23
CA ILE G 21 4.88 -43.08 -58.23
C ILE G 21 4.62 -41.77 -57.51
N THR G 22 4.48 -40.70 -58.28
CA THR G 22 4.36 -39.36 -57.72
C THR G 22 3.25 -38.57 -58.41
N CYS G 23 2.57 -37.75 -57.61
CA CYS G 23 1.62 -36.75 -58.10
C CYS G 23 2.00 -35.41 -57.49
N ARG G 24 2.90 -34.69 -58.15
CA ARG G 24 3.42 -33.42 -57.65
C ARG G 24 2.31 -32.38 -57.58
N ALA G 25 2.33 -31.57 -56.53
CA ALA G 25 1.27 -30.61 -56.26
C ALA G 25 1.18 -29.55 -57.35
N SER G 26 -0.04 -29.28 -57.80
CA SER G 26 -0.28 -28.25 -58.80
C SER G 26 -0.21 -26.84 -58.22
N GLN G 27 -0.51 -26.69 -56.94
CA GLN G 27 -0.48 -25.39 -56.26
C GLN G 27 -0.42 -25.67 -54.76
N SER G 28 -0.62 -24.62 -53.96
CA SER G 28 -0.59 -24.79 -52.51
C SER G 28 -1.83 -25.57 -52.07
N ILE G 29 -1.68 -26.89 -51.99
CA ILE G 29 -2.79 -27.79 -51.70
C ILE G 29 -2.44 -28.66 -50.50
N SER G 30 -1.62 -28.12 -49.60
CA SER G 30 -1.08 -28.84 -48.45
C SER G 30 -2.15 -29.56 -47.64
N TYR G 31 -3.25 -28.88 -47.33
CA TYR G 31 -4.22 -29.45 -46.39
C TYR G 31 -5.14 -30.46 -47.06
N TRP G 32 -5.91 -30.02 -48.07
CA TRP G 32 -7.01 -30.84 -48.60
C TRP G 32 -6.60 -31.46 -49.93
N LEU G 33 -6.31 -32.77 -49.90
CA LEU G 33 -6.15 -33.55 -51.12
C LEU G 33 -6.67 -34.95 -50.88
N ALA G 34 -7.44 -35.46 -51.84
CA ALA G 34 -8.05 -36.78 -51.75
C ALA G 34 -7.54 -37.68 -52.88
N TRP G 35 -7.18 -38.90 -52.51
CA TRP G 35 -6.64 -39.88 -53.45
C TRP G 35 -7.76 -40.81 -53.89
N TYR G 36 -7.81 -41.09 -55.19
CA TYR G 36 -8.89 -41.87 -55.79
C TYR G 36 -8.35 -43.12 -56.46
N GLN G 37 -9.12 -44.21 -56.36
CA GLN G 37 -8.79 -45.48 -57.00
C GLN G 37 -9.90 -45.82 -57.98
N GLN G 38 -9.55 -45.92 -59.26
CA GLN G 38 -10.51 -46.22 -60.31
C GLN G 38 -10.14 -47.53 -60.99
N LYS G 39 -11.09 -48.44 -61.07
CA LYS G 39 -10.93 -49.66 -61.84
C LYS G 39 -11.50 -49.48 -63.24
N PRO G 40 -10.98 -50.21 -64.23
CA PRO G 40 -11.44 -50.00 -65.61
C PRO G 40 -12.91 -50.34 -65.75
N GLY G 41 -13.70 -49.32 -66.12
CA GLY G 41 -15.11 -49.49 -66.41
C GLY G 41 -16.07 -49.13 -65.29
N LYS G 42 -15.58 -48.80 -64.10
CA LYS G 42 -16.44 -48.46 -62.98
C LYS G 42 -16.02 -47.14 -62.35
N ALA G 43 -16.84 -46.68 -61.41
CA ALA G 43 -16.61 -45.38 -60.78
C ALA G 43 -15.40 -45.44 -59.84
N PRO G 44 -14.64 -44.36 -59.74
CA PRO G 44 -13.48 -44.35 -58.83
C PRO G 44 -13.93 -44.39 -57.37
N LYS G 45 -13.00 -44.80 -56.52
CA LYS G 45 -13.21 -44.89 -55.09
C LYS G 45 -12.06 -44.21 -54.36
N LEU G 46 -12.35 -43.65 -53.18
CA LEU G 46 -11.34 -42.94 -52.42
C LEU G 46 -10.24 -43.88 -51.95
N LEU G 47 -8.99 -43.43 -52.11
CA LEU G 47 -7.84 -44.08 -51.50
C LEU G 47 -7.47 -43.42 -50.17
N ILE G 48 -7.08 -42.14 -50.22
CA ILE G 48 -6.73 -41.37 -49.04
C ILE G 48 -7.34 -39.99 -49.17
N TYR G 49 -8.38 -39.73 -48.39
CA TYR G 49 -9.01 -38.42 -48.37
C TYR G 49 -8.40 -37.59 -47.23
N GLN G 50 -8.26 -36.30 -47.49
CA GLN G 50 -7.49 -35.37 -46.64
C GLN G 50 -6.01 -35.75 -46.58
N ALA G 51 -5.56 -36.59 -47.51
CA ALA G 51 -4.15 -36.93 -47.69
C ALA G 51 -3.53 -37.64 -46.50
N SER G 52 -4.32 -37.97 -45.48
CA SER G 52 -3.77 -38.65 -44.31
C SER G 52 -4.70 -39.72 -43.74
N SER G 53 -5.84 -39.99 -44.36
CA SER G 53 -6.85 -40.88 -43.80
C SER G 53 -7.23 -41.96 -44.79
N LEU G 54 -7.26 -43.21 -44.33
CA LEU G 54 -7.63 -44.34 -45.17
C LEU G 54 -9.13 -44.35 -45.42
N GLU G 55 -9.54 -44.77 -46.61
CA GLU G 55 -10.95 -44.85 -46.93
C GLU G 55 -11.46 -46.27 -46.76
N SER G 56 -12.79 -46.41 -46.71
CA SER G 56 -13.39 -47.72 -46.51
C SER G 56 -13.65 -48.41 -47.85
N GLY G 57 -13.52 -49.73 -47.86
CA GLY G 57 -13.77 -50.53 -49.04
C GLY G 57 -12.56 -50.84 -49.89
N VAL G 58 -11.41 -50.23 -49.60
CA VAL G 58 -10.20 -50.44 -50.39
C VAL G 58 -9.19 -51.22 -49.57
N PRO G 59 -8.54 -52.25 -50.13
CA PRO G 59 -7.52 -52.97 -49.39
C PRO G 59 -6.36 -52.06 -49.00
N SER G 60 -5.60 -52.49 -47.99
CA SER G 60 -4.53 -51.67 -47.45
C SER G 60 -3.28 -51.65 -48.32
N ARG G 61 -3.18 -52.54 -49.32
CA ARG G 61 -2.01 -52.55 -50.18
C ARG G 61 -1.88 -51.30 -51.02
N PHE G 62 -2.97 -50.56 -51.22
CA PHE G 62 -2.92 -49.27 -51.91
C PHE G 62 -2.83 -48.14 -50.89
N SER G 63 -1.80 -47.30 -51.02
CA SER G 63 -1.58 -46.23 -50.07
C SER G 63 -1.00 -45.02 -50.80
N GLY G 64 -1.19 -43.85 -50.19
CA GLY G 64 -0.68 -42.61 -50.75
C GLY G 64 0.10 -41.83 -49.71
N SER G 65 1.03 -41.02 -50.19
CA SER G 65 1.89 -40.22 -49.31
C SER G 65 2.05 -38.83 -49.91
N GLU G 66 2.66 -37.94 -49.13
CA GLU G 66 2.88 -36.56 -49.53
C GLU G 66 4.26 -36.10 -49.07
N SER G 67 4.86 -35.20 -49.85
CA SER G 67 6.15 -34.62 -49.49
C SER G 67 6.21 -33.21 -50.09
N GLY G 68 5.85 -32.21 -49.30
CA GLY G 68 5.92 -30.83 -49.76
C GLY G 68 5.07 -30.61 -51.00
N THR G 69 5.73 -30.36 -52.12
CA THR G 69 5.06 -30.12 -53.39
C THR G 69 5.00 -31.35 -54.27
N GLU G 70 5.57 -32.47 -53.84
CA GLU G 70 5.56 -33.71 -54.60
C GLU G 70 4.94 -34.81 -53.73
N PHE G 71 3.80 -35.34 -54.16
CA PHE G 71 3.09 -36.35 -53.40
C PHE G 71 3.39 -37.73 -53.97
N THR G 72 2.79 -38.75 -53.37
CA THR G 72 3.16 -40.13 -53.65
C THR G 72 1.94 -41.04 -53.62
N LEU G 73 1.89 -41.98 -54.55
CA LEU G 73 0.99 -43.12 -54.50
C LEU G 73 1.81 -44.40 -54.52
N THR G 74 1.58 -45.28 -53.54
CA THR G 74 2.45 -46.41 -53.31
C THR G 74 1.63 -47.68 -53.17
N ILE G 75 2.08 -48.74 -53.84
CA ILE G 75 1.52 -50.08 -53.71
C ILE G 75 2.59 -50.94 -53.05
N SER G 76 2.31 -51.42 -51.84
CA SER G 76 3.32 -52.16 -51.09
C SER G 76 3.49 -53.58 -51.63
N SER G 77 2.40 -54.29 -51.88
CA SER G 77 2.45 -55.68 -52.35
C SER G 77 1.57 -55.80 -53.58
N LEU G 78 2.19 -55.96 -54.74
CA LEU G 78 1.43 -56.09 -55.98
C LEU G 78 0.69 -57.42 -56.03
N GLN G 79 -0.51 -57.39 -56.58
CA GLN G 79 -1.36 -58.56 -56.76
C GLN G 79 -1.68 -58.73 -58.25
N PRO G 80 -2.06 -59.93 -58.69
CA PRO G 80 -2.35 -60.12 -60.12
C PRO G 80 -3.51 -59.28 -60.64
N ASP G 81 -4.36 -58.74 -59.76
CA ASP G 81 -5.47 -57.91 -60.21
C ASP G 81 -5.17 -56.43 -60.14
N ASP G 82 -3.94 -56.03 -59.85
CA ASP G 82 -3.55 -54.63 -59.76
C ASP G 82 -3.15 -54.04 -61.10
N PHE G 83 -3.58 -54.63 -62.21
CA PHE G 83 -3.19 -54.15 -63.54
C PHE G 83 -4.30 -53.26 -64.07
N ALA G 84 -4.25 -51.97 -63.74
CA ALA G 84 -5.32 -51.04 -64.09
C ALA G 84 -4.72 -49.64 -64.18
N THR G 85 -5.58 -48.65 -64.42
CA THR G 85 -5.16 -47.25 -64.50
C THR G 85 -5.75 -46.46 -63.34
N TYR G 86 -4.96 -45.53 -62.81
CA TYR G 86 -5.33 -44.76 -61.64
C TYR G 86 -5.12 -43.27 -61.89
N TYR G 87 -5.88 -42.46 -61.16
CA TYR G 87 -5.82 -41.00 -61.27
C TYR G 87 -5.75 -40.40 -59.87
N CYS G 88 -5.02 -39.30 -59.74
CA CYS G 88 -4.93 -38.55 -58.51
C CYS G 88 -5.54 -37.17 -58.69
N GLN G 89 -6.11 -36.63 -57.61
CA GLN G 89 -6.89 -35.41 -57.68
C GLN G 89 -6.64 -34.56 -56.45
N GLN G 90 -6.62 -33.25 -56.62
CA GLN G 90 -6.59 -32.33 -55.50
C GLN G 90 -7.94 -31.63 -55.36
N TYR G 91 -8.28 -31.25 -54.14
CA TYR G 91 -9.53 -30.53 -53.87
C TYR G 91 -9.35 -29.42 -52.85
N ASN G 92 -8.12 -28.93 -52.69
CA ASN G 92 -7.86 -27.86 -51.73
C ASN G 92 -8.46 -26.54 -52.20
N SER G 93 -8.33 -26.24 -53.49
CA SER G 93 -8.82 -24.96 -54.01
C SER G 93 -9.55 -25.21 -55.33
N TYR G 94 -10.61 -24.44 -55.55
CA TYR G 94 -11.38 -24.53 -56.78
C TYR G 94 -10.62 -23.88 -57.93
N PRO G 95 -10.65 -24.48 -59.13
CA PRO G 95 -11.31 -25.74 -59.44
C PRO G 95 -10.39 -26.95 -59.20
N TYR G 96 -10.93 -28.15 -59.36
CA TYR G 96 -10.17 -29.34 -59.06
C TYR G 96 -9.64 -30.00 -60.33
N THR G 97 -8.41 -30.50 -60.26
CA THR G 97 -7.75 -31.14 -61.38
C THR G 97 -7.55 -32.63 -61.08
N PHE G 98 -7.17 -33.37 -62.12
CA PHE G 98 -7.06 -34.82 -62.04
C PHE G 98 -5.72 -35.29 -62.59
N GLY G 99 -5.57 -36.61 -62.70
CA GLY G 99 -4.30 -37.17 -63.10
C GLY G 99 -4.28 -37.63 -64.55
N GLN G 100 -3.32 -38.50 -64.85
CA GLN G 100 -3.11 -38.96 -66.22
C GLN G 100 -3.39 -40.45 -66.41
N GLY G 101 -2.77 -41.31 -65.63
CA GLY G 101 -3.01 -42.75 -65.76
C GLY G 101 -1.72 -43.54 -65.94
N THR G 102 -1.86 -44.86 -65.93
CA THR G 102 -0.73 -45.78 -66.04
C THR G 102 -1.27 -47.15 -66.46
N LYS G 103 -0.54 -47.82 -67.36
CA LYS G 103 -0.94 -49.13 -67.85
C LYS G 103 0.16 -50.15 -67.57
N LEU G 104 -0.22 -51.40 -67.30
CA LEU G 104 0.72 -52.47 -67.05
C LEU G 104 0.59 -53.52 -68.15
N GLU G 105 1.71 -54.15 -68.50
CA GLU G 105 1.75 -55.24 -69.47
C GLU G 105 2.55 -56.40 -68.90
N ILE G 106 2.36 -57.57 -69.51
CA ILE G 106 3.07 -58.78 -69.08
C ILE G 106 4.54 -58.69 -69.45
C1 NAG H . -16.01 -38.75 -14.89
C2 NAG H . -16.29 -37.26 -15.04
C3 NAG H . -17.36 -36.82 -14.05
C4 NAG H . -18.60 -37.68 -14.20
C5 NAG H . -18.24 -39.16 -14.11
C6 NAG H . -19.42 -40.07 -14.38
C7 NAG H . -14.31 -36.06 -15.86
C8 NAG H . -13.09 -35.27 -15.50
N2 NAG H . -15.06 -36.49 -14.85
O3 NAG H . -17.67 -35.45 -14.26
O4 NAG H . -19.55 -37.35 -13.18
O5 NAG H . -17.24 -39.48 -15.07
O6 NAG H . -19.23 -41.35 -13.80
O7 NAG H . -14.59 -36.30 -17.04
C1 NAG H . -20.65 -36.66 -13.63
C2 NAG H . -22.04 -36.76 -13.01
C3 NAG H . -23.10 -36.46 -14.06
C4 NAG H . -22.83 -35.12 -14.74
C5 NAG H . -21.40 -35.08 -15.27
C6 NAG H . -21.02 -33.74 -15.84
C7 NAG H . -21.84 -38.39 -11.20
C8 NAG H . -22.14 -39.79 -10.75
N2 NAG H . -22.26 -38.07 -12.43
O3 NAG H . -24.39 -36.44 -13.45
O4 NAG H . -23.74 -34.93 -15.82
O5 NAG H . -20.48 -35.37 -14.21
O6 NAG H . -21.80 -33.42 -16.99
O7 NAG H . -21.23 -37.61 -10.49
C1 NAG I . 15.67 -19.08 64.04
C2 NAG I . 16.17 -19.48 65.44
C3 NAG I . 17.44 -20.31 65.32
C4 NAG I . 17.22 -21.50 64.40
C5 NAG I . 16.71 -21.01 63.05
C6 NAG I . 16.38 -22.13 62.09
C7 NAG I . 16.24 -18.30 67.59
C8 NAG I . 16.53 -17.00 68.28
N2 NAG I . 16.40 -18.30 66.26
O3 NAG I . 17.83 -20.77 66.61
O4 NAG I . 18.43 -22.23 64.22
O5 NAG I . 15.50 -20.26 63.23
O6 NAG I . 16.51 -21.71 60.73
O7 NAG I . 15.90 -19.31 68.20
C1 NAG I . 18.85 -23.50 64.52
C2 NAG I . 20.01 -24.36 64.03
C3 NAG I . 19.86 -25.79 64.58
C4 NAG I . 19.71 -25.76 66.09
C5 NAG I . 18.57 -24.83 66.49
C6 NAG I . 18.43 -24.67 67.98
C7 NAG I . 21.21 -24.58 61.90
C8 NAG I . 21.10 -24.56 60.41
N2 NAG I . 20.08 -24.38 62.58
O3 NAG I . 21.02 -26.55 64.22
O4 NAG I . 19.44 -27.07 66.58
O5 NAG I . 18.79 -23.52 65.95
O6 NAG I . 17.51 -25.60 68.53
O7 NAG I . 22.29 -24.76 62.47
C1 NAG J . 8.51 -11.07 80.92
C2 NAG J . 8.48 -12.50 81.48
C3 NAG J . 8.98 -12.51 82.92
C4 NAG J . 10.35 -11.85 83.01
C5 NAG J . 10.28 -10.45 82.41
C6 NAG J . 11.63 -9.75 82.37
C7 NAG J . 6.89 -14.35 81.22
C8 NAG J . 5.46 -14.75 81.17
N2 NAG J . 7.14 -13.05 81.41
O3 NAG J . 9.07 -13.85 83.38
O4 NAG J . 10.77 -11.76 84.37
O5 NAG J . 9.82 -10.52 81.05
O6 NAG J . 12.65 -10.57 82.93
O7 NAG J . 7.81 -15.17 81.10
C1 NAG J . 11.47 -12.60 85.19
C2 NAG J . 12.38 -12.00 86.27
C3 NAG J . 13.66 -12.81 86.39
C4 NAG J . 13.34 -14.28 86.62
C5 NAG J . 12.41 -14.79 85.53
C6 NAG J . 11.95 -16.21 85.77
C7 NAG J . 12.92 -9.71 86.93
C8 NAG J . 13.21 -8.32 86.46
N2 NAG J . 12.67 -10.61 85.98
O3 NAG J . 14.44 -12.31 87.48
O4 NAG J . 14.55 -15.05 86.59
O5 NAG J . 11.22 -13.99 85.50
O6 NAG J . 12.66 -16.83 86.83
O7 NAG J . 12.93 -10.00 88.13
C1 NAG K . -0.74 5.77 86.07
C2 NAG K . -2.26 5.76 86.21
C3 NAG K . -2.74 6.96 87.02
C4 NAG K . -2.00 7.01 88.35
C5 NAG K . -0.49 6.98 88.13
C6 NAG K . 0.29 6.92 89.42
C7 NAG K . -3.33 4.62 84.31
C8 NAG K . -3.98 4.78 82.98
N2 NAG K . -2.91 5.74 84.91
O3 NAG K . -4.13 6.86 87.24
O4 NAG K . -2.35 8.21 89.05
O5 NAG K . -0.14 5.82 87.37
O6 NAG K . -0.02 8.00 90.28
O7 NAG K . -3.21 3.52 84.85
C1 NAG K . -3.27 8.44 90.04
C2 NAG K . -3.52 8.89 91.48
C3 NAG K . -4.92 8.49 91.92
C4 NAG K . -5.96 9.03 90.95
C5 NAG K . -5.61 8.59 89.52
C6 NAG K . -6.53 9.19 88.48
C7 NAG K . -1.76 9.06 93.19
C8 NAG K . -0.78 8.30 94.05
N2 NAG K . -2.52 8.31 92.38
O3 NAG K . -5.17 9.02 93.23
O4 NAG K . -7.25 8.54 91.28
O5 NAG K . -4.28 9.01 89.19
O6 NAG K . -7.35 10.21 89.03
O7 NAG K . -1.86 10.27 93.24
C1 NAG L . -19.68 9.71 60.29
C2 NAG L . -19.46 9.51 61.80
C3 NAG L . -20.79 9.54 62.54
C4 NAG L . -21.58 10.79 62.20
C5 NAG L . -21.74 10.89 60.69
C6 NAG L . -22.45 12.15 60.24
C7 NAG L . -17.98 8.08 63.14
C8 NAG L . -17.34 6.73 63.26
N2 NAG L . -18.77 8.26 62.07
O3 NAG L . -20.57 9.49 63.95
O4 NAG L . -22.86 10.78 62.81
O5 NAG L . -20.45 10.90 60.07
O6 NAG L . -22.08 13.26 61.05
O7 NAG L . -17.79 8.96 63.97
C1 NAG L . -24.13 10.99 63.31
C2 NAG L . -25.49 10.87 62.61
C3 NAG L . -26.43 11.96 63.10
C4 NAG L . -26.52 11.94 64.63
C5 NAG L . -25.13 12.03 65.23
C6 NAG L . -25.12 11.91 66.74
C7 NAG L . -26.13 10.24 60.33
C8 NAG L . -25.84 10.41 58.87
N2 NAG L . -25.34 10.91 61.17
O3 NAG L . -27.73 11.75 62.55
O4 NAG L . -27.30 13.04 65.08
O5 NAG L . -24.30 10.96 64.72
O6 NAG L . -26.33 12.40 67.30
O7 NAG L . -27.02 9.51 60.73
C1 NAG M . 28.33 36.55 74.86
C2 NAG M . 27.79 37.99 74.93
C3 NAG M . 28.93 38.98 75.17
C4 NAG M . 29.73 38.58 76.40
C5 NAG M . 30.26 37.16 76.21
C6 NAG M . 31.02 36.65 77.42
C7 NAG M . 26.12 39.28 73.66
C8 NAG M . 25.49 39.48 72.32
N2 NAG M . 27.07 38.33 73.72
O3 NAG M . 28.41 40.29 75.34
O4 NAG M . 30.82 39.47 76.62
O5 NAG M . 29.15 36.28 76.02
O6 NAG M . 30.18 36.45 78.54
O7 NAG M . 25.80 39.93 74.64
C1 NAG M . 30.99 40.17 77.78
C2 NAG M . 32.06 40.26 78.87
C3 NAG M . 32.31 41.72 79.25
C4 NAG M . 32.64 42.54 78.01
C5 NAG M . 31.55 42.36 76.96
C6 NAG M . 31.86 43.05 75.65
C7 NAG M . 32.55 38.98 80.90
C8 NAG M . 31.97 38.22 82.06
N2 NAG M . 31.66 39.50 80.05
O3 NAG M . 33.38 41.79 80.18
O4 NAG M . 32.75 43.92 78.35
O5 NAG M . 31.39 40.97 76.66
O6 NAG M . 30.70 43.64 75.08
O7 NAG M . 33.76 39.11 80.76
C1 NAG N . 42.27 19.22 49.27
C2 NAG N . 43.27 19.90 50.20
C3 NAG N . 43.48 21.37 49.79
C4 NAG N . 43.88 21.44 48.32
C5 NAG N . 42.84 20.72 47.47
C6 NAG N . 43.20 20.66 46.01
C7 NAG N . 43.64 19.53 52.61
C8 NAG N . 43.00 19.50 53.96
N2 NAG N . 42.83 19.84 51.59
O3 NAG N . 44.50 21.94 50.60
O4 NAG N . 43.98 22.79 47.90
O5 NAG N . 42.71 19.36 47.91
O6 NAG N . 42.37 21.52 45.23
O7 NAG N . 44.83 19.29 52.43
C1 NAG N . 45.23 23.32 47.70
C2 NAG N . 45.33 24.53 46.76
C3 NAG N . 46.78 24.76 46.35
C4 NAG N . 47.67 24.87 47.58
C5 NAG N . 47.47 23.65 48.49
C6 NAG N . 48.24 23.75 49.79
C7 NAG N . 43.88 25.35 44.96
C8 NAG N . 43.05 24.98 43.76
N2 NAG N . 44.49 24.34 45.59
O3 NAG N . 46.87 25.95 45.57
O4 NAG N . 49.04 24.94 47.19
O5 NAG N . 46.08 23.52 48.82
O6 NAG N . 49.28 22.78 49.85
O7 NAG N . 44.00 26.52 45.33
C1 NAG O . 32.02 35.96 39.35
C2 NAG O . 32.51 37.23 40.05
C3 NAG O . 32.72 38.35 39.03
C4 NAG O . 33.62 37.88 37.91
C5 NAG O . 33.07 36.60 37.29
C6 NAG O . 33.96 36.01 36.21
C7 NAG O . 31.71 37.32 42.37
C8 NAG O . 30.65 37.84 43.29
N2 NAG O . 31.57 37.65 41.08
O3 NAG O . 33.29 39.47 39.67
O4 NAG O . 33.72 38.88 36.90
O5 NAG O . 32.93 35.60 38.31
O6 NAG O . 33.19 35.45 35.16
O7 NAG O . 32.65 36.64 42.77
C1 NAG O . 34.89 39.53 36.56
C2 NAG O . 35.05 40.04 35.13
C3 NAG O . 36.40 40.71 34.96
C4 NAG O . 36.59 41.81 36.01
C5 NAG O . 36.36 41.23 37.41
C6 NAG O . 36.41 42.27 38.50
C7 NAG O . 34.39 39.10 32.96
C8 NAG O . 34.31 37.87 32.10
N2 NAG O . 34.91 38.93 34.18
O3 NAG O . 36.49 41.28 33.66
O4 NAG O . 37.90 42.34 35.93
O5 NAG O . 35.07 40.61 37.47
O6 NAG O . 35.65 43.43 38.14
O7 NAG O . 34.00 40.19 32.55
C1 NAG P . 48.13 8.01 65.43
C2 NAG P . 49.58 8.45 65.22
C3 NAG P . 50.17 9.03 66.49
C4 NAG P . 49.28 10.14 67.02
C5 NAG P . 47.84 9.63 67.20
C6 NAG P . 46.89 10.72 67.62
C7 NAG P . 51.16 7.40 63.64
C8 NAG P . 51.93 6.17 63.29
N2 NAG P . 50.40 7.34 64.74
O3 NAG P . 51.47 9.53 66.24
O4 NAG P . 49.77 10.61 68.28
O5 NAG P . 47.37 9.11 65.95
O6 NAG P . 47.28 11.99 67.11
O7 NAG P . 51.22 8.42 62.96
C1 NAG P . 50.39 11.82 68.33
C2 NAG P . 50.14 12.07 69.82
C3 NAG P . 50.62 13.46 70.21
C4 NAG P . 52.07 13.65 69.80
C5 NAG P . 52.26 13.34 68.32
C6 NAG P . 53.69 13.39 67.88
C7 NAG P . 48.30 11.09 71.11
C8 NAG P . 46.82 11.04 71.31
N2 NAG P . 48.74 11.90 70.14
O3 NAG P . 50.48 13.62 71.62
O4 NAG P . 52.47 15.00 70.05
O5 NAG P . 51.79 12.01 68.04
O6 NAG P . 54.00 14.63 67.24
O7 NAG P . 49.07 10.43 71.81
C1 NAG Q . 9.70 -25.44 -42.02
C2 NAG Q . 11.21 -25.49 -41.75
C3 NAG Q . 11.97 -24.57 -42.72
C4 NAG Q . 11.59 -24.90 -44.15
C5 NAG Q . 10.08 -24.84 -44.33
C6 NAG Q . 9.63 -25.25 -45.70
C7 NAG Q . 11.22 -23.97 -39.79
C8 NAG Q . 11.62 -23.83 -38.35
N2 NAG Q . 11.52 -25.14 -40.36
O3 NAG Q . 13.36 -24.73 -42.53
O4 NAG Q . 12.23 -23.99 -45.05
O5 NAG Q . 9.45 -25.74 -43.40
O6 NAG Q . 10.35 -26.37 -46.17
O7 NAG Q . 10.65 -23.08 -40.40
C1 NAG Q . 13.12 -24.25 -46.05
C2 NAG Q . 13.57 -23.95 -47.48
C3 NAG Q . 14.82 -24.76 -47.83
C4 NAG Q . 15.89 -24.53 -46.79
C5 NAG Q . 15.35 -24.81 -45.39
C6 NAG Q . 16.35 -24.49 -44.29
C7 NAG Q . 12.34 -23.53 -49.57
C8 NAG Q . 11.18 -23.95 -50.43
N2 NAG Q . 12.50 -24.23 -48.44
O3 NAG Q . 15.29 -24.37 -49.11
O4 NAG Q . 17.00 -25.39 -47.04
O5 NAG Q . 14.19 -24.00 -45.15
O6 NAG Q . 17.42 -23.70 -44.78
O7 NAG Q . 13.08 -22.61 -49.87
C1 NAG R . -16.75 -47.31 11.35
C2 NAG R . -16.44 -47.91 12.72
C3 NAG R . -17.27 -49.17 12.94
C4 NAG R . -18.75 -48.87 12.73
C5 NAG R . -18.97 -48.23 11.37
C6 NAG R . -20.40 -47.79 11.15
C7 NAG R . -14.27 -47.74 13.86
C8 NAG R . -12.83 -48.14 13.83
N2 NAG R . -15.02 -48.20 12.85
O3 NAG R . -17.05 -49.66 14.25
O4 NAG R . -19.51 -50.08 12.81
O5 NAG R . -18.16 -47.06 11.24
O6 NAG R . -20.74 -47.78 9.77
O7 NAG R . -14.74 -47.04 14.74
C1 NAG S . 4.83 -61.66 -20.65
C2 NAG S . 5.72 -62.60 -21.45
C3 NAG S . 6.50 -61.81 -22.51
C4 NAG S . 5.55 -60.98 -23.36
C5 NAG S . 4.65 -60.12 -22.48
C6 NAG S . 3.60 -59.37 -23.26
C7 NAG S . 6.37 -64.56 -20.14
C8 NAG S . 7.42 -65.18 -19.25
N2 NAG S . 6.63 -63.34 -20.59
O3 NAG S . 7.24 -62.71 -23.33
O4 NAG S . 6.30 -60.14 -24.23
O5 NAG S . 3.96 -60.95 -21.54
O6 NAG S . 2.41 -59.20 -22.50
O7 NAG S . 5.34 -65.16 -20.43
C1 NAG T . -32.11 -10.05 -31.80
C2 NAG T . -32.19 -11.18 -30.77
C3 NAG T . -31.31 -12.35 -31.19
C4 NAG T . -31.67 -12.80 -32.59
C5 NAG T . -31.59 -11.61 -33.56
C6 NAG T . -32.04 -11.96 -34.96
C7 NAG T . -32.59 -10.86 -28.37
C8 NAG T . -32.05 -10.31 -27.08
N2 NAG T . -31.81 -10.71 -29.45
O3 NAG T . -31.48 -13.43 -30.27
O4 NAG T . -30.76 -13.81 -33.02
O5 NAG T . -32.45 -10.56 -33.10
O6 NAG T . -31.46 -13.19 -35.41
O7 NAG T . -33.68 -11.42 -28.43
C1 NAG U . -27.67 -18.76 27.58
C2 NAG U . -27.41 -17.78 28.71
C3 NAG U . -28.22 -18.17 29.94
C4 NAG U . -29.69 -18.30 29.59
C5 NAG U . -29.86 -19.26 28.42
C6 NAG U . -31.29 -19.35 27.93
C7 NAG U . -25.21 -16.68 28.70
C8 NAG U . -23.77 -16.78 29.10
N2 NAG U . -25.98 -17.71 29.03
O3 NAG U . -28.05 -17.17 30.94
O4 NAG U . -30.41 -18.80 30.71
O5 NAG U . -29.08 -18.82 27.30
O6 NAG U . -31.75 -20.70 27.91
O7 NAG U . -25.66 -15.70 28.10
C1 NAG V . -20.73 -27.86 44.17
C2 NAG V . -20.68 -29.38 44.01
C3 NAG V . -22.09 -29.97 43.96
C4 NAG V . -22.88 -29.52 45.17
C5 NAG V . -22.87 -28.00 45.27
C6 NAG V . -23.55 -27.48 46.53
C7 NAG V . -18.62 -30.03 42.83
C8 NAG V . -18.01 -30.39 41.51
N2 NAG V . -19.93 -29.75 42.82
O3 NAG V . -22.01 -31.39 43.93
O4 NAG V . -24.23 -29.97 45.06
O5 NAG V . -21.52 -27.53 45.31
O6 NAG V . -22.63 -27.33 47.60
O7 NAG V . -17.96 -30.00 43.86
C1 NAG W . -8.68 -0.58 72.41
C2 NAG W . -8.21 0.14 73.68
C3 NAG W . -8.88 -0.47 74.90
C4 NAG W . -10.39 -0.48 74.74
C5 NAG W . -10.77 -1.16 73.42
C6 NAG W . -12.26 -1.09 73.13
C7 NAG W . -6.05 1.03 74.44
C8 NAG W . -4.57 0.83 74.48
N2 NAG W . -6.76 0.09 73.80
O3 NAG W . -8.53 0.29 76.06
O4 NAG W . -11.00 -1.19 75.81
O5 NAG W . -10.11 -0.52 72.32
O6 NAG W . -12.97 -2.10 73.84
O7 NAG W . -6.59 2.02 74.95
C1 NAG X . 32.12 -23.66 50.31
C2 NAG X . 33.18 -23.49 51.40
C3 NAG X . 34.10 -24.71 51.45
C4 NAG X . 33.27 -25.99 51.59
C5 NAG X . 32.24 -26.06 50.47
C6 NAG X . 31.31 -27.26 50.59
C7 NAG X . 34.53 -21.59 52.18
C8 NAG X . 35.28 -20.37 51.78
N2 NAG X . 33.96 -22.28 51.19
O3 NAG X . 35.01 -24.61 52.54
O4 NAG X . 34.11 -27.14 51.53
O5 NAG X . 31.41 -24.89 50.52
O6 NAG X . 31.65 -28.26 49.64
O7 NAG X . 34.43 -21.94 53.36
C1 NAG Y . -1.55 -14.45 68.42
C2 NAG Y . -0.50 -15.28 69.16
C3 NAG Y . -1.19 -16.29 70.08
C4 NAG Y . -2.18 -15.58 71.00
C5 NAG Y . -3.16 -14.74 70.19
C6 NAG Y . -4.08 -13.92 71.06
C7 NAG Y . 1.64 -16.30 68.53
C8 NAG Y . 2.41 -17.00 67.44
N2 NAG Y . 0.38 -15.97 68.23
O3 NAG Y . -0.21 -16.98 70.85
O4 NAG Y . -2.90 -16.55 71.76
O5 NAG Y . -2.42 -13.81 69.37
O6 NAG Y . -5.36 -13.76 70.43
O7 NAG Y . 2.13 -16.06 69.63
C1 NAG Z . -30.84 40.85 7.63
C2 NAG Z . -29.83 41.97 7.97
C3 NAG Z . -30.42 42.96 8.96
C4 NAG Z . -31.75 43.50 8.46
C5 NAG Z . -32.70 42.33 8.18
C6 NAG Z . -34.02 42.75 7.59
C7 NAG Z . -28.45 40.74 9.63
C8 NAG Z . -27.08 40.24 9.95
N2 NAG Z . -28.58 41.42 8.47
O3 NAG Z . -29.52 44.04 9.15
O4 NAG Z . -32.31 44.34 9.46
O5 NAG Z . -32.11 41.43 7.24
O6 NAG Z . -34.88 43.31 8.56
O7 NAG Z . -29.41 40.54 10.38
C1 NAG AA . -61.40 21.36 -11.80
C2 NAG AA . -62.49 21.51 -10.77
C3 NAG AA . -63.15 22.89 -10.88
C4 NAG AA . -62.62 23.70 -12.06
C5 NAG AA . -61.09 23.68 -12.21
C6 NAG AA . -60.40 24.80 -11.46
C7 NAG AA . -63.92 19.74 -9.85
C8 NAG AA . -64.95 18.70 -10.15
N2 NAG AA . -63.49 20.47 -10.89
O3 NAG AA . -62.95 23.61 -9.67
O4 NAG AA . -63.23 23.29 -13.27
O5 NAG AA . -60.52 22.45 -11.71
O6 NAG AA . -58.98 24.68 -11.55
O7 NAG AA . -63.49 19.92 -8.71
C1 NAG BA . -29.49 26.22 -16.23
C2 NAG BA . -28.02 25.77 -16.41
C3 NAG BA . -27.13 26.96 -16.67
C4 NAG BA . -27.59 27.68 -17.93
C5 NAG BA . -29.02 28.19 -17.74
C6 NAG BA . -29.93 27.81 -18.87
C7 NAG BA . -27.92 23.75 -15.02
C8 NAG BA . -27.35 23.13 -13.78
N2 NAG BA . -27.57 25.01 -15.26
O3 NAG BA . -25.78 26.52 -16.83
O4 NAG BA . -26.74 28.79 -18.19
O5 NAG BA . -29.61 27.68 -16.53
O6 NAG BA . -31.29 28.13 -18.58
O7 NAG BA . -28.67 23.14 -15.77
C1 NAG CA . 3.94 38.41 -43.31
C2 NAG CA . 4.10 39.01 -41.91
C3 NAG CA . 2.78 39.67 -41.49
C4 NAG CA . 2.33 40.68 -42.52
C5 NAG CA . 2.25 40.02 -43.90
C6 NAG CA . 1.93 41.01 -45.00
C7 NAG CA . 5.14 38.28 -39.82
C8 NAG CA . 5.49 37.12 -38.94
N2 NAG CA . 4.49 38.00 -40.96
O3 NAG CA . 2.96 40.32 -40.23
O4 NAG CA . 1.05 41.20 -42.17
O5 NAG CA . 3.51 39.43 -44.23
O6 NAG CA . 2.78 42.14 -44.94
O7 NAG CA . 5.44 39.43 -39.51
C1 NAG DA . 2.12 43.60 11.99
C2 NAG DA . 1.02 44.64 11.70
C3 NAG DA . 0.89 45.64 12.87
C4 NAG DA . 2.17 45.72 13.69
C5 NAG DA . 2.67 44.35 14.16
C6 NAG DA . 2.25 44.05 15.57
C7 NAG DA . 0.33 46.09 9.85
C8 NAG DA . 0.74 46.70 8.55
N2 NAG DA . 1.24 45.32 10.44
O3 NAG DA . -0.22 45.24 13.68
O4 NAG DA . 3.21 46.41 12.97
O5 NAG DA . 2.13 43.30 13.35
O6 NAG DA . 3.18 43.20 16.21
O7 NAG DA . -0.79 46.28 10.34
C1 NAG EA . -3.96 49.76 30.84
C2 NAG EA . -5.36 50.36 30.95
C3 NAG EA . -5.34 51.81 30.46
C4 NAG EA . -4.28 52.61 31.20
C5 NAG EA . -2.92 51.91 31.07
C6 NAG EA . -1.84 52.58 31.89
C7 NAG EA . -7.57 49.36 30.63
C8 NAG EA . -8.44 48.54 29.72
N2 NAG EA . -6.33 49.58 30.19
O3 NAG EA . -6.62 52.40 30.69
O4 NAG EA . -4.18 53.92 30.66
O5 NAG EA . -3.02 50.56 31.55
O6 NAG EA . -2.15 52.57 33.27
O7 NAG EA . -7.99 49.80 31.69
C1 NAG FA . 22.51 40.71 57.82
C2 NAG FA . 23.39 40.80 59.08
C3 NAG FA . 22.61 41.43 60.22
C4 NAG FA . 22.04 42.77 59.80
C5 NAG FA . 21.21 42.61 58.52
C6 NAG FA . 20.71 43.93 57.98
C7 NAG FA . 25.01 39.28 60.14
C8 NAG FA . 25.35 37.86 60.45
N2 NAG FA . 23.87 39.48 59.46
O3 NAG FA . 23.47 41.61 61.34
O4 NAG FA . 21.21 43.30 60.82
O5 NAG FA . 22.03 42.02 57.49
O6 NAG FA . 19.43 44.25 58.50
O7 NAG FA . 25.72 40.22 60.50
C1 NAG GA . -4.63 25.77 63.78
C2 NAG GA . -4.58 26.29 65.21
C3 NAG GA . -5.74 25.74 66.02
C4 NAG GA . -7.06 26.04 65.32
C5 NAG GA . -7.03 25.52 63.90
C6 NAG GA . -8.27 25.88 63.11
C7 NAG GA . -2.74 26.69 66.80
C8 NAG GA . -1.44 26.19 67.33
N2 NAG GA . -3.31 25.96 65.84
O3 NAG GA . -5.74 26.34 67.32
O4 NAG GA . -8.14 25.42 66.03
O5 NAG GA . -5.90 26.09 63.20
O6 NAG GA . -9.35 26.22 63.96
O7 NAG GA . -3.26 27.73 67.21
C1 NAG HA . 6.55 39.49 60.60
C2 NAG HA . 5.27 39.62 61.41
C3 NAG HA . 4.25 40.46 60.64
C4 NAG HA . 4.85 41.80 60.23
C5 NAG HA . 6.16 41.57 59.47
C6 NAG HA . 6.89 42.86 59.15
C7 NAG HA . 4.02 38.10 62.86
C8 NAG HA . 3.52 36.70 63.06
N2 NAG HA . 4.72 38.33 61.75
O3 NAG HA . 3.09 40.67 61.45
O4 NAG HA . 3.95 42.50 59.40
O5 NAG HA . 7.06 40.79 60.26
O6 NAG HA . 7.54 43.39 60.29
O7 NAG HA . 3.79 38.98 63.69
C1 NAG IA . 9.65 34.95 75.77
C2 NAG IA . 8.52 35.90 75.42
C3 NAG IA . 7.80 36.35 76.70
C4 NAG IA . 7.38 35.15 77.53
C5 NAG IA . 8.57 34.21 77.76
C6 NAG IA . 8.18 32.93 78.47
C7 NAG IA . 8.27 37.68 73.76
C8 NAG IA . 8.94 38.85 73.08
N2 NAG IA . 9.00 37.05 74.68
O3 NAG IA . 6.66 37.12 76.36
O4 NAG IA . 6.89 35.58 78.80
O5 NAG IA . 9.15 33.83 76.50
O6 NAG IA . 6.82 32.93 78.86
O7 NAG IA . 7.13 37.34 73.48
C1 NAG JA . 24.15 6.23 -34.34
C2 NAG JA . 23.94 6.53 -35.83
C3 NAG JA . 22.61 5.95 -36.31
C4 NAG JA . 22.53 4.47 -35.97
C5 NAG JA . 22.78 4.26 -34.47
C6 NAG JA . 22.83 2.79 -34.09
C7 NAG JA . 24.41 8.49 -37.25
C8 NAG JA . 24.40 9.98 -37.34
N2 NAG JA . 24.00 7.96 -36.09
O3 NAG JA . 22.50 6.14 -37.71
O4 NAG JA . 21.24 3.97 -36.30
O5 NAG JA . 24.05 4.82 -34.12
O6 NAG JA . 21.77 2.06 -34.69
O7 NAG JA . 24.76 7.78 -38.19
C1 NAG KA . 41.95 -12.32 57.21
C2 NAG KA . 41.91 -12.98 58.60
C3 NAG KA . 43.31 -13.02 59.20
C4 NAG KA . 44.29 -13.69 58.24
C5 NAG KA . 44.24 -12.99 56.88
C6 NAG KA . 45.11 -13.67 55.85
C7 NAG KA . 40.43 -12.82 60.55
C8 NAG KA . 39.52 -11.94 61.34
N2 NAG KA . 41.00 -12.27 59.48
O3 NAG KA . 43.28 -13.73 60.43
O4 NAG KA . 45.62 -13.61 58.76
O5 NAG KA . 42.91 -13.01 56.38
O6 NAG KA . 46.39 -13.99 56.37
O7 NAG KA . 40.65 -13.99 60.86
C1 NAG LA . 47.39 0.97 51.30
C2 NAG LA . 48.07 1.97 50.36
C3 NAG LA . 48.09 1.41 48.94
C4 NAG LA . 48.72 0.03 48.91
C5 NAG LA . 48.02 -0.89 49.92
C6 NAG LA . 48.68 -2.25 50.04
C7 NAG LA . 48.07 4.42 50.32
C8 NAG LA . 47.23 5.67 50.37
N2 NAG LA . 47.40 3.26 50.40
O3 NAG LA . 48.82 2.29 48.09
O4 NAG LA . 48.61 -0.54 47.62
O5 NAG LA . 48.05 -0.29 51.22
O6 NAG LA . 49.93 -2.16 50.70
O7 NAG LA . 49.29 4.47 50.19
#